data_5GIV
#
_entry.id   5GIV
#
_cell.length_a   134.857
_cell.length_b   256.632
_cell.length_c   199.214
_cell.angle_alpha   90.00
_cell.angle_beta   90.00
_cell.angle_gamma   90.00
#
_symmetry.space_group_name_H-M   'C 2 2 21'
#
loop_
_entity.id
_entity.type
_entity.pdbx_description
1 polymer 'Carboxypeptidase 1'
2 non-polymer 'ZINC ION'
3 non-polymer 'ACETATE ION'
4 water water
#
_entity_poly.entity_id   1
_entity_poly.type   'polypeptide(L)'
_entity_poly.pdbx_seq_one_letter_code
;MTTTRQDTQWQQLTEHWQELADFGGIEALLGWDQSTFLPAGAAEDRARQQSLLAGLRHARATDAGYGKLLDAASSRSDLS
PEQARMVQVARQDFEKATRIPAEFVREFSGHVGQSYSAWTEARPANDFGRMVPYLEKTLDLSLQAASYFPEFGDPLDYYI
NESDEGMTAEQVGQVFAELRAALVPLADAVIAAGAPRTDFLGRGFAQERQLAFGERVIRDYGYDFRRGRQDLTHHPFMTR
LGGHDVRITTRVKEQDPTDALYSTLHEAGHALYEQGVDAAFLGTPLGGGVSAGVHESQSRLWENLVGRSRAFWAAYFGDW
RDTFPEQLAGVTEEEMYRAVNTVSRSLIRTDADELTYNLHVITRFELEREMLAGKLAVRDLADAWHAAYEQNLGLRAPSD
VDGALQDVHWYFGPIGGSFQGYTIGNVLSAQFYAAAEAANPGLEADFARKDFSRLHGWLRENVYRHGRRWTPGELIERAT
GQALTAGPYLKYLRGKYGELYGV
;
_entity_poly.pdbx_strand_id   A,B,C,D,E,F
#
loop_
_chem_comp.id
_chem_comp.type
_chem_comp.name
_chem_comp.formula
ACT non-polymer 'ACETATE ION' 'C2 H3 O2 -1'
ZN non-polymer 'ZINC ION' 'Zn 2'
#
# COMPACT_ATOMS: atom_id res chain seq x y z
N ASP A 7 -26.46 9.70 -6.06
CA ASP A 7 -27.61 8.79 -6.02
C ASP A 7 -27.74 8.02 -7.33
N THR A 8 -27.65 8.75 -8.45
CA THR A 8 -27.68 8.09 -9.76
C THR A 8 -26.54 7.10 -9.88
N GLN A 9 -25.33 7.51 -9.49
CA GLN A 9 -24.18 6.64 -9.57
C GLN A 9 -24.31 5.43 -8.64
N TRP A 10 -24.92 5.61 -7.48
CA TRP A 10 -25.09 4.50 -6.55
C TRP A 10 -26.05 3.45 -7.10
N GLN A 11 -27.14 3.87 -7.73
CA GLN A 11 -28.07 2.91 -8.31
C GLN A 11 -27.35 2.03 -9.33
N GLN A 12 -26.45 2.61 -10.11
CA GLN A 12 -25.68 1.85 -11.07
C GLN A 12 -24.78 0.82 -10.38
N LEU A 13 -24.16 1.22 -9.27
CA LEU A 13 -23.31 0.28 -8.52
C LEU A 13 -24.13 -0.91 -8.02
N THR A 14 -25.28 -0.65 -7.41
CA THR A 14 -26.10 -1.75 -6.91
C THR A 14 -26.58 -2.65 -8.03
N GLU A 15 -26.89 -2.06 -9.19
CA GLU A 15 -27.34 -2.88 -10.32
C GLU A 15 -26.19 -3.72 -10.86
N HIS A 16 -24.99 -3.16 -10.89
CA HIS A 16 -23.82 -3.93 -11.34
C HIS A 16 -23.45 -4.99 -10.33
N TRP A 17 -23.54 -4.65 -9.04
CA TRP A 17 -23.28 -5.64 -8.00
C TRP A 17 -24.27 -6.80 -8.08
N GLN A 18 -25.55 -6.49 -8.28
CA GLN A 18 -26.54 -7.56 -8.41
C GLN A 18 -26.27 -8.39 -9.66
N GLU A 19 -25.80 -7.74 -10.73
CA GLU A 19 -25.47 -8.49 -11.94
C GLU A 19 -24.30 -9.43 -11.69
N LEU A 20 -23.32 -8.99 -10.90
CA LEU A 20 -22.22 -9.88 -10.53
C LEU A 20 -22.72 -11.06 -9.71
N ALA A 21 -23.60 -10.81 -8.74
CA ALA A 21 -24.17 -11.90 -7.96
C ALA A 21 -24.97 -12.85 -8.84
N ASP A 22 -25.71 -12.31 -9.80
CA ASP A 22 -26.55 -13.15 -10.66
C ASP A 22 -25.70 -14.05 -11.56
N PHE A 23 -24.64 -13.50 -12.17
CA PHE A 23 -23.70 -14.37 -12.85
C PHE A 23 -23.21 -15.46 -11.93
N GLY A 24 -22.88 -15.10 -10.68
CA GLY A 24 -22.40 -16.09 -9.73
C GLY A 24 -23.41 -17.18 -9.46
N GLY A 25 -24.68 -16.83 -9.30
CA GLY A 25 -25.70 -17.85 -9.10
C GLY A 25 -25.83 -18.77 -10.31
N ILE A 26 -25.77 -18.19 -11.52
CA ILE A 26 -25.90 -19.00 -12.73
C ILE A 26 -24.69 -19.91 -12.91
N GLU A 27 -23.49 -19.38 -12.70
CA GLU A 27 -22.30 -20.23 -12.75
C GLU A 27 -22.44 -21.37 -11.75
N ALA A 28 -22.98 -21.07 -10.56
CA ALA A 28 -23.17 -22.11 -9.54
C ALA A 28 -24.18 -23.14 -10.00
N LEU A 29 -25.24 -22.70 -10.67
CA LEU A 29 -26.23 -23.64 -11.17
C LEU A 29 -25.62 -24.59 -12.20
N LEU A 30 -24.79 -24.05 -13.08
CA LEU A 30 -24.13 -24.90 -14.06
C LEU A 30 -23.26 -25.96 -13.38
N GLY A 31 -22.56 -25.56 -12.32
CA GLY A 31 -21.73 -26.51 -11.59
C GLY A 31 -22.54 -27.45 -10.72
N TRP A 32 -23.59 -26.94 -10.07
CA TRP A 32 -24.42 -27.82 -9.25
C TRP A 32 -25.06 -28.91 -10.11
N ASP A 33 -25.63 -28.52 -11.25
CA ASP A 33 -26.24 -29.50 -12.14
C ASP A 33 -25.20 -30.46 -12.70
N GLN A 34 -23.99 -29.97 -12.96
CA GLN A 34 -22.92 -30.83 -13.47
C GLN A 34 -22.63 -31.97 -12.49
N SER A 35 -22.70 -31.69 -11.20
CA SER A 35 -22.40 -32.69 -10.18
C SER A 35 -23.57 -33.58 -9.84
N THR A 36 -24.81 -33.21 -10.18
CA THR A 36 -25.98 -33.96 -9.76
C THR A 36 -26.65 -34.69 -10.90
N PHE A 37 -27.01 -34.00 -11.98
CA PHE A 37 -27.90 -34.57 -12.97
C PHE A 37 -27.38 -34.56 -14.40
N LEU A 38 -26.25 -33.93 -14.67
CA LEU A 38 -25.74 -33.86 -16.02
C LEU A 38 -25.57 -35.26 -16.60
N PRO A 39 -26.19 -35.57 -17.74
CA PRO A 39 -25.97 -36.89 -18.35
C PRO A 39 -24.54 -37.06 -18.84
N ALA A 40 -24.15 -38.34 -18.97
CA ALA A 40 -22.75 -38.68 -19.24
C ALA A 40 -22.24 -38.08 -20.54
N GLY A 41 -23.07 -38.03 -21.58
CA GLY A 41 -22.59 -37.51 -22.84
C GLY A 41 -22.58 -36.00 -22.95
N ALA A 42 -22.88 -35.28 -21.88
CA ALA A 42 -23.05 -33.85 -21.93
C ALA A 42 -21.90 -33.09 -21.29
N ALA A 43 -20.80 -33.80 -20.97
CA ALA A 43 -19.72 -33.17 -20.21
C ALA A 43 -19.07 -32.06 -20.99
N GLU A 44 -18.78 -32.30 -22.26
CA GLU A 44 -17.98 -31.35 -23.04
C GLU A 44 -18.75 -30.06 -23.26
N ASP A 45 -20.02 -30.17 -23.63
CA ASP A 45 -20.83 -28.99 -23.87
C ASP A 45 -21.02 -28.18 -22.59
N ARG A 46 -21.19 -28.85 -21.46
CA ARG A 46 -21.36 -28.13 -20.21
C ARG A 46 -20.10 -27.33 -19.89
N ALA A 47 -18.92 -27.91 -20.15
CA ALA A 47 -17.67 -27.21 -19.87
C ALA A 47 -17.52 -25.96 -20.73
N ARG A 48 -17.94 -26.04 -21.99
CA ARG A 48 -17.88 -24.85 -22.83
C ARG A 48 -18.87 -23.81 -22.35
N GLN A 49 -20.08 -24.24 -21.94
CA GLN A 49 -21.04 -23.31 -21.35
C GLN A 49 -20.44 -22.62 -20.13
N GLN A 50 -19.80 -23.38 -19.25
CA GLN A 50 -19.21 -22.78 -18.05
C GLN A 50 -18.11 -21.82 -18.43
N SER A 51 -17.30 -22.19 -19.42
CA SER A 51 -16.24 -21.31 -19.88
C SER A 51 -16.81 -20.01 -20.44
N LEU A 52 -17.91 -20.11 -21.20
CA LEU A 52 -18.56 -18.91 -21.72
C LEU A 52 -19.01 -18.00 -20.59
N LEU A 53 -19.64 -18.56 -19.55
CA LEU A 53 -20.11 -17.71 -18.47
C LEU A 53 -18.97 -17.16 -17.64
N ALA A 54 -17.91 -17.96 -17.43
CA ALA A 54 -16.75 -17.44 -16.72
C ALA A 54 -16.19 -16.21 -17.43
N GLY A 55 -16.13 -16.25 -18.76
CA GLY A 55 -15.62 -15.12 -19.51
C GLY A 55 -16.48 -13.87 -19.36
N LEU A 56 -17.80 -14.03 -19.46
CA LEU A 56 -18.69 -12.87 -19.32
C LEU A 56 -18.60 -12.28 -17.93
N ARG A 57 -18.65 -13.13 -16.90
CA ARG A 57 -18.59 -12.63 -15.53
C ARG A 57 -17.26 -11.94 -15.26
N HIS A 58 -16.16 -12.51 -15.75
CA HIS A 58 -14.86 -11.88 -15.54
C HIS A 58 -14.82 -10.49 -16.15
N ALA A 59 -15.39 -10.34 -17.35
CA ALA A 59 -15.46 -9.02 -17.98
C ALA A 59 -16.24 -8.04 -17.11
N ARG A 60 -17.42 -8.45 -16.65
CA ARG A 60 -18.20 -7.58 -15.77
C ARG A 60 -17.37 -7.19 -14.55
N ALA A 61 -16.69 -8.16 -13.93
CA ALA A 61 -15.95 -7.88 -12.70
C ALA A 61 -14.78 -6.93 -12.94
N THR A 62 -14.28 -6.82 -14.17
CA THR A 62 -13.15 -5.95 -14.46
C THR A 62 -13.53 -4.78 -15.36
N ASP A 63 -14.82 -4.52 -15.55
CA ASP A 63 -15.24 -3.46 -16.45
C ASP A 63 -14.68 -2.12 -15.97
N ALA A 64 -14.03 -1.40 -16.88
CA ALA A 64 -13.42 -0.12 -16.50
C ALA A 64 -14.48 0.88 -16.04
N GLY A 65 -15.61 0.94 -16.74
CA GLY A 65 -16.67 1.82 -16.28
C GLY A 65 -17.07 1.52 -14.84
N TYR A 66 -17.28 0.23 -14.55
CA TYR A 66 -17.59 -0.17 -13.17
C TYR A 66 -16.50 0.29 -12.21
N GLY A 67 -15.24 0.13 -12.61
CA GLY A 67 -14.15 0.61 -11.75
C GLY A 67 -14.25 2.11 -11.51
N LYS A 68 -14.66 2.86 -12.52
CA LYS A 68 -14.79 4.30 -12.36
C LYS A 68 -15.88 4.64 -11.36
N LEU A 69 -17.01 3.94 -11.42
CA LEU A 69 -18.05 4.15 -10.43
C LEU A 69 -17.54 3.91 -9.02
N LEU A 70 -16.74 2.85 -8.83
CA LEU A 70 -16.21 2.58 -7.50
C LEU A 70 -15.27 3.69 -7.03
N ASP A 71 -14.44 4.20 -7.93
CA ASP A 71 -13.55 5.31 -7.56
C ASP A 71 -14.35 6.52 -7.11
N ALA A 72 -15.39 6.88 -7.87
CA ALA A 72 -16.24 8.00 -7.48
C ALA A 72 -16.84 7.75 -6.10
N ALA A 73 -17.50 6.60 -5.93
CA ALA A 73 -18.19 6.31 -4.68
C ALA A 73 -17.23 6.22 -3.50
N SER A 74 -15.96 5.87 -3.74
CA SER A 74 -15.02 5.72 -2.64
C SER A 74 -14.58 7.07 -2.09
N SER A 75 -14.59 8.11 -2.92
CA SER A 75 -14.21 9.44 -2.49
C SER A 75 -15.35 10.20 -1.85
N ARG A 76 -16.60 9.78 -2.06
CA ARG A 76 -17.74 10.37 -1.37
C ARG A 76 -17.50 10.35 0.14
N SER A 77 -18.14 11.26 0.88
CA SER A 77 -18.01 11.30 2.33
C SER A 77 -19.33 11.11 3.05
N ASP A 78 -20.42 10.89 2.33
CA ASP A 78 -21.77 10.78 2.87
C ASP A 78 -22.28 9.35 2.90
N LEU A 79 -21.40 8.36 2.79
CA LEU A 79 -21.81 6.97 2.79
C LEU A 79 -21.80 6.43 4.22
N SER A 80 -22.81 5.61 4.53
CA SER A 80 -22.86 4.93 5.81
C SER A 80 -21.68 3.97 5.95
N PRO A 81 -21.35 3.57 7.19
CA PRO A 81 -20.26 2.60 7.37
C PRO A 81 -20.43 1.34 6.55
N GLU A 82 -21.66 0.85 6.37
CA GLU A 82 -21.87 -0.35 5.56
C GLU A 82 -21.66 -0.06 4.08
N GLN A 83 -22.20 1.06 3.58
CA GLN A 83 -22.02 1.36 2.18
C GLN A 83 -20.56 1.60 1.86
N ALA A 84 -19.84 2.31 2.74
CA ALA A 84 -18.41 2.50 2.55
C ALA A 84 -17.68 1.17 2.55
N ARG A 85 -18.06 0.25 3.44
CA ARG A 85 -17.43 -1.06 3.47
C ARG A 85 -17.74 -1.87 2.20
N MET A 86 -18.98 -1.78 1.69
CA MET A 86 -19.29 -2.43 0.42
C MET A 86 -18.36 -1.93 -0.67
N VAL A 87 -18.16 -0.61 -0.73
CA VAL A 87 -17.28 -0.03 -1.74
C VAL A 87 -15.85 -0.50 -1.52
N GLN A 88 -15.41 -0.53 -0.26
CA GLN A 88 -14.05 -0.99 0.01
C GLN A 88 -13.88 -2.44 -0.44
N VAL A 89 -14.85 -3.29 -0.09
CA VAL A 89 -14.79 -4.70 -0.50
C VAL A 89 -14.85 -4.83 -2.01
N ALA A 90 -15.76 -4.08 -2.66
CA ALA A 90 -15.84 -4.13 -4.12
C ALA A 90 -14.54 -3.70 -4.76
N ARG A 91 -13.90 -2.66 -4.23
CA ARG A 91 -12.63 -2.20 -4.82
C ARG A 91 -11.52 -3.21 -4.57
N GLN A 92 -11.51 -3.87 -3.41
CA GLN A 92 -10.51 -4.92 -3.18
C GLN A 92 -10.71 -6.08 -4.14
N ASP A 93 -11.96 -6.49 -4.36
CA ASP A 93 -12.23 -7.54 -5.36
C ASP A 93 -11.83 -7.03 -6.75
N PHE A 94 -12.19 -5.78 -7.05
CA PHE A 94 -11.82 -5.22 -8.35
C PHE A 94 -10.31 -5.16 -8.51
N GLU A 95 -9.58 -4.82 -7.44
CA GLU A 95 -8.13 -4.78 -7.53
C GLU A 95 -7.54 -6.13 -7.91
N LYS A 96 -7.89 -7.18 -7.16
CA LYS A 96 -7.31 -8.50 -7.44
C LYS A 96 -7.79 -9.05 -8.78
N ALA A 97 -9.06 -8.78 -9.14
CA ALA A 97 -9.58 -9.34 -10.38
C ALA A 97 -8.88 -8.75 -11.60
N THR A 98 -8.45 -7.48 -11.52
CA THR A 98 -7.75 -6.85 -12.62
C THR A 98 -6.25 -6.99 -12.51
N ARG A 99 -5.74 -7.37 -11.34
CA ARG A 99 -4.30 -7.53 -11.17
C ARG A 99 -3.77 -8.63 -12.07
N ILE A 100 -4.53 -9.70 -12.22
CA ILE A 100 -4.09 -10.88 -12.97
C ILE A 100 -4.58 -10.74 -14.41
N PRO A 101 -3.69 -10.77 -15.39
CA PRO A 101 -4.12 -10.63 -16.79
C PRO A 101 -5.13 -11.68 -17.19
N ALA A 102 -6.12 -11.26 -17.99
CA ALA A 102 -7.16 -12.18 -18.45
C ALA A 102 -6.56 -13.36 -19.20
N GLU A 103 -5.50 -13.13 -19.97
CA GLU A 103 -4.83 -14.24 -20.65
C GLU A 103 -4.42 -15.31 -19.64
N PHE A 104 -3.78 -14.89 -18.56
CA PHE A 104 -3.30 -15.83 -17.55
C PHE A 104 -4.47 -16.54 -16.86
N VAL A 105 -5.57 -15.83 -16.63
CA VAL A 105 -6.74 -16.46 -16.01
C VAL A 105 -7.19 -17.65 -16.85
N ARG A 106 -7.27 -17.45 -18.17
CA ARG A 106 -7.74 -18.51 -19.07
C ARG A 106 -6.74 -19.65 -19.15
N GLU A 107 -5.45 -19.35 -19.23
CA GLU A 107 -4.45 -20.41 -19.33
C GLU A 107 -4.50 -21.30 -18.08
N PHE A 108 -4.48 -20.68 -16.90
CA PHE A 108 -4.53 -21.44 -15.66
C PHE A 108 -5.83 -22.24 -15.57
N SER A 109 -6.96 -21.61 -15.91
CA SER A 109 -8.24 -22.30 -15.87
C SER A 109 -8.28 -23.48 -16.83
N GLY A 110 -7.74 -23.30 -18.04
CA GLY A 110 -7.74 -24.40 -18.99
C GLY A 110 -6.82 -25.53 -18.57
N HIS A 111 -5.68 -25.19 -17.97
CA HIS A 111 -4.75 -26.23 -17.54
C HIS A 111 -5.33 -27.06 -16.41
N VAL A 112 -5.85 -26.41 -15.36
CA VAL A 112 -6.39 -27.15 -14.24
C VAL A 112 -7.59 -27.97 -14.68
N GLY A 113 -8.30 -27.53 -15.73
CA GLY A 113 -9.37 -28.36 -16.27
C GLY A 113 -8.84 -29.64 -16.88
N GLN A 114 -7.72 -29.56 -17.60
CA GLN A 114 -7.10 -30.75 -18.17
C GLN A 114 -6.44 -31.60 -17.10
N SER A 115 -5.78 -30.95 -16.12
CA SER A 115 -5.23 -31.68 -14.98
C SER A 115 -6.33 -32.46 -14.25
N TYR A 116 -7.44 -31.79 -13.95
CA TYR A 116 -8.53 -32.45 -13.25
C TYR A 116 -9.05 -33.66 -14.02
N SER A 117 -9.32 -33.48 -15.31
CA SER A 117 -9.83 -34.61 -16.11
C SER A 117 -8.84 -35.77 -16.10
N ALA A 118 -7.56 -35.50 -16.32
CA ALA A 118 -6.57 -36.57 -16.26
C ALA A 118 -6.53 -37.22 -14.87
N TRP A 119 -6.76 -36.45 -13.81
CA TRP A 119 -6.72 -36.99 -12.46
C TRP A 119 -7.88 -37.96 -12.22
N THR A 120 -9.07 -37.65 -12.73
CA THR A 120 -10.20 -38.54 -12.54
C THR A 120 -9.94 -39.92 -13.11
N GLU A 121 -8.98 -40.04 -14.03
CA GLU A 121 -8.59 -41.34 -14.56
C GLU A 121 -7.32 -41.87 -13.91
N ALA A 122 -6.36 -40.99 -13.61
CA ALA A 122 -5.08 -41.43 -13.09
C ALA A 122 -5.17 -41.94 -11.66
N ARG A 123 -6.06 -41.38 -10.84
CA ARG A 123 -6.13 -41.85 -9.46
C ARG A 123 -6.55 -43.32 -9.39
N PRO A 124 -7.73 -43.71 -9.86
CA PRO A 124 -8.10 -45.13 -9.79
C PRO A 124 -7.08 -46.06 -10.44
N ALA A 125 -6.29 -45.57 -11.39
CA ALA A 125 -5.28 -46.36 -12.06
C ALA A 125 -3.92 -46.32 -11.38
N ASN A 126 -3.79 -45.62 -10.26
CA ASN A 126 -2.52 -45.52 -9.55
C ASN A 126 -1.41 -45.07 -10.51
N ASP A 127 -1.73 -44.04 -11.28
CA ASP A 127 -0.83 -43.52 -12.31
C ASP A 127 -0.38 -42.12 -11.90
N PHE A 128 0.46 -42.07 -10.86
CA PHE A 128 0.99 -40.79 -10.43
C PHE A 128 1.99 -40.24 -11.45
N GLY A 129 2.75 -41.12 -12.09
CA GLY A 129 3.70 -40.68 -13.10
C GLY A 129 3.04 -39.87 -14.21
N ARG A 130 1.78 -40.18 -14.52
CA ARG A 130 1.09 -39.39 -15.55
C ARG A 130 0.77 -37.98 -15.07
N MET A 131 0.49 -37.81 -13.76
CA MET A 131 0.12 -36.49 -13.26
C MET A 131 1.33 -35.59 -13.00
N VAL A 132 2.54 -36.16 -12.92
CA VAL A 132 3.71 -35.35 -12.58
C VAL A 132 3.84 -34.13 -13.49
N PRO A 133 3.80 -34.26 -14.82
CA PRO A 133 3.85 -33.05 -15.66
C PRO A 133 2.74 -32.05 -15.39
N TYR A 134 1.51 -32.51 -15.17
CA TYR A 134 0.42 -31.58 -14.83
C TYR A 134 0.73 -30.83 -13.54
N LEU A 135 1.24 -31.52 -12.52
CA LEU A 135 1.56 -30.84 -11.28
C LEU A 135 2.72 -29.88 -11.44
N GLU A 136 3.69 -30.23 -12.29
CA GLU A 136 4.81 -29.32 -12.52
C GLU A 136 4.35 -28.02 -13.17
N LYS A 137 3.49 -28.12 -14.18
CA LYS A 137 2.94 -26.91 -14.78
C LYS A 137 2.07 -26.15 -13.78
N THR A 138 1.30 -26.88 -12.97
CA THR A 138 0.49 -26.22 -11.96
C THR A 138 1.35 -25.50 -10.94
N LEU A 139 2.46 -26.11 -10.52
CA LEU A 139 3.34 -25.43 -9.57
C LEU A 139 3.93 -24.16 -10.16
N ASP A 140 4.35 -24.22 -11.42
CA ASP A 140 4.91 -23.03 -12.08
C ASP A 140 3.86 -21.94 -12.21
N LEU A 141 2.66 -22.31 -12.64
CA LEU A 141 1.58 -21.32 -12.73
C LEU A 141 1.16 -20.80 -11.35
N SER A 142 1.21 -21.64 -10.31
CA SER A 142 0.88 -21.14 -8.98
C SER A 142 1.87 -20.07 -8.54
N LEU A 143 3.17 -20.29 -8.78
CA LEU A 143 4.16 -19.27 -8.44
C LEU A 143 3.96 -18.02 -9.28
N GLN A 144 3.64 -18.20 -10.56
CA GLN A 144 3.41 -17.05 -11.43
C GLN A 144 2.20 -16.24 -10.97
N ALA A 145 1.11 -16.92 -10.62
CA ALA A 145 -0.07 -16.21 -10.15
C ALA A 145 0.26 -15.38 -8.91
N ALA A 146 1.00 -15.97 -7.98
CA ALA A 146 1.35 -15.24 -6.77
C ALA A 146 2.25 -14.06 -7.07
N SER A 147 3.06 -14.15 -8.14
CA SER A 147 3.99 -13.06 -8.44
C SER A 147 3.26 -11.79 -8.89
N TYR A 148 2.00 -11.89 -9.32
CA TYR A 148 1.23 -10.70 -9.61
C TYR A 148 0.85 -9.92 -8.35
N PHE A 149 1.14 -10.46 -7.17
CA PHE A 149 0.85 -9.81 -5.90
C PHE A 149 2.13 -9.73 -5.07
N PRO A 150 3.08 -8.88 -5.50
CA PRO A 150 4.36 -8.77 -4.79
C PRO A 150 4.25 -8.28 -3.36
N GLU A 151 3.10 -7.71 -2.95
CA GLU A 151 2.97 -7.34 -1.55
C GLU A 151 3.09 -8.53 -0.62
N PHE A 152 3.03 -9.76 -1.13
CA PHE A 152 3.33 -10.96 -0.35
C PHE A 152 4.71 -11.43 -0.78
N GLY A 153 5.72 -11.14 0.04
CA GLY A 153 7.07 -11.59 -0.28
C GLY A 153 7.14 -13.08 -0.51
N ASP A 154 6.47 -13.85 0.34
CA ASP A 154 6.39 -15.31 0.23
C ASP A 154 5.15 -15.71 -0.57
N PRO A 155 5.29 -16.41 -1.69
CA PRO A 155 4.08 -16.79 -2.45
C PRO A 155 3.09 -17.60 -1.64
N LEU A 156 3.55 -18.40 -0.68
CA LEU A 156 2.63 -19.15 0.17
C LEU A 156 1.76 -18.20 0.97
N ASP A 157 2.32 -17.06 1.41
CA ASP A 157 1.53 -16.07 2.12
C ASP A 157 0.42 -15.49 1.24
N TYR A 158 0.65 -15.41 -0.07
CA TYR A 158 -0.43 -14.98 -0.95
C TYR A 158 -1.60 -15.94 -0.88
N TYR A 159 -1.31 -17.25 -0.92
CA TYR A 159 -2.39 -18.24 -0.90
C TYR A 159 -3.02 -18.37 0.50
N ILE A 160 -2.21 -18.33 1.55
CA ILE A 160 -2.80 -18.36 2.89
C ILE A 160 -3.77 -17.20 3.07
N ASN A 161 -3.38 -16.00 2.61
CA ASN A 161 -4.24 -14.82 2.75
C ASN A 161 -5.46 -14.90 1.83
N GLU A 162 -5.29 -15.47 0.64
CA GLU A 162 -6.43 -15.66 -0.24
C GLU A 162 -7.50 -16.53 0.42
N SER A 163 -7.08 -17.52 1.18
CA SER A 163 -8.01 -18.38 1.89
C SER A 163 -8.61 -17.66 3.11
N ASP A 164 -7.77 -17.01 3.91
CA ASP A 164 -8.23 -16.32 5.12
C ASP A 164 -7.56 -14.96 5.22
N GLU A 165 -8.29 -13.92 4.83
CA GLU A 165 -7.72 -12.59 4.82
C GLU A 165 -7.09 -12.28 6.17
N GLY A 166 -5.82 -11.84 6.13
CA GLY A 166 -5.09 -11.49 7.32
C GLY A 166 -4.27 -12.61 7.91
N MET A 167 -4.54 -13.86 7.51
CA MET A 167 -3.79 -14.99 8.02
C MET A 167 -2.44 -15.07 7.32
N THR A 168 -1.42 -15.52 8.06
CA THR A 168 -0.07 -15.63 7.55
C THR A 168 0.47 -17.03 7.77
N ALA A 169 1.57 -17.33 7.06
CA ALA A 169 2.21 -18.63 7.24
C ALA A 169 2.76 -18.79 8.64
N GLU A 170 3.32 -17.73 9.22
CA GLU A 170 3.89 -17.85 10.56
C GLU A 170 2.79 -18.09 11.60
N GLN A 171 1.59 -17.55 11.36
CA GLN A 171 0.50 -17.76 12.30
C GLN A 171 -0.08 -19.17 12.16
N VAL A 172 -0.14 -19.68 10.93
CA VAL A 172 -0.59 -21.05 10.69
C VAL A 172 0.36 -22.03 11.36
N GLY A 173 1.68 -21.80 11.20
CA GLY A 173 2.66 -22.70 11.78
C GLY A 173 2.53 -22.81 13.29
N GLN A 174 2.22 -21.69 13.95
CA GLN A 174 2.06 -21.73 15.40
C GLN A 174 0.83 -22.52 15.81
N VAL A 175 -0.26 -22.37 15.06
CA VAL A 175 -1.46 -23.18 15.33
C VAL A 175 -1.14 -24.66 15.15
N PHE A 176 -0.44 -25.01 14.08
CA PHE A 176 -0.12 -26.41 13.82
C PHE A 176 0.71 -27.00 14.95
N ALA A 177 1.78 -26.29 15.35
CA ALA A 177 2.63 -26.80 16.43
C ALA A 177 1.84 -27.03 17.71
N GLU A 178 0.97 -26.08 18.06
CA GLU A 178 0.18 -26.22 19.27
C GLU A 178 -0.79 -27.39 19.16
N LEU A 179 -1.46 -27.56 18.01
CA LEU A 179 -2.38 -28.68 17.86
C LEU A 179 -1.62 -30.01 17.86
N ARG A 180 -0.48 -30.06 17.19
CA ARG A 180 0.34 -31.26 17.18
C ARG A 180 0.78 -31.65 18.58
N ALA A 181 1.27 -30.67 19.36
CA ALA A 181 1.76 -30.95 20.71
C ALA A 181 0.66 -31.47 21.62
N ALA A 182 -0.56 -30.98 21.45
CA ALA A 182 -1.66 -31.40 22.32
C ALA A 182 -2.41 -32.62 21.77
N LEU A 183 -2.64 -32.67 20.45
CA LEU A 183 -3.54 -33.69 19.92
C LEU A 183 -2.87 -35.04 19.70
N VAL A 184 -1.59 -35.07 19.30
CA VAL A 184 -0.91 -36.36 19.11
C VAL A 184 -0.93 -37.20 20.37
N PRO A 185 -0.51 -36.72 21.54
CA PRO A 185 -0.59 -37.55 22.75
C PRO A 185 -2.01 -37.94 23.11
N LEU A 186 -2.96 -37.02 22.99
CA LEU A 186 -4.34 -37.35 23.30
C LEU A 186 -4.89 -38.41 22.33
N ALA A 187 -4.53 -38.29 21.05
CA ALA A 187 -4.98 -39.30 20.09
C ALA A 187 -4.31 -40.64 20.36
N ASP A 188 -2.99 -40.63 20.59
CA ASP A 188 -2.31 -41.88 20.89
C ASP A 188 -2.91 -42.53 22.13
N ALA A 189 -3.24 -41.75 23.15
CA ALA A 189 -3.84 -42.33 24.34
C ALA A 189 -5.22 -42.88 24.04
N VAL A 190 -6.00 -42.19 23.21
CA VAL A 190 -7.32 -42.71 22.85
C VAL A 190 -7.18 -44.00 22.06
N ILE A 191 -6.26 -44.04 21.11
CA ILE A 191 -6.07 -45.24 20.30
C ILE A 191 -5.59 -46.39 21.17
N ALA A 192 -4.77 -46.12 22.18
CA ALA A 192 -4.25 -47.17 23.02
C ALA A 192 -5.25 -47.66 24.04
N ALA A 193 -6.25 -46.83 24.37
CA ALA A 193 -7.27 -47.25 25.32
C ALA A 193 -8.24 -48.28 24.72
N GLY A 194 -8.56 -48.17 23.45
CA GLY A 194 -9.51 -49.11 22.87
C GLY A 194 -10.83 -48.43 22.52
N ALA A 195 -11.57 -49.04 21.50
CA ALA A 195 -12.72 -48.39 20.89
C ALA A 195 -14.05 -48.86 21.48
N PRO A 196 -15.07 -48.02 21.44
CA PRO A 196 -16.41 -48.46 21.84
C PRO A 196 -16.96 -49.43 20.82
N ARG A 197 -18.07 -50.07 21.18
CA ARG A 197 -18.71 -50.98 20.24
C ARG A 197 -19.21 -50.21 19.03
N THR A 198 -19.00 -50.77 17.84
CA THR A 198 -19.44 -50.12 16.60
C THR A 198 -20.15 -51.06 15.64
N ASP A 199 -20.17 -52.37 15.88
CA ASP A 199 -20.64 -53.32 14.87
C ASP A 199 -22.09 -53.08 14.47
N PHE A 200 -22.91 -52.52 15.37
CA PHE A 200 -24.31 -52.32 15.02
C PHE A 200 -24.48 -51.31 13.89
N LEU A 201 -23.47 -50.47 13.65
CA LEU A 201 -23.51 -49.55 12.52
C LEU A 201 -23.39 -50.26 11.18
N GLY A 202 -23.00 -51.54 11.16
CA GLY A 202 -22.87 -52.29 9.93
C GLY A 202 -24.04 -53.20 9.60
N ARG A 203 -25.17 -53.04 10.28
CA ARG A 203 -26.27 -53.99 10.13
C ARG A 203 -27.16 -53.68 8.92
N GLY A 204 -26.90 -52.60 8.21
CA GLY A 204 -27.69 -52.25 7.04
C GLY A 204 -28.73 -51.20 7.32
N PHE A 205 -28.53 -49.98 6.81
CA PHE A 205 -29.43 -48.86 7.02
C PHE A 205 -29.92 -48.35 5.68
N ALA A 206 -31.21 -48.51 5.42
CA ALA A 206 -31.76 -48.18 4.10
C ALA A 206 -31.49 -46.72 3.75
N GLN A 207 -31.05 -46.49 2.51
CA GLN A 207 -30.64 -45.16 2.08
C GLN A 207 -31.75 -44.13 2.25
N GLU A 208 -33.00 -44.49 1.92
CA GLU A 208 -34.09 -43.52 1.98
C GLU A 208 -34.35 -43.08 3.42
N ARG A 209 -34.27 -43.99 4.38
CA ARG A 209 -34.46 -43.59 5.77
C ARG A 209 -33.34 -42.68 6.26
N GLN A 210 -32.10 -42.95 5.85
CA GLN A 210 -31.00 -42.10 6.26
C GLN A 210 -31.23 -40.66 5.82
N LEU A 211 -31.61 -40.46 4.55
CA LEU A 211 -31.85 -39.10 4.08
C LEU A 211 -32.99 -38.45 4.85
N ALA A 212 -34.07 -39.21 5.10
CA ALA A 212 -35.21 -38.64 5.81
C ALA A 212 -34.80 -38.20 7.21
N PHE A 213 -34.06 -39.04 7.91
CA PHE A 213 -33.60 -38.67 9.24
C PHE A 213 -32.71 -37.44 9.19
N GLY A 214 -31.76 -37.42 8.25
CA GLY A 214 -30.84 -36.28 8.17
C GLY A 214 -31.55 -34.97 7.91
N GLU A 215 -32.60 -34.99 7.09
CA GLU A 215 -33.32 -33.76 6.80
C GLU A 215 -34.17 -33.30 7.98
N ARG A 216 -34.62 -34.22 8.82
CA ARG A 216 -35.32 -33.80 10.03
C ARG A 216 -34.37 -33.10 11.00
N VAL A 217 -33.14 -33.59 11.11
CA VAL A 217 -32.17 -32.99 12.02
C VAL A 217 -31.80 -31.58 11.56
N ILE A 218 -31.38 -31.42 10.31
CA ILE A 218 -30.93 -30.10 9.89
C ILE A 218 -32.11 -29.15 9.81
N ARG A 219 -33.31 -29.67 9.54
CA ARG A 219 -34.51 -28.84 9.64
C ARG A 219 -34.62 -28.26 11.05
N ASP A 220 -34.45 -29.10 12.08
CA ASP A 220 -34.45 -28.60 13.45
C ASP A 220 -33.28 -27.66 13.70
N TYR A 221 -32.13 -27.94 13.10
CA TYR A 221 -31.00 -27.02 13.23
C TYR A 221 -31.40 -25.60 12.81
N GLY A 222 -32.22 -25.49 11.76
CA GLY A 222 -32.62 -24.20 11.25
C GLY A 222 -32.43 -24.05 9.75
N TYR A 223 -32.05 -25.13 9.07
CA TYR A 223 -31.92 -25.09 7.62
C TYR A 223 -33.29 -24.86 7.00
N ASP A 224 -33.37 -23.91 6.07
CA ASP A 224 -34.63 -23.46 5.50
C ASP A 224 -34.81 -24.10 4.14
N PHE A 225 -35.68 -25.11 4.06
CA PHE A 225 -35.88 -25.76 2.78
C PHE A 225 -36.69 -24.91 1.81
N ARG A 226 -37.25 -23.80 2.25
CA ARG A 226 -37.82 -22.88 1.28
C ARG A 226 -36.73 -22.07 0.57
N ARG A 227 -35.50 -22.16 1.06
CA ARG A 227 -34.36 -21.47 0.46
C ARG A 227 -33.20 -22.43 0.20
N GLY A 228 -33.51 -23.68 -0.10
CA GLY A 228 -32.47 -24.64 -0.37
C GLY A 228 -33.06 -26.03 -0.56
N ARG A 229 -32.16 -26.99 -0.72
CA ARG A 229 -32.54 -28.38 -0.88
C ARG A 229 -31.26 -29.21 -0.79
N GLN A 230 -31.43 -30.53 -0.70
CA GLN A 230 -30.34 -31.49 -0.64
C GLN A 230 -30.50 -32.53 -1.74
N ASP A 231 -29.38 -32.98 -2.31
CA ASP A 231 -29.38 -34.04 -3.30
C ASP A 231 -28.15 -34.93 -3.08
N LEU A 232 -28.10 -36.04 -3.80
CA LEU A 232 -27.01 -37.00 -3.70
C LEU A 232 -25.95 -36.73 -4.77
N THR A 233 -24.68 -36.78 -4.37
CA THR A 233 -23.58 -36.66 -5.31
C THR A 233 -22.43 -37.56 -4.84
N HIS A 234 -21.37 -37.60 -5.65
CA HIS A 234 -20.20 -38.38 -5.27
C HIS A 234 -19.51 -37.74 -4.07
N HIS A 235 -19.45 -36.41 -4.05
CA HIS A 235 -18.79 -35.67 -2.97
C HIS A 235 -19.72 -34.63 -2.38
N PRO A 236 -20.02 -34.70 -1.08
CA PRO A 236 -20.87 -33.67 -0.45
C PRO A 236 -20.26 -32.28 -0.61
N PHE A 237 -21.12 -31.29 -0.84
CA PHE A 237 -20.67 -29.90 -0.92
C PHE A 237 -21.86 -28.99 -0.68
N MET A 238 -21.57 -27.70 -0.54
CA MET A 238 -22.57 -26.65 -0.42
C MET A 238 -22.34 -25.64 -1.53
N THR A 239 -23.41 -25.12 -2.10
CA THR A 239 -23.29 -24.15 -3.19
C THR A 239 -24.48 -23.20 -3.15
N ARG A 240 -24.21 -21.94 -3.46
CA ARG A 240 -25.24 -20.90 -3.45
C ARG A 240 -25.63 -20.62 -4.90
N LEU A 241 -26.87 -20.96 -5.26
CA LEU A 241 -27.36 -20.66 -6.59
C LEU A 241 -28.12 -19.34 -6.66
N GLY A 242 -28.28 -18.66 -5.53
CA GLY A 242 -28.98 -17.38 -5.49
C GLY A 242 -29.13 -16.90 -4.05
N GLY A 243 -29.65 -15.67 -3.94
CA GLY A 243 -29.86 -15.08 -2.63
C GLY A 243 -30.74 -15.90 -1.70
N HIS A 244 -31.62 -16.73 -2.25
CA HIS A 244 -32.51 -17.57 -1.45
C HIS A 244 -32.46 -19.02 -1.91
N ASP A 245 -31.27 -19.47 -2.31
CA ASP A 245 -31.07 -20.79 -2.91
C ASP A 245 -29.69 -21.29 -2.49
N VAL A 246 -29.63 -21.93 -1.32
CA VAL A 246 -28.38 -22.45 -0.78
C VAL A 246 -28.52 -23.97 -0.70
N ARG A 247 -27.91 -24.67 -1.64
CA ARG A 247 -28.12 -26.11 -1.78
C ARG A 247 -26.95 -26.91 -1.21
N ILE A 248 -27.28 -28.10 -0.71
CA ILE A 248 -26.31 -29.00 -0.13
C ILE A 248 -26.46 -30.37 -0.77
N THR A 249 -25.38 -31.15 -0.74
CA THR A 249 -25.41 -32.52 -1.23
C THR A 249 -24.74 -33.42 -0.22
N THR A 250 -25.14 -34.69 -0.23
CA THR A 250 -24.61 -35.68 0.70
C THR A 250 -24.38 -36.97 -0.07
N ARG A 251 -23.78 -37.94 0.63
CA ARG A 251 -23.45 -39.24 0.07
C ARG A 251 -23.84 -40.32 1.07
N VAL A 252 -24.54 -41.35 0.60
CA VAL A 252 -25.14 -42.34 1.49
C VAL A 252 -24.45 -43.68 1.30
N LYS A 253 -24.05 -44.30 2.41
CA LYS A 253 -23.55 -45.67 2.44
C LYS A 253 -24.47 -46.50 3.33
N GLU A 254 -25.21 -47.43 2.73
CA GLU A 254 -26.06 -48.29 3.56
C GLU A 254 -25.24 -49.12 4.52
N GLN A 255 -23.97 -49.35 4.24
CA GLN A 255 -23.14 -50.14 5.14
C GLN A 255 -22.59 -49.34 6.32
N ASP A 256 -22.84 -48.03 6.40
CA ASP A 256 -22.40 -47.22 7.53
C ASP A 256 -23.18 -45.91 7.56
N PRO A 257 -24.14 -45.76 8.48
CA PRO A 257 -25.02 -44.59 8.47
C PRO A 257 -24.38 -43.32 9.01
N THR A 258 -23.22 -43.39 9.66
CA THR A 258 -22.57 -42.18 10.13
C THR A 258 -22.08 -41.30 8.98
N ASP A 259 -21.78 -41.90 7.82
CA ASP A 259 -21.28 -41.12 6.69
C ASP A 259 -22.30 -40.09 6.21
N ALA A 260 -23.49 -40.56 5.80
CA ALA A 260 -24.51 -39.65 5.30
C ALA A 260 -24.91 -38.64 6.37
N LEU A 261 -25.14 -39.11 7.61
CA LEU A 261 -25.60 -38.21 8.64
C LEU A 261 -24.63 -37.05 8.84
N TYR A 262 -23.34 -37.34 9.01
CA TYR A 262 -22.42 -36.28 9.36
C TYR A 262 -21.94 -35.47 8.16
N SER A 263 -21.97 -36.04 6.94
CA SER A 263 -21.83 -35.20 5.75
C SER A 263 -22.96 -34.19 5.66
N THR A 264 -24.19 -34.62 5.93
CA THR A 264 -25.33 -33.71 5.84
C THR A 264 -25.25 -32.62 6.91
N LEU A 265 -24.94 -32.99 8.16
CA LEU A 265 -24.82 -31.98 9.20
C LEU A 265 -23.71 -31.00 8.88
N HIS A 266 -22.60 -31.50 8.34
CA HIS A 266 -21.48 -30.64 7.97
C HIS A 266 -21.89 -29.63 6.92
N GLU A 267 -22.40 -30.10 5.77
CA GLU A 267 -22.78 -29.18 4.69
C GLU A 267 -23.94 -28.26 5.08
N ALA A 268 -24.87 -28.76 5.89
CA ALA A 268 -25.92 -27.88 6.41
C ALA A 268 -25.33 -26.74 7.21
N GLY A 269 -24.25 -27.03 7.96
CA GLY A 269 -23.58 -25.97 8.70
C GLY A 269 -23.05 -24.89 7.79
N HIS A 270 -22.37 -25.29 6.70
CA HIS A 270 -22.01 -24.34 5.67
C HIS A 270 -23.22 -23.54 5.21
N ALA A 271 -24.33 -24.24 4.96
CA ALA A 271 -25.50 -23.59 4.36
C ALA A 271 -26.17 -22.65 5.35
N LEU A 272 -26.19 -23.02 6.63
CA LEU A 272 -26.77 -22.14 7.65
C LEU A 272 -26.06 -20.80 7.65
N TYR A 273 -24.73 -20.82 7.59
CA TYR A 273 -23.95 -19.60 7.50
C TYR A 273 -24.47 -18.71 6.36
N GLU A 274 -24.52 -19.26 5.14
CA GLU A 274 -24.97 -18.49 3.99
C GLU A 274 -26.41 -18.06 4.15
N GLN A 275 -27.28 -18.94 4.66
CA GLN A 275 -28.69 -18.60 4.80
C GLN A 275 -28.93 -17.54 5.86
N GLY A 276 -27.96 -17.29 6.74
CA GLY A 276 -28.08 -16.23 7.73
C GLY A 276 -27.58 -14.87 7.30
N VAL A 277 -26.93 -14.76 6.14
CA VAL A 277 -26.41 -13.47 5.72
C VAL A 277 -27.57 -12.49 5.64
N ASP A 278 -27.34 -11.27 6.12
CA ASP A 278 -28.39 -10.26 6.12
C ASP A 278 -28.91 -9.99 4.72
N ALA A 279 -30.25 -9.91 4.60
CA ALA A 279 -30.86 -9.64 3.30
C ALA A 279 -30.35 -8.35 2.69
N ALA A 280 -29.99 -7.37 3.52
CA ALA A 280 -29.48 -6.12 2.97
C ALA A 280 -28.17 -6.31 2.22
N PHE A 281 -27.45 -7.40 2.48
CA PHE A 281 -26.18 -7.63 1.80
C PHE A 281 -26.29 -8.57 0.62
N LEU A 282 -27.37 -9.33 0.50
CA LEU A 282 -27.51 -10.23 -0.63
C LEU A 282 -27.47 -9.44 -1.94
N GLY A 283 -26.76 -9.98 -2.92
CA GLY A 283 -26.61 -9.28 -4.18
C GLY A 283 -25.60 -8.17 -4.13
N THR A 284 -24.87 -8.03 -3.02
CA THR A 284 -23.80 -7.04 -2.91
C THR A 284 -22.48 -7.73 -2.60
N PRO A 285 -21.36 -7.02 -2.68
CA PRO A 285 -20.06 -7.64 -2.35
C PRO A 285 -19.97 -8.14 -0.91
N LEU A 286 -20.90 -7.77 -0.03
CA LEU A 286 -20.86 -8.26 1.34
C LEU A 286 -21.69 -9.53 1.53
N GLY A 287 -22.42 -9.97 0.51
CA GLY A 287 -23.38 -11.05 0.68
C GLY A 287 -22.86 -12.48 0.55
N GLY A 288 -21.97 -12.87 1.44
CA GLY A 288 -21.41 -14.21 1.44
C GLY A 288 -20.50 -14.38 2.64
N GLY A 289 -20.03 -15.61 2.82
CA GLY A 289 -19.11 -15.91 3.90
C GLY A 289 -17.80 -15.15 3.77
N VAL A 290 -17.15 -14.95 4.91
CA VAL A 290 -16.00 -14.04 4.98
C VAL A 290 -14.66 -14.73 4.71
N SER A 291 -14.53 -16.02 4.99
CA SER A 291 -13.24 -16.71 4.81
C SER A 291 -13.46 -18.22 4.87
N ALA A 292 -12.43 -18.95 4.44
CA ALA A 292 -12.53 -20.41 4.49
C ALA A 292 -12.60 -20.90 5.91
N GLY A 293 -11.78 -20.33 6.80
CA GLY A 293 -11.76 -20.79 8.18
C GLY A 293 -13.06 -20.51 8.91
N VAL A 294 -13.62 -19.32 8.72
CA VAL A 294 -14.89 -19.03 9.35
C VAL A 294 -15.98 -19.94 8.79
N HIS A 295 -15.96 -20.17 7.47
CA HIS A 295 -16.96 -21.05 6.88
C HIS A 295 -16.89 -22.45 7.47
N GLU A 296 -15.70 -23.05 7.44
CA GLU A 296 -15.51 -24.38 8.01
C GLU A 296 -15.75 -24.41 9.51
N SER A 297 -15.65 -23.28 10.19
CA SER A 297 -15.97 -23.25 11.61
C SER A 297 -17.43 -23.58 11.84
N GLN A 298 -18.27 -23.24 10.87
CA GLN A 298 -19.71 -23.43 11.03
C GLN A 298 -20.14 -24.84 10.63
N SER A 299 -19.55 -25.38 9.57
CA SER A 299 -19.80 -26.80 9.28
C SER A 299 -19.34 -27.67 10.45
N ARG A 300 -18.17 -27.38 11.00
CA ARG A 300 -17.65 -28.18 12.10
C ARG A 300 -18.42 -27.95 13.39
N LEU A 301 -18.95 -26.74 13.59
CA LEU A 301 -19.73 -26.50 14.80
C LEU A 301 -20.98 -27.38 14.80
N TRP A 302 -21.75 -27.33 13.71
CA TRP A 302 -22.99 -28.11 13.65
C TRP A 302 -22.72 -29.60 13.48
N GLU A 303 -21.61 -29.97 12.83
CA GLU A 303 -21.33 -31.39 12.67
C GLU A 303 -20.76 -31.99 13.95
N ASN A 304 -19.68 -31.40 14.49
CA ASN A 304 -18.95 -31.99 15.62
C ASN A 304 -19.52 -31.51 16.96
N LEU A 305 -19.38 -30.22 17.25
CA LEU A 305 -19.75 -29.72 18.56
C LEU A 305 -21.20 -30.06 18.89
N VAL A 306 -22.09 -29.93 17.92
CA VAL A 306 -23.49 -30.26 18.14
C VAL A 306 -23.73 -31.71 17.78
N GLY A 307 -23.44 -32.09 16.53
CA GLY A 307 -23.88 -33.36 16.00
C GLY A 307 -23.31 -34.58 16.70
N ARG A 308 -22.12 -34.45 17.28
CA ARG A 308 -21.48 -35.58 17.96
C ARG A 308 -21.54 -35.46 19.48
N SER A 309 -22.34 -34.54 19.99
CA SER A 309 -22.40 -34.32 21.44
C SER A 309 -23.39 -35.29 22.07
N ARG A 310 -23.24 -35.47 23.38
CA ARG A 310 -24.17 -36.36 24.08
C ARG A 310 -25.59 -35.82 24.03
N ALA A 311 -25.75 -34.49 24.14
CA ALA A 311 -27.08 -33.90 24.12
C ALA A 311 -27.81 -34.17 22.81
N PHE A 312 -27.07 -34.18 21.70
CA PHE A 312 -27.67 -34.46 20.39
C PHE A 312 -28.36 -35.82 20.39
N TRP A 313 -27.68 -36.85 20.89
CA TRP A 313 -28.24 -38.20 20.82
C TRP A 313 -29.29 -38.45 21.90
N ALA A 314 -29.21 -37.75 23.04
CA ALA A 314 -30.33 -37.79 23.97
C ALA A 314 -31.62 -37.34 23.30
N ALA A 315 -31.52 -36.43 22.33
CA ALA A 315 -32.69 -35.89 21.65
C ALA A 315 -33.14 -36.73 20.48
N TYR A 316 -32.21 -37.35 19.74
CA TYR A 316 -32.54 -37.99 18.48
C TYR A 316 -32.44 -39.50 18.49
N PHE A 317 -31.91 -40.12 19.54
CA PHE A 317 -31.82 -41.57 19.50
C PHE A 317 -33.20 -42.20 19.34
N GLY A 318 -34.22 -41.58 19.93
CA GLY A 318 -35.57 -42.11 19.79
C GLY A 318 -36.00 -42.17 18.34
N ASP A 319 -35.91 -41.05 17.62
CA ASP A 319 -36.22 -41.06 16.19
C ASP A 319 -35.29 -42.03 15.45
N TRP A 320 -34.02 -42.03 15.82
CA TRP A 320 -33.05 -42.93 15.22
C TRP A 320 -33.44 -44.39 15.43
N ARG A 321 -33.71 -44.76 16.69
CA ARG A 321 -34.08 -46.14 17.01
C ARG A 321 -35.38 -46.54 16.32
N ASP A 322 -36.37 -45.66 16.33
CA ASP A 322 -37.65 -45.96 15.70
C ASP A 322 -37.47 -46.16 14.20
N THR A 323 -36.58 -45.37 13.58
CA THR A 323 -36.35 -45.48 12.15
C THR A 323 -35.59 -46.76 11.80
N PHE A 324 -34.69 -47.19 12.68
CA PHE A 324 -33.87 -48.39 12.46
C PHE A 324 -33.98 -49.29 13.68
N PRO A 325 -35.15 -49.88 13.94
CA PRO A 325 -35.37 -50.63 15.19
C PRO A 325 -34.54 -51.90 15.32
N GLU A 326 -34.55 -52.76 14.29
CA GLU A 326 -33.76 -53.97 14.41
C GLU A 326 -32.27 -53.65 14.47
N GLN A 327 -31.82 -52.62 13.74
CA GLN A 327 -30.41 -52.30 13.73
C GLN A 327 -29.94 -51.82 15.10
N LEU A 328 -30.78 -51.11 15.84
CA LEU A 328 -30.38 -50.62 17.15
C LEU A 328 -30.83 -51.53 18.28
N ALA A 329 -31.36 -52.71 17.98
CA ALA A 329 -31.72 -53.66 19.03
C ALA A 329 -30.50 -54.05 19.84
N GLY A 330 -30.62 -53.95 21.16
CA GLY A 330 -29.50 -54.25 22.03
C GLY A 330 -28.45 -53.17 22.10
N VAL A 331 -28.76 -51.98 21.62
CA VAL A 331 -27.82 -50.86 21.61
C VAL A 331 -28.45 -49.74 22.44
N THR A 332 -27.67 -49.17 23.33
CA THR A 332 -28.18 -48.09 24.16
C THR A 332 -27.97 -46.75 23.47
N GLU A 333 -28.66 -45.74 23.98
CA GLU A 333 -28.40 -44.39 23.53
C GLU A 333 -26.95 -44.00 23.77
N GLU A 334 -26.40 -44.38 24.93
CA GLU A 334 -25.00 -44.05 25.21
C GLU A 334 -24.04 -44.73 24.24
N GLU A 335 -24.39 -45.93 23.76
CA GLU A 335 -23.49 -46.60 22.84
C GLU A 335 -23.48 -45.91 21.47
N MET A 336 -24.63 -45.41 21.03
CA MET A 336 -24.65 -44.67 19.77
C MET A 336 -23.84 -43.39 19.88
N TYR A 337 -23.91 -42.71 21.04
CA TYR A 337 -23.08 -41.53 21.23
C TYR A 337 -21.59 -41.86 21.19
N ARG A 338 -21.19 -42.98 21.80
CA ARG A 338 -19.77 -43.32 21.77
C ARG A 338 -19.33 -43.75 20.38
N ALA A 339 -20.21 -44.41 19.63
CA ALA A 339 -19.82 -44.98 18.34
C ALA A 339 -19.54 -43.91 17.30
N VAL A 340 -20.12 -42.70 17.44
CA VAL A 340 -19.86 -41.62 16.49
C VAL A 340 -18.60 -40.86 16.84
N ASN A 341 -17.88 -41.25 17.90
CA ASN A 341 -16.70 -40.56 18.37
C ASN A 341 -15.51 -41.50 18.49
N THR A 342 -15.38 -42.46 17.57
CA THR A 342 -14.19 -43.29 17.55
C THR A 342 -13.02 -42.52 16.94
N VAL A 343 -11.81 -43.01 17.22
CA VAL A 343 -10.57 -42.38 16.77
C VAL A 343 -9.65 -43.46 16.24
N SER A 344 -8.88 -43.15 15.20
CA SER A 344 -7.83 -44.04 14.73
C SER A 344 -7.00 -43.34 13.68
N ARG A 345 -5.74 -43.75 13.57
CA ARG A 345 -4.89 -43.28 12.48
C ARG A 345 -5.38 -43.90 11.18
N SER A 346 -5.78 -43.06 10.23
CA SER A 346 -6.37 -43.52 8.99
C SER A 346 -5.73 -42.77 7.84
N LEU A 347 -6.11 -43.14 6.61
CA LEU A 347 -5.49 -42.62 5.40
C LEU A 347 -6.26 -41.45 4.75
N ILE A 348 -7.58 -41.44 4.83
CA ILE A 348 -8.39 -40.51 4.07
C ILE A 348 -8.67 -39.28 4.95
N ARG A 349 -8.24 -38.11 4.48
CA ARG A 349 -8.39 -36.89 5.24
C ARG A 349 -9.86 -36.61 5.57
N THR A 350 -10.73 -36.69 4.55
CA THR A 350 -12.12 -36.28 4.75
C THR A 350 -12.87 -37.15 5.75
N ASP A 351 -12.43 -38.38 5.99
CA ASP A 351 -13.08 -39.27 6.94
C ASP A 351 -12.41 -39.30 8.31
N ALA A 352 -11.36 -38.52 8.52
CA ALA A 352 -10.57 -38.66 9.73
C ALA A 352 -11.31 -38.08 10.93
N ASP A 353 -11.06 -38.67 12.08
CA ASP A 353 -11.76 -38.34 13.33
C ASP A 353 -11.34 -36.97 13.86
N GLU A 354 -11.99 -36.56 14.96
CA GLU A 354 -11.75 -35.24 15.52
C GLU A 354 -10.32 -35.07 15.99
N LEU A 355 -9.65 -36.16 16.37
CA LEU A 355 -8.35 -36.02 17.00
C LEU A 355 -7.19 -36.07 16.02
N THR A 356 -7.26 -36.91 14.99
CA THR A 356 -6.17 -37.06 14.05
C THR A 356 -6.34 -36.23 12.78
N TYR A 357 -7.47 -35.55 12.61
CA TYR A 357 -7.74 -34.87 11.35
C TYR A 357 -6.64 -33.89 10.99
N ASN A 358 -6.22 -33.07 11.94
CA ASN A 358 -5.31 -31.98 11.60
C ASN A 358 -3.96 -32.49 11.11
N LEU A 359 -3.59 -33.72 11.47
CA LEU A 359 -2.33 -34.26 10.97
C LEU A 359 -2.34 -34.40 9.45
N HIS A 360 -3.51 -34.60 8.85
CA HIS A 360 -3.59 -34.64 7.38
C HIS A 360 -3.36 -33.25 6.78
N VAL A 361 -3.97 -32.22 7.38
CA VAL A 361 -3.81 -30.86 6.88
C VAL A 361 -2.35 -30.42 7.00
N ILE A 362 -1.75 -30.67 8.16
CA ILE A 362 -0.34 -30.32 8.36
C ILE A 362 0.54 -31.01 7.32
N THR A 363 0.31 -32.31 7.09
CA THR A 363 1.06 -33.01 6.07
C THR A 363 1.03 -32.25 4.74
N ARG A 364 -0.18 -31.93 4.26
CA ARG A 364 -0.32 -31.27 2.96
C ARG A 364 0.31 -29.89 2.96
N PHE A 365 0.07 -29.10 4.01
CA PHE A 365 0.61 -27.74 4.07
C PHE A 365 2.12 -27.75 3.98
N GLU A 366 2.78 -28.65 4.72
CA GLU A 366 4.24 -28.68 4.72
C GLU A 366 4.80 -29.12 3.38
N LEU A 367 4.09 -30.00 2.67
CA LEU A 367 4.50 -30.36 1.32
C LEU A 367 4.34 -29.18 0.36
N GLU A 368 3.27 -28.40 0.55
CA GLU A 368 3.11 -27.17 -0.22
C GLU A 368 4.25 -26.20 0.06
N ARG A 369 4.62 -26.05 1.33
CA ARG A 369 5.72 -25.16 1.69
C ARG A 369 7.00 -25.57 0.98
N GLU A 370 7.33 -26.87 1.03
CA GLU A 370 8.54 -27.35 0.37
C GLU A 370 8.49 -27.17 -1.13
N MET A 371 7.32 -27.41 -1.74
CA MET A 371 7.23 -27.27 -3.19
C MET A 371 7.31 -25.80 -3.59
N LEU A 372 6.63 -24.92 -2.87
CA LEU A 372 6.66 -23.52 -3.24
C LEU A 372 8.07 -22.94 -3.08
N ALA A 373 8.83 -23.40 -2.08
CA ALA A 373 10.17 -22.92 -1.87
C ALA A 373 11.19 -23.54 -2.82
N GLY A 374 10.77 -24.42 -3.72
CA GLY A 374 11.70 -25.08 -4.61
C GLY A 374 12.54 -26.16 -3.98
N LYS A 375 12.24 -26.56 -2.74
CA LYS A 375 13.01 -27.59 -2.05
C LYS A 375 12.50 -29.01 -2.29
N LEU A 376 11.27 -29.17 -2.78
CA LEU A 376 10.72 -30.50 -3.07
C LEU A 376 10.28 -30.53 -4.53
N ALA A 377 10.90 -31.40 -5.31
CA ALA A 377 10.53 -31.53 -6.71
C ALA A 377 9.21 -32.27 -6.84
N VAL A 378 8.41 -31.87 -7.83
CA VAL A 378 7.10 -32.48 -8.02
C VAL A 378 7.24 -33.98 -8.28
N ARG A 379 8.26 -34.38 -9.04
CA ARG A 379 8.42 -35.80 -9.33
C ARG A 379 8.70 -36.60 -8.07
N ASP A 380 9.14 -35.94 -7.00
CA ASP A 380 9.38 -36.60 -5.73
C ASP A 380 8.19 -36.52 -4.77
N LEU A 381 7.06 -35.95 -5.20
CA LEU A 381 5.95 -35.71 -4.28
C LEU A 381 5.34 -37.00 -3.75
N ALA A 382 5.16 -38.00 -4.62
CA ALA A 382 4.54 -39.25 -4.18
C ALA A 382 5.31 -39.86 -3.03
N ASP A 383 6.64 -39.90 -3.15
CA ASP A 383 7.48 -40.46 -2.09
C ASP A 383 7.46 -39.60 -0.84
N ALA A 384 7.57 -38.27 -0.99
CA ALA A 384 7.54 -37.38 0.17
C ALA A 384 6.21 -37.48 0.91
N TRP A 385 5.11 -37.64 0.17
CA TRP A 385 3.79 -37.80 0.77
C TRP A 385 3.75 -39.03 1.67
N HIS A 386 4.14 -40.18 1.13
CA HIS A 386 4.17 -41.41 1.94
C HIS A 386 5.08 -41.25 3.15
N ALA A 387 6.26 -40.65 2.97
CA ALA A 387 7.15 -40.45 4.10
C ALA A 387 6.51 -39.57 5.16
N ALA A 388 5.81 -38.51 4.75
CA ALA A 388 5.16 -37.64 5.72
C ALA A 388 3.98 -38.34 6.40
N TYR A 389 3.27 -39.22 5.69
CA TYR A 389 2.19 -39.96 6.33
C TYR A 389 2.73 -40.95 7.36
N GLU A 390 3.83 -41.65 7.03
CA GLU A 390 4.46 -42.51 8.05
C GLU A 390 4.89 -41.69 9.26
N GLN A 391 5.50 -40.53 9.02
CA GLN A 391 5.98 -39.70 10.12
C GLN A 391 4.83 -39.14 10.94
N ASN A 392 3.77 -38.65 10.29
CA ASN A 392 2.75 -37.90 11.00
C ASN A 392 1.58 -38.75 11.46
N LEU A 393 1.26 -39.83 10.76
CA LEU A 393 0.10 -40.64 11.12
C LEU A 393 0.46 -42.08 11.41
N GLY A 394 1.72 -42.47 11.25
CA GLY A 394 2.14 -43.80 11.61
C GLY A 394 1.81 -44.90 10.62
N LEU A 395 1.33 -44.57 9.43
CA LEU A 395 1.08 -45.60 8.43
C LEU A 395 1.11 -44.95 7.05
N ARG A 396 1.15 -45.78 6.03
CA ARG A 396 1.18 -45.30 4.67
C ARG A 396 0.22 -46.10 3.80
N ALA A 397 -0.29 -45.44 2.76
CA ALA A 397 -1.20 -46.11 1.85
C ALA A 397 -0.45 -47.18 1.04
N PRO A 398 -1.16 -48.19 0.54
CA PRO A 398 -0.49 -49.25 -0.24
C PRO A 398 -0.02 -48.78 -1.60
N SER A 399 -0.53 -47.66 -2.09
CA SER A 399 -0.15 -47.12 -3.39
C SER A 399 -0.35 -45.62 -3.34
N ASP A 400 -0.31 -44.98 -4.51
CA ASP A 400 -0.54 -43.54 -4.61
C ASP A 400 -2.02 -43.19 -4.69
N VAL A 401 -2.90 -44.16 -4.93
CA VAL A 401 -4.33 -43.88 -5.03
C VAL A 401 -4.80 -43.06 -3.84
N ASP A 402 -4.53 -43.57 -2.63
CA ASP A 402 -4.85 -42.89 -1.39
C ASP A 402 -3.64 -42.19 -0.79
N GLY A 403 -2.54 -42.11 -1.56
CA GLY A 403 -1.42 -41.25 -1.24
C GLY A 403 -1.58 -39.89 -1.88
N ALA A 404 -0.57 -39.45 -2.65
CA ALA A 404 -0.54 -38.11 -3.24
C ALA A 404 -1.64 -37.86 -4.27
N LEU A 405 -2.29 -38.90 -4.79
CA LEU A 405 -3.44 -38.73 -5.70
C LEU A 405 -4.76 -38.57 -4.94
N GLN A 406 -4.72 -38.62 -3.60
CA GLN A 406 -5.94 -38.75 -2.81
C GLN A 406 -6.87 -37.55 -2.99
N ASP A 407 -6.35 -36.35 -2.79
CA ASP A 407 -7.18 -35.16 -2.78
C ASP A 407 -7.12 -34.43 -4.13
N VAL A 408 -8.26 -33.83 -4.51
CA VAL A 408 -8.37 -33.17 -5.80
C VAL A 408 -7.69 -31.80 -5.84
N HIS A 409 -7.39 -31.21 -4.68
CA HIS A 409 -7.06 -29.77 -4.65
C HIS A 409 -5.93 -29.41 -5.61
N TRP A 410 -4.79 -30.10 -5.51
CA TRP A 410 -3.64 -29.74 -6.35
C TRP A 410 -3.83 -30.11 -7.82
N TYR A 411 -4.89 -30.82 -8.17
CA TYR A 411 -5.11 -31.20 -9.56
C TYR A 411 -6.20 -30.39 -10.24
N PHE A 412 -7.02 -29.67 -9.47
CA PHE A 412 -8.08 -28.82 -10.01
C PHE A 412 -7.91 -27.37 -9.57
N GLY A 413 -6.73 -27.00 -9.11
CA GLY A 413 -6.47 -25.67 -8.64
C GLY A 413 -5.00 -25.47 -8.31
N PRO A 414 -4.68 -24.33 -7.71
CA PRO A 414 -3.27 -24.03 -7.41
C PRO A 414 -2.74 -24.94 -6.32
N ILE A 415 -1.42 -25.01 -6.27
CA ILE A 415 -0.70 -25.68 -5.21
C ILE A 415 -0.27 -24.62 -4.20
N GLY A 416 -0.74 -24.75 -2.96
CA GLY A 416 -0.38 -23.81 -1.92
C GLY A 416 -1.57 -23.20 -1.22
N GLY A 417 -1.60 -23.31 0.11
CA GLY A 417 -2.70 -22.75 0.86
C GLY A 417 -4.04 -23.43 0.66
N SER A 418 -4.03 -24.69 0.22
CA SER A 418 -5.26 -25.39 -0.14
C SER A 418 -6.00 -25.99 1.06
N PHE A 419 -5.32 -26.17 2.19
CA PHE A 419 -5.86 -27.01 3.26
C PHE A 419 -5.91 -26.37 4.63
N GLN A 420 -5.12 -25.33 4.93
CA GLN A 420 -5.10 -24.86 6.32
C GLN A 420 -6.46 -24.34 6.76
N GLY A 421 -7.30 -23.89 5.83
CA GLY A 421 -8.64 -23.46 6.20
C GLY A 421 -9.44 -24.54 6.92
N TYR A 422 -9.23 -25.81 6.56
CA TYR A 422 -9.94 -26.88 7.26
C TYR A 422 -9.57 -26.91 8.73
N THR A 423 -8.29 -26.73 9.05
CA THR A 423 -7.87 -26.77 10.44
C THR A 423 -8.25 -25.48 11.16
N ILE A 424 -8.15 -24.36 10.46
CA ILE A 424 -8.63 -23.10 11.01
C ILE A 424 -10.10 -23.22 11.38
N GLY A 425 -10.89 -23.86 10.52
CA GLY A 425 -12.30 -24.07 10.84
C GLY A 425 -12.49 -24.91 12.08
N ASN A 426 -11.67 -25.96 12.22
CA ASN A 426 -11.77 -26.79 13.41
C ASN A 426 -11.52 -25.97 14.68
N VAL A 427 -10.47 -25.13 14.65
CA VAL A 427 -10.15 -24.30 15.81
C VAL A 427 -11.30 -23.36 16.11
N LEU A 428 -11.75 -22.61 15.09
CA LEU A 428 -12.76 -21.57 15.31
C LEU A 428 -14.11 -22.16 15.72
N SER A 429 -14.39 -23.41 15.35
CA SER A 429 -15.68 -24.00 15.70
C SER A 429 -15.91 -24.00 17.20
N ALA A 430 -14.91 -24.42 17.97
CA ALA A 430 -15.05 -24.42 19.44
C ALA A 430 -15.00 -23.01 20.01
N GLN A 431 -14.22 -22.11 19.40
CA GLN A 431 -14.15 -20.74 19.88
C GLN A 431 -15.50 -20.05 19.71
N PHE A 432 -16.11 -20.18 18.53
CA PHE A 432 -17.44 -19.62 18.34
C PHE A 432 -18.45 -20.29 19.26
N TYR A 433 -18.36 -21.60 19.41
CA TYR A 433 -19.36 -22.31 20.19
C TYR A 433 -19.33 -21.88 21.65
N ALA A 434 -18.13 -21.78 22.23
CA ALA A 434 -18.00 -21.39 23.63
C ALA A 434 -18.55 -19.99 23.87
N ALA A 435 -18.32 -19.08 22.92
CA ALA A 435 -18.92 -17.75 23.04
C ALA A 435 -20.44 -17.85 23.04
N ALA A 436 -21.00 -18.77 22.25
CA ALA A 436 -22.46 -18.95 22.22
C ALA A 436 -22.99 -19.50 23.54
N GLU A 437 -22.26 -20.41 24.17
CA GLU A 437 -22.71 -20.93 25.46
C GLU A 437 -22.53 -19.89 26.57
N ALA A 438 -21.43 -19.14 26.54
CA ALA A 438 -21.26 -18.05 27.50
C ALA A 438 -22.42 -17.07 27.47
N ALA A 439 -22.94 -16.77 26.27
CA ALA A 439 -24.07 -15.86 26.16
C ALA A 439 -25.43 -16.53 26.36
N ASN A 440 -25.48 -17.87 26.37
CA ASN A 440 -26.74 -18.61 26.52
C ASN A 440 -26.52 -19.81 27.42
N PRO A 441 -26.40 -19.59 28.74
CA PRO A 441 -26.13 -20.70 29.67
C PRO A 441 -27.17 -21.80 29.60
N GLY A 442 -26.79 -22.96 29.07
CA GLY A 442 -27.69 -24.09 29.13
C GLY A 442 -28.10 -24.53 27.75
N LEU A 443 -27.22 -24.33 26.77
CA LEU A 443 -27.54 -24.72 25.39
C LEU A 443 -27.79 -26.22 25.30
N GLU A 444 -26.96 -27.03 25.95
CA GLU A 444 -27.13 -28.47 25.85
C GLU A 444 -28.53 -28.90 26.27
N ALA A 445 -29.09 -28.28 27.30
CA ALA A 445 -30.45 -28.62 27.70
C ALA A 445 -31.44 -28.31 26.60
N ASP A 446 -31.20 -27.22 25.85
CA ASP A 446 -32.04 -26.92 24.70
C ASP A 446 -31.96 -28.03 23.66
N PHE A 447 -30.74 -28.53 23.40
CA PHE A 447 -30.55 -29.51 22.34
C PHE A 447 -31.36 -30.78 22.59
N ALA A 448 -31.42 -31.22 23.86
CA ALA A 448 -32.18 -32.41 24.20
C ALA A 448 -33.65 -32.24 23.87
N ARG A 449 -34.12 -31.01 23.77
CA ARG A 449 -35.48 -30.68 23.37
C ARG A 449 -35.62 -30.41 21.86
N LYS A 450 -34.56 -30.70 21.08
CA LYS A 450 -34.53 -30.43 19.64
C LYS A 450 -34.69 -28.93 19.34
N ASP A 451 -34.28 -28.10 20.28
CA ASP A 451 -34.40 -26.65 20.17
C ASP A 451 -33.01 -26.05 20.01
N PHE A 452 -32.70 -25.58 18.80
CA PHE A 452 -31.39 -25.00 18.51
C PHE A 452 -31.47 -23.50 18.27
N SER A 453 -32.58 -22.87 18.63
CA SER A 453 -32.80 -21.48 18.26
C SER A 453 -31.86 -20.52 18.99
N ARG A 454 -31.46 -20.85 20.23
CA ARG A 454 -30.55 -19.97 20.94
C ARG A 454 -29.14 -20.04 20.37
N LEU A 455 -28.67 -21.25 20.04
CA LEU A 455 -27.36 -21.37 19.40
C LEU A 455 -27.38 -20.76 18.01
N HIS A 456 -28.36 -21.14 17.20
CA HIS A 456 -28.47 -20.58 15.84
C HIS A 456 -28.68 -19.07 15.88
N GLY A 457 -29.56 -18.60 16.78
CA GLY A 457 -29.79 -17.16 16.88
C GLY A 457 -28.51 -16.41 17.22
N TRP A 458 -27.74 -16.93 18.18
CA TRP A 458 -26.47 -16.29 18.52
C TRP A 458 -25.54 -16.25 17.31
N LEU A 459 -25.40 -17.37 16.61
CA LEU A 459 -24.50 -17.43 15.46
C LEU A 459 -24.98 -16.52 14.33
N ARG A 460 -26.29 -16.48 14.11
CA ARG A 460 -26.80 -15.58 13.08
C ARG A 460 -26.53 -14.12 13.44
N GLU A 461 -26.77 -13.74 14.69
CA GLU A 461 -26.59 -12.34 15.07
C GLU A 461 -25.13 -11.94 15.14
N ASN A 462 -24.25 -12.85 15.55
CA ASN A 462 -22.85 -12.51 15.80
C ASN A 462 -21.91 -12.93 14.67
N VAL A 463 -22.34 -13.78 13.75
CA VAL A 463 -21.45 -14.29 12.70
C VAL A 463 -22.10 -14.16 11.34
N TYR A 464 -23.26 -14.81 11.16
CA TYR A 464 -23.80 -14.99 9.80
C TYR A 464 -24.23 -13.67 9.19
N ARG A 465 -25.03 -12.88 9.92
CA ARG A 465 -25.70 -11.75 9.27
C ARG A 465 -24.70 -10.80 8.64
N HIS A 466 -23.51 -10.69 9.22
CA HIS A 466 -22.54 -9.71 8.73
C HIS A 466 -21.92 -10.08 7.37
N GLY A 467 -21.94 -11.35 6.98
CA GLY A 467 -21.30 -11.71 5.73
C GLY A 467 -19.86 -11.22 5.68
N ARG A 468 -19.53 -10.36 4.72
CA ARG A 468 -18.19 -9.83 4.57
C ARG A 468 -18.03 -8.44 5.19
N ARG A 469 -19.03 -7.97 5.94
CA ARG A 469 -19.00 -6.62 6.52
C ARG A 469 -17.75 -6.39 7.37
N TRP A 470 -17.33 -7.39 8.15
CA TRP A 470 -16.11 -7.31 8.94
C TRP A 470 -15.03 -8.22 8.34
N THR A 471 -13.77 -7.85 8.53
CA THR A 471 -12.69 -8.75 8.18
C THR A 471 -12.74 -9.97 9.09
N PRO A 472 -12.13 -11.09 8.67
CA PRO A 472 -12.13 -12.27 9.55
C PRO A 472 -11.67 -11.96 10.96
N GLY A 473 -10.55 -11.25 11.11
CA GLY A 473 -10.07 -10.94 12.44
C GLY A 473 -11.05 -10.10 13.23
N GLU A 474 -11.67 -9.10 12.58
CA GLU A 474 -12.65 -8.28 13.26
C GLU A 474 -13.87 -9.10 13.68
N LEU A 475 -14.37 -9.97 12.79
CA LEU A 475 -15.55 -10.77 13.12
C LEU A 475 -15.26 -11.69 14.30
N ILE A 476 -14.12 -12.37 14.28
CA ILE A 476 -13.78 -13.28 15.36
C ILE A 476 -13.59 -12.51 16.66
N GLU A 477 -12.96 -11.33 16.57
CA GLU A 477 -12.69 -10.53 17.76
C GLU A 477 -13.99 -10.00 18.37
N ARG A 478 -14.87 -9.45 17.54
CA ARG A 478 -16.13 -8.91 18.06
C ARG A 478 -17.02 -10.01 18.59
N ALA A 479 -17.05 -11.16 17.92
CA ALA A 479 -18.02 -12.18 18.28
C ALA A 479 -17.62 -12.95 19.54
N THR A 480 -16.31 -13.19 19.73
CA THR A 480 -15.84 -14.04 20.80
C THR A 480 -14.96 -13.33 21.82
N GLY A 481 -14.62 -12.06 21.61
CA GLY A 481 -13.85 -11.28 22.54
C GLY A 481 -12.35 -11.42 22.43
N GLN A 482 -11.84 -12.25 21.52
CA GLN A 482 -10.41 -12.45 21.35
C GLN A 482 -10.12 -12.92 19.93
N ALA A 483 -8.85 -12.84 19.55
CA ALA A 483 -8.41 -13.30 18.25
C ALA A 483 -8.38 -14.83 18.22
N LEU A 484 -8.07 -15.37 17.04
CA LEU A 484 -8.01 -16.82 16.88
C LEU A 484 -7.11 -17.44 17.94
N THR A 485 -7.64 -18.44 18.65
CA THR A 485 -6.86 -19.16 19.63
C THR A 485 -7.30 -20.62 19.66
N ALA A 486 -6.34 -21.54 19.79
CA ALA A 486 -6.64 -22.95 19.91
C ALA A 486 -7.09 -23.34 21.31
N GLY A 487 -7.12 -22.39 22.23
CA GLY A 487 -7.46 -22.69 23.61
C GLY A 487 -8.78 -23.41 23.73
N PRO A 488 -9.87 -22.74 23.32
CA PRO A 488 -11.19 -23.37 23.45
C PRO A 488 -11.27 -24.70 22.73
N TYR A 489 -10.61 -24.80 21.59
CA TYR A 489 -10.59 -26.04 20.81
C TYR A 489 -9.91 -27.17 21.59
N LEU A 490 -8.72 -26.92 22.13
CA LEU A 490 -8.02 -27.98 22.84
C LEU A 490 -8.73 -28.34 24.15
N LYS A 491 -9.32 -27.34 24.81
CA LYS A 491 -10.08 -27.65 26.01
C LYS A 491 -11.27 -28.55 25.71
N TYR A 492 -11.96 -28.28 24.60
CA TYR A 492 -13.13 -29.07 24.24
C TYR A 492 -12.77 -30.52 23.96
N LEU A 493 -11.70 -30.75 23.18
CA LEU A 493 -11.33 -32.11 22.83
C LEU A 493 -10.81 -32.87 24.04
N ARG A 494 -9.89 -32.25 24.80
CA ARG A 494 -9.36 -32.89 25.99
C ARG A 494 -10.49 -33.29 26.94
N GLY A 495 -11.47 -32.40 27.12
CA GLY A 495 -12.60 -32.73 27.98
C GLY A 495 -13.47 -33.83 27.41
N LYS A 496 -13.80 -33.74 26.12
CA LYS A 496 -14.70 -34.71 25.52
C LYS A 496 -14.08 -36.10 25.47
N TYR A 497 -12.85 -36.20 24.96
CA TYR A 497 -12.22 -37.51 24.78
C TYR A 497 -11.56 -37.99 26.05
N GLY A 498 -11.13 -37.09 26.93
CA GLY A 498 -10.71 -37.51 28.25
C GLY A 498 -11.81 -38.26 28.97
N GLU A 499 -13.06 -37.80 28.84
CA GLU A 499 -14.16 -38.44 29.53
C GLU A 499 -14.68 -39.67 28.79
N LEU A 500 -14.59 -39.69 27.45
CA LEU A 500 -15.05 -40.84 26.69
C LEU A 500 -14.16 -42.05 26.92
N TYR A 501 -12.84 -41.85 26.97
CA TYR A 501 -11.88 -42.95 26.99
C TYR A 501 -11.14 -43.09 28.31
N GLY A 502 -11.47 -42.28 29.32
CA GLY A 502 -10.74 -42.35 30.57
C GLY A 502 -9.27 -42.05 30.40
N VAL A 503 -8.93 -41.02 29.63
CA VAL A 503 -7.53 -40.68 29.41
C VAL A 503 -7.27 -39.24 29.83
N THR B 3 47.83 -27.62 -51.78
CA THR B 3 46.55 -27.64 -51.10
C THR B 3 45.43 -28.13 -52.04
N THR B 4 44.44 -28.82 -51.46
CA THR B 4 43.30 -29.32 -52.20
C THR B 4 42.29 -28.20 -52.47
N ARG B 5 41.34 -28.48 -53.37
CA ARG B 5 40.34 -27.48 -53.72
C ARG B 5 39.54 -27.03 -52.50
N GLN B 6 39.20 -27.97 -51.61
CA GLN B 6 38.47 -27.61 -50.39
C GLN B 6 39.32 -26.74 -49.48
N ASP B 7 40.59 -27.11 -49.27
CA ASP B 7 41.45 -26.30 -48.42
C ASP B 7 41.70 -24.92 -49.03
N THR B 8 41.86 -24.86 -50.36
CA THR B 8 42.03 -23.58 -51.02
C THR B 8 40.75 -22.75 -50.92
N GLN B 9 39.60 -23.39 -51.15
CA GLN B 9 38.35 -22.65 -51.09
C GLN B 9 38.07 -22.16 -49.67
N TRP B 10 38.45 -22.94 -48.65
CA TRP B 10 38.26 -22.47 -47.28
C TRP B 10 39.21 -21.32 -46.95
N GLN B 11 40.48 -21.40 -47.39
CA GLN B 11 41.40 -20.31 -47.13
C GLN B 11 40.92 -19.01 -47.74
N GLN B 12 40.42 -19.08 -48.98
CA GLN B 12 39.90 -17.88 -49.64
C GLN B 12 38.66 -17.35 -48.93
N LEU B 13 37.80 -18.28 -48.49
CA LEU B 13 36.63 -17.87 -47.71
C LEU B 13 37.08 -17.19 -46.43
N THR B 14 38.06 -17.78 -45.76
CA THR B 14 38.59 -17.23 -44.51
C THR B 14 39.19 -15.85 -44.73
N GLU B 15 39.87 -15.65 -45.86
CA GLU B 15 40.47 -14.35 -46.17
C GLU B 15 39.41 -13.32 -46.52
N HIS B 16 38.35 -13.73 -47.21
CA HIS B 16 37.30 -12.79 -47.54
C HIS B 16 36.54 -12.36 -46.28
N TRP B 17 36.27 -13.31 -45.38
CA TRP B 17 35.65 -12.94 -44.12
C TRP B 17 36.51 -11.95 -43.36
N GLN B 18 37.82 -12.20 -43.32
CA GLN B 18 38.72 -11.28 -42.64
C GLN B 18 38.76 -9.92 -43.34
N GLU B 19 38.67 -9.91 -44.67
CA GLU B 19 38.64 -8.64 -45.39
C GLU B 19 37.39 -7.85 -45.06
N LEU B 20 36.25 -8.53 -44.95
CA LEU B 20 35.02 -7.82 -44.55
C LEU B 20 35.16 -7.22 -43.15
N ALA B 21 35.71 -7.99 -42.20
CA ALA B 21 35.93 -7.45 -40.86
C ALA B 21 36.87 -6.26 -40.90
N ASP B 22 37.92 -6.32 -41.73
CA ASP B 22 38.89 -5.23 -41.81
C ASP B 22 38.26 -3.96 -42.35
N PHE B 23 37.45 -4.07 -43.40
CA PHE B 23 36.67 -2.92 -43.83
C PHE B 23 35.81 -2.40 -42.68
N GLY B 24 35.18 -3.31 -41.94
CA GLY B 24 34.37 -2.88 -40.82
C GLY B 24 35.17 -2.13 -39.78
N GLY B 25 36.37 -2.62 -39.47
CA GLY B 25 37.23 -1.90 -38.54
C GLY B 25 37.63 -0.53 -39.03
N ILE B 26 37.95 -0.40 -40.31
CA ILE B 26 38.35 0.89 -40.87
C ILE B 26 37.18 1.87 -40.88
N GLU B 27 36.00 1.41 -41.30
CA GLU B 27 34.82 2.24 -41.20
C GLU B 27 34.59 2.71 -39.76
N ALA B 28 34.79 1.81 -38.80
CA ALA B 28 34.59 2.18 -37.40
C ALA B 28 35.60 3.23 -36.96
N LEU B 29 36.84 3.12 -37.45
CA LEU B 29 37.84 4.15 -37.16
C LEU B 29 37.43 5.50 -37.74
N LEU B 30 36.93 5.50 -38.97
CA LEU B 30 36.50 6.77 -39.58
C LEU B 30 35.42 7.42 -38.75
N GLY B 31 34.47 6.63 -38.26
CA GLY B 31 33.38 7.14 -37.44
C GLY B 31 33.80 7.48 -36.02
N TRP B 32 34.67 6.65 -35.44
CA TRP B 32 35.18 6.95 -34.11
C TRP B 32 35.94 8.26 -34.11
N ASP B 33 36.83 8.45 -35.09
CA ASP B 33 37.58 9.69 -35.16
C ASP B 33 36.66 10.88 -35.44
N GLN B 34 35.60 10.65 -36.23
CA GLN B 34 34.65 11.70 -36.51
C GLN B 34 34.00 12.21 -35.23
N SER B 35 33.71 11.32 -34.29
CA SER B 35 33.04 11.71 -33.06
C SER B 35 34.00 12.24 -32.01
N THR B 36 35.29 11.95 -32.11
CA THR B 36 36.24 12.27 -31.06
C THR B 36 37.16 13.43 -31.43
N PHE B 37 37.87 13.33 -32.55
CA PHE B 37 38.97 14.23 -32.82
C PHE B 37 38.88 14.98 -34.13
N LEU B 38 37.90 14.67 -34.99
CA LEU B 38 37.79 15.35 -36.27
C LEU B 38 37.65 16.86 -36.08
N PRO B 39 38.49 17.67 -36.72
CA PRO B 39 38.36 19.13 -36.57
C PRO B 39 37.05 19.63 -37.14
N ALA B 40 36.65 20.82 -36.68
CA ALA B 40 35.34 21.37 -37.04
C ALA B 40 35.23 21.62 -38.53
N GLY B 41 36.31 22.08 -39.16
CA GLY B 41 36.25 22.36 -40.57
C GLY B 41 36.44 21.17 -41.47
N ALA B 42 36.45 19.95 -40.91
CA ALA B 42 36.82 18.75 -41.65
C ALA B 42 35.65 17.82 -41.92
N ALA B 43 34.41 18.29 -41.72
CA ALA B 43 33.27 17.38 -41.76
C ALA B 43 33.03 16.81 -43.14
N GLU B 44 33.15 17.64 -44.20
CA GLU B 44 32.66 17.21 -45.51
C GLU B 44 33.51 16.10 -46.10
N ASP B 45 34.83 16.24 -46.06
CA ASP B 45 35.69 15.20 -46.63
C ASP B 45 35.53 13.88 -45.89
N ARG B 46 35.41 13.92 -44.56
CA ARG B 46 35.24 12.68 -43.82
C ARG B 46 33.97 11.97 -44.24
N ALA B 47 32.89 12.72 -44.45
CA ALA B 47 31.64 12.09 -44.86
C ALA B 47 31.79 11.39 -46.21
N ARG B 48 32.54 12.00 -47.13
CA ARG B 48 32.77 11.36 -48.42
C ARG B 48 33.69 10.15 -48.29
N GLN B 49 34.72 10.25 -47.46
CA GLN B 49 35.56 9.08 -47.18
C GLN B 49 34.72 7.91 -46.68
N GLN B 50 33.78 8.18 -45.77
CA GLN B 50 32.96 7.11 -45.20
C GLN B 50 32.05 6.47 -46.25
N SER B 51 31.41 7.27 -47.11
CA SER B 51 30.57 6.66 -48.14
C SER B 51 31.41 5.85 -49.11
N LEU B 52 32.60 6.37 -49.47
CA LEU B 52 33.50 5.61 -50.32
C LEU B 52 33.82 4.25 -49.71
N LEU B 53 34.13 4.23 -48.42
CA LEU B 53 34.47 2.96 -47.80
C LEU B 53 33.23 2.08 -47.65
N ALA B 54 32.08 2.70 -47.36
CA ALA B 54 30.83 1.96 -47.30
C ALA B 54 30.53 1.28 -48.64
N GLY B 55 30.78 1.98 -49.75
CA GLY B 55 30.52 1.39 -51.05
C GLY B 55 31.40 0.18 -51.33
N LEU B 56 32.70 0.28 -51.01
CA LEU B 56 33.61 -0.83 -51.25
C LEU B 56 33.22 -2.05 -50.41
N ARG B 57 32.92 -1.83 -49.13
CA ARG B 57 32.55 -2.95 -48.28
C ARG B 57 31.28 -3.63 -48.77
N HIS B 58 30.29 -2.84 -49.21
CA HIS B 58 29.07 -3.42 -49.74
C HIS B 58 29.34 -4.28 -50.97
N ALA B 59 30.22 -3.82 -51.85
CA ALA B 59 30.58 -4.61 -53.02
C ALA B 59 31.19 -5.95 -52.60
N ARG B 60 32.11 -5.92 -51.63
CA ARG B 60 32.73 -7.15 -51.19
C ARG B 60 31.76 -8.06 -50.45
N ALA B 61 30.79 -7.48 -49.74
CA ALA B 61 29.83 -8.30 -49.00
C ALA B 61 28.86 -9.00 -49.93
N THR B 62 28.69 -8.48 -51.14
CA THR B 62 27.77 -9.03 -52.12
C THR B 62 28.49 -9.60 -53.34
N ASP B 63 29.81 -9.77 -53.24
CA ASP B 63 30.60 -10.22 -54.39
C ASP B 63 30.13 -11.59 -54.86
N ALA B 64 29.87 -11.70 -56.17
CA ALA B 64 29.33 -12.94 -56.72
C ALA B 64 30.28 -14.13 -56.50
N GLY B 65 31.57 -13.91 -56.72
CA GLY B 65 32.53 -14.97 -56.42
C GLY B 65 32.48 -15.41 -54.97
N TYR B 66 32.40 -14.45 -54.04
CA TYR B 66 32.27 -14.78 -52.64
C TYR B 66 31.04 -15.65 -52.39
N GLY B 67 29.92 -15.33 -53.04
CA GLY B 67 28.74 -16.15 -52.87
C GLY B 67 28.98 -17.59 -53.29
N LYS B 68 29.73 -17.78 -54.37
CA LYS B 68 30.02 -19.14 -54.84
C LYS B 68 30.87 -19.90 -53.86
N LEU B 69 31.88 -19.25 -53.28
CA LEU B 69 32.67 -19.90 -52.24
C LEU B 69 31.78 -20.37 -51.09
N LEU B 70 30.78 -19.57 -50.72
CA LEU B 70 29.86 -19.99 -49.67
C LEU B 70 29.05 -21.20 -50.07
N ASP B 71 28.56 -21.24 -51.33
CA ASP B 71 27.80 -22.40 -51.78
C ASP B 71 28.64 -23.67 -51.69
N ALA B 72 29.89 -23.59 -52.14
CA ALA B 72 30.78 -24.74 -52.08
C ALA B 72 30.95 -25.25 -50.65
N ALA B 73 31.35 -24.35 -49.74
CA ALA B 73 31.57 -24.77 -48.35
C ALA B 73 30.28 -25.25 -47.72
N SER B 74 29.14 -24.79 -48.21
CA SER B 74 27.86 -25.17 -47.63
C SER B 74 27.52 -26.62 -47.94
N SER B 75 28.02 -27.16 -49.06
CA SER B 75 27.76 -28.55 -49.45
C SER B 75 28.75 -29.53 -48.83
N ARG B 76 29.55 -29.11 -47.86
CA ARG B 76 30.54 -29.97 -47.23
C ARG B 76 29.98 -30.61 -45.96
N SER B 77 30.56 -31.75 -45.60
CA SER B 77 30.16 -32.50 -44.42
C SER B 77 31.30 -32.67 -43.43
N ASP B 78 32.48 -32.13 -43.71
CA ASP B 78 33.65 -32.32 -42.88
C ASP B 78 34.03 -31.06 -42.09
N LEU B 79 33.10 -30.11 -41.99
CA LEU B 79 33.38 -28.89 -41.24
C LEU B 79 32.95 -29.11 -39.80
N SER B 80 33.73 -28.57 -38.86
CA SER B 80 33.33 -28.65 -37.47
C SER B 80 32.03 -27.88 -37.25
N PRO B 81 31.33 -28.15 -36.15
CA PRO B 81 30.07 -27.42 -35.89
C PRO B 81 30.22 -25.91 -35.95
N GLU B 82 31.36 -25.35 -35.50
CA GLU B 82 31.55 -23.90 -35.56
C GLU B 82 31.72 -23.43 -37.00
N GLN B 83 32.54 -24.14 -37.78
CA GLN B 83 32.79 -23.75 -39.17
C GLN B 83 31.50 -23.85 -40.00
N ALA B 84 30.69 -24.88 -39.75
CA ALA B 84 29.41 -24.97 -40.43
C ALA B 84 28.52 -23.79 -40.08
N ARG B 85 28.49 -23.42 -38.81
CA ARG B 85 27.68 -22.28 -38.40
C ARG B 85 28.23 -20.98 -39.00
N MET B 86 29.55 -20.85 -39.09
CA MET B 86 30.17 -19.71 -39.77
C MET B 86 29.63 -19.57 -41.19
N VAL B 87 29.59 -20.68 -41.92
CA VAL B 87 29.08 -20.66 -43.29
C VAL B 87 27.61 -20.31 -43.31
N GLN B 88 26.82 -20.88 -42.41
CA GLN B 88 25.39 -20.58 -42.40
C GLN B 88 25.15 -19.10 -42.15
N VAL B 89 25.83 -18.53 -41.15
CA VAL B 89 25.65 -17.10 -40.86
C VAL B 89 26.13 -16.26 -42.04
N ALA B 90 27.28 -16.59 -42.61
CA ALA B 90 27.76 -15.82 -43.75
C ALA B 90 26.74 -15.85 -44.88
N ARG B 91 26.14 -17.01 -45.14
CA ARG B 91 25.16 -17.12 -46.21
C ARG B 91 23.85 -16.40 -45.85
N GLN B 92 23.46 -16.40 -44.58
CA GLN B 92 22.31 -15.59 -44.18
C GLN B 92 22.61 -14.10 -44.34
N ASP B 93 23.81 -13.67 -43.96
CA ASP B 93 24.19 -12.28 -44.19
C ASP B 93 24.25 -11.98 -45.69
N PHE B 94 24.80 -12.92 -46.48
CA PHE B 94 24.86 -12.71 -47.93
C PHE B 94 23.46 -12.61 -48.52
N GLU B 95 22.54 -13.46 -48.06
CA GLU B 95 21.17 -13.41 -48.54
C GLU B 95 20.54 -12.05 -48.31
N LYS B 96 20.64 -11.54 -47.08
CA LYS B 96 20.03 -10.26 -46.74
C LYS B 96 20.69 -9.11 -47.48
N ALA B 97 22.02 -9.15 -47.63
CA ALA B 97 22.73 -8.03 -48.26
C ALA B 97 22.44 -7.94 -49.75
N THR B 98 22.21 -9.06 -50.42
CA THR B 98 21.94 -9.06 -51.85
C THR B 98 20.45 -8.98 -52.16
N ARG B 99 19.59 -9.16 -51.18
CA ARG B 99 18.15 -9.07 -51.45
C ARG B 99 17.77 -7.68 -51.94
N ILE B 100 18.39 -6.64 -51.37
CA ILE B 100 18.04 -5.25 -51.66
C ILE B 100 18.94 -4.75 -52.78
N PRO B 101 18.38 -4.24 -53.87
CA PRO B 101 19.22 -3.73 -54.96
C PRO B 101 20.17 -2.65 -54.46
N ALA B 102 21.41 -2.70 -54.96
CA ALA B 102 22.42 -1.73 -54.54
C ALA B 102 21.97 -0.30 -54.80
N GLU B 103 21.24 -0.07 -55.89
CA GLU B 103 20.72 1.27 -56.16
C GLU B 103 19.88 1.76 -54.98
N PHE B 104 18.99 0.91 -54.47
CA PHE B 104 18.14 1.30 -53.35
C PHE B 104 18.96 1.53 -52.08
N VAL B 105 19.99 0.71 -51.85
CA VAL B 105 20.85 0.95 -50.70
C VAL B 105 21.44 2.35 -50.76
N ARG B 106 21.91 2.76 -51.93
CA ARG B 106 22.51 4.09 -52.06
C ARG B 106 21.46 5.18 -51.87
N GLU B 107 20.27 5.00 -52.44
CA GLU B 107 19.22 5.99 -52.29
C GLU B 107 18.85 6.17 -50.82
N PHE B 108 18.59 5.06 -50.12
CA PHE B 108 18.22 5.13 -48.71
C PHE B 108 19.34 5.74 -47.88
N SER B 109 20.58 5.29 -48.10
CA SER B 109 21.70 5.82 -47.33
C SER B 109 21.88 7.31 -47.56
N GLY B 110 21.73 7.76 -48.81
CA GLY B 110 21.88 9.18 -49.09
C GLY B 110 20.77 10.01 -48.48
N HIS B 111 19.55 9.47 -48.45
CA HIS B 111 18.43 10.23 -47.89
C HIS B 111 18.61 10.40 -46.38
N VAL B 112 18.83 9.31 -45.65
CA VAL B 112 18.98 9.40 -44.19
C VAL B 112 20.21 10.24 -43.83
N GLY B 113 21.20 10.32 -44.73
CA GLY B 113 22.32 11.21 -44.51
C GLY B 113 21.92 12.67 -44.56
N GLN B 114 20.98 13.01 -45.46
CA GLN B 114 20.49 14.38 -45.52
C GLN B 114 19.49 14.65 -44.42
N SER B 115 18.62 13.69 -44.13
CA SER B 115 17.73 13.78 -42.98
C SER B 115 18.52 14.11 -41.72
N TYR B 116 19.60 13.36 -41.48
CA TYR B 116 20.39 13.57 -40.27
C TYR B 116 20.92 15.00 -40.22
N SER B 117 21.53 15.47 -41.31
CA SER B 117 22.09 16.82 -41.31
C SER B 117 21.02 17.87 -41.03
N ALA B 118 19.88 17.77 -41.72
CA ALA B 118 18.80 18.71 -41.45
C ALA B 118 18.34 18.60 -39.99
N TRP B 119 18.36 17.40 -39.43
CA TRP B 119 17.93 17.20 -38.06
C TRP B 119 18.87 17.89 -37.08
N THR B 120 20.19 17.86 -37.35
CA THR B 120 21.12 18.56 -36.48
C THR B 120 20.82 20.05 -36.39
N GLU B 121 20.12 20.61 -37.37
CA GLU B 121 19.71 22.02 -37.34
C GLU B 121 18.26 22.21 -36.91
N ALA B 122 17.35 21.32 -37.33
CA ALA B 122 15.94 21.51 -37.02
C ALA B 122 15.65 21.29 -35.53
N ARG B 123 16.38 20.38 -34.88
CA ARG B 123 16.11 20.13 -33.46
C ARG B 123 16.40 21.35 -32.60
N PRO B 124 17.63 21.88 -32.58
CA PRO B 124 17.88 23.09 -31.78
C PRO B 124 16.93 24.22 -32.12
N ALA B 125 16.41 24.24 -33.34
CA ALA B 125 15.52 25.29 -33.81
C ALA B 125 14.05 25.00 -33.56
N ASN B 126 13.71 23.87 -32.92
CA ASN B 126 12.33 23.47 -32.68
C ASN B 126 11.53 23.54 -33.98
N ASP B 127 12.12 23.01 -35.04
CA ASP B 127 11.55 23.08 -36.39
C ASP B 127 11.15 21.68 -36.85
N PHE B 128 10.10 21.14 -36.23
CA PHE B 128 9.64 19.82 -36.62
C PHE B 128 9.02 19.84 -38.02
N GLY B 129 8.34 20.93 -38.37
CA GLY B 129 7.74 21.00 -39.70
C GLY B 129 8.76 20.80 -40.80
N ARG B 130 10.01 21.21 -40.57
CA ARG B 130 11.04 21.00 -41.58
C ARG B 130 11.39 19.53 -41.75
N MET B 131 11.33 18.75 -40.66
CA MET B 131 11.69 17.33 -40.75
C MET B 131 10.55 16.48 -41.31
N VAL B 132 9.32 16.99 -41.32
CA VAL B 132 8.18 16.19 -41.77
C VAL B 132 8.43 15.60 -43.16
N PRO B 133 8.83 16.37 -44.17
CA PRO B 133 9.11 15.74 -45.48
C PRO B 133 10.18 14.67 -45.42
N TYR B 134 11.26 14.89 -44.67
CA TYR B 134 12.29 13.86 -44.50
C TYR B 134 11.72 12.60 -43.85
N LEU B 135 10.87 12.77 -42.83
CA LEU B 135 10.30 11.60 -42.16
C LEU B 135 9.32 10.89 -43.08
N GLU B 136 8.59 11.65 -43.90
CA GLU B 136 7.64 11.02 -44.82
C GLU B 136 8.36 10.15 -45.83
N LYS B 137 9.45 10.67 -46.42
CA LYS B 137 10.23 9.86 -47.34
C LYS B 137 10.89 8.68 -46.61
N THR B 138 11.39 8.93 -45.39
CA THR B 138 12.00 7.85 -44.63
C THR B 138 11.00 6.76 -44.31
N LEU B 139 9.77 7.13 -43.96
CA LEU B 139 8.75 6.13 -43.72
C LEU B 139 8.47 5.34 -44.99
N ASP B 140 8.40 6.03 -46.13
CA ASP B 140 8.14 5.38 -47.40
C ASP B 140 9.27 4.42 -47.78
N LEU B 141 10.53 4.86 -47.63
CA LEU B 141 11.66 3.98 -47.90
C LEU B 141 11.73 2.82 -46.91
N SER B 142 11.34 3.05 -45.65
CA SER B 142 11.33 1.96 -44.67
C SER B 142 10.36 0.86 -45.09
N LEU B 143 9.19 1.24 -45.58
CA LEU B 143 8.24 0.24 -46.08
C LEU B 143 8.77 -0.44 -47.35
N GLN B 144 9.42 0.31 -48.23
CA GLN B 144 9.96 -0.31 -49.44
C GLN B 144 11.05 -1.32 -49.10
N ALA B 145 11.95 -0.97 -48.19
CA ALA B 145 13.01 -1.91 -47.81
C ALA B 145 12.43 -3.20 -47.23
N ALA B 146 11.40 -3.08 -46.39
CA ALA B 146 10.76 -4.26 -45.83
C ALA B 146 10.06 -5.08 -46.91
N SER B 147 9.55 -4.44 -47.96
CA SER B 147 8.82 -5.19 -48.97
C SER B 147 9.71 -6.15 -49.76
N TYR B 148 11.04 -5.92 -49.77
CA TYR B 148 11.95 -6.88 -50.38
C TYR B 148 12.06 -8.16 -49.59
N PHE B 149 11.47 -8.22 -48.39
CA PHE B 149 11.47 -9.41 -47.55
C PHE B 149 10.01 -9.75 -47.25
N PRO B 150 9.28 -10.22 -48.26
CA PRO B 150 7.86 -10.55 -48.06
C PRO B 150 7.63 -11.67 -47.07
N GLU B 151 8.67 -12.41 -46.67
CA GLU B 151 8.53 -13.44 -45.63
C GLU B 151 8.03 -12.87 -44.31
N PHE B 152 8.08 -11.55 -44.13
CA PHE B 152 7.47 -10.87 -42.98
C PHE B 152 6.22 -10.17 -43.48
N GLY B 153 5.05 -10.77 -43.21
CA GLY B 153 3.82 -10.13 -43.62
C GLY B 153 3.70 -8.73 -43.07
N ASP B 154 4.03 -8.55 -41.79
CA ASP B 154 4.01 -7.22 -41.18
C ASP B 154 5.39 -6.59 -41.30
N PRO B 155 5.55 -5.46 -41.99
CA PRO B 155 6.88 -4.85 -42.11
C PRO B 155 7.52 -4.53 -40.76
N LEU B 156 6.71 -4.31 -39.72
CA LEU B 156 7.28 -4.09 -38.40
C LEU B 156 8.07 -5.32 -37.94
N ASP B 157 7.57 -6.52 -38.28
CA ASP B 157 8.29 -7.74 -37.91
C ASP B 157 9.63 -7.85 -38.62
N TYR B 158 9.74 -7.32 -39.84
CA TYR B 158 11.03 -7.31 -40.50
C TYR B 158 12.04 -6.50 -39.70
N TYR B 159 11.64 -5.32 -39.22
CA TYR B 159 12.57 -4.48 -38.46
C TYR B 159 12.83 -5.05 -37.08
N ILE B 160 11.82 -5.59 -36.40
CA ILE B 160 12.06 -6.20 -35.10
C ILE B 160 13.11 -7.31 -35.23
N ASN B 161 12.99 -8.12 -36.28
CA ASN B 161 13.93 -9.23 -36.46
C ASN B 161 15.32 -8.73 -36.83
N GLU B 162 15.41 -7.63 -37.57
CA GLU B 162 16.71 -7.03 -37.86
C GLU B 162 17.43 -6.63 -36.58
N SER B 163 16.68 -6.12 -35.61
CA SER B 163 17.24 -5.73 -34.33
C SER B 163 17.54 -6.95 -33.46
N ASP B 164 16.58 -7.88 -33.35
CA ASP B 164 16.74 -9.03 -32.48
C ASP B 164 16.21 -10.26 -33.23
N GLU B 165 17.12 -11.02 -33.82
CA GLU B 165 16.72 -12.17 -34.65
C GLU B 165 15.77 -13.07 -33.87
N GLY B 166 14.62 -13.38 -34.49
CA GLY B 166 13.64 -14.25 -33.89
C GLY B 166 12.56 -13.55 -33.09
N MET B 167 12.76 -12.28 -32.73
CA MET B 167 11.77 -11.54 -31.99
C MET B 167 10.66 -11.08 -32.93
N THR B 168 9.43 -11.02 -32.42
CA THR B 168 8.29 -10.61 -33.21
C THR B 168 7.57 -9.46 -32.52
N ALA B 169 6.72 -8.77 -33.27
CA ALA B 169 5.96 -7.67 -32.69
C ALA B 169 5.01 -8.20 -31.62
N GLU B 170 4.39 -9.34 -31.87
CA GLU B 170 3.48 -9.94 -30.89
C GLU B 170 4.19 -10.26 -29.58
N GLN B 171 5.42 -10.77 -29.67
CA GLN B 171 6.19 -11.10 -28.46
C GLN B 171 6.67 -9.84 -27.74
N VAL B 172 7.04 -8.81 -28.50
CA VAL B 172 7.48 -7.55 -27.89
C VAL B 172 6.35 -6.93 -27.10
N GLY B 173 5.14 -6.90 -27.67
CA GLY B 173 4.01 -6.34 -26.96
C GLY B 173 3.70 -7.05 -25.66
N GLN B 174 3.88 -8.36 -25.63
CA GLN B 174 3.62 -9.12 -24.42
C GLN B 174 4.58 -8.71 -23.30
N VAL B 175 5.86 -8.53 -23.64
CA VAL B 175 6.85 -8.05 -22.67
C VAL B 175 6.49 -6.64 -22.22
N PHE B 176 6.11 -5.77 -23.16
CA PHE B 176 5.76 -4.41 -22.78
C PHE B 176 4.59 -4.40 -21.80
N ALA B 177 3.53 -5.15 -22.12
CA ALA B 177 2.36 -5.19 -21.24
C ALA B 177 2.74 -5.66 -19.85
N GLU B 178 3.54 -6.71 -19.77
CA GLU B 178 3.99 -7.22 -18.49
C GLU B 178 4.80 -6.17 -17.74
N LEU B 179 5.71 -5.46 -18.44
CA LEU B 179 6.52 -4.43 -17.81
C LEU B 179 5.66 -3.25 -17.37
N ARG B 180 4.72 -2.81 -18.20
CA ARG B 180 3.84 -1.71 -17.83
C ARG B 180 3.03 -2.03 -16.57
N ALA B 181 2.41 -3.22 -16.53
CA ALA B 181 1.56 -3.58 -15.41
C ALA B 181 2.33 -3.60 -14.10
N ALA B 182 3.61 -3.98 -14.14
CA ALA B 182 4.41 -4.08 -12.93
C ALA B 182 5.11 -2.76 -12.58
N LEU B 183 5.67 -2.05 -13.57
CA LEU B 183 6.56 -0.94 -13.29
C LEU B 183 5.83 0.38 -13.04
N VAL B 184 4.72 0.63 -13.72
CA VAL B 184 3.96 1.86 -13.45
C VAL B 184 3.58 1.96 -11.98
N PRO B 185 2.94 0.96 -11.37
CA PRO B 185 2.63 1.07 -9.94
C PRO B 185 3.87 1.19 -9.08
N LEU B 186 4.91 0.40 -9.39
CA LEU B 186 6.14 0.48 -8.58
C LEU B 186 6.80 1.84 -8.72
N ALA B 187 6.80 2.40 -9.94
CA ALA B 187 7.38 3.74 -10.12
C ALA B 187 6.54 4.79 -9.42
N ASP B 188 5.22 4.75 -9.61
CA ASP B 188 4.37 5.76 -8.97
C ASP B 188 4.51 5.71 -7.46
N ALA B 189 4.59 4.52 -6.88
CA ALA B 189 4.76 4.42 -5.43
C ALA B 189 6.11 4.97 -5.00
N VAL B 190 7.17 4.70 -5.76
CA VAL B 190 8.49 5.22 -5.42
C VAL B 190 8.48 6.74 -5.45
N ILE B 191 7.87 7.31 -6.50
CA ILE B 191 7.81 8.76 -6.63
C ILE B 191 6.98 9.37 -5.50
N ALA B 192 5.95 8.66 -5.03
CA ALA B 192 5.12 9.20 -3.98
C ALA B 192 5.79 9.14 -2.61
N ALA B 193 6.74 8.23 -2.44
CA ALA B 193 7.45 8.12 -1.17
C ALA B 193 8.42 9.27 -0.93
N GLY B 194 9.01 9.81 -2.00
CA GLY B 194 9.99 10.86 -1.83
C GLY B 194 11.39 10.38 -2.15
N ALA B 195 12.24 11.33 -2.52
CA ALA B 195 13.52 10.91 -3.04
C ALA B 195 14.60 10.97 -1.98
N PRO B 196 15.68 10.19 -2.11
CA PRO B 196 16.80 10.33 -1.19
C PRO B 196 17.51 11.66 -1.43
N ARG B 197 18.41 11.99 -0.51
CA ARG B 197 19.21 13.19 -0.66
C ARG B 197 20.13 13.06 -1.87
N THR B 198 20.25 14.14 -2.65
CA THR B 198 21.08 14.16 -3.84
C THR B 198 21.94 15.41 -3.98
N ASP B 199 21.77 16.43 -3.13
CA ASP B 199 22.39 17.73 -3.38
C ASP B 199 23.92 17.62 -3.38
N PHE B 200 24.49 16.64 -2.68
CA PHE B 200 25.94 16.53 -2.65
C PHE B 200 26.51 16.18 -4.01
N LEU B 201 25.72 15.60 -4.92
CA LEU B 201 26.18 15.34 -6.28
C LEU B 201 26.39 16.62 -7.09
N GLY B 202 25.92 17.76 -6.61
CA GLY B 202 26.08 19.02 -7.32
C GLY B 202 27.20 19.92 -6.86
N ARG B 203 28.13 19.42 -6.05
CA ARG B 203 29.14 20.26 -5.42
C ARG B 203 30.36 20.53 -6.30
N GLY B 204 30.44 19.92 -7.47
CA GLY B 204 31.56 20.12 -8.38
C GLY B 204 32.58 19.00 -8.32
N PHE B 205 32.60 18.16 -9.35
CA PHE B 205 33.48 17.00 -9.42
C PHE B 205 34.38 17.16 -10.63
N ALA B 206 35.68 17.34 -10.39
CA ALA B 206 36.63 17.63 -11.45
C ALA B 206 36.61 16.54 -12.53
N GLN B 207 36.64 16.98 -13.78
CA GLN B 207 36.51 16.05 -14.90
C GLN B 207 37.62 15.00 -14.87
N GLU B 208 38.89 15.44 -14.79
CA GLU B 208 40.01 14.51 -14.76
C GLU B 208 39.79 13.41 -13.71
N ARG B 209 39.38 13.80 -12.51
CA ARG B 209 39.19 12.82 -11.44
C ARG B 209 38.04 11.87 -11.74
N GLN B 210 36.97 12.36 -12.37
CA GLN B 210 35.89 11.45 -12.76
C GLN B 210 36.39 10.39 -13.72
N LEU B 211 37.17 10.79 -14.73
CA LEU B 211 37.65 9.84 -15.71
C LEU B 211 38.59 8.81 -15.09
N ALA B 212 39.50 9.25 -14.23
CA ALA B 212 40.44 8.31 -13.62
C ALA B 212 39.70 7.30 -12.77
N PHE B 213 38.75 7.75 -11.95
CA PHE B 213 37.97 6.84 -11.13
C PHE B 213 37.22 5.84 -12.00
N GLY B 214 36.55 6.33 -13.04
CA GLY B 214 35.79 5.45 -13.89
C GLY B 214 36.65 4.38 -14.54
N GLU B 215 37.87 4.73 -14.93
CA GLU B 215 38.74 3.75 -15.60
C GLU B 215 39.27 2.71 -14.63
N ARG B 216 39.47 3.07 -13.35
CA ARG B 216 39.82 2.05 -12.37
C ARG B 216 38.69 1.04 -12.21
N VAL B 217 37.44 1.52 -12.20
CA VAL B 217 36.33 0.62 -11.97
C VAL B 217 36.18 -0.37 -13.13
N ILE B 218 36.14 0.13 -14.36
CA ILE B 218 35.91 -0.79 -15.46
C ILE B 218 37.11 -1.68 -15.68
N ARG B 219 38.30 -1.27 -15.24
CA ARG B 219 39.45 -2.17 -15.28
C ARG B 219 39.25 -3.33 -14.30
N ASP B 220 38.72 -3.04 -13.11
CA ASP B 220 38.37 -4.11 -12.18
C ASP B 220 37.28 -5.00 -12.76
N TYR B 221 36.33 -4.41 -13.48
CA TYR B 221 35.31 -5.21 -14.15
C TYR B 221 35.95 -6.28 -15.02
N GLY B 222 37.03 -5.90 -15.72
CA GLY B 222 37.69 -6.80 -16.64
C GLY B 222 37.93 -6.17 -18.01
N TYR B 223 37.61 -4.89 -18.15
CA TYR B 223 37.86 -4.22 -19.41
C TYR B 223 39.36 -4.14 -19.66
N ASP B 224 39.78 -4.52 -20.86
CA ASP B 224 41.18 -4.72 -21.20
C ASP B 224 41.68 -3.53 -22.01
N PHE B 225 42.47 -2.67 -21.37
CA PHE B 225 43.03 -1.49 -22.02
C PHE B 225 44.16 -1.82 -22.99
N ARG B 226 44.66 -3.06 -23.02
CA ARG B 226 45.51 -3.43 -24.13
C ARG B 226 44.71 -3.69 -25.41
N ARG B 227 43.39 -3.78 -25.32
CA ARG B 227 42.56 -4.04 -26.49
C ARG B 227 41.43 -3.02 -26.59
N GLY B 228 41.69 -1.78 -26.15
CA GLY B 228 40.70 -0.73 -26.19
C GLY B 228 41.22 0.51 -25.48
N ARG B 229 40.34 1.51 -25.39
CA ARG B 229 40.62 2.78 -24.71
C ARG B 229 39.31 3.55 -24.58
N GLN B 230 39.39 4.67 -23.85
CA GLN B 230 38.24 5.55 -23.63
C GLN B 230 38.60 6.98 -24.00
N ASP B 231 37.62 7.70 -24.57
CA ASP B 231 37.76 9.11 -24.91
C ASP B 231 36.44 9.85 -24.67
N LEU B 232 36.47 11.17 -24.86
CA LEU B 232 35.31 12.02 -24.68
C LEU B 232 34.59 12.29 -26.00
N THR B 233 33.27 12.18 -25.99
CA THR B 233 32.45 12.56 -27.13
C THR B 233 31.14 13.13 -26.60
N HIS B 234 30.32 13.65 -27.51
CA HIS B 234 29.02 14.18 -27.11
C HIS B 234 28.08 13.05 -26.67
N HIS B 235 28.11 11.91 -27.36
CA HIS B 235 27.22 10.80 -27.04
C HIS B 235 28.05 9.55 -26.77
N PRO B 236 27.98 8.99 -25.56
CA PRO B 236 28.75 7.78 -25.28
C PRO B 236 28.38 6.66 -26.24
N PHE B 237 29.38 5.88 -26.67
CA PHE B 237 29.12 4.73 -27.51
C PHE B 237 30.31 3.77 -27.38
N MET B 238 30.13 2.59 -27.96
CA MET B 238 31.17 1.58 -28.04
C MET B 238 31.35 1.21 -29.49
N THR B 239 32.60 0.99 -29.92
CA THR B 239 32.84 0.65 -31.31
C THR B 239 34.07 -0.23 -31.45
N ARG B 240 34.02 -1.16 -32.39
CA ARG B 240 35.13 -2.09 -32.65
C ARG B 240 35.91 -1.68 -33.88
N LEU B 241 37.17 -1.31 -33.69
CA LEU B 241 38.07 -0.98 -34.79
C LEU B 241 38.92 -2.15 -35.22
N GLY B 242 38.84 -3.29 -34.53
CA GLY B 242 39.65 -4.45 -34.89
C GLY B 242 39.40 -5.57 -33.90
N GLY B 243 39.99 -6.73 -34.21
CA GLY B 243 39.82 -7.89 -33.35
C GLY B 243 40.27 -7.65 -31.92
N HIS B 244 41.20 -6.71 -31.73
CA HIS B 244 41.76 -6.39 -30.43
C HIS B 244 41.70 -4.88 -30.18
N ASP B 245 40.61 -4.24 -30.64
CA ASP B 245 40.47 -2.79 -30.58
C ASP B 245 38.97 -2.48 -30.38
N VAL B 246 38.55 -2.47 -29.13
CA VAL B 246 37.16 -2.20 -28.75
C VAL B 246 37.15 -0.94 -27.89
N ARG B 247 36.81 0.20 -28.49
CA ARG B 247 36.95 1.49 -27.80
C ARG B 247 35.60 1.96 -27.28
N ILE B 248 35.65 2.72 -26.19
CA ILE B 248 34.45 3.27 -25.57
C ILE B 248 34.66 4.76 -25.36
N THR B 249 33.56 5.48 -25.31
CA THR B 249 33.58 6.92 -25.09
C THR B 249 32.55 7.27 -24.05
N THR B 250 32.79 8.38 -23.36
CA THR B 250 31.92 8.84 -22.29
C THR B 250 31.78 10.36 -22.38
N ARG B 251 30.92 10.90 -21.53
CA ARG B 251 30.63 12.33 -21.48
C ARG B 251 30.65 12.77 -20.03
N VAL B 252 31.35 13.86 -19.73
CA VAL B 252 31.61 14.26 -18.35
C VAL B 252 30.84 15.52 -18.04
N LYS B 253 30.12 15.52 -16.93
CA LYS B 253 29.46 16.71 -16.41
C LYS B 253 30.03 17.00 -15.03
N GLU B 254 30.79 18.08 -14.91
CA GLU B 254 31.30 18.44 -13.59
C GLU B 254 30.18 18.72 -12.60
N GLN B 255 29.00 19.09 -13.09
CA GLN B 255 27.87 19.36 -12.22
C GLN B 255 27.11 18.11 -11.79
N ASP B 256 27.48 16.93 -12.28
CA ASP B 256 26.83 15.69 -11.84
C ASP B 256 27.70 14.49 -12.22
N PRO B 257 28.40 13.89 -11.27
CA PRO B 257 29.34 12.82 -11.61
C PRO B 257 28.65 11.49 -11.95
N THR B 258 27.35 11.34 -11.69
CA THR B 258 26.69 10.10 -12.05
C THR B 258 26.55 9.92 -13.57
N ASP B 259 26.60 10.99 -14.37
CA ASP B 259 26.48 10.82 -15.82
CA ASP B 259 26.48 10.82 -15.83
C ASP B 259 27.69 10.08 -16.38
N ALA B 260 28.89 10.63 -16.15
CA ALA B 260 30.11 10.01 -16.68
C ALA B 260 30.34 8.61 -16.10
N LEU B 261 30.16 8.46 -14.78
CA LEU B 261 30.44 7.16 -14.17
C LEU B 261 29.60 6.06 -14.83
N TYR B 262 28.29 6.28 -14.94
CA TYR B 262 27.39 5.24 -15.43
C TYR B 262 27.36 5.16 -16.96
N SER B 263 27.67 6.25 -17.66
CA SER B 263 27.94 6.13 -19.09
C SER B 263 29.16 5.23 -19.34
N THR B 264 30.22 5.41 -18.55
CA THR B 264 31.40 4.58 -18.72
C THR B 264 31.11 3.11 -18.40
N LEU B 265 30.44 2.85 -17.28
CA LEU B 265 30.10 1.46 -16.95
C LEU B 265 29.21 0.85 -18.01
N HIS B 266 28.27 1.64 -18.54
CA HIS B 266 27.37 1.15 -19.57
C HIS B 266 28.13 0.74 -20.82
N GLU B 267 28.93 1.65 -21.38
CA GLU B 267 29.67 1.34 -22.60
C GLU B 267 30.73 0.27 -22.35
N ALA B 268 31.37 0.27 -21.17
CA ALA B 268 32.28 -0.82 -20.84
C ALA B 268 31.55 -2.16 -20.86
N GLY B 269 30.30 -2.17 -20.42
CA GLY B 269 29.52 -3.40 -20.50
C GLY B 269 29.38 -3.89 -21.92
N HIS B 270 29.00 -2.99 -22.84
CA HIS B 270 29.03 -3.33 -24.25
C HIS B 270 30.39 -3.90 -24.64
N ALA B 271 31.46 -3.22 -24.22
CA ALA B 271 32.80 -3.60 -24.68
C ALA B 271 33.24 -4.92 -24.09
N LEU B 272 32.86 -5.19 -22.84
CA LEU B 272 33.20 -6.47 -22.23
C LEU B 272 32.65 -7.61 -23.07
N TYR B 273 31.41 -7.48 -23.51
CA TYR B 273 30.80 -8.46 -24.39
C TYR B 273 31.69 -8.73 -25.60
N GLU B 274 32.02 -7.69 -26.37
CA GLU B 274 32.82 -7.86 -27.57
C GLU B 274 34.21 -8.40 -27.23
N GLN B 275 34.83 -7.89 -26.17
CA GLN B 275 36.17 -8.35 -25.81
C GLN B 275 36.17 -9.81 -25.35
N GLY B 276 35.01 -10.36 -24.99
CA GLY B 276 34.95 -11.76 -24.63
C GLY B 276 34.70 -12.73 -25.79
N VAL B 277 34.41 -12.24 -27.00
CA VAL B 277 34.17 -13.12 -28.13
C VAL B 277 35.38 -14.01 -28.35
N ASP B 278 35.13 -15.28 -28.63
CA ASP B 278 36.22 -16.23 -28.79
C ASP B 278 37.20 -15.75 -29.85
N ALA B 279 38.49 -15.80 -29.53
CA ALA B 279 39.52 -15.36 -30.45
C ALA B 279 39.43 -16.11 -31.78
N ALA B 280 38.97 -17.35 -31.75
CA ALA B 280 38.82 -18.13 -32.98
C ALA B 280 37.72 -17.56 -33.88
N PHE B 281 36.82 -16.73 -33.35
CA PHE B 281 35.75 -16.19 -34.18
C PHE B 281 36.05 -14.79 -34.71
N LEU B 282 37.02 -14.09 -34.13
CA LEU B 282 37.36 -12.76 -34.62
C LEU B 282 37.78 -12.83 -36.09
N GLY B 283 37.31 -11.86 -36.87
CA GLY B 283 37.56 -11.86 -38.30
C GLY B 283 36.70 -12.84 -39.07
N THR B 284 35.72 -13.50 -38.41
CA THR B 284 34.78 -14.41 -39.05
C THR B 284 33.36 -13.87 -38.88
N PRO B 285 32.37 -14.41 -39.59
CA PRO B 285 30.99 -13.95 -39.41
C PRO B 285 30.44 -14.16 -38.00
N LEU B 286 31.12 -14.94 -37.17
CA LEU B 286 30.63 -15.14 -35.81
C LEU B 286 31.24 -14.16 -34.82
N GLY B 287 32.19 -13.32 -35.24
CA GLY B 287 32.95 -12.54 -34.29
C GLY B 287 32.35 -11.23 -33.84
N GLY B 288 31.20 -11.29 -33.16
CA GLY B 288 30.56 -10.09 -32.65
C GLY B 288 29.34 -10.45 -31.83
N GLY B 289 28.78 -9.43 -31.19
CA GLY B 289 27.55 -9.62 -30.43
C GLY B 289 26.41 -10.08 -31.32
N VAL B 290 25.44 -10.74 -30.69
CA VAL B 290 24.43 -11.47 -31.45
C VAL B 290 23.20 -10.62 -31.78
N SER B 291 22.87 -9.62 -30.97
CA SER B 291 21.66 -8.85 -31.20
C SER B 291 21.69 -7.59 -30.35
N ALA B 292 20.80 -6.65 -30.66
CA ALA B 292 20.74 -5.42 -29.90
C ALA B 292 20.35 -5.69 -28.45
N GLY B 293 19.33 -6.53 -28.24
CA GLY B 293 18.88 -6.81 -26.88
C GLY B 293 19.92 -7.52 -26.05
N VAL B 294 20.61 -8.50 -26.65
CA VAL B 294 21.64 -9.19 -25.89
C VAL B 294 22.79 -8.25 -25.59
N HIS B 295 23.19 -7.41 -26.55
CA HIS B 295 24.26 -6.45 -26.32
C HIS B 295 23.88 -5.49 -25.20
N GLU B 296 22.68 -4.91 -25.28
CA GLU B 296 22.21 -4.01 -24.25
C GLU B 296 21.99 -4.74 -22.91
N SER B 297 21.83 -6.06 -22.93
CA SER B 297 21.75 -6.76 -21.65
C SER B 297 23.07 -6.69 -20.90
N GLN B 298 24.19 -6.60 -21.61
CA GLN B 298 25.48 -6.58 -20.93
C GLN B 298 25.87 -5.18 -20.48
N SER B 299 25.58 -4.16 -21.29
CA SER B 299 25.76 -2.80 -20.80
C SER B 299 24.94 -2.56 -19.54
N ARG B 300 23.68 -3.02 -19.54
CA ARG B 300 22.81 -2.81 -18.38
C ARG B 300 23.21 -3.67 -17.20
N LEU B 301 23.75 -4.87 -17.43
CA LEU B 301 24.16 -5.70 -16.31
C LEU B 301 25.28 -5.02 -15.51
N TRP B 302 26.32 -4.57 -16.21
CA TRP B 302 27.45 -3.95 -15.52
C TRP B 302 27.11 -2.55 -15.02
N GLU B 303 26.20 -1.84 -15.71
CA GLU B 303 25.85 -0.50 -15.28
C GLU B 303 24.87 -0.54 -14.11
N ASN B 304 23.76 -1.26 -14.28
CA ASN B 304 22.67 -1.26 -13.30
C ASN B 304 22.88 -2.31 -12.22
N LEU B 305 22.81 -3.59 -12.62
CA LEU B 305 22.84 -4.68 -11.63
C LEU B 305 24.08 -4.62 -10.77
N VAL B 306 25.23 -4.34 -11.38
CA VAL B 306 26.48 -4.24 -10.63
C VAL B 306 26.69 -2.79 -10.20
N GLY B 307 26.71 -1.87 -11.18
CA GLY B 307 27.16 -0.51 -10.92
C GLY B 307 26.29 0.26 -9.95
N ARG B 308 25.01 -0.09 -9.83
CA ARG B 308 24.09 0.62 -8.95
C ARG B 308 23.74 -0.15 -7.67
N SER B 309 24.46 -1.21 -7.37
CA SER B 309 24.16 -2.07 -6.22
C SER B 309 24.82 -1.54 -4.96
N ARG B 310 24.33 -2.00 -3.82
CA ARG B 310 24.97 -1.63 -2.56
C ARG B 310 26.39 -2.19 -2.50
N ALA B 311 26.60 -3.40 -3.04
CA ALA B 311 27.92 -4.02 -3.01
C ALA B 311 28.95 -3.23 -3.82
N PHE B 312 28.53 -2.67 -4.95
CA PHE B 312 29.43 -1.82 -5.74
C PHE B 312 29.97 -0.68 -4.89
N TRP B 313 29.08 -0.02 -4.15
CA TRP B 313 29.50 1.12 -3.35
C TRP B 313 30.17 0.70 -2.05
N ALA B 314 29.91 -0.52 -1.57
CA ALA B 314 30.73 -1.08 -0.52
C ALA B 314 32.20 -1.14 -0.94
N ALA B 315 32.45 -1.36 -2.22
CA ALA B 315 33.82 -1.48 -2.70
C ALA B 315 34.48 -0.15 -3.02
N TYR B 316 33.71 0.84 -3.50
CA TYR B 316 34.31 2.04 -4.07
C TYR B 316 34.05 3.34 -3.32
N PHE B 317 33.16 3.35 -2.33
CA PHE B 317 32.89 4.62 -1.67
C PHE B 317 34.15 5.19 -1.03
N GLY B 318 35.01 4.33 -0.49
CA GLY B 318 36.25 4.81 0.09
C GLY B 318 37.10 5.54 -0.93
N ASP B 319 37.36 4.88 -2.06
CA ASP B 319 38.09 5.50 -3.17
C ASP B 319 37.37 6.75 -3.66
N TRP B 320 36.05 6.69 -3.76
CA TRP B 320 35.23 7.82 -4.20
C TRP B 320 35.39 9.01 -3.28
N ARG B 321 35.25 8.78 -1.97
CA ARG B 321 35.39 9.85 -0.98
C ARG B 321 36.82 10.36 -0.88
N ASP B 322 37.81 9.48 -1.01
CA ASP B 322 39.20 9.92 -1.05
C ASP B 322 39.46 10.82 -2.25
N THR B 323 38.84 10.51 -3.38
CA THR B 323 39.04 11.30 -4.60
C THR B 323 38.30 12.63 -4.52
N PHE B 324 37.11 12.64 -3.87
CA PHE B 324 36.28 13.83 -3.76
C PHE B 324 35.93 14.06 -2.30
N PRO B 325 36.92 14.43 -1.48
CA PRO B 325 36.71 14.51 -0.02
C PRO B 325 35.74 15.60 0.42
N GLU B 326 35.91 16.83 -0.05
CA GLU B 326 34.99 17.89 0.37
C GLU B 326 33.57 17.61 -0.11
N GLN B 327 33.42 17.06 -1.33
CA GLN B 327 32.10 16.80 -1.88
C GLN B 327 31.35 15.76 -1.06
N LEU B 328 32.05 14.76 -0.53
CA LEU B 328 31.38 13.71 0.23
C LEU B 328 31.40 13.95 1.74
N ALA B 329 31.84 15.13 2.18
CA ALA B 329 31.78 15.46 3.60
C ALA B 329 30.33 15.47 4.08
N GLY B 330 30.06 14.75 5.16
CA GLY B 330 28.71 14.66 5.64
C GLY B 330 27.80 13.74 4.84
N VAL B 331 28.37 12.90 3.98
CA VAL B 331 27.61 11.96 3.16
C VAL B 331 28.07 10.55 3.48
N THR B 332 27.11 9.66 3.72
CA THR B 332 27.45 8.27 4.02
C THR B 332 27.51 7.45 2.75
N GLU B 333 28.11 6.27 2.86
CA GLU B 333 28.11 5.32 1.76
C GLU B 333 26.68 4.94 1.38
N GLU B 334 25.80 4.72 2.38
CA GLU B 334 24.42 4.39 2.07
C GLU B 334 23.73 5.53 1.32
N GLU B 335 24.09 6.78 1.61
CA GLU B 335 23.48 7.91 0.90
C GLU B 335 23.96 7.96 -0.55
N MET B 336 25.21 7.63 -0.80
CA MET B 336 25.67 7.59 -2.18
C MET B 336 24.98 6.49 -2.96
N TYR B 337 24.77 5.33 -2.33
CA TYR B 337 24.04 4.24 -2.98
C TYR B 337 22.61 4.65 -3.31
N ARG B 338 21.94 5.36 -2.40
CA ARG B 338 20.58 5.80 -2.69
C ARG B 338 20.56 6.85 -3.79
N ALA B 339 21.53 7.77 -3.79
CA ALA B 339 21.52 8.88 -4.74
C ALA B 339 21.64 8.41 -6.18
N VAL B 340 22.23 7.23 -6.42
CA VAL B 340 22.32 6.72 -7.78
C VAL B 340 21.08 5.94 -8.19
N ASN B 341 20.10 5.79 -7.32
CA ASN B 341 18.92 5.01 -7.63
C ASN B 341 17.65 5.82 -7.45
N THR B 342 17.69 7.10 -7.77
CA THR B 342 16.50 7.93 -7.74
C THR B 342 15.61 7.65 -8.95
N VAL B 343 14.35 8.04 -8.84
CA VAL B 343 13.34 7.77 -9.86
C VAL B 343 12.49 9.02 -10.07
N SER B 344 12.09 9.26 -11.32
CA SER B 344 11.13 10.33 -11.57
C SER B 344 10.66 10.24 -13.02
N ARG B 345 9.44 10.71 -13.26
CA ARG B 345 8.94 10.85 -14.62
C ARG B 345 9.68 11.99 -15.30
N SER B 346 10.39 11.69 -16.38
CA SER B 346 11.24 12.67 -17.05
C SER B 346 11.04 12.56 -18.55
N LEU B 347 11.70 13.47 -19.28
CA LEU B 347 11.49 13.64 -20.71
C LEU B 347 12.54 12.92 -21.56
N ILE B 348 13.78 12.79 -21.10
CA ILE B 348 14.87 12.29 -21.93
C ILE B 348 15.03 10.80 -21.70
N ARG B 349 14.84 10.03 -22.76
CA ARG B 349 14.89 8.57 -22.66
C ARG B 349 16.24 8.10 -22.14
N THR B 350 17.33 8.62 -22.72
CA THR B 350 18.66 8.11 -22.41
C THR B 350 19.03 8.32 -20.95
N ASP B 351 18.42 9.31 -20.29
CA ASP B 351 18.70 9.60 -18.88
C ASP B 351 17.68 8.99 -17.92
N ALA B 352 16.69 8.24 -18.41
CA ALA B 352 15.60 7.80 -17.55
C ALA B 352 16.03 6.69 -16.60
N ASP B 353 15.43 6.69 -15.41
CA ASP B 353 15.80 5.78 -14.33
C ASP B 353 15.39 4.35 -14.66
N GLU B 354 15.76 3.45 -13.74
CA GLU B 354 15.52 2.03 -13.92
C GLU B 354 14.04 1.69 -14.03
N LEU B 355 13.15 2.48 -13.42
CA LEU B 355 11.75 2.09 -13.33
C LEU B 355 10.91 2.68 -14.47
N THR B 356 11.16 3.93 -14.84
CA THR B 356 10.38 4.60 -15.87
C THR B 356 10.98 4.52 -17.26
N TYR B 357 12.18 3.94 -17.40
CA TYR B 357 12.87 3.95 -18.68
C TYR B 357 12.01 3.34 -19.78
N ASN B 358 11.45 2.15 -19.53
CA ASN B 358 10.79 1.39 -20.58
C ASN B 358 9.56 2.09 -21.14
N LEU B 359 8.94 3.00 -20.37
CA LEU B 359 7.81 3.76 -20.89
C LEU B 359 8.21 4.62 -22.07
N HIS B 360 9.49 5.04 -22.13
CA HIS B 360 9.98 5.76 -23.30
C HIS B 360 10.06 4.85 -24.53
N VAL B 361 10.55 3.63 -24.35
CA VAL B 361 10.65 2.71 -25.47
C VAL B 361 9.25 2.35 -25.98
N ILE B 362 8.34 2.04 -25.06
CA ILE B 362 6.97 1.69 -25.44
C ILE B 362 6.35 2.81 -26.26
N THR B 363 6.49 4.05 -25.78
CA THR B 363 6.00 5.20 -26.52
C THR B 363 6.48 5.17 -27.96
N ARG B 364 7.80 5.05 -28.15
CA ARG B 364 8.36 5.08 -29.49
C ARG B 364 7.89 3.88 -30.32
N PHE B 365 7.92 2.68 -29.74
CA PHE B 365 7.51 1.49 -30.48
C PHE B 365 6.06 1.59 -30.95
N GLU B 366 5.15 2.01 -30.05
CA GLU B 366 3.76 2.09 -30.46
C GLU B 366 3.53 3.14 -31.53
N LEU B 367 4.34 4.20 -31.52
CA LEU B 367 4.26 5.18 -32.61
C LEU B 367 4.77 4.58 -33.92
N GLU B 368 5.80 3.74 -33.84
CA GLU B 368 6.26 3.01 -35.03
C GLU B 368 5.15 2.12 -35.58
N ARG B 369 4.49 1.36 -34.70
CA ARG B 369 3.41 0.48 -35.13
C ARG B 369 2.31 1.26 -35.84
N GLU B 370 1.99 2.46 -35.34
CA GLU B 370 0.93 3.26 -35.95
C GLU B 370 1.37 3.84 -37.28
N MET B 371 2.63 4.27 -37.39
CA MET B 371 3.13 4.83 -38.64
C MET B 371 3.30 3.74 -39.70
N LEU B 372 3.85 2.58 -39.30
CA LEU B 372 4.03 1.48 -40.26
C LEU B 372 2.70 0.92 -40.73
N ALA B 373 1.69 0.87 -39.86
CA ALA B 373 0.37 0.40 -40.23
C ALA B 373 -0.47 1.46 -40.97
N GLY B 374 0.06 2.65 -41.21
CA GLY B 374 -0.68 3.71 -41.87
C GLY B 374 -1.71 4.43 -41.03
N LYS B 375 -1.90 4.06 -39.76
CA LYS B 375 -2.89 4.70 -38.91
C LYS B 375 -2.47 6.08 -38.41
N LEU B 376 -1.21 6.47 -38.57
CA LEU B 376 -0.70 7.74 -38.04
C LEU B 376 0.18 8.39 -39.09
N ALA B 377 -0.23 9.56 -39.56
CA ALA B 377 0.55 10.29 -40.55
C ALA B 377 1.75 10.95 -39.89
N VAL B 378 2.86 11.02 -40.63
CA VAL B 378 4.07 11.60 -40.06
C VAL B 378 3.82 13.04 -39.62
N ARG B 379 3.05 13.79 -40.40
CA ARG B 379 2.80 15.18 -40.05
C ARG B 379 2.03 15.32 -38.75
N ASP B 380 1.40 14.25 -38.28
CA ASP B 380 0.73 14.25 -36.99
C ASP B 380 1.62 13.67 -35.89
N LEU B 381 2.88 13.36 -36.19
CA LEU B 381 3.72 12.63 -35.24
C LEU B 381 4.03 13.46 -34.00
N ALA B 382 4.31 14.75 -34.16
CA ALA B 382 4.65 15.60 -33.01
C ALA B 382 3.51 15.62 -31.99
N ASP B 383 2.27 15.79 -32.46
CA ASP B 383 1.13 15.83 -31.53
C ASP B 383 0.93 14.48 -30.87
N ALA B 384 1.00 13.40 -31.64
CA ALA B 384 0.82 12.06 -31.08
C ALA B 384 1.93 11.76 -30.07
N TRP B 385 3.14 12.22 -30.35
CA TRP B 385 4.27 12.01 -29.44
C TRP B 385 3.98 12.62 -28.08
N HIS B 386 3.63 13.92 -28.05
CA HIS B 386 3.30 14.56 -26.79
C HIS B 386 2.13 13.87 -26.11
N ALA B 387 1.12 13.49 -26.91
CA ALA B 387 -0.04 12.80 -26.34
C ALA B 387 0.37 11.49 -25.69
N ALA B 388 1.29 10.75 -26.32
CA ALA B 388 1.74 9.50 -25.71
C ALA B 388 2.58 9.75 -24.46
N TYR B 389 3.35 10.85 -24.43
CA TYR B 389 4.15 11.15 -23.24
C TYR B 389 3.26 11.52 -22.05
N GLU B 390 2.22 12.33 -22.27
CA GLU B 390 1.31 12.65 -21.17
C GLU B 390 0.69 11.38 -20.60
N GLN B 391 0.21 10.51 -21.49
CA GLN B 391 -0.49 9.31 -21.03
C GLN B 391 0.47 8.31 -20.40
N ASN B 392 1.69 8.20 -20.93
CA ASN B 392 2.59 7.17 -20.45
C ASN B 392 3.52 7.65 -19.33
N LEU B 393 3.89 8.93 -19.31
CA LEU B 393 4.82 9.41 -18.30
C LEU B 393 4.26 10.53 -17.45
N GLY B 394 3.06 11.02 -17.74
CA GLY B 394 2.41 12.03 -16.94
C GLY B 394 2.87 13.45 -17.18
N LEU B 395 3.66 13.70 -18.21
CA LEU B 395 4.05 15.07 -18.56
C LEU B 395 4.44 15.11 -20.02
N ARG B 396 4.58 16.32 -20.54
CA ARG B 396 4.96 16.53 -21.92
C ARG B 396 6.04 17.59 -21.99
N ALA B 397 6.88 17.51 -23.02
CA ALA B 397 7.95 18.46 -23.22
C ALA B 397 7.41 19.84 -23.57
N PRO B 398 8.19 20.90 -23.32
CA PRO B 398 7.70 22.26 -23.62
C PRO B 398 7.56 22.53 -25.10
N SER B 399 8.24 21.76 -25.94
CA SER B 399 8.18 21.96 -27.39
C SER B 399 8.52 20.62 -28.06
N ASP B 400 8.83 20.67 -29.35
CA ASP B 400 9.23 19.46 -30.07
C ASP B 400 10.71 19.16 -29.93
N VAL B 401 11.50 20.10 -29.42
CA VAL B 401 12.94 19.86 -29.23
C VAL B 401 13.15 18.56 -28.48
N ASP B 402 12.55 18.46 -27.30
CA ASP B 402 12.60 17.27 -26.48
C ASP B 402 11.36 16.40 -26.62
N GLY B 403 10.49 16.72 -27.59
CA GLY B 403 9.44 15.83 -28.02
C GLY B 403 9.91 14.92 -29.13
N ALA B 404 9.17 14.90 -30.25
CA ALA B 404 9.47 13.95 -31.32
C ALA B 404 10.82 14.18 -31.98
N LEU B 405 11.44 15.34 -31.79
CA LEU B 405 12.78 15.56 -32.33
C LEU B 405 13.87 15.02 -31.41
N GLN B 406 13.48 14.44 -30.28
CA GLN B 406 14.43 14.13 -29.21
C GLN B 406 15.51 13.15 -29.65
N ASP B 407 15.12 12.00 -30.20
CA ASP B 407 16.05 10.93 -30.54
C ASP B 407 16.40 10.95 -32.02
N VAL B 408 17.65 10.57 -32.33
CA VAL B 408 18.16 10.61 -33.69
C VAL B 408 17.68 9.47 -34.57
N HIS B 409 17.16 8.38 -33.97
CA HIS B 409 16.98 7.12 -34.69
C HIS B 409 16.17 7.29 -35.97
N TRP B 410 14.97 7.88 -35.87
CA TRP B 410 14.13 8.02 -37.05
C TRP B 410 14.66 9.04 -38.05
N TYR B 411 15.73 9.77 -37.71
CA TYR B 411 16.29 10.75 -38.63
C TYR B 411 17.61 10.31 -39.26
N PHE B 412 18.26 9.26 -38.75
CA PHE B 412 19.50 8.74 -39.33
C PHE B 412 19.36 7.27 -39.72
N GLY B 413 18.13 6.79 -39.86
CA GLY B 413 17.88 5.41 -40.18
C GLY B 413 16.41 5.17 -40.41
N PRO B 414 16.02 3.90 -40.50
CA PRO B 414 14.62 3.57 -40.77
C PRO B 414 13.71 3.91 -39.58
N ILE B 415 12.42 3.99 -39.88
CA ILE B 415 11.39 4.10 -38.87
C ILE B 415 10.86 2.69 -38.64
N GLY B 416 11.01 2.17 -37.41
CA GLY B 416 10.55 0.84 -37.11
C GLY B 416 11.63 -0.04 -36.49
N GLY B 417 11.31 -0.64 -35.34
CA GLY B 417 12.25 -1.52 -34.66
C GLY B 417 13.48 -0.82 -34.11
N SER B 418 13.42 0.48 -33.90
CA SER B 418 14.61 1.24 -33.50
C SER B 418 14.89 1.19 -32.01
N PHE B 419 13.92 0.84 -31.17
CA PHE B 419 14.03 1.04 -29.72
C PHE B 419 13.75 -0.20 -28.86
N GLN B 420 13.03 -1.20 -29.36
CA GLN B 420 12.65 -2.30 -28.47
C GLN B 420 13.87 -3.04 -27.92
N GLY B 421 14.98 -3.03 -28.66
CA GLY B 421 16.21 -3.64 -28.15
C GLY B 421 16.69 -3.07 -26.82
N TYR B 422 16.48 -1.78 -26.58
CA TYR B 422 16.89 -1.20 -25.30
C TYR B 422 16.14 -1.87 -24.14
N THR B 423 14.84 -2.12 -24.33
CA THR B 423 14.05 -2.71 -23.27
C THR B 423 14.31 -4.21 -23.16
N ILE B 424 14.51 -4.90 -24.29
CA ILE B 424 14.91 -6.30 -24.21
C ILE B 424 16.18 -6.44 -23.40
N GLY B 425 17.14 -5.55 -23.64
CA GLY B 425 18.38 -5.58 -22.87
C GLY B 425 18.13 -5.41 -21.38
N ASN B 426 17.22 -4.52 -21.01
CA ASN B 426 16.94 -4.32 -19.59
C ASN B 426 16.45 -5.62 -18.95
N VAL B 427 15.47 -6.28 -19.55
CA VAL B 427 14.96 -7.52 -18.95
C VAL B 427 16.04 -8.60 -18.93
N LEU B 428 16.71 -8.81 -20.07
CA LEU B 428 17.72 -9.87 -20.12
C LEU B 428 18.88 -9.61 -19.17
N SER B 429 19.13 -8.35 -18.80
CA SER B 429 20.23 -8.08 -17.89
C SER B 429 20.07 -8.84 -16.59
N ALA B 430 18.86 -8.78 -16.00
CA ALA B 430 18.61 -9.51 -14.75
C ALA B 430 18.58 -11.01 -14.98
N GLN B 431 18.06 -11.45 -16.14
CA GLN B 431 18.01 -12.87 -16.43
C GLN B 431 19.41 -13.47 -16.54
N PHE B 432 20.30 -12.80 -17.27
CA PHE B 432 21.68 -13.29 -17.33
C PHE B 432 22.31 -13.20 -15.95
N TYR B 433 22.04 -12.12 -15.22
CA TYR B 433 22.68 -11.94 -13.92
C TYR B 433 22.27 -13.03 -12.94
N ALA B 434 20.96 -13.33 -12.87
CA ALA B 434 20.46 -14.33 -11.93
C ALA B 434 21.06 -15.70 -12.22
N ALA B 435 21.19 -16.05 -13.51
CA ALA B 435 21.81 -17.31 -13.87
C ALA B 435 23.26 -17.36 -13.39
N ALA B 436 23.98 -16.24 -13.50
CA ALA B 436 25.36 -16.20 -13.03
C ALA B 436 25.43 -16.37 -11.52
N GLU B 437 24.52 -15.71 -10.80
CA GLU B 437 24.50 -15.84 -9.35
C GLU B 437 24.15 -17.27 -8.93
N ALA B 438 23.22 -17.91 -9.64
CA ALA B 438 22.89 -19.29 -9.31
C ALA B 438 24.11 -20.19 -9.42
N ALA B 439 24.97 -19.94 -10.41
CA ALA B 439 26.17 -20.75 -10.57
C ALA B 439 27.31 -20.29 -9.69
N ASN B 440 27.24 -19.11 -9.09
CA ASN B 440 28.32 -18.58 -8.26
C ASN B 440 27.71 -17.93 -7.04
N PRO B 441 27.24 -18.73 -6.08
CA PRO B 441 26.59 -18.18 -4.88
C PRO B 441 27.45 -17.20 -4.12
N GLY B 442 27.10 -15.94 -4.13
CA GLY B 442 27.80 -14.99 -3.29
C GLY B 442 28.51 -13.93 -4.08
N LEU B 443 27.96 -13.57 -5.25
CA LEU B 443 28.63 -12.58 -6.09
C LEU B 443 28.77 -11.24 -5.37
N GLU B 444 27.73 -10.81 -4.65
CA GLU B 444 27.81 -9.52 -3.98
C GLU B 444 29.00 -9.44 -3.04
N ALA B 445 29.32 -10.54 -2.34
CA ALA B 445 30.48 -10.53 -1.46
C ALA B 445 31.76 -10.33 -2.26
N ASP B 446 31.82 -10.89 -3.48
CA ASP B 446 32.95 -10.67 -4.38
C ASP B 446 33.08 -9.19 -4.76
N PHE B 447 31.95 -8.55 -5.10
CA PHE B 447 32.01 -7.19 -5.59
C PHE B 447 32.57 -6.25 -4.54
N ALA B 448 32.20 -6.46 -3.27
CA ALA B 448 32.69 -5.63 -2.18
C ALA B 448 34.20 -5.70 -2.06
N ARG B 449 34.83 -6.76 -2.57
CA ARG B 449 36.28 -6.88 -2.60
C ARG B 449 36.89 -6.39 -3.91
N LYS B 450 36.10 -5.77 -4.79
CA LYS B 450 36.55 -5.35 -6.12
C LYS B 450 36.96 -6.54 -6.98
N ASP B 451 36.37 -7.70 -6.70
CA ASP B 451 36.65 -8.94 -7.43
C ASP B 451 35.41 -9.27 -8.26
N PHE B 452 35.52 -9.10 -9.58
CA PHE B 452 34.41 -9.38 -10.49
C PHE B 452 34.70 -10.60 -11.37
N SER B 453 35.72 -11.39 -11.02
CA SER B 453 36.18 -12.44 -11.91
C SER B 453 35.13 -13.55 -12.07
N ARG B 454 34.41 -13.88 -11.00
CA ARG B 454 33.41 -14.95 -11.09
C ARG B 454 32.25 -14.55 -12.02
N LEU B 455 31.76 -13.32 -11.87
CA LEU B 455 30.69 -12.86 -12.75
C LEU B 455 31.18 -12.73 -14.19
N HIS B 456 32.32 -12.06 -14.38
CA HIS B 456 32.86 -11.90 -15.73
C HIS B 456 33.19 -13.26 -16.35
N GLY B 457 33.76 -14.17 -15.57
CA GLY B 457 34.05 -15.50 -16.08
C GLY B 457 32.81 -16.23 -16.56
N TRP B 458 31.73 -16.18 -15.77
CA TRP B 458 30.49 -16.84 -16.17
C TRP B 458 29.95 -16.21 -17.46
N LEU B 459 29.89 -14.88 -17.52
CA LEU B 459 29.37 -14.22 -18.71
C LEU B 459 30.27 -14.51 -19.90
N ARG B 460 31.58 -14.45 -19.69
CA ARG B 460 32.53 -14.75 -20.77
C ARG B 460 32.38 -16.19 -21.25
N GLU B 461 32.11 -17.11 -20.33
CA GLU B 461 32.06 -18.53 -20.67
C GLU B 461 30.71 -18.91 -21.30
N ASN B 462 29.63 -18.32 -20.81
CA ASN B 462 28.28 -18.71 -21.19
C ASN B 462 27.62 -17.76 -22.19
N VAL B 463 28.17 -16.58 -22.41
CA VAL B 463 27.53 -15.60 -23.29
C VAL B 463 28.51 -15.05 -24.33
N TYR B 464 29.60 -14.42 -23.86
CA TYR B 464 30.43 -13.61 -24.75
C TYR B 464 31.12 -14.44 -25.82
N ARG B 465 31.79 -15.52 -25.43
CA ARG B 465 32.68 -16.20 -26.36
C ARG B 465 31.96 -16.68 -27.60
N HIS B 466 30.68 -17.04 -27.47
CA HIS B 466 29.96 -17.62 -28.59
C HIS B 466 29.69 -16.62 -29.70
N GLY B 467 29.74 -15.32 -29.40
CA GLY B 467 29.46 -14.32 -30.41
C GLY B 467 28.13 -14.56 -31.09
N ARG B 468 28.15 -14.76 -32.40
CA ARG B 468 26.94 -14.96 -33.20
C ARG B 468 26.66 -16.43 -33.52
N ARG B 469 27.38 -17.37 -32.91
CA ARG B 469 27.18 -18.79 -33.20
C ARG B 469 25.71 -19.20 -33.05
N TRP B 470 25.06 -18.76 -31.98
CA TRP B 470 23.68 -19.14 -31.72
C TRP B 470 22.77 -17.96 -32.02
N THR B 471 21.53 -18.25 -32.42
CA THR B 471 20.54 -17.18 -32.46
C THR B 471 20.32 -16.65 -31.05
N PRO B 472 19.85 -15.42 -30.91
CA PRO B 472 19.64 -14.87 -29.56
C PRO B 472 18.83 -15.79 -28.64
N GLY B 473 17.70 -16.32 -29.14
CA GLY B 473 16.88 -17.19 -28.31
C GLY B 473 17.62 -18.46 -27.90
N GLU B 474 18.34 -19.07 -28.83
CA GLU B 474 19.11 -20.26 -28.49
C GLU B 474 20.21 -19.92 -27.50
N LEU B 475 20.88 -18.78 -27.68
CA LEU B 475 21.89 -18.35 -26.73
C LEU B 475 21.29 -18.17 -25.34
N ILE B 476 20.12 -17.55 -25.25
CA ILE B 476 19.54 -17.27 -23.94
C ILE B 476 19.20 -18.56 -23.21
N GLU B 477 18.77 -19.58 -23.95
CA GLU B 477 18.40 -20.85 -23.31
C GLU B 477 19.62 -21.66 -22.89
N ARG B 478 20.61 -21.77 -23.76
CA ARG B 478 21.83 -22.48 -23.41
C ARG B 478 22.51 -21.87 -22.20
N ALA B 479 22.35 -20.57 -22.01
CA ALA B 479 23.06 -19.88 -20.94
C ALA B 479 22.26 -19.80 -19.65
N THR B 480 20.93 -19.65 -19.72
CA THR B 480 20.13 -19.43 -18.52
C THR B 480 19.07 -20.49 -18.27
N GLY B 481 18.91 -21.46 -19.18
CA GLY B 481 17.98 -22.56 -18.99
C GLY B 481 16.55 -22.31 -19.39
N GLN B 482 16.22 -21.11 -19.86
CA GLN B 482 14.85 -20.81 -20.25
C GLN B 482 14.87 -19.68 -21.27
N ALA B 483 13.74 -19.51 -21.96
CA ALA B 483 13.61 -18.46 -22.95
C ALA B 483 13.49 -17.10 -22.27
N LEU B 484 13.44 -16.04 -23.08
CA LEU B 484 13.30 -14.70 -22.55
C LEU B 484 12.09 -14.58 -21.62
N THR B 485 12.34 -14.09 -20.40
CA THR B 485 11.30 -13.86 -19.42
C THR B 485 11.64 -12.64 -18.58
N ALA B 486 10.62 -11.82 -18.31
CA ALA B 486 10.73 -10.65 -17.45
C ALA B 486 10.70 -11.01 -15.97
N GLY B 487 10.54 -12.28 -15.62
CA GLY B 487 10.44 -12.68 -14.25
C GLY B 487 11.59 -12.16 -13.42
N PRO B 488 12.81 -12.57 -13.76
CA PRO B 488 13.96 -12.10 -12.98
C PRO B 488 14.07 -10.59 -12.95
N TYR B 489 13.75 -9.95 -14.09
CA TYR B 489 13.84 -8.50 -14.18
C TYR B 489 12.90 -7.83 -13.21
N LEU B 490 11.63 -8.24 -13.21
CA LEU B 490 10.66 -7.62 -12.31
C LEU B 490 10.98 -7.94 -10.85
N LYS B 491 11.46 -9.17 -10.59
CA LYS B 491 11.78 -9.54 -9.21
C LYS B 491 12.94 -8.71 -8.68
N TYR B 492 13.96 -8.45 -9.51
CA TYR B 492 15.09 -7.62 -9.08
C TYR B 492 14.64 -6.20 -8.75
N LEU B 493 13.85 -5.59 -9.66
CA LEU B 493 13.44 -4.21 -9.45
C LEU B 493 12.51 -4.07 -8.24
N ARG B 494 11.49 -4.94 -8.15
CA ARG B 494 10.58 -4.86 -7.02
C ARG B 494 11.31 -5.03 -5.70
N GLY B 495 12.27 -5.95 -5.65
CA GLY B 495 13.05 -6.14 -4.44
C GLY B 495 13.97 -4.97 -4.13
N LYS B 496 14.67 -4.45 -5.15
CA LYS B 496 15.62 -3.37 -4.89
C LYS B 496 14.89 -2.09 -4.46
N TYR B 497 13.88 -1.69 -5.23
CA TYR B 497 13.19 -0.42 -4.96
C TYR B 497 12.16 -0.54 -3.84
N GLY B 498 11.60 -1.74 -3.64
CA GLY B 498 10.81 -1.98 -2.45
C GLY B 498 11.61 -1.70 -1.18
N GLU B 499 12.87 -2.13 -1.15
CA GLU B 499 13.69 -1.92 0.04
C GLU B 499 14.21 -0.49 0.12
N LEU B 500 14.63 0.09 -1.01
CA LEU B 500 15.13 1.45 -0.98
C LEU B 500 14.07 2.43 -0.49
N TYR B 501 12.83 2.26 -0.95
CA TYR B 501 11.80 3.26 -0.70
C TYR B 501 10.68 2.80 0.24
N GLY B 502 10.77 1.59 0.79
CA GLY B 502 9.71 1.09 1.65
C GLY B 502 8.37 1.00 0.97
N VAL B 503 8.33 0.53 -0.26
CA VAL B 503 7.08 0.42 -1.00
C VAL B 503 6.85 -1.04 -1.37
N GLN C 9 4.06 29.25 17.25
CA GLN C 9 2.77 29.93 17.44
C GLN C 9 1.68 28.95 17.83
N TRP C 10 1.74 27.74 17.29
CA TRP C 10 0.76 26.72 17.66
C TRP C 10 0.92 26.31 19.12
N GLN C 11 2.17 26.19 19.58
CA GLN C 11 2.41 25.85 20.98
C GLN C 11 1.78 26.86 21.93
N GLN C 12 1.87 28.15 21.58
CA GLN C 12 1.25 29.17 22.43
C GLN C 12 -0.27 29.06 22.43
N LEU C 13 -0.87 28.77 21.27
CA LEU C 13 -2.30 28.56 21.20
C LEU C 13 -2.72 27.35 22.04
N THR C 14 -2.01 26.24 21.90
CA THR C 14 -2.34 25.05 22.70
C THR C 14 -2.16 25.32 24.18
N GLU C 15 -1.13 26.10 24.54
CA GLU C 15 -0.90 26.43 25.95
C GLU C 15 -1.98 27.35 26.49
N HIS C 16 -2.46 28.27 25.66
CA HIS C 16 -3.57 29.12 26.12
C HIS C 16 -4.84 28.29 26.29
N TRP C 17 -5.09 27.34 25.38
CA TRP C 17 -6.23 26.44 25.55
C TRP C 17 -6.09 25.63 26.84
N GLN C 18 -4.91 25.08 27.07
CA GLN C 18 -4.69 24.33 28.30
C GLN C 18 -4.86 25.23 29.51
N GLU C 19 -4.49 26.51 29.39
CA GLU C 19 -4.68 27.42 30.50
C GLU C 19 -6.15 27.65 30.80
N LEU C 20 -6.99 27.77 29.76
CA LEU C 20 -8.43 27.95 29.98
C LEU C 20 -9.03 26.72 30.67
N ALA C 21 -8.66 25.51 30.24
CA ALA C 21 -9.15 24.32 30.92
C ALA C 21 -8.70 24.30 32.39
N ASP C 22 -7.48 24.79 32.66
CA ASP C 22 -6.99 24.77 34.04
C ASP C 22 -7.80 25.73 34.91
N PHE C 23 -8.03 26.95 34.41
CA PHE C 23 -8.95 27.85 35.11
C PHE C 23 -10.30 27.19 35.32
N GLY C 24 -10.83 26.54 34.28
CA GLY C 24 -12.11 25.85 34.43
C GLY C 24 -12.06 24.76 35.47
N GLY C 25 -10.97 23.99 35.50
CA GLY C 25 -10.83 22.94 36.50
C GLY C 25 -10.77 23.49 37.91
N ILE C 26 -10.08 24.62 38.10
CA ILE C 26 -9.99 25.23 39.42
C ILE C 26 -11.36 25.77 39.85
N GLU C 27 -12.06 26.46 38.94
CA GLU C 27 -13.40 26.93 39.24
C GLU C 27 -14.31 25.76 39.63
N ALA C 28 -14.16 24.61 38.96
CA ALA C 28 -14.98 23.47 39.33
C ALA C 28 -14.65 22.99 40.74
N LEU C 29 -13.37 23.01 41.11
CA LEU C 29 -12.98 22.60 42.45
C LEU C 29 -13.55 23.54 43.50
N LEU C 30 -13.51 24.85 43.24
CA LEU C 30 -14.11 25.82 44.17
C LEU C 30 -15.60 25.57 44.31
N GLY C 31 -16.29 25.30 43.19
CA GLY C 31 -17.71 25.03 43.26
C GLY C 31 -18.01 23.66 43.84
N TRP C 32 -17.22 22.64 43.47
CA TRP C 32 -17.42 21.30 44.00
C TRP C 32 -17.26 21.28 45.51
N ASP C 33 -16.20 21.92 46.02
CA ASP C 33 -16.00 21.97 47.46
C ASP C 33 -17.09 22.79 48.16
N GLN C 34 -17.60 23.84 47.51
CA GLN C 34 -18.68 24.63 48.09
C GLN C 34 -19.90 23.76 48.36
N SER C 35 -20.19 22.81 47.46
CA SER C 35 -21.36 21.95 47.59
C SER C 35 -21.14 20.72 48.44
N THR C 36 -19.89 20.35 48.74
CA THR C 36 -19.60 19.13 49.47
C THR C 36 -19.07 19.39 50.87
N PHE C 37 -17.99 20.15 51.00
CA PHE C 37 -17.25 20.22 52.25
C PHE C 37 -17.07 21.62 52.83
N LEU C 38 -17.46 22.68 52.12
CA LEU C 38 -17.31 24.03 52.65
C LEU C 38 -18.04 24.15 53.99
N PRO C 39 -17.37 24.59 55.06
CA PRO C 39 -18.07 24.75 56.34
C PRO C 39 -19.16 25.80 56.24
N ALA C 40 -20.13 25.68 57.16
CA ALA C 40 -21.33 26.52 57.10
C ALA C 40 -20.99 28.00 57.19
N GLY C 41 -20.01 28.35 58.02
CA GLY C 41 -19.63 29.73 58.22
C GLY C 41 -18.67 30.31 57.21
N ALA C 42 -18.38 29.59 56.11
CA ALA C 42 -17.35 30.00 55.17
C ALA C 42 -17.90 30.46 53.83
N ALA C 43 -19.21 30.69 53.74
CA ALA C 43 -19.81 30.95 52.44
C ALA C 43 -19.25 32.20 51.78
N GLU C 44 -19.04 33.27 52.57
CA GLU C 44 -18.75 34.58 51.98
C GLU C 44 -17.37 34.62 51.31
N ASP C 45 -16.33 34.13 51.97
CA ASP C 45 -15.01 34.16 51.34
C ASP C 45 -14.97 33.29 50.08
N ARG C 46 -15.64 32.14 50.11
CA ARG C 46 -15.66 31.26 48.94
C ARG C 46 -16.33 31.96 47.77
N ALA C 47 -17.40 32.72 48.03
CA ALA C 47 -18.08 33.42 46.96
C ALA C 47 -17.18 34.47 46.32
N ARG C 48 -16.36 35.14 47.13
CA ARG C 48 -15.42 36.12 46.59
C ARG C 48 -14.27 35.43 45.86
N GLN C 49 -13.76 34.32 46.42
CA GLN C 49 -12.76 33.52 45.72
C GLN C 49 -13.24 33.12 44.33
N GLN C 50 -14.49 32.65 44.24
CA GLN C 50 -15.02 32.24 42.94
C GLN C 50 -15.14 33.42 42.00
N SER C 51 -15.59 34.57 42.51
CA SER C 51 -15.74 35.75 41.67
C SER C 51 -14.38 36.21 41.14
N LEU C 52 -13.34 36.16 41.99
CA LEU C 52 -12.00 36.50 41.54
C LEU C 52 -11.56 35.59 40.39
N LEU C 53 -11.79 34.28 40.52
CA LEU C 53 -11.34 33.36 39.48
C LEU C 53 -12.20 33.50 38.23
N ALA C 54 -13.50 33.76 38.38
CA ALA C 54 -14.33 34.00 37.21
C ALA C 54 -13.82 35.18 36.40
N GLY C 55 -13.40 36.26 37.09
CA GLY C 55 -12.91 37.43 36.39
C GLY C 55 -11.63 37.17 35.60
N LEU C 56 -10.68 36.46 36.20
CA LEU C 56 -9.42 36.17 35.52
C LEU C 56 -9.66 35.28 34.30
N ARG C 57 -10.45 34.22 34.46
CA ARG C 57 -10.70 33.32 33.34
C ARG C 57 -11.43 34.05 32.21
N HIS C 58 -12.37 34.94 32.56
CA HIS C 58 -13.07 35.67 31.52
C HIS C 58 -12.12 36.52 30.68
N ALA C 59 -11.13 37.16 31.32
CA ALA C 59 -10.15 37.92 30.56
C ALA C 59 -9.39 37.01 29.61
N ARG C 60 -8.91 35.86 30.10
CA ARG C 60 -8.19 34.95 29.23
C ARG C 60 -9.07 34.47 28.07
N ALA C 61 -10.33 34.17 28.34
CA ALA C 61 -11.21 33.71 27.27
C ALA C 61 -11.49 34.80 26.24
N THR C 62 -11.33 36.07 26.60
CA THR C 62 -11.58 37.18 25.69
C THR C 62 -10.32 37.98 25.35
N ASP C 63 -9.14 37.45 25.66
CA ASP C 63 -7.90 38.19 25.44
C ASP C 63 -7.63 38.48 23.97
N ALA C 64 -7.27 39.73 23.66
CA ALA C 64 -7.02 40.12 22.28
C ALA C 64 -5.85 39.35 21.67
N GLY C 65 -4.75 39.19 22.43
CA GLY C 65 -3.65 38.39 21.94
C GLY C 65 -4.07 36.98 21.57
N TYR C 66 -4.87 36.35 22.44
CA TYR C 66 -5.41 35.03 22.12
C TYR C 66 -6.24 35.08 20.84
N GLY C 67 -7.01 36.15 20.64
CA GLY C 67 -7.80 36.25 19.42
C GLY C 67 -6.93 36.25 18.18
N LYS C 68 -5.78 36.92 18.24
CA LYS C 68 -4.88 36.95 17.09
C LYS C 68 -4.29 35.57 16.82
N LEU C 69 -3.90 34.85 17.88
CA LEU C 69 -3.45 33.47 17.71
C LEU C 69 -4.51 32.63 17.01
N LEU C 70 -5.80 32.85 17.34
CA LEU C 70 -6.88 32.13 16.66
C LEU C 70 -6.98 32.54 15.19
N ASP C 71 -6.88 33.84 14.90
CA ASP C 71 -6.92 34.30 13.50
C ASP C 71 -5.77 33.71 12.71
N ALA C 72 -4.56 33.73 13.27
CA ALA C 72 -3.42 33.11 12.61
C ALA C 72 -3.70 31.64 12.35
N ALA C 73 -4.10 30.89 13.38
CA ALA C 73 -4.30 29.45 13.22
C ALA C 73 -5.37 29.12 12.20
N SER C 74 -6.34 30.00 11.98
CA SER C 74 -7.40 29.67 11.04
C SER C 74 -6.90 29.69 9.60
N SER C 75 -5.86 30.48 9.32
CA SER C 75 -5.27 30.55 7.98
C SER C 75 -4.17 29.51 7.75
N ARG C 76 -3.83 28.71 8.76
CA ARG C 76 -2.80 27.69 8.57
C ARG C 76 -3.25 26.62 7.59
N SER C 77 -2.29 25.97 6.94
CA SER C 77 -2.60 24.96 5.95
C SER C 77 -2.18 23.56 6.38
N ASP C 78 -1.58 23.43 7.56
CA ASP C 78 -1.02 22.17 8.04
C ASP C 78 -1.83 21.53 9.15
N LEU C 79 -3.08 21.95 9.33
CA LEU C 79 -3.87 21.43 10.43
C LEU C 79 -4.65 20.20 9.98
N SER C 80 -4.67 19.20 10.86
CA SER C 80 -5.50 18.02 10.65
C SER C 80 -6.98 18.41 10.74
N PRO C 81 -7.88 17.57 10.21
CA PRO C 81 -9.32 17.88 10.35
C PRO C 81 -9.73 18.11 11.80
N GLU C 82 -9.15 17.34 12.73
CA GLU C 82 -9.47 17.50 14.14
C GLU C 82 -8.94 18.83 14.66
N GLN C 83 -7.70 19.20 14.28
CA GLN C 83 -7.14 20.47 14.72
C GLN C 83 -7.89 21.66 14.12
N ALA C 84 -8.28 21.57 12.85
CA ALA C 84 -9.05 22.66 12.26
C ALA C 84 -10.37 22.85 13.00
N ARG C 85 -11.05 21.76 13.31
CA ARG C 85 -12.29 21.84 14.08
C ARG C 85 -12.02 22.41 15.46
N MET C 86 -10.90 22.04 16.06
CA MET C 86 -10.46 22.60 17.34
C MET C 86 -10.34 24.12 17.26
N VAL C 87 -9.70 24.63 16.20
CA VAL C 87 -9.58 26.08 16.00
C VAL C 87 -10.96 26.69 15.74
N GLN C 88 -11.78 25.99 14.97
CA GLN C 88 -13.13 26.49 14.69
C GLN C 88 -13.94 26.64 15.96
N VAL C 89 -13.95 25.61 16.81
CA VAL C 89 -14.70 25.68 18.07
C VAL C 89 -14.15 26.78 18.96
N ALA C 90 -12.82 26.90 19.04
CA ALA C 90 -12.23 27.97 19.83
C ALA C 90 -12.70 29.33 19.35
N ARG C 91 -12.78 29.53 18.04
CA ARG C 91 -13.22 30.82 17.51
C ARG C 91 -14.71 31.05 17.76
N GLN C 92 -15.51 29.99 17.73
CA GLN C 92 -16.92 30.13 18.10
C GLN C 92 -17.08 30.51 19.56
N ASP C 93 -16.31 29.87 20.46
CA ASP C 93 -16.36 30.27 21.87
C ASP C 93 -15.86 31.70 22.06
N PHE C 94 -14.79 32.08 21.37
CA PHE C 94 -14.28 33.44 21.48
C PHE C 94 -15.31 34.44 20.97
N GLU C 95 -16.00 34.10 19.88
CA GLU C 95 -17.04 34.97 19.36
C GLU C 95 -18.12 35.22 20.39
N LYS C 96 -18.63 34.15 21.02
CA LYS C 96 -19.67 34.31 22.02
C LYS C 96 -19.16 35.06 23.25
N ALA C 97 -17.92 34.80 23.66
CA ALA C 97 -17.41 35.42 24.88
C ALA C 97 -17.20 36.91 24.72
N THR C 98 -16.82 37.38 23.52
CA THR C 98 -16.60 38.80 23.32
C THR C 98 -17.84 39.53 22.84
N ARG C 99 -18.89 38.81 22.42
CA ARG C 99 -20.09 39.48 21.95
C ARG C 99 -20.73 40.29 23.08
N ILE C 100 -20.70 39.76 24.30
CA ILE C 100 -21.38 40.37 25.44
C ILE C 100 -20.38 41.28 26.15
N PRO C 101 -20.68 42.56 26.33
CA PRO C 101 -19.73 43.45 27.02
C PRO C 101 -19.40 42.89 28.40
N ALA C 102 -18.13 42.99 28.78
CA ALA C 102 -17.71 42.43 30.06
C ALA C 102 -18.51 43.02 31.23
N GLU C 103 -18.84 44.31 31.15
CA GLU C 103 -19.59 44.96 32.24
C GLU C 103 -20.94 44.27 32.45
N PHE C 104 -21.63 43.94 31.36
CA PHE C 104 -22.89 43.22 31.46
C PHE C 104 -22.71 41.81 32.00
N VAL C 105 -21.65 41.12 31.60
CA VAL C 105 -21.41 39.78 32.13
C VAL C 105 -21.33 39.83 33.65
N ARG C 106 -20.64 40.83 34.20
CA ARG C 106 -20.53 40.95 35.65
C ARG C 106 -21.86 41.32 36.30
N GLU C 107 -22.61 42.27 35.70
CA GLU C 107 -23.89 42.64 36.30
C GLU C 107 -24.83 41.45 36.37
N PHE C 108 -24.98 40.74 35.25
CA PHE C 108 -25.84 39.55 35.22
C PHE C 108 -25.33 38.52 36.22
N SER C 109 -24.02 38.29 36.23
CA SER C 109 -23.44 37.31 37.13
C SER C 109 -23.69 37.69 38.59
N GLY C 110 -23.57 38.98 38.92
CA GLY C 110 -23.81 39.39 40.28
C GLY C 110 -25.28 39.29 40.64
N HIS C 111 -26.17 39.57 39.68
CA HIS C 111 -27.59 39.54 39.99
C HIS C 111 -28.07 38.12 40.26
N VAL C 112 -27.75 37.17 39.39
CA VAL C 112 -28.20 35.81 39.65
C VAL C 112 -27.59 35.31 40.95
N GLY C 113 -26.43 35.84 41.34
CA GLY C 113 -25.84 35.48 42.62
C GLY C 113 -26.70 35.93 43.79
N GLN C 114 -27.14 37.18 43.79
CA GLN C 114 -28.04 37.64 44.84
C GLN C 114 -29.39 36.95 44.74
N SER C 115 -29.88 36.73 43.52
CA SER C 115 -31.12 35.98 43.32
C SER C 115 -31.01 34.60 43.95
N TYR C 116 -29.92 33.89 43.67
CA TYR C 116 -29.74 32.56 44.23
C TYR C 116 -29.81 32.59 45.74
N SER C 117 -29.07 33.51 46.36
CA SER C 117 -29.04 33.58 47.82
C SER C 117 -30.42 33.84 48.38
N ALA C 118 -31.15 34.80 47.81
CA ALA C 118 -32.51 35.05 48.29
C ALA C 118 -33.39 33.82 48.13
N TRP C 119 -33.16 33.04 47.07
CA TRP C 119 -33.98 31.86 46.83
C TRP C 119 -33.76 30.79 47.89
N THR C 120 -32.51 30.56 48.31
CA THR C 120 -32.25 29.55 49.34
C THR C 120 -33.02 29.82 50.61
N GLU C 121 -33.46 31.06 50.82
CA GLU C 121 -34.29 31.42 51.97
C GLU C 121 -35.77 31.52 51.61
N ALA C 122 -36.08 32.04 50.42
CA ALA C 122 -37.47 32.29 50.05
C ALA C 122 -38.23 31.00 49.76
N ARG C 123 -37.56 29.97 49.22
CA ARG C 123 -38.28 28.73 48.94
C ARG C 123 -38.79 28.06 50.21
N PRO C 124 -37.94 27.65 51.17
CA PRO C 124 -38.46 27.05 52.40
C PRO C 124 -39.47 27.93 53.12
N ALA C 125 -39.40 29.24 52.89
CA ALA C 125 -40.31 30.20 53.51
C ALA C 125 -41.56 30.46 52.68
N ASN C 126 -41.71 29.79 51.54
CA ASN C 126 -42.87 29.97 50.67
C ASN C 126 -43.10 31.44 50.35
N ASP C 127 -42.02 32.14 50.02
CA ASP C 127 -42.05 33.59 49.84
C ASP C 127 -41.77 33.94 48.38
N PHE C 128 -42.74 33.65 47.52
CA PHE C 128 -42.55 33.94 46.10
C PHE C 128 -42.57 35.44 45.82
N GLY C 129 -43.41 36.18 46.54
CA GLY C 129 -43.48 37.62 46.32
C GLY C 129 -42.13 38.29 46.48
N ARG C 130 -41.28 37.75 47.35
CA ARG C 130 -39.95 38.31 47.52
C ARG C 130 -39.08 38.07 46.29
N MET C 131 -39.29 36.95 45.60
CA MET C 131 -38.50 36.62 44.42
C MET C 131 -38.98 37.34 43.17
N VAL C 132 -40.20 37.85 43.17
CA VAL C 132 -40.74 38.50 41.97
C VAL C 132 -39.81 39.58 41.44
N PRO C 133 -39.35 40.55 42.23
CA PRO C 133 -38.40 41.53 41.68
C PRO C 133 -37.14 40.87 41.14
N TYR C 134 -36.60 39.87 41.84
CA TYR C 134 -35.42 39.18 41.35
C TYR C 134 -35.68 38.53 39.99
N LEU C 135 -36.82 37.86 39.82
CA LEU C 135 -37.14 37.26 38.53
C LEU C 135 -37.41 38.31 37.47
N GLU C 136 -38.00 39.44 37.86
CA GLU C 136 -38.27 40.50 36.88
C GLU C 136 -36.98 41.02 36.27
N LYS C 137 -35.98 41.29 37.09
CA LYS C 137 -34.70 41.71 36.56
C LYS C 137 -34.03 40.60 35.75
N THR C 138 -34.12 39.35 36.23
CA THR C 138 -33.55 38.22 35.48
C THR C 138 -34.17 38.07 34.11
N LEU C 139 -35.50 38.25 33.99
CA LEU C 139 -36.10 38.18 32.67
C LEU C 139 -35.59 39.31 31.77
N ASP C 140 -35.46 40.51 32.33
CA ASP C 140 -34.96 41.65 31.57
C ASP C 140 -33.51 41.43 31.12
N LEU C 141 -32.65 40.99 32.03
CA LEU C 141 -31.26 40.71 31.66
C LEU C 141 -31.17 39.54 30.69
N SER C 142 -32.04 38.53 30.84
CA SER C 142 -32.03 37.43 29.89
C SER C 142 -32.37 37.91 28.49
N LEU C 143 -33.38 38.78 28.37
CA LEU C 143 -33.71 39.36 27.07
C LEU C 143 -32.58 40.27 26.57
N GLN C 144 -31.95 41.02 27.47
CA GLN C 144 -30.84 41.86 27.07
C GLN C 144 -29.68 41.02 26.56
N ALA C 145 -29.39 39.90 27.21
CA ALA C 145 -28.29 39.05 26.76
C ALA C 145 -28.53 38.53 25.35
N ALA C 146 -29.74 38.05 25.08
CA ALA C 146 -30.07 37.52 23.74
C ALA C 146 -30.02 38.61 22.68
N SER C 147 -30.26 39.87 23.06
CA SER C 147 -30.26 40.95 22.08
C SER C 147 -28.86 41.22 21.52
N TYR C 148 -27.79 40.82 22.23
CA TYR C 148 -26.45 40.91 21.65
C TYR C 148 -26.23 39.89 20.55
N PHE C 149 -27.17 38.98 20.34
CA PHE C 149 -27.11 37.97 19.29
C PHE C 149 -28.38 38.12 18.47
N PRO C 150 -28.54 39.25 17.76
CA PRO C 150 -29.77 39.47 16.99
C PRO C 150 -29.99 38.49 15.86
N GLU C 151 -28.97 37.69 15.49
CA GLU C 151 -29.18 36.65 14.48
C GLU C 151 -30.24 35.64 14.87
N PHE C 152 -30.65 35.62 16.14
CA PHE C 152 -31.79 34.82 16.57
C PHE C 152 -32.95 35.79 16.73
N GLY C 153 -33.82 35.83 15.73
CA GLY C 153 -34.97 36.71 15.81
C GLY C 153 -35.77 36.48 17.07
N ASP C 154 -35.96 35.22 17.43
CA ASP C 154 -36.62 34.86 18.68
C ASP C 154 -35.56 34.71 19.77
N PRO C 155 -35.59 35.52 20.83
CA PRO C 155 -34.59 35.35 21.89
C PRO C 155 -34.60 33.96 22.51
N LEU C 156 -35.74 33.27 22.50
CA LEU C 156 -35.78 31.91 23.02
C LEU C 156 -34.90 30.96 22.20
N ASP C 157 -34.84 31.15 20.88
CA ASP C 157 -33.97 30.30 20.06
C ASP C 157 -32.51 30.49 20.43
N TYR C 158 -32.14 31.70 20.88
CA TYR C 158 -30.78 31.90 21.36
C TYR C 158 -30.48 30.99 22.55
N TYR C 159 -31.40 30.91 23.52
CA TYR C 159 -31.12 30.07 24.69
C TYR C 159 -31.24 28.59 24.35
N ILE C 160 -32.23 28.20 23.56
CA ILE C 160 -32.30 26.80 23.12
C ILE C 160 -31.00 26.39 22.45
N ASN C 161 -30.45 27.26 21.60
CA ASN C 161 -29.22 26.93 20.86
C ASN C 161 -27.99 26.88 21.77
N GLU C 162 -27.95 27.74 22.80
CA GLU C 162 -26.86 27.67 23.78
C GLU C 162 -26.83 26.31 24.48
N SER C 163 -28.00 25.75 24.74
CA SER C 163 -28.10 24.43 25.38
C SER C 163 -27.74 23.32 24.40
N ASP C 164 -28.33 23.35 23.21
CA ASP C 164 -28.13 22.29 22.21
C ASP C 164 -27.89 22.96 20.85
N GLU C 165 -26.63 23.11 20.45
CA GLU C 165 -26.33 23.79 19.21
C GLU C 165 -27.11 23.16 18.06
N GLY C 166 -27.84 24.00 17.31
CA GLY C 166 -28.66 23.55 16.20
C GLY C 166 -30.11 23.32 16.55
N MET C 167 -30.46 23.25 17.82
CA MET C 167 -31.85 23.06 18.21
C MET C 167 -32.62 24.37 18.11
N THR C 168 -33.90 24.27 17.74
CA THR C 168 -34.77 25.43 17.62
C THR C 168 -36.04 25.19 18.43
N ALA C 169 -36.74 26.28 18.71
CA ALA C 169 -37.99 26.19 19.47
C ALA C 169 -39.04 25.40 18.71
N GLU C 170 -39.18 25.65 17.40
CA GLU C 170 -40.13 24.89 16.60
C GLU C 170 -39.81 23.41 16.65
N GLN C 171 -38.53 23.06 16.55
CA GLN C 171 -38.13 21.65 16.64
C GLN C 171 -38.41 21.10 18.06
N VAL C 172 -38.15 21.89 19.10
CA VAL C 172 -38.48 21.45 20.46
C VAL C 172 -39.99 21.28 20.63
N GLY C 173 -40.76 22.25 20.13
CA GLY C 173 -42.22 22.16 20.26
C GLY C 173 -42.77 20.92 19.58
N GLN C 174 -42.20 20.54 18.44
CA GLN C 174 -42.69 19.36 17.73
C GLN C 174 -42.39 18.08 18.52
N VAL C 175 -41.20 17.97 19.08
CA VAL C 175 -40.88 16.81 19.91
C VAL C 175 -41.82 16.71 21.10
N PHE C 176 -42.10 17.86 21.74
CA PHE C 176 -42.98 17.86 22.90
C PHE C 176 -44.38 17.36 22.53
N ALA C 177 -44.93 17.83 21.42
CA ALA C 177 -46.27 17.38 21.00
C ALA C 177 -46.29 15.86 20.86
N GLU C 178 -45.28 15.32 20.20
CA GLU C 178 -45.20 13.88 20.00
C GLU C 178 -45.09 13.15 21.33
N LEU C 179 -44.25 13.64 22.25
CA LEU C 179 -44.11 12.99 23.54
C LEU C 179 -45.41 13.10 24.34
N ARG C 180 -46.03 14.28 24.34
CA ARG C 180 -47.28 14.46 25.05
C ARG C 180 -48.34 13.51 24.50
N ALA C 181 -48.48 13.44 23.18
CA ALA C 181 -49.53 12.62 22.59
C ALA C 181 -49.38 11.15 22.96
N ALA C 182 -48.15 10.67 23.11
CA ALA C 182 -47.91 9.26 23.41
C ALA C 182 -47.88 8.96 24.90
N LEU C 183 -47.25 9.83 25.70
CA LEU C 183 -46.97 9.46 27.09
C LEU C 183 -48.14 9.72 28.03
N VAL C 184 -48.94 10.75 27.77
CA VAL C 184 -50.08 11.03 28.65
C VAL C 184 -51.01 9.82 28.72
N PRO C 185 -51.50 9.31 27.59
CA PRO C 185 -52.37 8.11 27.68
C PRO C 185 -51.67 6.91 28.27
N LEU C 186 -50.40 6.69 27.92
CA LEU C 186 -49.67 5.55 28.47
C LEU C 186 -49.50 5.68 29.98
N ALA C 187 -49.24 6.90 30.46
CA ALA C 187 -49.11 7.12 31.89
C ALA C 187 -50.45 6.96 32.60
N ASP C 188 -51.50 7.55 32.04
CA ASP C 188 -52.81 7.40 32.65
C ASP C 188 -53.20 5.92 32.74
N ALA C 189 -52.93 5.16 31.67
CA ALA C 189 -53.26 3.73 31.69
C ALA C 189 -52.43 3.00 32.73
N VAL C 190 -51.17 3.38 32.90
CA VAL C 190 -50.34 2.75 33.92
C VAL C 190 -50.85 3.11 35.31
N ILE C 191 -51.21 4.38 35.51
CA ILE C 191 -51.72 4.81 36.81
C ILE C 191 -53.05 4.14 37.11
N ALA C 192 -53.86 3.91 36.08
CA ALA C 192 -55.16 3.29 36.30
C ALA C 192 -55.07 1.80 36.54
N ALA C 193 -54.00 1.16 36.07
CA ALA C 193 -53.81 -0.27 36.28
C ALA C 193 -53.44 -0.59 37.73
N GLY C 194 -52.73 0.30 38.40
CA GLY C 194 -52.34 0.04 39.77
C GLY C 194 -50.86 -0.27 39.87
N ALA C 195 -50.29 0.00 41.03
CA ALA C 195 -48.85 -0.05 41.15
C ALA C 195 -48.38 -1.37 41.74
N PRO C 196 -47.15 -1.76 41.44
CA PRO C 196 -46.58 -2.96 42.07
C PRO C 196 -46.30 -2.72 43.55
N ARG C 197 -45.94 -3.81 44.23
CA ARG C 197 -45.56 -3.69 45.64
C ARG C 197 -44.28 -2.87 45.77
N THR C 198 -44.27 -1.98 46.76
CA THR C 198 -43.11 -1.13 47.02
C THR C 198 -42.74 -1.01 48.49
N ASP C 199 -43.57 -1.50 49.42
CA ASP C 199 -43.36 -1.20 50.83
C ASP C 199 -42.03 -1.72 51.34
N PHE C 200 -41.47 -2.75 50.71
CA PHE C 200 -40.20 -3.27 51.21
C PHE C 200 -39.08 -2.25 51.05
N LEU C 201 -39.23 -1.30 50.12
CA LEU C 201 -38.23 -0.25 49.96
C LEU C 201 -38.18 0.70 51.15
N GLY C 202 -39.16 0.66 52.04
CA GLY C 202 -39.19 1.53 53.19
C GLY C 202 -38.70 0.91 54.48
N ARG C 203 -38.05 -0.25 54.43
CA ARG C 203 -37.71 -1.00 55.64
C ARG C 203 -36.44 -0.53 56.31
N GLY C 204 -35.73 0.45 55.73
CA GLY C 204 -34.49 0.97 56.33
C GLY C 204 -33.25 0.36 55.70
N PHE C 205 -32.52 1.15 54.90
CA PHE C 205 -31.31 0.70 54.22
C PHE C 205 -30.15 1.58 54.68
N ALA C 206 -29.20 0.99 55.38
CA ALA C 206 -28.11 1.76 55.96
C ALA C 206 -27.36 2.53 54.87
N GLN C 207 -27.03 3.78 55.20
CA GLN C 207 -26.40 4.66 54.21
C GLN C 207 -25.12 4.06 53.66
N GLU C 208 -24.21 3.65 54.55
CA GLU C 208 -22.92 3.10 54.12
C GLU C 208 -23.10 1.96 53.13
N ARG C 209 -24.06 1.08 53.40
CA ARG C 209 -24.30 -0.05 52.50
C ARG C 209 -24.82 0.41 51.15
N GLN C 210 -25.68 1.45 51.15
CA GLN C 210 -26.17 1.96 49.87
C GLN C 210 -25.02 2.46 49.02
N LEU C 211 -24.12 3.25 49.62
CA LEU C 211 -23.02 3.82 48.87
C LEU C 211 -22.08 2.74 48.37
N ALA C 212 -21.77 1.76 49.21
CA ALA C 212 -20.86 0.69 48.79
C ALA C 212 -21.44 -0.07 47.61
N PHE C 213 -22.73 -0.41 47.66
CA PHE C 213 -23.35 -1.10 46.54
C PHE C 213 -23.30 -0.26 45.29
N GLY C 214 -23.66 1.03 45.39
CA GLY C 214 -23.67 1.88 44.22
C GLY C 214 -22.32 2.02 43.56
N GLU C 215 -21.26 2.11 44.37
CA GLU C 215 -19.93 2.29 43.78
C GLU C 215 -19.48 1.03 43.06
N ARG C 216 -19.94 -0.14 43.53
CA ARG C 216 -19.61 -1.39 42.86
C ARG C 216 -20.24 -1.46 41.47
N VAL C 217 -21.51 -1.01 41.35
CA VAL C 217 -22.20 -1.06 40.06
C VAL C 217 -21.51 -0.17 39.04
N ILE C 218 -21.26 1.10 39.41
CA ILE C 218 -20.71 2.02 38.43
C ILE C 218 -19.25 1.70 38.10
N ARG C 219 -18.54 1.00 38.99
CA ARG C 219 -17.25 0.47 38.60
C ARG C 219 -17.42 -0.64 37.56
N ASP C 220 -18.37 -1.54 37.78
CA ASP C 220 -18.71 -2.52 36.75
C ASP C 220 -19.12 -1.82 35.46
N TYR C 221 -19.89 -0.72 35.58
CA TYR C 221 -20.27 0.05 34.40
C TYR C 221 -19.04 0.45 33.60
N GLY C 222 -17.96 0.83 34.28
CA GLY C 222 -16.78 1.28 33.61
C GLY C 222 -16.29 2.61 34.16
N TYR C 223 -16.93 3.08 35.24
CA TYR C 223 -16.48 4.32 35.87
C TYR C 223 -15.10 4.10 36.48
N ASP C 224 -14.18 5.03 36.19
CA ASP C 224 -12.78 4.89 36.56
C ASP C 224 -12.50 5.70 37.81
N PHE C 225 -12.34 5.01 38.95
CA PHE C 225 -12.05 5.67 40.21
C PHE C 225 -10.62 6.20 40.29
N ARG C 226 -9.75 5.87 39.34
CA ARG C 226 -8.48 6.58 39.27
C ARG C 226 -8.63 7.97 38.67
N ARG C 227 -9.79 8.26 38.08
CA ARG C 227 -10.03 9.51 37.37
C ARG C 227 -11.30 10.19 37.87
N GLY C 228 -11.64 9.99 39.13
CA GLY C 228 -12.85 10.55 39.69
C GLY C 228 -13.10 9.98 41.08
N ARG C 229 -14.25 10.36 41.64
CA ARG C 229 -14.68 9.87 42.95
C ARG C 229 -16.12 10.34 43.18
N GLN C 230 -16.73 9.84 44.26
CA GLN C 230 -18.10 10.19 44.62
C GLN C 230 -18.15 10.68 46.06
N ASP C 231 -19.01 11.66 46.32
CA ASP C 231 -19.20 12.18 47.67
C ASP C 231 -20.68 12.51 47.86
N LEU C 232 -21.03 12.90 49.09
CA LEU C 232 -22.41 13.23 49.44
C LEU C 232 -22.62 14.72 49.33
N THR C 233 -23.76 15.09 48.76
CA THR C 233 -24.16 16.49 48.59
C THR C 233 -25.67 16.56 48.77
N HIS C 234 -26.20 17.80 48.76
CA HIS C 234 -27.66 17.94 48.80
C HIS C 234 -28.30 17.57 47.47
N HIS C 235 -27.69 17.98 46.36
CA HIS C 235 -28.22 17.72 45.03
C HIS C 235 -27.18 17.01 44.18
N PRO C 236 -27.46 15.80 43.71
CA PRO C 236 -26.48 15.09 42.88
C PRO C 236 -26.08 15.90 41.65
N PHE C 237 -24.80 15.83 41.30
CA PHE C 237 -24.30 16.51 40.12
C PHE C 237 -23.01 15.83 39.70
N MET C 238 -22.54 16.21 38.51
CA MET C 238 -21.26 15.79 37.97
C MET C 238 -20.47 17.03 37.60
N THR C 239 -19.17 17.02 37.86
CA THR C 239 -18.34 18.17 37.52
C THR C 239 -16.93 17.71 37.20
N ARG C 240 -16.28 18.38 36.25
CA ARG C 240 -14.93 18.02 35.84
C ARG C 240 -13.93 19.01 36.44
N LEU C 241 -13.07 18.50 37.32
CA LEU C 241 -12.01 19.28 37.95
C LEU C 241 -10.68 19.15 37.23
N GLY C 242 -10.60 18.34 36.19
CA GLY C 242 -9.37 18.16 35.45
C GLY C 242 -9.54 17.13 34.35
N GLY C 243 -8.50 17.01 33.52
CA GLY C 243 -8.54 16.04 32.44
C GLY C 243 -8.74 14.61 32.92
N HIS C 244 -8.36 14.32 34.16
CA HIS C 244 -8.46 12.98 34.74
C HIS C 244 -9.13 13.05 36.10
N ASP C 245 -10.13 13.95 36.24
CA ASP C 245 -10.78 14.22 37.52
C ASP C 245 -12.23 14.59 37.23
N VAL C 246 -13.07 13.58 37.10
CA VAL C 246 -14.49 13.77 36.83
C VAL C 246 -15.25 13.19 38.03
N ARG C 247 -15.70 14.08 38.93
CA ARG C 247 -16.26 13.69 40.21
C ARG C 247 -17.78 13.73 40.18
N ILE C 248 -18.40 12.88 41.00
CA ILE C 248 -19.84 12.78 41.10
C ILE C 248 -20.27 12.82 42.56
N THR C 249 -21.53 13.23 42.78
CA THR C 249 -22.12 13.27 44.10
C THR C 249 -23.50 12.65 44.03
N THR C 250 -23.96 12.13 45.17
CA THR C 250 -25.27 11.51 45.28
C THR C 250 -25.87 11.91 46.61
N ARG C 251 -27.14 11.54 46.82
CA ARG C 251 -27.83 11.84 48.07
C ARG C 251 -28.52 10.56 48.52
N VAL C 252 -28.39 10.24 49.80
CA VAL C 252 -28.85 8.97 50.34
C VAL C 252 -30.06 9.22 51.23
N LYS C 253 -31.11 8.43 51.01
CA LYS C 253 -32.26 8.38 51.90
C LYS C 253 -32.38 6.96 52.45
N GLU C 254 -32.12 6.79 53.74
CA GLU C 254 -32.28 5.47 54.34
C GLU C 254 -33.71 5.00 54.27
N GLN C 255 -34.67 5.93 54.14
CA GLN C 255 -36.08 5.56 54.00
C GLN C 255 -36.45 5.18 52.57
N ASP C 256 -35.52 5.27 51.62
CA ASP C 256 -35.79 4.83 50.26
C ASP C 256 -34.49 4.66 49.48
N PRO C 257 -34.05 3.42 49.25
CA PRO C 257 -32.73 3.19 48.62
C PRO C 257 -32.70 3.47 47.12
N THR C 258 -33.86 3.62 46.47
CA THR C 258 -33.87 3.92 45.04
C THR C 258 -33.37 5.34 44.75
N ASP C 259 -33.34 6.22 45.74
CA ASP C 259 -32.87 7.59 45.50
C ASP C 259 -31.38 7.60 45.21
N ALA C 260 -30.57 7.17 46.19
CA ALA C 260 -29.12 7.20 46.02
C ALA C 260 -28.68 6.34 44.83
N LEU C 261 -29.24 5.13 44.71
CA LEU C 261 -28.80 4.24 43.65
C LEU C 261 -28.94 4.90 42.28
N TYR C 262 -30.11 5.42 41.96
CA TYR C 262 -30.34 5.90 40.61
C TYR C 262 -29.78 7.31 40.40
N SER C 263 -29.67 8.10 41.47
CA SER C 263 -28.89 9.32 41.37
C SER C 263 -27.44 9.01 41.02
N THR C 264 -26.84 8.02 41.70
CA THR C 264 -25.47 7.64 41.39
C THR C 264 -25.32 7.09 39.98
N LEU C 265 -26.24 6.22 39.55
CA LEU C 265 -26.16 5.70 38.19
C LEU C 265 -26.31 6.83 37.17
N HIS C 266 -27.18 7.80 37.48
CA HIS C 266 -27.37 8.94 36.58
C HIS C 266 -26.11 9.78 36.45
N GLU C 267 -25.57 10.25 37.58
CA GLU C 267 -24.36 11.07 37.53
C GLU C 267 -23.16 10.26 36.99
N ALA C 268 -23.11 8.97 37.31
CA ALA C 268 -22.09 8.11 36.71
C ALA C 268 -22.19 8.12 35.20
N GLY C 269 -23.42 8.13 34.67
CA GLY C 269 -23.59 8.23 33.23
C GLY C 269 -23.02 9.51 32.66
N HIS C 270 -23.36 10.66 33.27
CA HIS C 270 -22.71 11.91 32.89
C HIS C 270 -21.19 11.76 32.90
N ALA C 271 -20.65 11.15 33.97
CA ALA C 271 -19.21 11.10 34.13
C ALA C 271 -18.57 10.14 33.14
N LEU C 272 -19.23 9.05 32.79
CA LEU C 272 -18.68 8.13 31.80
C LEU C 272 -18.43 8.83 30.48
N TYR C 273 -19.38 9.66 30.03
CA TYR C 273 -19.20 10.48 28.85
C TYR C 273 -17.93 11.30 28.96
N GLU C 274 -17.80 12.10 30.02
CA GLU C 274 -16.62 12.93 30.16
C GLU C 274 -15.34 12.10 30.21
N GLN C 275 -15.38 10.97 30.92
CA GLN C 275 -14.20 10.13 31.04
C GLN C 275 -13.85 9.42 29.74
N GLY C 276 -14.79 9.33 28.80
CA GLY C 276 -14.53 8.71 27.51
C GLY C 276 -13.99 9.66 26.45
N VAL C 277 -13.94 10.96 26.74
CA VAL C 277 -13.42 11.91 25.78
C VAL C 277 -11.98 11.57 25.44
N ASP C 278 -11.64 11.61 24.15
CA ASP C 278 -10.32 11.25 23.69
C ASP C 278 -9.25 12.08 24.40
N ALA C 279 -8.19 11.40 24.86
CA ALA C 279 -7.11 12.11 25.54
C ALA C 279 -6.50 13.19 24.67
N ALA C 280 -6.53 13.02 23.34
CA ALA C 280 -5.99 14.05 22.46
C ALA C 280 -6.76 15.35 22.56
N PHE C 281 -7.98 15.32 23.09
CA PHE C 281 -8.79 16.52 23.20
C PHE C 281 -8.75 17.17 24.59
N LEU C 282 -8.26 16.46 25.60
CA LEU C 282 -8.22 17.04 26.94
C LEU C 282 -7.38 18.32 26.94
N GLY C 283 -7.87 19.33 27.64
CA GLY C 283 -7.19 20.62 27.68
C GLY C 283 -7.31 21.44 26.43
N THR C 284 -8.13 21.01 25.46
CA THR C 284 -8.41 21.75 24.23
C THR C 284 -9.89 22.10 24.17
N PRO C 285 -10.29 22.97 23.24
CA PRO C 285 -11.72 23.30 23.11
C PRO C 285 -12.62 22.13 22.73
N LEU C 286 -12.08 20.99 22.30
CA LEU C 286 -12.95 19.86 21.98
C LEU C 286 -13.12 18.90 23.16
N GLY C 287 -12.43 19.13 24.27
CA GLY C 287 -12.42 18.16 25.35
C GLY C 287 -13.57 18.22 26.34
N GLY C 288 -14.78 17.98 25.86
CA GLY C 288 -15.93 17.96 26.74
C GLY C 288 -17.16 17.49 25.99
N GLY C 289 -18.23 17.26 26.75
CA GLY C 289 -19.49 16.86 26.14
C GLY C 289 -20.02 17.94 25.21
N VAL C 290 -20.80 17.49 24.23
CA VAL C 290 -21.17 18.35 23.11
C VAL C 290 -22.41 19.20 23.37
N SER C 291 -23.31 18.75 24.24
CA SER C 291 -24.54 19.50 24.45
C SER C 291 -25.26 18.94 25.67
N ALA C 292 -26.25 19.71 26.15
CA ALA C 292 -27.03 19.26 27.29
C ALA C 292 -27.80 17.99 26.95
N GLY C 293 -28.41 17.96 25.77
CA GLY C 293 -29.22 16.81 25.39
C GLY C 293 -28.42 15.53 25.25
N VAL C 294 -27.25 15.61 24.59
CA VAL C 294 -26.42 14.42 24.47
C VAL C 294 -25.88 14.01 25.83
N HIS C 295 -25.48 14.98 26.65
CA HIS C 295 -24.99 14.66 27.99
C HIS C 295 -26.05 13.93 28.80
N GLU C 296 -27.25 14.49 28.88
CA GLU C 296 -28.35 13.86 29.61
C GLU C 296 -28.80 12.55 28.99
N SER C 297 -28.53 12.35 27.69
CA SER C 297 -28.82 11.06 27.08
C SER C 297 -27.95 9.97 27.67
N GLN C 298 -26.76 10.33 28.15
CA GLN C 298 -25.86 9.31 28.68
C GLN C 298 -26.17 9.00 30.14
N SER C 299 -26.50 10.02 30.93
CA SER C 299 -27.00 9.78 32.27
C SER C 299 -28.28 8.95 32.25
N ARG C 300 -29.22 9.27 31.34
CA ARG C 300 -30.47 8.53 31.30
C ARG C 300 -30.30 7.12 30.73
N LEU C 301 -29.35 6.92 29.82
CA LEU C 301 -29.12 5.59 29.28
C LEU C 301 -28.67 4.65 30.39
N TRP C 302 -27.65 5.06 31.15
CA TRP C 302 -27.12 4.20 32.20
C TRP C 302 -28.07 4.11 33.38
N GLU C 303 -28.86 5.15 33.64
CA GLU C 303 -29.79 5.15 34.77
C GLU C 303 -31.06 4.36 34.46
N ASN C 304 -31.72 4.71 33.35
CA ASN C 304 -33.01 4.13 32.99
C ASN C 304 -32.84 2.89 32.11
N LEU C 305 -32.28 3.08 30.91
CA LEU C 305 -32.23 1.98 29.93
C LEU C 305 -31.49 0.76 30.50
N VAL C 306 -30.37 0.98 31.17
CA VAL C 306 -29.60 -0.10 31.77
C VAL C 306 -30.06 -0.33 33.20
N GLY C 307 -29.96 0.73 34.02
CA GLY C 307 -30.09 0.56 35.46
C GLY C 307 -31.46 0.11 35.92
N ARG C 308 -32.50 0.41 35.15
CA ARG C 308 -33.86 0.05 35.51
C ARG C 308 -34.38 -1.14 34.71
N SER C 309 -33.51 -1.85 33.99
CA SER C 309 -33.95 -2.95 33.15
C SER C 309 -34.03 -4.25 33.97
N ARG C 310 -34.78 -5.21 33.41
CA ARG C 310 -34.88 -6.52 34.03
C ARG C 310 -33.52 -7.18 34.13
N ALA C 311 -32.67 -7.01 33.10
CA ALA C 311 -31.35 -7.62 33.12
C ALA C 311 -30.48 -7.07 34.23
N PHE C 312 -30.59 -5.78 34.52
CA PHE C 312 -29.81 -5.19 35.61
C PHE C 312 -30.09 -5.92 36.91
N TRP C 313 -31.36 -6.14 37.21
CA TRP C 313 -31.67 -6.77 38.48
C TRP C 313 -31.43 -8.27 38.46
N ALA C 314 -31.49 -8.90 37.29
CA ALA C 314 -31.00 -10.27 37.18
C ALA C 314 -29.53 -10.37 37.59
N ALA C 315 -28.75 -9.32 37.35
CA ALA C 315 -27.34 -9.36 37.68
C ALA C 315 -27.04 -8.94 39.11
N TYR C 316 -27.80 -8.01 39.68
CA TYR C 316 -27.42 -7.40 40.95
C TYR C 316 -28.36 -7.72 42.10
N PHE C 317 -29.50 -8.36 41.86
CA PHE C 317 -30.40 -8.66 42.97
C PHE C 317 -29.73 -9.54 44.02
N GLY C 318 -28.86 -10.45 43.60
CA GLY C 318 -28.19 -11.31 44.57
C GLY C 318 -27.38 -10.53 45.57
N ASP C 319 -26.47 -9.68 45.09
CA ASP C 319 -25.70 -8.81 45.97
C ASP C 319 -26.61 -7.84 46.73
N TRP C 320 -27.63 -7.32 46.06
CA TRP C 320 -28.60 -6.42 46.69
C TRP C 320 -29.27 -7.08 47.88
N ARG C 321 -29.76 -8.31 47.68
CA ARG C 321 -30.39 -9.07 48.76
C ARG C 321 -29.38 -9.43 49.85
N ASP C 322 -28.19 -9.89 49.46
CA ASP C 322 -27.16 -10.18 50.45
C ASP C 322 -26.83 -8.95 51.28
N THR C 323 -26.85 -7.77 50.66
CA THR C 323 -26.54 -6.55 51.40
C THR C 323 -27.66 -6.18 52.34
N PHE C 324 -28.91 -6.45 51.97
CA PHE C 324 -30.08 -6.10 52.76
C PHE C 324 -30.95 -7.34 52.96
N PRO C 325 -30.48 -8.31 53.75
CA PRO C 325 -31.18 -9.60 53.84
C PRO C 325 -32.59 -9.50 54.40
N GLU C 326 -32.74 -8.85 55.55
CA GLU C 326 -34.07 -8.72 56.13
C GLU C 326 -34.98 -7.87 55.25
N GLN C 327 -34.41 -6.83 54.63
CA GLN C 327 -35.22 -5.91 53.84
C GLN C 327 -35.82 -6.58 52.60
N LEU C 328 -35.10 -7.52 51.99
CA LEU C 328 -35.61 -8.18 50.80
C LEU C 328 -36.26 -9.53 51.12
N ALA C 329 -36.42 -9.87 52.39
CA ALA C 329 -37.09 -11.11 52.77
C ALA C 329 -38.54 -11.09 52.28
N GLY C 330 -38.93 -12.14 51.57
CA GLY C 330 -40.25 -12.19 50.99
C GLY C 330 -40.41 -11.34 49.75
N VAL C 331 -39.32 -10.88 49.16
CA VAL C 331 -39.32 -10.05 47.95
C VAL C 331 -38.54 -10.79 46.88
N THR C 332 -39.12 -10.89 45.68
CA THR C 332 -38.43 -11.56 44.59
C THR C 332 -37.60 -10.57 43.79
N GLU C 333 -36.70 -11.14 42.98
CA GLU C 333 -35.96 -10.33 42.01
C GLU C 333 -36.90 -9.60 41.06
N GLU C 334 -37.95 -10.28 40.60
CA GLU C 334 -38.91 -9.64 39.70
C GLU C 334 -39.62 -8.49 40.38
N GLU C 335 -39.91 -8.62 41.68
CA GLU C 335 -40.61 -7.56 42.38
C GLU C 335 -39.72 -6.33 42.55
N MET C 336 -38.42 -6.53 42.73
CA MET C 336 -37.51 -5.39 42.83
C MET C 336 -37.44 -4.65 41.50
N TYR C 337 -37.47 -5.38 40.39
CA TYR C 337 -37.50 -4.76 39.07
C TYR C 337 -38.77 -3.94 38.85
N ARG C 338 -39.91 -4.39 39.40
CA ARG C 338 -41.16 -3.68 39.14
C ARG C 338 -41.30 -2.46 40.03
N ALA C 339 -40.84 -2.57 41.28
CA ALA C 339 -40.92 -1.46 42.23
C ALA C 339 -40.05 -0.28 41.80
N VAL C 340 -39.05 -0.52 40.94
CA VAL C 340 -38.17 0.53 40.45
C VAL C 340 -38.74 1.24 39.23
N ASN C 341 -39.88 0.78 38.70
CA ASN C 341 -40.47 1.34 37.49
C ASN C 341 -41.92 1.73 37.73
N THR C 342 -42.20 2.30 38.90
CA THR C 342 -43.53 2.80 39.18
C THR C 342 -43.76 4.15 38.50
N VAL C 343 -45.03 4.54 38.38
CA VAL C 343 -45.45 5.75 37.71
C VAL C 343 -46.55 6.42 38.55
N SER C 344 -46.53 7.75 38.57
CA SER C 344 -47.61 8.48 39.23
C SER C 344 -47.49 9.97 38.87
N ARG C 345 -48.63 10.66 38.91
CA ARG C 345 -48.63 12.11 38.79
C ARG C 345 -48.07 12.71 40.07
N SER C 346 -46.94 13.41 39.98
CA SER C 346 -46.25 13.92 41.14
C SER C 346 -45.82 15.36 40.89
N LEU C 347 -45.27 16.00 41.92
CA LEU C 347 -44.98 17.43 41.86
C LEU C 347 -43.54 17.76 41.53
N ILE C 348 -42.58 16.92 41.94
CA ILE C 348 -41.14 17.24 41.84
C ILE C 348 -40.56 16.67 40.57
N ARG C 349 -40.04 17.54 39.70
CA ARG C 349 -39.52 17.10 38.40
C ARG C 349 -38.39 16.08 38.55
N THR C 350 -37.40 16.35 39.41
CA THR C 350 -36.22 15.49 39.44
C THR C 350 -36.55 14.07 39.90
N ASP C 351 -37.64 13.88 40.64
CA ASP C 351 -38.03 12.57 41.11
C ASP C 351 -39.10 11.89 40.24
N ALA C 352 -39.51 12.52 39.13
CA ALA C 352 -40.63 12.05 38.35
C ALA C 352 -40.25 10.80 37.54
N ASP C 353 -41.23 9.92 37.35
CA ASP C 353 -41.00 8.64 36.70
C ASP C 353 -40.73 8.81 35.20
N GLU C 354 -40.40 7.68 34.56
CA GLU C 354 -40.04 7.70 33.15
C GLU C 354 -41.17 8.21 32.28
N LEU C 355 -42.42 8.04 32.72
CA LEU C 355 -43.56 8.36 31.88
C LEU C 355 -44.08 9.78 32.07
N THR C 356 -44.06 10.30 33.29
CA THR C 356 -44.58 11.64 33.52
C THR C 356 -43.50 12.72 33.52
N TYR C 357 -42.22 12.34 33.46
CA TYR C 357 -41.15 13.32 33.66
C TYR C 357 -41.23 14.47 32.68
N ASN C 358 -41.40 14.18 31.38
CA ASN C 358 -41.32 15.23 30.36
C ASN C 358 -42.43 16.26 30.50
N LEU C 359 -43.54 15.91 31.15
CA LEU C 359 -44.60 16.89 31.37
C LEU C 359 -44.13 18.02 32.26
N HIS C 360 -43.16 17.76 33.15
CA HIS C 360 -42.59 18.85 33.93
C HIS C 360 -41.77 19.79 33.05
N VAL C 361 -40.96 19.23 32.15
CA VAL C 361 -40.14 20.04 31.25
C VAL C 361 -41.03 20.87 30.34
N ILE C 362 -42.07 20.25 29.78
CA ILE C 362 -42.98 20.98 28.91
C ILE C 362 -43.57 22.18 29.62
N THR C 363 -44.03 21.98 30.86
CA THR C 363 -44.58 23.08 31.65
C THR C 363 -43.61 24.24 31.72
N ARG C 364 -42.37 23.97 32.14
CA ARG C 364 -41.39 25.03 32.31
C ARG C 364 -41.07 25.70 30.98
N PHE C 365 -40.88 24.88 29.93
CA PHE C 365 -40.56 25.43 28.62
C PHE C 365 -41.65 26.38 28.15
N GLU C 366 -42.91 25.99 28.28
CA GLU C 366 -43.99 26.84 27.79
C GLU C 366 -44.12 28.12 28.62
N LEU C 367 -43.79 28.07 29.91
CA LEU C 367 -43.77 29.29 30.72
C LEU C 367 -42.63 30.21 30.31
N GLU C 368 -41.46 29.63 29.98
CA GLU C 368 -40.37 30.43 29.44
C GLU C 368 -40.81 31.10 28.14
N ARG C 369 -41.45 30.34 27.25
CA ARG C 369 -41.92 30.89 26.00
C ARG C 369 -42.82 32.11 26.24
N GLU C 370 -43.81 31.95 27.12
CA GLU C 370 -44.74 33.05 27.40
C GLU C 370 -44.05 34.23 28.06
N MET C 371 -43.07 33.98 28.94
CA MET C 371 -42.39 35.09 29.59
C MET C 371 -41.52 35.85 28.58
N LEU C 372 -40.77 35.11 27.76
CA LEU C 372 -39.87 35.76 26.80
C LEU C 372 -40.65 36.50 25.72
N ALA C 373 -41.81 35.97 25.31
CA ALA C 373 -42.64 36.65 24.33
C ALA C 373 -43.44 37.81 24.92
N GLY C 374 -43.30 38.08 26.22
CA GLY C 374 -44.04 39.16 26.83
C GLY C 374 -45.50 38.88 27.09
N LYS C 375 -45.96 37.66 26.88
CA LYS C 375 -47.35 37.31 27.13
C LYS C 375 -47.63 36.90 28.57
N LEU C 376 -46.62 36.48 29.32
CA LEU C 376 -46.78 36.10 30.72
C LEU C 376 -45.88 36.98 31.57
N ALA C 377 -46.50 37.77 32.44
CA ALA C 377 -45.77 38.64 33.35
C ALA C 377 -45.17 37.82 34.48
N VAL C 378 -43.98 38.22 34.93
CA VAL C 378 -43.28 37.46 35.97
C VAL C 378 -44.11 37.42 37.25
N ARG C 379 -44.79 38.51 37.57
CA ARG C 379 -45.56 38.56 38.81
C ARG C 379 -46.72 37.57 38.79
N ASP C 380 -47.13 37.08 37.63
CA ASP C 380 -48.18 36.08 37.54
C ASP C 380 -47.63 34.66 37.42
N LEU C 381 -46.32 34.48 37.54
CA LEU C 381 -45.73 33.18 37.26
C LEU C 381 -46.24 32.11 38.21
N ALA C 382 -46.35 32.42 39.50
CA ALA C 382 -46.78 31.42 40.49
C ALA C 382 -48.15 30.85 40.15
N ASP C 383 -49.10 31.72 39.80
CA ASP C 383 -50.44 31.25 39.44
C ASP C 383 -50.40 30.46 38.14
N ALA C 384 -49.69 30.96 37.12
CA ALA C 384 -49.61 30.23 35.86
C ALA C 384 -48.97 28.87 36.06
N TRP C 385 -47.98 28.78 36.94
CA TRP C 385 -47.33 27.50 37.23
C TRP C 385 -48.33 26.49 37.77
N HIS C 386 -49.07 26.86 38.83
CA HIS C 386 -50.08 25.97 39.37
C HIS C 386 -51.10 25.60 38.32
N ALA C 387 -51.55 26.59 37.54
CA ALA C 387 -52.53 26.31 36.49
C ALA C 387 -51.98 25.30 35.48
N ALA C 388 -50.72 25.46 35.10
CA ALA C 388 -50.14 24.52 34.14
C ALA C 388 -49.96 23.14 34.74
N TYR C 389 -49.61 23.07 36.03
CA TYR C 389 -49.46 21.76 36.66
C TYR C 389 -50.79 21.02 36.73
N GLU C 390 -51.87 21.75 37.02
CA GLU C 390 -53.19 21.13 37.01
C GLU C 390 -53.52 20.55 35.63
N GLN C 391 -53.29 21.33 34.58
CA GLN C 391 -53.65 20.86 33.23
C GLN C 391 -52.72 19.75 32.77
N ASN C 392 -51.43 19.83 33.08
CA ASN C 392 -50.45 18.90 32.54
C ASN C 392 -50.20 17.68 33.43
N LEU C 393 -50.36 17.80 34.75
CA LEU C 393 -50.14 16.66 35.63
C LEU C 393 -51.33 16.30 36.49
N GLY C 394 -52.42 17.07 36.43
CA GLY C 394 -53.63 16.71 37.13
C GLY C 394 -53.65 17.03 38.61
N LEU C 395 -52.66 17.76 39.10
CA LEU C 395 -52.66 18.18 40.51
C LEU C 395 -51.80 19.43 40.63
N ARG C 396 -51.87 20.06 41.81
CA ARG C 396 -51.09 21.24 42.09
C ARG C 396 -50.50 21.13 43.48
N ALA C 397 -49.35 21.80 43.68
CA ALA C 397 -48.70 21.82 44.97
C ALA C 397 -49.51 22.65 45.97
N PRO C 398 -49.37 22.38 47.27
CA PRO C 398 -50.12 23.14 48.27
C PRO C 398 -49.68 24.59 48.40
N SER C 399 -48.49 24.94 47.93
CA SER C 399 -47.99 26.31 48.02
C SER C 399 -47.04 26.54 46.85
N ASP C 400 -46.26 27.62 46.93
CA ASP C 400 -45.25 27.88 45.91
C ASP C 400 -43.95 27.18 46.19
N VAL C 401 -43.80 26.60 47.40
CA VAL C 401 -42.58 25.90 47.77
C VAL C 401 -42.24 24.86 46.71
N ASP C 402 -43.20 24.00 46.38
CA ASP C 402 -43.06 23.02 45.32
C ASP C 402 -43.75 23.46 44.04
N GLY C 403 -44.21 24.70 43.98
CA GLY C 403 -44.67 25.33 42.76
C GLY C 403 -43.54 26.04 42.05
N ALA C 404 -43.72 27.33 41.75
CA ALA C 404 -42.74 28.05 40.93
C ALA C 404 -41.38 28.19 41.61
N LEU C 405 -41.30 27.98 42.91
CA LEU C 405 -40.03 28.03 43.64
C LEU C 405 -39.27 26.71 43.60
N GLN C 406 -39.83 25.69 42.95
CA GLN C 406 -39.31 24.33 43.08
C GLN C 406 -37.87 24.21 42.56
N ASP C 407 -37.64 24.64 41.32
CA ASP C 407 -36.36 24.47 40.66
C ASP C 407 -35.51 25.74 40.74
N VAL C 408 -34.20 25.56 40.85
CA VAL C 408 -33.29 26.68 41.03
C VAL C 408 -32.99 27.44 39.73
N HIS C 409 -33.26 26.84 38.57
CA HIS C 409 -32.69 27.33 37.31
C HIS C 409 -32.96 28.81 37.08
N TRP C 410 -34.22 29.23 37.14
CA TRP C 410 -34.57 30.63 36.87
C TRP C 410 -34.13 31.58 37.97
N TYR C 411 -33.60 31.06 39.09
CA TYR C 411 -33.13 31.91 40.16
C TYR C 411 -31.61 31.99 40.25
N PHE C 412 -30.88 31.09 39.57
CA PHE C 412 -29.42 31.11 39.55
C PHE C 412 -28.88 31.22 38.12
N GLY C 413 -29.71 31.63 37.17
CA GLY C 413 -29.30 31.74 35.80
C GLY C 413 -30.38 32.42 34.99
N PRO C 414 -30.21 32.45 33.67
CA PRO C 414 -31.19 33.14 32.82
C PRO C 414 -32.52 32.40 32.80
N ILE C 415 -33.55 33.14 32.39
CA ILE C 415 -34.87 32.58 32.12
C ILE C 415 -34.95 32.28 30.63
N GLY C 416 -35.13 31.02 30.28
CA GLY C 416 -35.22 30.61 28.89
C GLY C 416 -34.26 29.49 28.51
N GLY C 417 -34.79 28.42 27.91
CA GLY C 417 -33.98 27.29 27.51
C GLY C 417 -33.36 26.49 28.64
N SER C 418 -33.92 26.57 29.85
CA SER C 418 -33.28 25.96 31.00
C SER C 418 -33.55 24.47 31.11
N PHE C 419 -34.60 23.97 30.47
CA PHE C 419 -35.09 22.63 30.77
C PHE C 419 -35.24 21.70 29.58
N GLN C 420 -35.33 22.21 28.34
CA GLN C 420 -35.62 21.31 27.23
C GLN C 420 -34.52 20.26 27.06
N GLY C 421 -33.29 20.58 27.48
CA GLY C 421 -32.22 19.60 27.42
C GLY C 421 -32.51 18.31 28.16
N TYR C 422 -33.26 18.38 29.27
CA TYR C 422 -33.60 17.17 30.00
C TYR C 422 -34.42 16.21 29.14
N THR C 423 -35.37 16.74 28.37
CA THR C 423 -36.19 15.88 27.54
C THR C 423 -35.44 15.42 26.30
N ILE C 424 -34.62 16.29 25.70
CA ILE C 424 -33.76 15.85 24.60
C ILE C 424 -32.90 14.69 25.07
N GLY C 425 -32.38 14.79 26.28
CA GLY C 425 -31.60 13.68 26.83
C GLY C 425 -32.40 12.41 26.96
N ASN C 426 -33.67 12.52 27.39
CA ASN C 426 -34.50 11.33 27.49
C ASN C 426 -34.68 10.67 26.14
N VAL C 427 -35.07 11.47 25.13
CA VAL C 427 -35.30 10.92 23.80
C VAL C 427 -34.02 10.31 23.25
N LEU C 428 -32.92 11.05 23.32
CA LEU C 428 -31.67 10.56 22.75
C LEU C 428 -31.15 9.32 23.47
N SER C 429 -31.49 9.13 24.75
CA SER C 429 -30.96 7.95 25.44
C SER C 429 -31.37 6.68 24.72
N ALA C 430 -32.66 6.59 24.34
CA ALA C 430 -33.12 5.38 23.64
C ALA C 430 -32.55 5.26 22.24
N GLN C 431 -32.35 6.39 21.54
CA GLN C 431 -31.79 6.36 20.19
C GLN C 431 -30.34 5.87 20.22
N PHE C 432 -29.52 6.41 21.13
CA PHE C 432 -28.16 5.90 21.25
C PHE C 432 -28.16 4.43 21.69
N TYR C 433 -29.02 4.07 22.63
CA TYR C 433 -29.03 2.69 23.13
C TYR C 433 -29.44 1.71 22.04
N ALA C 434 -30.48 2.04 21.26
CA ALA C 434 -30.92 1.12 20.22
C ALA C 434 -29.83 0.91 19.17
N ALA C 435 -29.12 1.99 18.80
CA ALA C 435 -28.01 1.86 17.86
C ALA C 435 -26.93 0.95 18.43
N ALA C 436 -26.65 1.08 19.73
CA ALA C 436 -25.67 0.21 20.37
C ALA C 436 -26.16 -1.23 20.39
N GLU C 437 -27.47 -1.45 20.58
CA GLU C 437 -27.98 -2.81 20.53
C GLU C 437 -27.89 -3.37 19.11
N ALA C 438 -28.06 -2.54 18.09
CA ALA C 438 -27.98 -3.02 16.72
C ALA C 438 -26.57 -3.50 16.37
N ALA C 439 -25.55 -2.82 16.89
CA ALA C 439 -24.17 -3.23 16.65
C ALA C 439 -23.68 -4.31 17.60
N ASN C 440 -24.43 -4.57 18.68
CA ASN C 440 -24.05 -5.57 19.69
C ASN C 440 -25.30 -6.30 20.13
N PRO C 441 -25.83 -7.20 19.30
CA PRO C 441 -27.06 -7.91 19.68
C PRO C 441 -26.86 -8.66 20.99
N GLY C 442 -27.94 -8.76 21.75
CA GLY C 442 -27.88 -9.52 22.98
C GLY C 442 -27.18 -8.81 24.11
N LEU C 443 -27.30 -7.48 24.18
CA LEU C 443 -26.68 -6.74 25.25
C LEU C 443 -27.19 -7.20 26.61
N GLU C 444 -28.47 -7.51 26.71
CA GLU C 444 -29.04 -7.95 27.98
C GLU C 444 -28.28 -9.13 28.56
N ALA C 445 -27.84 -10.06 27.70
CA ALA C 445 -27.08 -11.21 28.18
C ALA C 445 -25.75 -10.78 28.80
N ASP C 446 -25.12 -9.75 28.25
CA ASP C 446 -23.91 -9.21 28.88
C ASP C 446 -24.21 -8.66 30.28
N PHE C 447 -25.32 -7.93 30.41
CA PHE C 447 -25.62 -7.25 31.68
C PHE C 447 -25.79 -8.25 32.81
N ALA C 448 -26.44 -9.40 32.52
CA ALA C 448 -26.66 -10.40 33.56
C ALA C 448 -25.35 -10.96 34.12
N ARG C 449 -24.26 -10.89 33.36
CA ARG C 449 -22.95 -11.31 33.86
C ARG C 449 -22.15 -10.13 34.42
N LYS C 450 -22.79 -8.97 34.59
CA LYS C 450 -22.13 -7.75 35.06
C LYS C 450 -21.08 -7.27 34.07
N ASP C 451 -21.28 -7.53 32.77
CA ASP C 451 -20.34 -7.09 31.74
C ASP C 451 -21.00 -6.01 30.90
N PHE C 452 -20.48 -4.78 31.02
CA PHE C 452 -20.98 -3.63 30.28
C PHE C 452 -19.97 -3.11 29.27
N SER C 453 -18.93 -3.89 28.97
CA SER C 453 -17.84 -3.41 28.11
C SER C 453 -18.26 -3.26 26.65
N ARG C 454 -19.21 -4.08 26.17
CA ARG C 454 -19.66 -3.92 24.80
C ARG C 454 -20.48 -2.65 24.63
N LEU C 455 -21.43 -2.41 25.55
CA LEU C 455 -22.17 -1.15 25.53
C LEU C 455 -21.25 0.03 25.76
N HIS C 456 -20.40 -0.04 26.79
CA HIS C 456 -19.48 1.06 27.05
C HIS C 456 -18.52 1.27 25.88
N GLY C 457 -18.00 0.18 25.31
CA GLY C 457 -17.10 0.32 24.18
C GLY C 457 -17.76 1.00 22.99
N TRP C 458 -19.00 0.63 22.68
CA TRP C 458 -19.70 1.26 21.58
C TRP C 458 -19.91 2.75 21.83
N LEU C 459 -20.38 3.09 23.03
CA LEU C 459 -20.65 4.49 23.36
C LEU C 459 -19.36 5.30 23.36
N ARG C 460 -18.25 4.69 23.82
CA ARG C 460 -16.98 5.41 23.84
C ARG C 460 -16.46 5.64 22.44
N GLU C 461 -16.68 4.67 21.54
CA GLU C 461 -16.24 4.79 20.16
C GLU C 461 -17.14 5.73 19.34
N ASN C 462 -18.44 5.71 19.58
CA ASN C 462 -19.37 6.45 18.74
C ASN C 462 -19.83 7.77 19.34
N VAL C 463 -19.61 8.01 20.64
CA VAL C 463 -20.16 9.22 21.25
C VAL C 463 -19.11 9.96 22.06
N TYR C 464 -18.55 9.30 23.07
CA TYR C 464 -17.76 10.00 24.10
C TYR C 464 -16.47 10.57 23.51
N ARG C 465 -15.71 9.76 22.77
CA ARG C 465 -14.35 10.16 22.40
C ARG C 465 -14.34 11.42 21.55
N HIS C 466 -15.39 11.67 20.78
CA HIS C 466 -15.40 12.80 19.87
C HIS C 466 -15.50 14.14 20.59
N GLY C 467 -15.99 14.15 21.83
CA GLY C 467 -16.15 15.39 22.54
C GLY C 467 -16.96 16.36 21.72
N ARG C 468 -16.37 17.51 21.38
CA ARG C 468 -17.01 18.53 20.58
C ARG C 468 -16.54 18.49 19.11
N ARG C 469 -15.82 17.43 18.72
CA ARG C 469 -15.32 17.32 17.35
C ARG C 469 -16.44 17.48 16.33
N TRP C 470 -17.57 16.79 16.56
CA TRP C 470 -18.74 16.92 15.70
C TRP C 470 -19.80 17.73 16.42
N THR C 471 -20.61 18.46 15.64
CA THR C 471 -21.77 19.12 16.20
C THR C 471 -22.76 18.08 16.71
N PRO C 472 -23.66 18.48 17.59
CA PRO C 472 -24.69 17.52 18.07
C PRO C 472 -25.37 16.81 16.90
N GLY C 473 -25.78 17.56 15.88
CA GLY C 473 -26.45 16.95 14.75
C GLY C 473 -25.57 15.97 13.99
N GLU C 474 -24.31 16.33 13.76
CA GLU C 474 -23.41 15.41 13.07
C GLU C 474 -23.19 14.16 13.91
N LEU C 475 -22.97 14.35 15.20
CA LEU C 475 -22.72 13.23 16.10
C LEU C 475 -23.92 12.29 16.13
N ILE C 476 -25.13 12.83 16.21
CA ILE C 476 -26.30 11.98 16.31
C ILE C 476 -26.48 11.16 15.04
N GLU C 477 -26.39 11.80 13.87
CA GLU C 477 -26.54 11.06 12.63
C GLU C 477 -25.41 10.08 12.41
N ARG C 478 -24.17 10.51 12.66
CA ARG C 478 -23.03 9.61 12.48
C ARG C 478 -23.15 8.36 13.37
N ALA C 479 -23.63 8.51 14.61
CA ALA C 479 -23.60 7.39 15.53
C ALA C 479 -24.81 6.47 15.37
N THR C 480 -25.98 7.02 15.06
CA THR C 480 -27.22 6.26 15.02
C THR C 480 -27.86 6.17 13.64
N GLY C 481 -27.32 6.87 12.64
CA GLY C 481 -27.82 6.77 11.29
C GLY C 481 -28.97 7.69 10.94
N GLN C 482 -29.45 8.50 11.88
CA GLN C 482 -30.58 9.37 11.60
C GLN C 482 -30.54 10.56 12.55
N ALA C 483 -31.32 11.59 12.22
CA ALA C 483 -31.41 12.77 13.06
C ALA C 483 -32.21 12.46 14.33
N LEU C 484 -32.29 13.47 15.21
CA LEU C 484 -33.06 13.31 16.43
C LEU C 484 -34.46 12.82 16.09
N THR C 485 -34.85 11.72 16.72
CA THR C 485 -36.18 11.17 16.52
C THR C 485 -36.67 10.53 17.82
N ALA C 486 -37.95 10.76 18.13
CA ALA C 486 -38.59 10.19 19.31
C ALA C 486 -38.99 8.74 19.13
N GLY C 487 -38.77 8.17 17.94
CA GLY C 487 -39.22 6.84 17.62
C GLY C 487 -38.75 5.79 18.60
N PRO C 488 -37.44 5.59 18.68
CA PRO C 488 -36.92 4.56 19.60
C PRO C 488 -37.35 4.79 21.04
N TYR C 489 -37.42 6.06 21.46
CA TYR C 489 -37.83 6.39 22.82
C TYR C 489 -39.24 5.91 23.11
N LEU C 490 -40.19 6.21 22.23
CA LEU C 490 -41.57 5.78 22.43
C LEU C 490 -41.71 4.27 22.27
N LYS C 491 -40.94 3.67 21.37
CA LYS C 491 -41.01 2.21 21.24
C LYS C 491 -40.54 1.54 22.51
N TYR C 492 -39.47 2.08 23.13
CA TYR C 492 -38.94 1.51 24.36
C TYR C 492 -39.95 1.65 25.51
N LEU C 493 -40.52 2.84 25.69
CA LEU C 493 -41.45 3.04 26.81
C LEU C 493 -42.74 2.25 26.59
N ARG C 494 -43.30 2.31 25.39
CA ARG C 494 -44.53 1.55 25.12
C ARG C 494 -44.31 0.06 25.35
N GLY C 495 -43.18 -0.46 24.91
CA GLY C 495 -42.91 -1.87 25.12
C GLY C 495 -42.71 -2.20 26.60
N LYS C 496 -41.92 -1.37 27.29
CA LYS C 496 -41.57 -1.68 28.68
C LYS C 496 -42.78 -1.56 29.59
N TYR C 497 -43.54 -0.47 29.47
CA TYR C 497 -44.66 -0.28 30.39
C TYR C 497 -45.89 -1.04 29.95
N GLY C 498 -46.07 -1.26 28.64
CA GLY C 498 -47.09 -2.20 28.22
C GLY C 498 -46.86 -3.58 28.82
N GLU C 499 -45.60 -4.03 28.83
CA GLU C 499 -45.26 -5.31 29.43
C GLU C 499 -45.50 -5.31 30.94
N LEU C 500 -44.96 -4.30 31.65
CA LEU C 500 -45.01 -4.31 33.11
C LEU C 500 -46.45 -4.29 33.63
N TYR C 501 -47.31 -3.48 33.03
CA TYR C 501 -48.63 -3.22 33.57
C TYR C 501 -49.76 -3.83 32.75
N GLY C 502 -49.45 -4.57 31.69
CA GLY C 502 -50.51 -5.10 30.85
C GLY C 502 -51.38 -4.06 30.20
N VAL C 503 -50.81 -2.93 29.78
CA VAL C 503 -51.58 -1.87 29.14
C VAL C 503 -51.07 -1.62 27.73
N ASP D 7 -13.28 -17.35 -45.27
CA ASP D 7 -12.85 -18.64 -44.71
C ASP D 7 -12.57 -18.50 -43.23
N THR D 8 -11.71 -17.55 -42.87
CA THR D 8 -11.64 -17.14 -41.47
C THR D 8 -12.96 -16.57 -41.00
N GLN D 9 -13.70 -15.91 -41.91
CA GLN D 9 -15.03 -15.44 -41.59
C GLN D 9 -15.98 -16.59 -41.28
N TRP D 10 -15.81 -17.74 -41.94
CA TRP D 10 -16.67 -18.88 -41.65
C TRP D 10 -16.39 -19.45 -40.26
N GLN D 11 -15.13 -19.54 -39.86
CA GLN D 11 -14.82 -20.01 -38.51
C GLN D 11 -15.47 -19.10 -37.47
N GLN D 12 -15.45 -17.78 -37.70
CA GLN D 12 -16.06 -16.86 -36.78
C GLN D 12 -17.57 -17.02 -36.74
N LEU D 13 -18.21 -17.23 -37.89
CA LEU D 13 -19.64 -17.53 -37.90
C LEU D 13 -19.94 -18.79 -37.11
N THR D 14 -19.13 -19.83 -37.30
CA THR D 14 -19.33 -21.08 -36.59
C THR D 14 -19.24 -20.89 -35.09
N GLU D 15 -18.30 -20.06 -34.63
CA GLU D 15 -18.15 -19.82 -33.19
C GLU D 15 -19.29 -18.98 -32.64
N HIS D 16 -19.78 -18.00 -33.41
CA HIS D 16 -20.90 -17.22 -32.94
C HIS D 16 -22.16 -18.06 -32.85
N TRP D 17 -22.37 -18.94 -33.84
CA TRP D 17 -23.51 -19.85 -33.78
C TRP D 17 -23.42 -20.75 -32.55
N GLN D 18 -22.22 -21.29 -32.28
CA GLN D 18 -22.08 -22.14 -31.11
C GLN D 18 -22.35 -21.36 -29.82
N GLU D 19 -21.96 -20.09 -29.80
CA GLU D 19 -22.23 -19.26 -28.64
C GLU D 19 -23.73 -19.03 -28.45
N LEU D 20 -24.48 -18.82 -29.54
CA LEU D 20 -25.93 -18.69 -29.42
C LEU D 20 -26.56 -19.98 -28.90
N ALA D 21 -26.13 -21.13 -29.43
CA ALA D 21 -26.64 -22.40 -28.90
C ALA D 21 -26.32 -22.55 -27.42
N ASP D 22 -25.14 -22.09 -27.00
CA ASP D 22 -24.74 -22.22 -25.60
C ASP D 22 -25.56 -21.32 -24.68
N PHE D 23 -25.80 -20.08 -25.10
CA PHE D 23 -26.73 -19.24 -24.35
C PHE D 23 -28.08 -19.92 -24.21
N GLY D 24 -28.58 -20.49 -25.30
CA GLY D 24 -29.86 -21.19 -25.25
C GLY D 24 -29.85 -22.36 -24.28
N GLY D 25 -28.79 -23.17 -24.30
CA GLY D 25 -28.70 -24.29 -23.38
C GLY D 25 -28.68 -23.85 -21.93
N ILE D 26 -27.97 -22.76 -21.65
CA ILE D 26 -27.93 -22.24 -20.29
C ILE D 26 -29.31 -21.72 -19.88
N GLU D 27 -29.98 -20.97 -20.77
CA GLU D 27 -31.35 -20.53 -20.51
C GLU D 27 -32.27 -21.71 -20.26
N ALA D 28 -32.10 -22.79 -21.03
CA ALA D 28 -32.94 -23.95 -20.83
C ALA D 28 -32.68 -24.57 -19.45
N LEU D 29 -31.43 -24.55 -19.00
CA LEU D 29 -31.12 -25.08 -17.67
C LEU D 29 -31.80 -24.25 -16.58
N LEU D 30 -31.79 -22.92 -16.72
CA LEU D 30 -32.46 -22.07 -15.74
C LEU D 30 -33.94 -22.40 -15.65
N GLY D 31 -34.57 -22.65 -16.79
CA GLY D 31 -35.98 -23.01 -16.81
C GLY D 31 -36.24 -24.43 -16.36
N TRP D 32 -35.38 -25.36 -16.75
CA TRP D 32 -35.53 -26.74 -16.30
C TRP D 32 -35.43 -26.83 -14.79
N ASP D 33 -34.40 -26.19 -14.22
CA ASP D 33 -34.25 -26.22 -12.77
C ASP D 33 -35.40 -25.50 -12.08
N GLN D 34 -35.91 -24.43 -12.71
CA GLN D 34 -37.04 -23.72 -12.13
C GLN D 34 -38.27 -24.61 -11.99
N SER D 35 -38.51 -25.50 -12.96
CA SER D 35 -39.69 -26.36 -12.92
C SER D 35 -39.52 -27.60 -12.07
N THR D 36 -38.28 -28.00 -11.76
CA THR D 36 -38.05 -29.26 -11.07
C THR D 36 -37.60 -29.07 -9.63
N PHE D 37 -36.52 -28.30 -9.40
CA PHE D 37 -35.85 -28.31 -8.11
C PHE D 37 -35.71 -26.95 -7.44
N LEU D 38 -36.06 -25.86 -8.11
CA LEU D 38 -35.93 -24.53 -7.51
C LEU D 38 -36.72 -24.46 -6.21
N PRO D 39 -36.09 -24.06 -5.10
CA PRO D 39 -36.85 -23.92 -3.83
C PRO D 39 -37.88 -22.80 -3.91
N ALA D 40 -38.92 -22.92 -3.08
CA ALA D 40 -40.07 -22.04 -3.21
C ALA D 40 -39.71 -20.57 -3.04
N GLY D 41 -38.81 -20.26 -2.11
CA GLY D 41 -38.49 -18.86 -1.89
C GLY D 41 -37.52 -18.25 -2.86
N ALA D 42 -37.15 -18.94 -3.93
CA ALA D 42 -36.12 -18.46 -4.84
C ALA D 42 -36.67 -18.02 -6.19
N ALA D 43 -37.99 -17.87 -6.31
CA ALA D 43 -38.60 -17.60 -7.61
C ALA D 43 -38.14 -16.27 -8.19
N GLU D 44 -38.08 -15.22 -7.37
CA GLU D 44 -37.84 -13.89 -7.90
C GLU D 44 -36.43 -13.77 -8.44
N ASP D 45 -35.43 -14.27 -7.70
CA ASP D 45 -34.06 -14.18 -8.16
C ASP D 45 -33.85 -14.99 -9.44
N ARG D 46 -34.49 -16.15 -9.54
CA ARG D 46 -34.32 -16.96 -10.75
C ARG D 46 -34.86 -16.23 -11.97
N ALA D 47 -36.00 -15.54 -11.82
CA ALA D 47 -36.56 -14.78 -12.94
C ALA D 47 -35.61 -13.67 -13.35
N ARG D 48 -34.95 -13.05 -12.37
CA ARG D 48 -33.99 -11.99 -12.70
C ARG D 48 -32.78 -12.60 -13.41
N GLN D 49 -32.30 -13.75 -12.95
CA GLN D 49 -31.24 -14.46 -13.66
C GLN D 49 -31.65 -14.75 -15.10
N GLN D 50 -32.89 -15.19 -15.31
CA GLN D 50 -33.35 -15.50 -16.66
C GLN D 50 -33.37 -14.24 -17.53
N SER D 51 -33.81 -13.10 -16.98
CA SER D 51 -33.79 -11.86 -17.74
C SER D 51 -32.37 -11.43 -18.07
N LEU D 52 -31.44 -11.59 -17.12
CA LEU D 52 -30.06 -11.25 -17.40
C LEU D 52 -29.54 -12.03 -18.61
N LEU D 53 -29.82 -13.34 -18.66
CA LEU D 53 -29.36 -14.14 -19.79
C LEU D 53 -30.14 -13.80 -21.06
N ALA D 54 -31.44 -13.55 -20.93
CA ALA D 54 -32.22 -13.17 -22.10
C ALA D 54 -31.64 -11.93 -22.76
N GLY D 55 -31.25 -10.94 -21.96
CA GLY D 55 -30.69 -9.73 -22.52
C GLY D 55 -29.37 -9.99 -23.24
N LEU D 56 -28.49 -10.77 -22.62
CA LEU D 56 -27.20 -11.06 -23.24
C LEU D 56 -27.38 -11.82 -24.55
N ARG D 57 -28.19 -12.87 -24.54
CA ARG D 57 -28.38 -13.67 -25.74
C ARG D 57 -28.99 -12.83 -26.86
N HIS D 58 -29.95 -11.96 -26.53
CA HIS D 58 -30.54 -11.12 -27.55
C HIS D 58 -29.50 -10.18 -28.15
N ALA D 59 -28.60 -9.65 -27.32
CA ALA D 59 -27.53 -8.80 -27.83
C ALA D 59 -26.66 -9.55 -28.85
N ARG D 60 -26.33 -10.82 -28.56
CA ARG D 60 -25.50 -11.58 -29.48
C ARG D 60 -26.29 -11.99 -30.71
N ALA D 61 -27.57 -12.34 -30.55
CA ALA D 61 -28.40 -12.71 -31.68
C ALA D 61 -28.61 -11.54 -32.63
N THR D 62 -28.46 -10.30 -32.16
CA THR D 62 -28.66 -9.12 -32.98
C THR D 62 -27.37 -8.33 -33.18
N ASP D 63 -26.22 -8.92 -32.85
CA ASP D 63 -24.95 -8.21 -32.91
C ASP D 63 -24.65 -7.75 -34.34
N ALA D 64 -24.29 -6.47 -34.49
CA ALA D 64 -24.05 -5.92 -35.82
C ALA D 64 -22.87 -6.61 -36.50
N GLY D 65 -21.80 -6.86 -35.77
CA GLY D 65 -20.70 -7.61 -36.35
C GLY D 65 -21.14 -8.95 -36.89
N TYR D 66 -21.95 -9.68 -36.12
CA TYR D 66 -22.52 -10.94 -36.59
C TYR D 66 -23.32 -10.73 -37.87
N GLY D 67 -24.09 -9.64 -37.93
CA GLY D 67 -24.84 -9.35 -39.14
C GLY D 67 -23.94 -9.17 -40.34
N LYS D 68 -22.79 -8.54 -40.16
CA LYS D 68 -21.85 -8.36 -41.26
C LYS D 68 -21.27 -9.70 -41.70
N LEU D 69 -20.91 -10.56 -40.74
CA LEU D 69 -20.44 -11.89 -41.09
C LEU D 69 -21.49 -12.66 -41.88
N LEU D 70 -22.77 -12.52 -41.51
CA LEU D 70 -23.82 -13.20 -42.27
C LEU D 70 -23.89 -12.66 -43.68
N ASP D 71 -23.82 -11.34 -43.85
CA ASP D 71 -23.83 -10.76 -45.18
C ASP D 71 -22.66 -11.25 -46.01
N ALA D 72 -21.47 -11.31 -45.43
CA ALA D 72 -20.30 -11.84 -46.16
C ALA D 72 -20.56 -13.26 -46.63
N ALA D 73 -20.90 -14.16 -45.71
CA ALA D 73 -21.12 -15.56 -46.09
C ALA D 73 -22.29 -15.70 -47.05
N SER D 74 -23.24 -14.76 -47.02
CA SER D 74 -24.40 -14.86 -47.90
C SER D 74 -24.05 -14.50 -49.34
N SER D 75 -23.04 -13.65 -49.54
CA SER D 75 -22.65 -13.23 -50.88
C SER D 75 -21.69 -14.20 -51.55
N ARG D 76 -21.26 -15.24 -50.84
CA ARG D 76 -20.42 -16.26 -51.45
C ARG D 76 -21.23 -17.04 -52.48
N SER D 77 -20.52 -17.73 -53.36
CA SER D 77 -21.13 -18.61 -54.35
C SER D 77 -20.59 -20.03 -54.27
N ASP D 78 -19.71 -20.30 -53.33
CA ASP D 78 -19.02 -21.59 -53.20
C ASP D 78 -19.51 -22.42 -52.01
N LEU D 79 -20.69 -22.12 -51.47
CA LEU D 79 -21.21 -22.82 -50.29
C LEU D 79 -21.99 -24.07 -50.67
N SER D 80 -21.85 -25.11 -49.84
CA SER D 80 -22.64 -26.31 -50.00
C SER D 80 -24.11 -26.00 -49.76
N PRO D 81 -25.01 -26.88 -50.22
CA PRO D 81 -26.44 -26.64 -49.97
C PRO D 81 -26.78 -26.47 -48.49
N GLU D 82 -26.11 -27.22 -47.62
CA GLU D 82 -26.37 -27.12 -46.19
C GLU D 82 -25.84 -25.83 -45.60
N GLN D 83 -24.62 -25.44 -45.98
CA GLN D 83 -24.03 -24.23 -45.43
C GLN D 83 -24.81 -22.99 -45.86
N ALA D 84 -25.23 -22.94 -47.13
CA ALA D 84 -26.03 -21.82 -47.58
C ALA D 84 -27.35 -21.76 -46.84
N ARG D 85 -27.99 -22.92 -46.67
CA ARG D 85 -29.24 -22.96 -45.91
C ARG D 85 -29.01 -22.57 -44.47
N MET D 86 -27.88 -23.01 -43.90
CA MET D 86 -27.49 -22.59 -42.56
C MET D 86 -27.39 -21.08 -42.48
N VAL D 87 -26.72 -20.46 -43.46
CA VAL D 87 -26.61 -19.00 -43.47
C VAL D 87 -27.97 -18.35 -43.66
N GLN D 88 -28.81 -18.90 -44.55
CA GLN D 88 -30.14 -18.35 -44.78
C GLN D 88 -30.99 -18.36 -43.51
N VAL D 89 -31.02 -19.50 -42.81
CA VAL D 89 -31.82 -19.59 -41.60
C VAL D 89 -31.30 -18.59 -40.56
N ALA D 90 -29.97 -18.50 -40.42
CA ALA D 90 -29.40 -17.53 -39.50
C ALA D 90 -29.82 -16.11 -39.86
N ARG D 91 -29.85 -15.78 -41.15
CA ARG D 91 -30.26 -14.44 -41.56
C ARG D 91 -31.74 -14.20 -41.35
N GLN D 92 -32.56 -15.25 -41.50
CA GLN D 92 -33.99 -15.14 -41.17
C GLN D 92 -34.19 -14.93 -39.68
N ASP D 93 -33.46 -15.67 -38.83
CA ASP D 93 -33.55 -15.44 -37.40
C ASP D 93 -33.05 -14.05 -37.04
N PHE D 94 -31.95 -13.62 -37.67
CA PHE D 94 -31.43 -12.28 -37.42
C PHE D 94 -32.44 -11.22 -37.84
N GLU D 95 -33.12 -11.45 -38.96
CA GLU D 95 -34.15 -10.52 -39.40
C GLU D 95 -35.25 -10.39 -38.36
N LYS D 96 -35.78 -11.52 -37.89
CA LYS D 96 -36.85 -11.44 -36.91
C LYS D 96 -36.37 -10.83 -35.60
N ALA D 97 -35.14 -11.13 -35.19
CA ALA D 97 -34.67 -10.66 -33.89
C ALA D 97 -34.47 -9.15 -33.86
N THR D 98 -34.09 -8.53 -34.98
CA THR D 98 -33.87 -7.09 -34.99
C THR D 98 -35.10 -6.29 -35.37
N ARG D 99 -36.15 -6.92 -35.90
CA ARG D 99 -37.34 -6.18 -36.32
C ARG D 99 -38.03 -5.51 -35.14
N ILE D 100 -38.07 -6.17 -33.99
CA ILE D 100 -38.80 -5.68 -32.83
C ILE D 100 -37.81 -4.95 -31.91
N PRO D 101 -38.06 -3.69 -31.57
CA PRO D 101 -37.12 -2.99 -30.69
C PRO D 101 -36.94 -3.73 -29.37
N ALA D 102 -35.68 -3.76 -28.90
CA ALA D 102 -35.37 -4.47 -27.67
C ALA D 102 -36.18 -3.95 -26.48
N GLU D 103 -36.55 -2.66 -26.49
CA GLU D 103 -37.34 -2.14 -25.38
C GLU D 103 -38.75 -2.72 -25.38
N PHE D 104 -39.37 -2.87 -26.56
CA PHE D 104 -40.67 -3.54 -26.63
C PHE D 104 -40.57 -4.99 -26.18
N VAL D 105 -39.51 -5.69 -26.58
CA VAL D 105 -39.34 -7.07 -26.15
C VAL D 105 -39.30 -7.15 -24.63
N ARG D 106 -38.57 -6.24 -23.99
CA ARG D 106 -38.47 -6.25 -22.54
C ARG D 106 -39.81 -5.88 -21.90
N GLU D 107 -40.53 -4.90 -22.47
CA GLU D 107 -41.84 -4.54 -21.92
C GLU D 107 -42.80 -5.72 -21.95
N PHE D 108 -42.87 -6.41 -23.09
CA PHE D 108 -43.75 -7.56 -23.24
C PHE D 108 -43.39 -8.66 -22.23
N SER D 109 -42.08 -8.96 -22.09
CA SER D 109 -41.63 -9.99 -21.15
C SER D 109 -42.01 -9.66 -19.71
N GLY D 110 -41.90 -8.39 -19.32
CA GLY D 110 -42.26 -8.01 -17.98
C GLY D 110 -43.76 -8.08 -17.75
N HIS D 111 -44.54 -7.74 -18.77
CA HIS D 111 -46.00 -7.77 -18.61
C HIS D 111 -46.51 -9.21 -18.50
N VAL D 112 -46.13 -10.08 -19.45
CA VAL D 112 -46.62 -11.45 -19.39
C VAL D 112 -46.07 -12.16 -18.16
N GLY D 113 -44.89 -11.76 -17.68
CA GLY D 113 -44.38 -12.33 -16.44
C GLY D 113 -45.26 -11.96 -15.26
N GLN D 114 -45.73 -10.72 -15.22
CA GLN D 114 -46.63 -10.29 -14.15
C GLN D 114 -48.02 -10.86 -14.35
N SER D 115 -48.48 -10.95 -15.61
CA SER D 115 -49.72 -11.65 -15.91
C SER D 115 -49.70 -13.05 -15.33
N TYR D 116 -48.60 -13.78 -15.55
CA TYR D 116 -48.52 -15.15 -15.07
C TYR D 116 -48.71 -15.22 -13.56
N SER D 117 -47.98 -14.38 -12.82
CA SER D 117 -48.09 -14.40 -11.36
C SER D 117 -49.52 -14.15 -10.92
N ALA D 118 -50.18 -13.16 -11.53
CA ALA D 118 -51.57 -12.91 -11.19
C ALA D 118 -52.44 -14.11 -11.50
N TRP D 119 -52.12 -14.85 -12.57
CA TRP D 119 -52.92 -16.01 -12.95
C TRP D 119 -52.78 -17.17 -11.95
N THR D 120 -51.55 -17.44 -11.49
CA THR D 120 -51.36 -18.52 -10.52
C THR D 120 -52.23 -18.34 -9.29
N GLU D 121 -52.70 -17.13 -9.02
CA GLU D 121 -53.61 -16.86 -7.92
C GLU D 121 -55.05 -16.74 -8.35
N ALA D 122 -55.32 -16.10 -9.50
CA ALA D 122 -56.71 -15.84 -9.89
C ALA D 122 -57.40 -17.13 -10.35
N ARG D 123 -56.66 -18.07 -10.92
CA ARG D 123 -57.31 -19.31 -11.35
C ARG D 123 -57.87 -20.08 -10.16
N PRO D 124 -57.06 -20.48 -9.18
CA PRO D 124 -57.63 -21.16 -8.00
C PRO D 124 -58.71 -20.34 -7.31
N ALA D 125 -58.66 -19.01 -7.44
CA ALA D 125 -59.62 -18.11 -6.81
C ALA D 125 -60.83 -17.81 -7.68
N ASN D 126 -60.93 -18.41 -8.87
CA ASN D 126 -62.05 -18.16 -9.78
C ASN D 126 -62.26 -16.66 -10.00
N ASP D 127 -61.15 -15.95 -10.19
CA ASP D 127 -61.18 -14.49 -10.28
C ASP D 127 -60.77 -14.06 -11.70
N PHE D 128 -61.65 -14.31 -12.66
CA PHE D 128 -61.33 -13.92 -14.02
C PHE D 128 -61.34 -12.41 -14.15
N GLY D 129 -62.26 -11.74 -13.45
CA GLY D 129 -62.34 -10.29 -13.53
C GLY D 129 -61.02 -9.63 -13.21
N ARG D 130 -60.22 -10.27 -12.36
CA ARG D 130 -58.89 -9.75 -12.03
C ARG D 130 -57.93 -9.86 -13.22
N MET D 131 -58.07 -10.89 -14.05
CA MET D 131 -57.16 -11.10 -15.16
C MET D 131 -57.50 -10.24 -16.38
N VAL D 132 -58.73 -9.72 -16.45
CA VAL D 132 -59.14 -8.95 -17.62
C VAL D 132 -58.17 -7.83 -18.00
N PRO D 133 -57.78 -6.94 -17.08
CA PRO D 133 -56.80 -5.91 -17.46
C PRO D 133 -55.49 -6.50 -17.97
N TYR D 134 -55.01 -7.58 -17.37
CA TYR D 134 -53.82 -8.26 -17.87
C TYR D 134 -54.02 -8.78 -19.30
N LEU D 135 -55.18 -9.37 -19.59
CA LEU D 135 -55.44 -9.88 -20.94
C LEU D 135 -55.61 -8.74 -21.94
N GLU D 136 -56.22 -7.63 -21.50
CA GLU D 136 -56.40 -6.49 -22.39
C GLU D 136 -55.05 -5.96 -22.86
N LYS D 137 -54.12 -5.75 -21.93
CA LYS D 137 -52.79 -5.28 -22.33
C LYS D 137 -52.06 -6.33 -23.15
N THR D 138 -52.19 -7.61 -22.79
CA THR D 138 -51.55 -8.65 -23.57
C THR D 138 -52.06 -8.66 -25.01
N LEU D 139 -53.37 -8.45 -25.19
CA LEU D 139 -53.92 -8.39 -26.54
C LEU D 139 -53.38 -7.18 -27.30
N ASP D 140 -53.28 -6.03 -26.62
CA ASP D 140 -52.73 -4.84 -27.26
C ASP D 140 -51.28 -5.05 -27.64
N LEU D 141 -50.48 -5.61 -26.72
CA LEU D 141 -49.08 -5.88 -27.02
C LEU D 141 -48.93 -6.92 -28.12
N SER D 142 -49.82 -7.92 -28.16
CA SER D 142 -49.77 -8.94 -29.20
C SER D 142 -50.00 -8.33 -30.57
N LEU D 143 -50.95 -7.40 -30.67
CA LEU D 143 -51.20 -6.71 -31.93
C LEU D 143 -50.03 -5.81 -32.30
N GLN D 144 -49.43 -5.14 -31.31
CA GLN D 144 -48.27 -4.30 -31.60
C GLN D 144 -47.10 -5.11 -32.11
N ALA D 145 -46.84 -6.28 -31.48
CA ALA D 145 -45.75 -7.14 -31.94
C ALA D 145 -45.97 -7.56 -33.38
N ALA D 146 -47.20 -7.95 -33.74
CA ALA D 146 -47.47 -8.38 -35.11
C ALA D 146 -47.35 -7.22 -36.10
N SER D 147 -47.63 -5.98 -35.67
CA SER D 147 -47.57 -4.85 -36.57
C SER D 147 -46.15 -4.53 -37.00
N TYR D 148 -45.13 -5.02 -36.28
CA TYR D 148 -43.77 -4.88 -36.77
C TYR D 148 -43.49 -5.80 -37.95
N PHE D 149 -44.43 -6.65 -38.32
CA PHE D 149 -44.30 -7.56 -39.45
C PHE D 149 -45.49 -7.34 -40.37
N PRO D 150 -45.53 -6.21 -41.07
CA PRO D 150 -46.65 -5.93 -41.98
C PRO D 150 -46.76 -6.94 -43.12
N GLU D 151 -45.73 -7.77 -43.36
CA GLU D 151 -45.89 -8.79 -44.38
C GLU D 151 -47.03 -9.75 -44.06
N PHE D 152 -47.55 -9.74 -42.83
CA PHE D 152 -48.76 -10.48 -42.48
C PHE D 152 -49.88 -9.46 -42.33
N GLY D 153 -50.68 -9.32 -43.40
CA GLY D 153 -51.82 -8.43 -43.33
C GLY D 153 -52.73 -8.78 -42.17
N ASP D 154 -52.93 -10.07 -41.95
CA ASP D 154 -53.70 -10.55 -40.80
C ASP D 154 -52.73 -10.79 -39.65
N PRO D 155 -52.85 -10.07 -38.53
CA PRO D 155 -51.91 -10.31 -37.42
C PRO D 155 -51.94 -11.73 -36.92
N LEU D 156 -53.09 -12.42 -37.04
CA LEU D 156 -53.15 -13.82 -36.64
C LEU D 156 -52.18 -14.67 -37.46
N ASP D 157 -52.03 -14.34 -38.75
CA ASP D 157 -51.11 -15.08 -39.61
C ASP D 157 -49.67 -14.96 -39.15
N TYR D 158 -49.29 -13.83 -38.54
CA TYR D 158 -47.95 -13.68 -37.99
C TYR D 158 -47.69 -14.74 -36.92
N TYR D 159 -48.66 -14.97 -36.03
CA TYR D 159 -48.49 -15.94 -34.96
C TYR D 159 -48.57 -17.37 -35.46
N ILE D 160 -49.52 -17.64 -36.37
CA ILE D 160 -49.59 -18.96 -36.98
C ILE D 160 -48.28 -19.28 -37.67
N ASN D 161 -47.68 -18.28 -38.34
CA ASN D 161 -46.42 -18.53 -39.04
C ASN D 161 -45.26 -18.72 -38.06
N GLU D 162 -45.28 -17.99 -36.93
CA GLU D 162 -44.25 -18.13 -35.92
C GLU D 162 -44.21 -19.54 -35.35
N SER D 163 -45.38 -20.16 -35.19
CA SER D 163 -45.49 -21.54 -34.71
C SER D 163 -45.12 -22.54 -35.80
N ASP D 164 -45.62 -22.34 -37.03
CA ASP D 164 -45.41 -23.29 -38.13
C ASP D 164 -45.12 -22.48 -39.39
N GLU D 165 -43.83 -22.39 -39.75
CA GLU D 165 -43.43 -21.57 -40.88
C GLU D 165 -44.22 -21.96 -42.14
N GLY D 166 -44.85 -20.96 -42.75
CA GLY D 166 -45.62 -21.15 -43.96
C GLY D 166 -47.09 -21.45 -43.77
N MET D 167 -47.50 -21.84 -42.56
CA MET D 167 -48.90 -22.10 -42.30
C MET D 167 -49.67 -20.78 -42.22
N THR D 168 -50.93 -20.82 -42.64
CA THR D 168 -51.78 -19.64 -42.61
C THR D 168 -53.07 -19.95 -41.86
N ALA D 169 -53.76 -18.89 -41.46
CA ALA D 169 -55.03 -19.06 -40.76
C ALA D 169 -56.10 -19.69 -41.65
N GLU D 170 -56.05 -19.43 -42.96
CA GLU D 170 -57.01 -20.06 -43.87
C GLU D 170 -56.72 -21.55 -44.00
N GLN D 171 -55.45 -21.93 -44.05
CA GLN D 171 -55.11 -23.34 -44.07
C GLN D 171 -55.46 -24.02 -42.74
N VAL D 172 -55.25 -23.31 -41.63
CA VAL D 172 -55.61 -23.86 -40.32
C VAL D 172 -57.13 -24.03 -40.24
N GLY D 173 -57.88 -23.01 -40.64
CA GLY D 173 -59.33 -23.10 -40.58
C GLY D 173 -59.88 -24.23 -41.43
N GLN D 174 -59.27 -24.47 -42.59
CA GLN D 174 -59.68 -25.57 -43.44
C GLN D 174 -59.47 -26.91 -42.74
N VAL D 175 -58.26 -27.13 -42.23
CA VAL D 175 -57.98 -28.38 -41.51
C VAL D 175 -58.93 -28.55 -40.34
N PHE D 176 -59.17 -27.49 -39.57
CA PHE D 176 -60.09 -27.58 -38.44
C PHE D 176 -61.48 -27.97 -38.91
N ALA D 177 -61.97 -27.32 -39.97
CA ALA D 177 -63.29 -27.64 -40.47
C ALA D 177 -63.40 -29.12 -40.80
N GLU D 178 -62.38 -29.68 -41.44
CA GLU D 178 -62.39 -31.10 -41.79
C GLU D 178 -62.42 -31.97 -40.53
N LEU D 179 -61.58 -31.63 -39.54
CA LEU D 179 -61.50 -32.47 -38.35
C LEU D 179 -62.81 -32.45 -37.57
N ARG D 180 -63.39 -31.26 -37.39
CA ARG D 180 -64.65 -31.16 -36.68
C ARG D 180 -65.75 -31.95 -37.39
N ALA D 181 -65.85 -31.78 -38.70
CA ALA D 181 -66.90 -32.48 -39.45
C ALA D 181 -66.79 -33.99 -39.32
N ALA D 182 -65.56 -34.51 -39.19
CA ALA D 182 -65.37 -35.95 -39.08
C ALA D 182 -65.35 -36.45 -37.65
N LEU D 183 -64.72 -35.71 -36.72
CA LEU D 183 -64.48 -36.25 -35.39
C LEU D 183 -65.68 -36.10 -34.46
N VAL D 184 -66.48 -35.05 -34.61
CA VAL D 184 -67.66 -34.92 -33.77
C VAL D 184 -68.59 -36.12 -33.94
N PRO D 185 -68.99 -36.52 -35.15
CA PRO D 185 -69.82 -37.73 -35.26
C PRO D 185 -69.12 -38.99 -34.75
N LEU D 186 -67.84 -39.15 -35.05
CA LEU D 186 -67.14 -40.35 -34.61
C LEU D 186 -67.06 -40.41 -33.09
N ALA D 187 -66.82 -39.27 -32.45
CA ALA D 187 -66.78 -39.24 -30.98
C ALA D 187 -68.16 -39.47 -30.39
N ASP D 188 -69.17 -38.80 -30.93
CA ASP D 188 -70.53 -38.99 -30.42
C ASP D 188 -70.96 -40.46 -30.53
N ALA D 189 -70.60 -41.12 -31.62
CA ALA D 189 -70.96 -42.53 -31.78
C ALA D 189 -70.22 -43.39 -30.78
N VAL D 190 -68.94 -43.11 -30.53
CA VAL D 190 -68.17 -43.86 -29.54
C VAL D 190 -68.74 -43.63 -28.15
N ILE D 191 -69.09 -42.38 -27.83
CA ILE D 191 -69.63 -42.10 -26.50
C ILE D 191 -70.98 -42.79 -26.31
N ALA D 192 -71.80 -42.88 -27.38
CA ALA D 192 -73.10 -43.51 -27.25
C ALA D 192 -73.01 -45.02 -27.16
N ALA D 193 -71.93 -45.62 -27.68
CA ALA D 193 -71.76 -47.06 -27.63
C ALA D 193 -71.45 -47.56 -26.23
N GLY D 194 -70.72 -46.78 -25.44
CA GLY D 194 -70.34 -47.22 -24.12
C GLY D 194 -68.86 -47.53 -24.05
N ALA D 195 -68.31 -47.41 -22.87
CA ALA D 195 -66.88 -47.47 -22.65
C ALA D 195 -66.43 -48.86 -22.22
N PRO D 196 -65.17 -49.21 -22.44
CA PRO D 196 -64.62 -50.44 -21.89
C PRO D 196 -64.45 -50.33 -20.39
N ARG D 197 -64.13 -51.47 -19.77
CA ARG D 197 -63.86 -51.50 -18.34
C ARG D 197 -62.60 -50.69 -18.03
N THR D 198 -62.65 -49.91 -16.94
CA THR D 198 -61.49 -49.10 -16.54
C THR D 198 -61.17 -49.16 -15.05
N ASP D 199 -62.02 -49.76 -14.21
CA ASP D 199 -61.85 -49.63 -12.76
C ASP D 199 -60.52 -50.21 -12.28
N PHE D 200 -59.94 -51.17 -13.00
CA PHE D 200 -58.69 -51.75 -12.51
C PHE D 200 -57.54 -50.74 -12.53
N LEU D 201 -57.66 -49.66 -13.31
CA LEU D 201 -56.68 -48.59 -13.31
C LEU D 201 -56.70 -47.77 -12.03
N GLY D 202 -57.72 -47.92 -11.20
CA GLY D 202 -57.83 -47.16 -9.96
C GLY D 202 -57.43 -47.93 -8.72
N ARG D 203 -56.76 -49.07 -8.86
CA ARG D 203 -56.47 -49.95 -7.73
C ARG D 203 -55.22 -49.58 -6.95
N GLY D 204 -54.47 -48.56 -7.38
CA GLY D 204 -53.26 -48.16 -6.69
C GLY D 204 -52.01 -48.69 -7.38
N PHE D 205 -51.28 -47.80 -8.05
CA PHE D 205 -50.08 -48.15 -8.78
C PHE D 205 -48.93 -47.34 -8.21
N ALA D 206 -47.99 -48.02 -7.56
CA ALA D 206 -46.90 -47.36 -6.86
C ALA D 206 -46.10 -46.46 -7.80
N GLN D 207 -45.81 -45.25 -7.33
CA GLN D 207 -45.16 -44.24 -8.16
C GLN D 207 -43.82 -44.73 -8.71
N GLU D 208 -42.95 -45.27 -7.84
CA GLU D 208 -41.64 -45.72 -8.30
C GLU D 208 -41.76 -46.84 -9.32
N ARG D 209 -42.77 -47.70 -9.20
CA ARG D 209 -42.93 -48.77 -10.17
C ARG D 209 -43.39 -48.22 -11.52
N GLN D 210 -44.25 -47.20 -11.51
CA GLN D 210 -44.68 -46.55 -12.74
C GLN D 210 -43.50 -45.94 -13.48
N LEU D 211 -42.64 -45.20 -12.77
CA LEU D 211 -41.52 -44.55 -13.42
C LEU D 211 -40.56 -45.58 -14.04
N ALA D 212 -40.26 -46.65 -13.32
CA ALA D 212 -39.35 -47.66 -13.84
C ALA D 212 -39.91 -48.29 -15.11
N PHE D 213 -41.20 -48.60 -15.13
CA PHE D 213 -41.82 -49.15 -16.34
C PHE D 213 -41.71 -48.17 -17.50
N GLY D 214 -42.01 -46.89 -17.26
CA GLY D 214 -41.93 -45.92 -18.33
C GLY D 214 -40.54 -45.78 -18.91
N GLU D 215 -39.51 -45.89 -18.07
CA GLU D 215 -38.15 -45.74 -18.56
C GLU D 215 -37.69 -46.97 -19.34
N ARG D 216 -38.27 -48.14 -19.06
CA ARG D 216 -37.96 -49.31 -19.88
C ARG D 216 -38.54 -49.16 -21.28
N VAL D 217 -39.76 -48.61 -21.38
CA VAL D 217 -40.44 -48.48 -22.67
C VAL D 217 -39.71 -47.47 -23.55
N ILE D 218 -39.43 -46.27 -23.02
CA ILE D 218 -38.84 -45.25 -23.88
C ILE D 218 -37.40 -45.62 -24.22
N ARG D 219 -36.75 -46.43 -23.38
CA ARG D 219 -35.46 -47.00 -23.73
C ARG D 219 -35.58 -47.91 -24.95
N ASP D 220 -36.66 -48.71 -25.01
CA ASP D 220 -36.89 -49.49 -26.23
C ASP D 220 -37.19 -48.59 -27.41
N TYR D 221 -37.96 -47.52 -27.20
CA TYR D 221 -38.25 -46.58 -28.26
C TYR D 221 -36.97 -46.07 -28.90
N GLY D 222 -35.93 -45.84 -28.09
CA GLY D 222 -34.68 -45.30 -28.57
C GLY D 222 -34.17 -44.08 -27.81
N TYR D 223 -34.85 -43.71 -26.73
CA TYR D 223 -34.39 -42.57 -25.94
C TYR D 223 -33.04 -42.88 -25.32
N ASP D 224 -32.11 -41.95 -25.47
CA ASP D 224 -30.72 -42.18 -25.09
C ASP D 224 -30.47 -41.50 -23.75
N PHE D 225 -30.36 -42.31 -22.68
CA PHE D 225 -30.13 -41.77 -21.35
C PHE D 225 -28.70 -41.27 -21.15
N ARG D 226 -27.77 -41.53 -22.07
CA ARG D 226 -26.49 -40.82 -21.99
C ARG D 226 -26.62 -39.39 -22.45
N ARG D 227 -27.74 -39.03 -23.08
CA ARG D 227 -27.95 -37.71 -23.65
C ARG D 227 -29.23 -37.09 -23.11
N GLY D 228 -29.60 -37.45 -21.88
CA GLY D 228 -30.81 -36.93 -21.27
C GLY D 228 -31.09 -37.64 -19.95
N ARG D 229 -32.25 -37.31 -19.37
CA ARG D 229 -32.75 -37.92 -18.13
C ARG D 229 -34.21 -37.51 -17.96
N GLN D 230 -34.88 -38.12 -16.98
CA GLN D 230 -36.27 -37.80 -16.68
C GLN D 230 -36.43 -37.47 -15.20
N ASP D 231 -37.28 -36.51 -14.89
CA ASP D 231 -37.59 -36.11 -13.52
C ASP D 231 -39.08 -35.80 -13.41
N LEU D 232 -39.52 -35.56 -12.18
CA LEU D 232 -40.92 -35.29 -11.89
C LEU D 232 -41.20 -33.79 -11.88
N THR D 233 -42.33 -33.41 -12.45
CA THR D 233 -42.76 -32.02 -12.42
C THR D 233 -44.28 -31.99 -12.28
N HIS D 234 -44.82 -30.79 -12.08
CA HIS D 234 -46.27 -30.66 -12.09
C HIS D 234 -46.81 -30.80 -13.50
N HIS D 235 -46.09 -30.24 -14.48
CA HIS D 235 -46.51 -30.26 -15.87
C HIS D 235 -45.42 -30.87 -16.73
N PRO D 236 -45.66 -32.01 -17.40
CA PRO D 236 -44.63 -32.61 -18.25
C PRO D 236 -44.14 -31.67 -19.35
N PHE D 237 -42.84 -31.74 -19.63
CA PHE D 237 -42.30 -30.98 -20.74
C PHE D 237 -40.99 -31.63 -21.17
N MET D 238 -40.47 -31.17 -22.30
CA MET D 238 -39.17 -31.57 -22.83
C MET D 238 -38.33 -30.32 -23.01
N THR D 239 -37.04 -30.39 -22.70
CA THR D 239 -36.22 -29.20 -22.92
C THR D 239 -34.78 -29.62 -23.24
N ARG D 240 -34.14 -28.88 -24.13
CA ARG D 240 -32.78 -29.20 -24.58
C ARG D 240 -31.78 -28.27 -23.93
N LEU D 241 -30.92 -28.84 -23.08
CA LEU D 241 -29.90 -28.08 -22.38
C LEU D 241 -28.55 -28.09 -23.09
N GLY D 242 -28.43 -28.81 -24.19
CA GLY D 242 -27.18 -28.89 -24.91
C GLY D 242 -27.30 -29.85 -26.06
N GLY D 243 -26.20 -29.92 -26.83
CA GLY D 243 -26.17 -30.82 -27.98
C GLY D 243 -26.43 -32.27 -27.62
N HIS D 244 -26.10 -32.67 -26.39
CA HIS D 244 -26.26 -34.04 -25.92
C HIS D 244 -26.97 -34.10 -24.58
N ASP D 245 -27.95 -33.21 -24.37
CA ASP D 245 -28.64 -33.07 -23.07
C ASP D 245 -30.09 -32.66 -23.36
N VAL D 246 -30.92 -33.66 -23.62
CA VAL D 246 -32.33 -33.45 -23.95
C VAL D 246 -33.13 -34.12 -22.85
N ARG D 247 -33.68 -33.33 -21.92
CA ARG D 247 -34.31 -33.85 -20.71
C ARG D 247 -35.83 -33.79 -20.81
N ILE D 248 -36.48 -34.74 -20.14
CA ILE D 248 -37.93 -34.84 -20.12
C ILE D 248 -38.42 -34.93 -18.68
N THR D 249 -39.67 -34.55 -18.48
CA THR D 249 -40.30 -34.63 -17.16
C THR D 249 -41.69 -35.24 -17.32
N THR D 250 -42.17 -35.85 -16.24
CA THR D 250 -43.47 -36.47 -16.22
C THR D 250 -44.14 -36.17 -14.87
N ARG D 251 -45.40 -36.57 -14.73
CA ARG D 251 -46.17 -36.39 -13.51
C ARG D 251 -46.91 -37.68 -13.22
N VAL D 252 -46.87 -38.12 -11.95
CA VAL D 252 -47.35 -39.44 -11.56
C VAL D 252 -48.59 -39.31 -10.68
N LYS D 253 -49.62 -40.06 -11.01
CA LYS D 253 -50.80 -40.22 -10.16
C LYS D 253 -50.91 -41.69 -9.79
N GLU D 254 -50.73 -42.01 -8.50
CA GLU D 254 -50.90 -43.40 -8.07
C GLU D 254 -52.33 -43.87 -8.29
N GLN D 255 -53.28 -42.95 -8.39
CA GLN D 255 -54.67 -43.26 -8.64
C GLN D 255 -54.99 -43.50 -10.12
N ASP D 256 -54.02 -43.31 -11.03
CA ASP D 256 -54.22 -43.60 -12.45
C ASP D 256 -52.88 -43.69 -13.17
N PRO D 257 -52.44 -44.91 -13.50
CA PRO D 257 -51.09 -45.08 -14.09
C PRO D 257 -51.00 -44.68 -15.56
N THR D 258 -52.13 -44.50 -16.27
CA THR D 258 -52.04 -44.07 -17.67
C THR D 258 -51.60 -42.62 -17.80
N ASP D 259 -51.76 -41.81 -16.76
CA ASP D 259 -51.34 -40.42 -16.82
C ASP D 259 -49.82 -40.32 -16.98
N ALA D 260 -49.06 -40.91 -16.05
CA ALA D 260 -47.61 -40.85 -16.12
C ALA D 260 -47.06 -41.57 -17.35
N LEU D 261 -47.59 -42.76 -17.64
CA LEU D 261 -47.07 -43.53 -18.77
C LEU D 261 -47.15 -42.72 -20.07
N TYR D 262 -48.32 -42.17 -20.38
CA TYR D 262 -48.47 -41.53 -21.67
C TYR D 262 -47.91 -40.12 -21.71
N SER D 263 -47.81 -39.43 -20.57
CA SER D 263 -47.00 -38.22 -20.52
C SER D 263 -45.54 -38.52 -20.83
N THR D 264 -45.02 -39.62 -20.25
CA THR D 264 -43.62 -39.99 -20.47
C THR D 264 -43.37 -40.38 -21.93
N LEU D 265 -44.26 -41.19 -22.51
CA LEU D 265 -44.13 -41.52 -23.92
C LEU D 265 -44.24 -40.27 -24.77
N HIS D 266 -45.14 -39.36 -24.39
CA HIS D 266 -45.32 -38.13 -25.16
C HIS D 266 -44.05 -37.29 -25.16
N GLU D 267 -43.54 -36.95 -23.97
CA GLU D 267 -42.35 -36.13 -23.89
C GLU D 267 -41.14 -36.85 -24.47
N ALA D 268 -41.08 -38.16 -24.32
CA ALA D 268 -40.02 -38.94 -24.95
C ALA D 268 -40.03 -38.79 -26.47
N GLY D 269 -41.23 -38.71 -27.07
CA GLY D 269 -41.32 -38.50 -28.50
C GLY D 269 -40.71 -37.18 -28.95
N HIS D 270 -41.08 -36.09 -28.25
CA HIS D 270 -40.39 -34.82 -28.48
C HIS D 270 -38.88 -35.00 -28.43
N ALA D 271 -38.40 -35.75 -27.43
CA ALA D 271 -36.97 -35.86 -27.17
C ALA D 271 -36.26 -36.70 -28.23
N LEU D 272 -36.93 -37.72 -28.74
CA LEU D 272 -36.36 -38.50 -29.83
C LEU D 272 -36.08 -37.60 -31.03
N TYR D 273 -37.04 -36.76 -31.38
CA TYR D 273 -36.86 -35.78 -32.45
C TYR D 273 -35.57 -35.00 -32.23
N GLU D 274 -35.46 -34.34 -31.07
CA GLU D 274 -34.26 -33.56 -30.80
C GLU D 274 -33.01 -34.44 -30.82
N GLN D 275 -33.09 -35.64 -30.24
CA GLN D 275 -31.92 -36.49 -30.18
C GLN D 275 -31.49 -37.03 -31.53
N GLY D 276 -32.38 -37.02 -32.53
CA GLY D 276 -32.01 -37.46 -33.85
C GLY D 276 -31.44 -36.39 -34.77
N VAL D 277 -31.42 -35.14 -34.34
CA VAL D 277 -30.85 -34.08 -35.17
C VAL D 277 -29.40 -34.41 -35.48
N ASP D 278 -29.01 -34.21 -36.73
CA ASP D 278 -27.67 -34.55 -37.18
C ASP D 278 -26.60 -33.88 -36.34
N ALA D 279 -25.57 -34.65 -35.97
CA ALA D 279 -24.46 -34.10 -35.18
C ALA D 279 -23.82 -32.90 -35.87
N ALA D 280 -23.80 -32.89 -37.21
CA ALA D 280 -23.21 -31.78 -37.94
C ALA D 280 -23.98 -30.48 -37.78
N PHE D 281 -25.25 -30.54 -37.35
CA PHE D 281 -26.07 -29.35 -37.19
C PHE D 281 -26.13 -28.85 -35.76
N LEU D 282 -25.74 -29.67 -34.78
CA LEU D 282 -25.76 -29.22 -33.40
C LEU D 282 -24.86 -28.01 -33.24
N GLY D 283 -25.33 -27.00 -32.51
CA GLY D 283 -24.58 -25.78 -32.36
C GLY D 283 -24.65 -24.85 -33.54
N THR D 284 -25.51 -25.14 -34.53
CA THR D 284 -25.73 -24.27 -35.69
C THR D 284 -27.19 -23.87 -35.75
N PRO D 285 -27.55 -22.89 -36.59
CA PRO D 285 -28.96 -22.50 -36.71
C PRO D 285 -29.88 -23.61 -37.20
N LEU D 286 -29.33 -24.71 -37.72
CA LEU D 286 -30.17 -25.81 -38.18
C LEU D 286 -30.38 -26.87 -37.12
N GLY D 287 -29.75 -26.74 -35.95
CA GLY D 287 -29.77 -27.81 -34.96
C GLY D 287 -30.95 -27.84 -34.01
N GLY D 288 -32.15 -28.06 -34.53
CA GLY D 288 -33.32 -28.13 -33.67
C GLY D 288 -34.54 -28.51 -34.47
N GLY D 289 -35.63 -28.73 -33.74
CA GLY D 289 -36.88 -29.02 -34.40
C GLY D 289 -37.32 -27.86 -35.27
N VAL D 290 -38.05 -28.20 -36.34
CA VAL D 290 -38.34 -27.22 -37.38
C VAL D 290 -39.63 -26.44 -37.14
N SER D 291 -40.57 -26.98 -36.38
CA SER D 291 -41.83 -26.26 -36.16
C SER D 291 -42.59 -26.93 -35.03
N ALA D 292 -43.59 -26.20 -34.51
CA ALA D 292 -44.41 -26.72 -33.42
C ALA D 292 -45.22 -27.94 -33.86
N GLY D 293 -45.81 -27.90 -35.05
CA GLY D 293 -46.59 -29.03 -35.52
C GLY D 293 -45.75 -30.27 -35.77
N VAL D 294 -44.59 -30.10 -36.38
CA VAL D 294 -43.73 -31.26 -36.61
C VAL D 294 -43.26 -31.83 -35.29
N HIS D 295 -42.91 -30.96 -34.34
CA HIS D 295 -42.49 -31.45 -33.03
C HIS D 295 -43.61 -32.23 -32.36
N GLU D 296 -44.81 -31.65 -32.30
CA GLU D 296 -45.93 -32.34 -31.70
C GLU D 296 -46.35 -33.59 -32.49
N SER D 297 -46.03 -33.67 -33.78
CA SER D 297 -46.30 -34.90 -34.52
C SER D 297 -45.46 -36.05 -33.98
N GLN D 298 -44.29 -35.75 -33.42
CA GLN D 298 -43.42 -36.82 -32.95
C GLN D 298 -43.80 -37.27 -31.53
N SER D 299 -44.14 -36.33 -30.65
CA SER D 299 -44.68 -36.74 -29.35
C SER D 299 -45.95 -37.56 -29.54
N ARG D 300 -46.83 -37.10 -30.42
CA ARG D 300 -48.10 -37.81 -30.60
C ARG D 300 -47.91 -39.15 -31.29
N LEU D 301 -46.92 -39.27 -32.17
CA LEU D 301 -46.68 -40.55 -32.85
C LEU D 301 -46.26 -41.63 -31.85
N TRP D 302 -45.30 -41.32 -30.99
CA TRP D 302 -44.82 -42.33 -30.03
C TRP D 302 -45.83 -42.58 -28.92
N GLU D 303 -46.63 -41.57 -28.57
CA GLU D 303 -47.64 -41.68 -27.53
C GLU D 303 -48.90 -42.39 -28.03
N ASN D 304 -49.48 -41.90 -29.12
CA ASN D 304 -50.77 -42.38 -29.61
C ASN D 304 -50.60 -43.54 -30.59
N LEU D 305 -50.01 -43.25 -31.75
CA LEU D 305 -49.94 -44.23 -32.83
C LEU D 305 -49.23 -45.49 -32.38
N VAL D 306 -48.14 -45.35 -31.62
CA VAL D 306 -47.39 -46.50 -31.11
C VAL D 306 -47.92 -46.88 -29.74
N GLY D 307 -47.86 -45.95 -28.78
CA GLY D 307 -48.08 -46.28 -27.38
C GLY D 307 -49.48 -46.77 -27.05
N ARG D 308 -50.48 -46.39 -27.83
CA ARG D 308 -51.85 -46.80 -27.55
C ARG D 308 -52.34 -47.90 -28.48
N SER D 309 -51.44 -48.52 -29.25
CA SER D 309 -51.82 -49.53 -30.24
C SER D 309 -51.87 -50.93 -29.62
N ARG D 310 -52.58 -51.82 -30.32
CA ARG D 310 -52.71 -53.20 -29.86
C ARG D 310 -51.35 -53.89 -29.79
N ALA D 311 -50.48 -53.65 -30.77
CA ALA D 311 -49.16 -54.28 -30.77
C ALA D 311 -48.33 -53.81 -29.59
N PHE D 312 -48.46 -52.54 -29.19
CA PHE D 312 -47.72 -52.06 -28.03
C PHE D 312 -48.03 -52.90 -26.80
N TRP D 313 -49.30 -53.17 -26.55
CA TRP D 313 -49.68 -53.90 -25.36
C TRP D 313 -49.48 -55.40 -25.52
N ALA D 314 -49.52 -55.90 -26.77
CA ALA D 314 -49.05 -57.27 -27.00
C ALA D 314 -47.61 -57.44 -26.52
N ALA D 315 -46.80 -56.38 -26.61
CA ALA D 315 -45.40 -56.43 -26.22
C ALA D 315 -45.14 -56.15 -24.74
N TYR D 316 -45.96 -55.31 -24.11
CA TYR D 316 -45.65 -54.84 -22.77
C TYR D 316 -46.63 -55.29 -21.71
N PHE D 317 -47.76 -55.90 -22.06
CA PHE D 317 -48.69 -56.30 -21.02
C PHE D 317 -48.04 -57.25 -20.04
N GLY D 318 -47.17 -58.14 -20.52
CA GLY D 318 -46.51 -59.07 -19.62
C GLY D 318 -45.72 -58.37 -18.55
N ASP D 319 -44.83 -57.46 -18.94
CA ASP D 319 -44.06 -56.69 -17.96
C ASP D 319 -44.99 -55.88 -17.05
N TRP D 320 -46.05 -55.33 -17.63
CA TRP D 320 -47.02 -54.53 -16.89
C TRP D 320 -47.69 -55.36 -15.79
N ARG D 321 -48.23 -56.52 -16.15
CA ARG D 321 -48.89 -57.38 -15.17
C ARG D 321 -47.90 -57.87 -14.12
N ASP D 322 -46.65 -58.15 -14.52
CA ASP D 322 -45.67 -58.60 -13.53
C ASP D 322 -45.38 -57.49 -12.53
N THR D 323 -45.31 -56.24 -13.01
CA THR D 323 -45.02 -55.12 -12.13
C THR D 323 -46.21 -54.79 -11.25
N PHE D 324 -47.42 -54.99 -11.75
CA PHE D 324 -48.66 -54.69 -11.03
C PHE D 324 -49.51 -55.94 -10.99
N PRO D 325 -49.08 -56.96 -10.26
CA PRO D 325 -49.77 -58.27 -10.32
C PRO D 325 -51.19 -58.22 -9.79
N GLU D 326 -51.39 -57.68 -8.60
CA GLU D 326 -52.74 -57.60 -8.04
C GLU D 326 -53.63 -56.67 -8.86
N GLN D 327 -53.07 -55.56 -9.34
CA GLN D 327 -53.89 -54.58 -10.06
C GLN D 327 -54.41 -55.14 -11.38
N LEU D 328 -53.64 -55.98 -12.06
CA LEU D 328 -54.07 -56.55 -13.32
C LEU D 328 -54.71 -57.94 -13.18
N ALA D 329 -54.96 -58.38 -11.95
CA ALA D 329 -55.67 -59.65 -11.73
C ALA D 329 -57.08 -59.59 -12.31
N GLY D 330 -57.41 -60.58 -13.14
CA GLY D 330 -58.71 -60.56 -13.77
C GLY D 330 -58.83 -59.62 -14.95
N VAL D 331 -57.72 -59.13 -15.48
CA VAL D 331 -57.71 -58.21 -16.61
C VAL D 331 -56.92 -58.84 -17.74
N THR D 332 -57.48 -58.81 -18.95
CA THR D 332 -56.74 -59.36 -20.07
C THR D 332 -55.91 -58.27 -20.76
N GLU D 333 -54.96 -58.73 -21.57
CA GLU D 333 -54.18 -57.80 -22.39
C GLU D 333 -55.10 -56.96 -23.27
N GLU D 334 -56.15 -57.57 -23.83
CA GLU D 334 -57.10 -56.81 -24.63
C GLU D 334 -57.81 -55.75 -23.80
N GLU D 335 -58.10 -56.04 -22.53
CA GLU D 335 -58.81 -55.07 -21.71
C GLU D 335 -57.94 -53.86 -21.39
N MET D 336 -56.64 -54.09 -21.19
CA MET D 336 -55.72 -52.99 -20.96
C MET D 336 -55.58 -52.13 -22.21
N TYR D 337 -55.58 -52.76 -23.39
CA TYR D 337 -55.52 -52.01 -24.64
C TYR D 337 -56.75 -51.12 -24.81
N ARG D 338 -57.94 -51.63 -24.46
CA ARG D 338 -59.14 -50.82 -24.59
C ARG D 338 -59.18 -49.70 -23.55
N ALA D 339 -58.75 -49.99 -22.32
CA ALA D 339 -58.85 -48.97 -21.26
C ALA D 339 -58.02 -47.75 -21.58
N VAL D 340 -56.98 -47.90 -22.42
CA VAL D 340 -56.10 -46.80 -22.81
C VAL D 340 -56.66 -45.98 -23.95
N ASN D 341 -57.81 -46.37 -24.51
CA ASN D 341 -58.43 -45.71 -25.65
C ASN D 341 -59.88 -45.35 -25.38
N THR D 342 -60.19 -44.96 -24.15
CA THR D 342 -61.53 -44.50 -23.84
C THR D 342 -61.75 -43.10 -24.38
N VAL D 343 -63.01 -42.71 -24.49
CA VAL D 343 -63.38 -41.41 -25.03
C VAL D 343 -64.49 -40.82 -24.18
N SER D 344 -64.48 -39.50 -24.00
CA SER D 344 -65.56 -38.81 -23.33
C SER D 344 -65.42 -37.31 -23.53
N ARG D 345 -66.55 -36.62 -23.49
CA ARG D 345 -66.56 -35.17 -23.46
C ARG D 345 -66.10 -34.69 -22.09
N SER D 346 -64.98 -33.96 -22.05
CA SER D 346 -64.36 -33.54 -20.81
C SER D 346 -63.93 -32.08 -20.93
N LEU D 347 -63.47 -31.52 -19.81
CA LEU D 347 -63.19 -30.10 -19.69
C LEU D 347 -61.72 -29.73 -19.89
N ILE D 348 -60.78 -30.59 -19.52
CA ILE D 348 -59.37 -30.24 -19.51
C ILE D 348 -58.73 -30.69 -20.82
N ARG D 349 -58.22 -29.73 -21.60
CA ARG D 349 -57.66 -30.03 -22.91
C ARG D 349 -56.53 -31.05 -22.80
N THR D 350 -55.61 -30.85 -21.85
CA THR D 350 -54.43 -31.71 -21.79
C THR D 350 -54.79 -33.15 -21.49
N ASP D 351 -55.93 -33.40 -20.85
CA ASP D 351 -56.36 -34.76 -20.53
C ASP D 351 -57.33 -35.34 -21.56
N ALA D 352 -57.62 -34.61 -22.64
CA ALA D 352 -58.67 -35.03 -23.57
C ALA D 352 -58.21 -36.18 -24.47
N ASP D 353 -59.16 -37.06 -24.79
CA ASP D 353 -58.89 -38.28 -25.56
C ASP D 353 -58.56 -37.94 -27.02
N GLU D 354 -58.23 -38.99 -27.78
CA GLU D 354 -57.79 -38.80 -29.16
C GLU D 354 -58.85 -38.18 -30.05
N LEU D 355 -60.14 -38.39 -29.74
CA LEU D 355 -61.20 -37.93 -30.62
C LEU D 355 -61.71 -36.54 -30.26
N THR D 356 -61.79 -36.20 -28.97
CA THR D 356 -62.33 -34.92 -28.59
C THR D 356 -61.26 -33.86 -28.39
N TYR D 357 -59.98 -34.23 -28.43
CA TYR D 357 -58.92 -33.28 -28.12
C TYR D 357 -58.98 -32.06 -29.02
N ASN D 358 -59.10 -32.27 -30.33
CA ASN D 358 -59.00 -31.13 -31.23
C ASN D 358 -60.15 -30.14 -31.06
N LEU D 359 -61.27 -30.57 -30.48
CA LEU D 359 -62.34 -29.62 -30.21
C LEU D 359 -61.93 -28.58 -29.20
N HIS D 360 -60.99 -28.91 -28.32
CA HIS D 360 -60.47 -27.92 -27.40
C HIS D 360 -59.60 -26.91 -28.13
N VAL D 361 -58.76 -27.38 -29.06
CA VAL D 361 -57.90 -26.46 -29.81
C VAL D 361 -58.74 -25.53 -30.67
N ILE D 362 -59.74 -26.08 -31.37
CA ILE D 362 -60.58 -25.23 -32.23
C ILE D 362 -61.22 -24.12 -31.41
N THR D 363 -61.78 -24.46 -30.26
CA THR D 363 -62.38 -23.47 -29.38
C THR D 363 -61.40 -22.32 -29.12
N ARG D 364 -60.20 -22.66 -28.67
CA ARG D 364 -59.22 -21.61 -28.34
C ARG D 364 -58.82 -20.84 -29.58
N PHE D 365 -58.59 -21.54 -30.70
CA PHE D 365 -58.22 -20.86 -31.94
C PHE D 365 -59.29 -19.87 -32.37
N GLU D 366 -60.55 -20.29 -32.36
CA GLU D 366 -61.60 -19.39 -32.83
C GLU D 366 -61.81 -18.22 -31.89
N LEU D 367 -61.56 -18.39 -30.59
CA LEU D 367 -61.62 -17.24 -29.69
C LEU D 367 -60.47 -16.28 -29.98
N GLU D 368 -59.28 -16.81 -30.29
CA GLU D 368 -58.18 -15.94 -30.70
C GLU D 368 -58.54 -15.15 -31.95
N ARG D 369 -59.08 -15.83 -32.95
CA ARG D 369 -59.51 -15.12 -34.15
C ARG D 369 -60.47 -13.99 -33.80
N GLU D 370 -61.41 -14.25 -32.89
CA GLU D 370 -62.39 -13.22 -32.54
C GLU D 370 -61.74 -12.06 -31.78
N MET D 371 -60.79 -12.36 -30.90
CA MET D 371 -60.18 -11.30 -30.12
C MET D 371 -59.23 -10.46 -30.95
N LEU D 372 -58.40 -11.10 -31.78
CA LEU D 372 -57.44 -10.36 -32.58
C LEU D 372 -58.13 -9.47 -33.61
N ALA D 373 -59.26 -9.92 -34.16
CA ALA D 373 -60.02 -9.11 -35.11
C ALA D 373 -60.89 -8.05 -34.44
N GLY D 374 -60.85 -7.94 -33.12
CA GLY D 374 -61.68 -6.96 -32.46
C GLY D 374 -63.15 -7.31 -32.37
N LYS D 375 -63.55 -8.53 -32.73
CA LYS D 375 -64.94 -8.95 -32.67
C LYS D 375 -65.36 -9.48 -31.30
N LEU D 376 -64.40 -9.83 -30.44
CA LEU D 376 -64.69 -10.34 -29.10
C LEU D 376 -63.81 -9.61 -28.10
N ALA D 377 -64.44 -8.86 -27.19
CA ALA D 377 -63.70 -8.14 -26.16
C ALA D 377 -63.21 -9.11 -25.09
N VAL D 378 -62.00 -8.85 -24.57
CA VAL D 378 -61.43 -9.79 -23.59
C VAL D 378 -62.32 -9.88 -22.36
N ARG D 379 -62.97 -8.80 -21.96
CA ARG D 379 -63.83 -8.87 -20.79
C ARG D 379 -65.01 -9.80 -21.01
N ASP D 380 -65.33 -10.13 -22.26
CA ASP D 380 -66.37 -11.11 -22.58
C ASP D 380 -65.81 -12.50 -22.82
N LEU D 381 -64.50 -12.69 -22.62
CA LEU D 381 -63.88 -13.97 -22.97
C LEU D 381 -64.43 -15.10 -22.11
N ALA D 382 -64.60 -14.87 -20.80
CA ALA D 382 -65.08 -15.91 -19.91
C ALA D 382 -66.43 -16.45 -20.37
N ASP D 383 -67.35 -15.55 -20.72
CA ASP D 383 -68.66 -15.99 -21.20
C ASP D 383 -68.56 -16.68 -22.55
N ALA D 384 -67.77 -16.12 -23.47
CA ALA D 384 -67.63 -16.72 -24.81
C ALA D 384 -67.04 -18.12 -24.72
N TRP D 385 -66.10 -18.32 -23.79
CA TRP D 385 -65.47 -19.63 -23.58
C TRP D 385 -66.49 -20.69 -23.17
N HIS D 386 -67.30 -20.40 -22.15
CA HIS D 386 -68.33 -21.36 -21.76
C HIS D 386 -69.29 -21.64 -22.91
N ALA D 387 -69.68 -20.58 -23.63
CA ALA D 387 -70.58 -20.73 -24.77
C ALA D 387 -69.97 -21.63 -25.83
N ALA D 388 -68.67 -21.45 -26.11
CA ALA D 388 -68.01 -22.29 -27.10
C ALA D 388 -67.84 -23.72 -26.59
N TYR D 389 -67.60 -23.89 -25.28
CA TYR D 389 -67.46 -25.25 -24.76
C TYR D 389 -68.79 -26.00 -24.83
N GLU D 390 -69.89 -25.33 -24.51
CA GLU D 390 -71.20 -25.98 -24.66
C GLU D 390 -71.42 -26.41 -26.10
N GLN D 391 -71.15 -25.51 -27.05
CA GLN D 391 -71.41 -25.83 -28.46
C GLN D 391 -70.44 -26.88 -28.98
N ASN D 392 -69.17 -26.83 -28.58
CA ASN D 392 -68.18 -27.70 -29.22
C ASN D 392 -67.98 -29.00 -28.47
N LEU D 393 -68.18 -29.01 -27.17
CA LEU D 393 -67.98 -30.22 -26.39
C LEU D 393 -69.23 -30.68 -25.66
N GLY D 394 -70.31 -29.91 -25.69
CA GLY D 394 -71.57 -30.34 -25.12
C GLY D 394 -71.67 -30.24 -23.61
N LEU D 395 -70.73 -29.56 -22.95
CA LEU D 395 -70.83 -29.36 -21.51
C LEU D 395 -70.05 -28.10 -21.17
N ARG D 396 -70.20 -27.66 -19.93
CA ARG D 396 -69.61 -26.42 -19.48
C ARG D 396 -68.96 -26.63 -18.12
N ALA D 397 -67.88 -25.90 -17.87
CA ALA D 397 -67.23 -25.99 -16.57
C ALA D 397 -68.10 -25.29 -15.52
N PRO D 398 -68.00 -25.69 -14.24
CA PRO D 398 -68.84 -25.04 -13.21
C PRO D 398 -68.44 -23.60 -12.92
N SER D 399 -67.22 -23.19 -13.24
CA SER D 399 -66.77 -21.83 -13.00
C SER D 399 -65.74 -21.48 -14.05
N ASP D 400 -65.00 -20.40 -13.84
CA ASP D 400 -63.94 -20.02 -14.77
C ASP D 400 -62.62 -20.70 -14.49
N VAL D 401 -62.50 -21.39 -13.34
CA VAL D 401 -61.26 -22.09 -13.02
C VAL D 401 -60.84 -22.99 -14.16
N ASP D 402 -61.76 -23.84 -14.62
CA ASP D 402 -61.56 -24.70 -15.77
C ASP D 402 -62.22 -24.15 -17.02
N GLY D 403 -62.72 -22.93 -16.99
CA GLY D 403 -63.14 -22.23 -18.19
C GLY D 403 -61.97 -21.47 -18.77
N ALA D 404 -62.14 -20.17 -19.01
CA ALA D 404 -61.10 -19.39 -19.71
C ALA D 404 -59.79 -19.30 -18.93
N LEU D 405 -59.79 -19.61 -17.64
CA LEU D 405 -58.57 -19.61 -16.85
C LEU D 405 -57.80 -20.92 -16.96
N GLN D 406 -58.33 -21.89 -17.68
CA GLN D 406 -57.77 -23.24 -17.64
C GLN D 406 -56.32 -23.27 -18.10
N ASP D 407 -56.03 -22.71 -19.28
CA ASP D 407 -54.70 -22.83 -19.87
C ASP D 407 -53.87 -21.59 -19.62
N VAL D 408 -52.56 -21.80 -19.42
CA VAL D 408 -51.67 -20.70 -19.07
C VAL D 408 -51.29 -19.83 -20.28
N HIS D 409 -51.51 -20.32 -21.51
CA HIS D 409 -50.90 -19.71 -22.68
C HIS D 409 -51.15 -18.21 -22.76
N TRP D 410 -52.42 -17.81 -22.73
CA TRP D 410 -52.73 -16.39 -22.89
C TRP D 410 -52.32 -15.55 -21.69
N TYR D 411 -51.85 -16.17 -20.61
CA TYR D 411 -51.43 -15.44 -19.44
C TYR D 411 -49.92 -15.36 -19.30
N PHE D 412 -49.17 -16.19 -20.02
CA PHE D 412 -47.72 -16.16 -19.97
C PHE D 412 -47.12 -15.90 -21.34
N GLY D 413 -47.91 -15.40 -22.28
CA GLY D 413 -47.44 -15.17 -23.63
C GLY D 413 -48.49 -14.42 -24.43
N PRO D 414 -48.26 -14.30 -25.75
CA PRO D 414 -49.21 -13.55 -26.59
C PRO D 414 -50.52 -14.29 -26.76
N ILE D 415 -51.53 -13.53 -27.17
CA ILE D 415 -52.83 -14.06 -27.56
C ILE D 415 -52.83 -14.21 -29.08
N GLY D 416 -52.95 -15.44 -29.56
CA GLY D 416 -52.97 -15.69 -30.98
C GLY D 416 -51.96 -16.75 -31.40
N GLY D 417 -52.41 -17.76 -32.14
CA GLY D 417 -51.51 -18.81 -32.57
C GLY D 417 -50.95 -19.68 -31.48
N SER D 418 -51.60 -19.73 -30.32
CA SER D 418 -51.05 -20.45 -29.16
C SER D 418 -51.32 -21.95 -29.19
N PHE D 419 -52.31 -22.41 -29.95
CA PHE D 419 -52.79 -23.77 -29.80
C PHE D 419 -52.85 -24.59 -31.09
N GLN D 420 -52.88 -23.97 -32.27
CA GLN D 420 -53.10 -24.77 -33.47
C GLN D 420 -51.99 -25.79 -33.67
N GLY D 421 -50.78 -25.52 -33.17
CA GLY D 421 -49.70 -26.49 -33.26
C GLY D 421 -50.03 -27.84 -32.64
N TYR D 422 -50.81 -27.85 -31.57
CA TYR D 422 -51.21 -29.13 -30.97
C TYR D 422 -52.01 -29.96 -31.94
N THR D 423 -52.94 -29.34 -32.66
CA THR D 423 -53.78 -30.08 -33.60
C THR D 423 -53.03 -30.41 -34.88
N ILE D 424 -52.23 -29.49 -35.39
CA ILE D 424 -51.38 -29.81 -36.53
C ILE D 424 -50.49 -31.01 -36.20
N GLY D 425 -49.94 -31.04 -35.00
CA GLY D 425 -49.14 -32.18 -34.58
C GLY D 425 -49.92 -33.48 -34.58
N ASN D 426 -51.18 -33.44 -34.14
CA ASN D 426 -51.99 -34.64 -34.18
C ASN D 426 -52.12 -35.16 -35.61
N VAL D 427 -52.44 -34.26 -36.55
CA VAL D 427 -52.62 -34.67 -37.95
C VAL D 427 -51.31 -35.23 -38.51
N LEU D 428 -50.22 -34.48 -38.35
CA LEU D 428 -48.97 -34.92 -38.94
C LEU D 428 -48.47 -36.22 -38.33
N SER D 429 -48.87 -36.53 -37.08
CA SER D 429 -48.42 -37.78 -36.47
C SER D 429 -48.84 -38.98 -37.31
N ALA D 430 -50.10 -39.00 -37.74
CA ALA D 430 -50.60 -40.07 -38.59
C ALA D 430 -50.01 -39.99 -40.00
N GLN D 431 -49.79 -38.77 -40.50
CA GLN D 431 -49.21 -38.62 -41.84
C GLN D 431 -47.78 -39.14 -41.87
N PHE D 432 -46.94 -38.73 -40.91
CA PHE D 432 -45.59 -39.28 -40.83
C PHE D 432 -45.64 -40.79 -40.56
N TYR D 433 -46.54 -41.22 -39.68
CA TYR D 433 -46.57 -42.64 -39.32
C TYR D 433 -46.93 -43.50 -40.51
N ALA D 434 -47.93 -43.08 -41.29
CA ALA D 434 -48.35 -43.86 -42.45
C ALA D 434 -47.24 -43.96 -43.49
N ALA D 435 -46.50 -42.87 -43.71
CA ALA D 435 -45.36 -42.95 -44.62
C ALA D 435 -44.32 -43.93 -44.10
N ALA D 436 -44.14 -43.98 -42.78
CA ALA D 436 -43.19 -44.91 -42.20
C ALA D 436 -43.63 -46.35 -42.43
N GLU D 437 -44.91 -46.64 -42.29
CA GLU D 437 -45.39 -48.00 -42.50
C GLU D 437 -45.41 -48.35 -43.98
N ALA D 438 -45.71 -47.39 -44.85
CA ALA D 438 -45.58 -47.63 -46.28
C ALA D 438 -44.19 -48.13 -46.62
N ALA D 439 -43.17 -47.62 -45.93
CA ALA D 439 -41.79 -48.04 -46.16
C ALA D 439 -41.40 -49.28 -45.36
N ASN D 440 -42.13 -49.63 -44.31
CA ASN D 440 -41.79 -50.75 -43.44
C ASN D 440 -43.09 -51.43 -43.04
N PRO D 441 -43.68 -52.21 -43.96
CA PRO D 441 -44.98 -52.84 -43.66
C PRO D 441 -44.99 -53.80 -42.47
N GLY D 442 -43.83 -54.19 -41.93
CA GLY D 442 -43.86 -55.05 -40.77
C GLY D 442 -43.63 -54.33 -39.45
N LEU D 443 -44.05 -53.07 -39.36
CA LEU D 443 -43.82 -52.33 -38.11
C LEU D 443 -44.53 -52.98 -36.93
N GLU D 444 -45.81 -53.34 -37.08
CA GLU D 444 -46.55 -53.92 -35.96
C GLU D 444 -45.91 -55.20 -35.45
N ALA D 445 -45.42 -56.06 -36.35
CA ALA D 445 -44.75 -57.28 -35.90
C ALA D 445 -43.47 -56.94 -35.14
N ASP D 446 -42.76 -55.89 -35.55
CA ASP D 446 -41.61 -55.43 -34.77
C ASP D 446 -42.06 -54.94 -33.39
N PHE D 447 -43.13 -54.14 -33.34
CA PHE D 447 -43.54 -53.57 -32.06
C PHE D 447 -43.85 -54.66 -31.06
N ALA D 448 -44.47 -55.76 -31.52
CA ALA D 448 -44.78 -56.87 -30.64
C ALA D 448 -43.53 -57.46 -30.01
N ARG D 449 -42.38 -57.30 -30.66
CA ARG D 449 -41.09 -57.76 -30.14
C ARG D 449 -40.33 -56.69 -29.37
N LYS D 450 -40.97 -55.56 -29.07
CA LYS D 450 -40.30 -54.44 -28.42
C LYS D 450 -39.18 -53.87 -29.29
N ASP D 451 -39.31 -54.02 -30.60
CA ASP D 451 -38.30 -53.56 -31.55
C ASP D 451 -38.87 -52.36 -32.33
N PHE D 452 -38.34 -51.17 -32.05
CA PHE D 452 -38.80 -49.95 -32.70
C PHE D 452 -37.74 -49.35 -33.62
N SER D 453 -36.70 -50.13 -33.93
CA SER D 453 -35.53 -49.61 -34.64
C SER D 453 -35.85 -49.16 -36.05
N ARG D 454 -36.75 -49.87 -36.74
CA ARG D 454 -37.06 -49.44 -38.10
C ARG D 454 -37.98 -48.23 -38.10
N LEU D 455 -38.96 -48.19 -37.19
CA LEU D 455 -39.76 -46.97 -37.06
C LEU D 455 -38.87 -45.78 -36.68
N HIS D 456 -38.00 -45.97 -35.69
CA HIS D 456 -37.07 -44.91 -35.32
C HIS D 456 -36.14 -44.60 -36.49
N GLY D 457 -35.65 -45.63 -37.17
CA GLY D 457 -34.75 -45.41 -38.29
C GLY D 457 -35.37 -44.56 -39.38
N TRP D 458 -36.63 -44.87 -39.74
CA TRP D 458 -37.31 -44.09 -40.77
C TRP D 458 -37.49 -42.64 -40.32
N LEU D 459 -37.96 -42.43 -39.08
CA LEU D 459 -38.18 -41.08 -38.58
C LEU D 459 -36.88 -40.28 -38.48
N ARG D 460 -35.78 -40.94 -38.13
CA ARG D 460 -34.50 -40.24 -38.05
C ARG D 460 -34.00 -39.83 -39.44
N GLU D 461 -34.14 -40.72 -40.41
CA GLU D 461 -33.63 -40.43 -41.75
C GLU D 461 -34.47 -39.38 -42.46
N ASN D 462 -35.79 -39.40 -42.24
CA ASN D 462 -36.69 -38.57 -43.01
C ASN D 462 -37.17 -37.31 -42.27
N VAL D 463 -37.00 -37.25 -40.96
CA VAL D 463 -37.53 -36.12 -40.19
C VAL D 463 -36.45 -35.54 -39.28
N TYR D 464 -35.92 -36.37 -38.36
CA TYR D 464 -35.10 -35.84 -37.27
C TYR D 464 -33.79 -35.23 -37.76
N ARG D 465 -33.03 -35.98 -38.57
CA ARG D 465 -31.66 -35.60 -38.88
C ARG D 465 -31.59 -34.24 -39.58
N HIS D 466 -32.61 -33.88 -40.36
CA HIS D 466 -32.58 -32.65 -41.14
C HIS D 466 -32.68 -31.41 -40.28
N GLY D 467 -33.20 -31.53 -39.05
CA GLY D 467 -33.37 -30.37 -38.21
C GLY D 467 -34.16 -29.30 -38.93
N ARG D 468 -33.56 -28.12 -39.10
CA ARG D 468 -34.17 -26.98 -39.79
C ARG D 468 -33.64 -26.84 -41.23
N ARG D 469 -32.90 -27.83 -41.72
CA ARG D 469 -32.33 -27.76 -43.06
C ARG D 469 -33.40 -27.59 -44.14
N TRP D 470 -34.59 -28.15 -43.91
CA TRP D 470 -35.75 -27.96 -44.76
C TRP D 470 -36.83 -27.19 -44.02
N THR D 471 -37.61 -26.41 -44.78
CA THR D 471 -38.81 -25.82 -44.20
C THR D 471 -39.81 -26.92 -43.85
N PRO D 472 -40.76 -26.63 -42.95
CA PRO D 472 -41.77 -27.64 -42.60
C PRO D 472 -42.43 -28.25 -43.82
N GLY D 473 -42.88 -27.40 -44.76
CA GLY D 473 -43.55 -27.89 -45.96
C GLY D 473 -42.66 -28.77 -46.82
N GLU D 474 -41.40 -28.37 -47.00
CA GLU D 474 -40.47 -29.24 -47.73
C GLU D 474 -40.26 -30.53 -46.96
N LEU D 475 -40.12 -30.45 -45.63
CA LEU D 475 -39.87 -31.65 -44.85
C LEU D 475 -41.02 -32.62 -44.97
N ILE D 476 -42.26 -32.11 -44.87
CA ILE D 476 -43.43 -32.96 -44.92
C ILE D 476 -43.58 -33.59 -46.31
N GLU D 477 -43.41 -32.79 -47.36
CA GLU D 477 -43.59 -33.31 -48.71
C GLU D 477 -42.52 -34.33 -49.06
N ARG D 478 -41.26 -34.05 -48.71
CA ARG D 478 -40.19 -34.99 -48.99
C ARG D 478 -40.39 -36.31 -48.25
N ALA D 479 -40.80 -36.24 -46.99
CA ALA D 479 -40.89 -37.46 -46.18
C ALA D 479 -42.15 -38.27 -46.48
N THR D 480 -43.27 -37.61 -46.77
CA THR D 480 -44.52 -38.33 -46.91
C THR D 480 -45.11 -38.26 -48.31
N GLY D 481 -44.52 -37.50 -49.22
CA GLY D 481 -45.01 -37.45 -50.58
C GLY D 481 -46.15 -36.50 -50.83
N GLN D 482 -46.62 -35.80 -49.80
CA GLN D 482 -47.73 -34.89 -49.96
C GLN D 482 -47.67 -33.82 -48.88
N ALA D 483 -48.36 -32.72 -49.11
CA ALA D 483 -48.41 -31.63 -48.16
C ALA D 483 -49.30 -32.02 -46.97
N LEU D 484 -49.40 -31.12 -46.00
CA LEU D 484 -50.22 -31.40 -44.83
C LEU D 484 -51.62 -31.83 -45.27
N THR D 485 -52.06 -32.99 -44.80
CA THR D 485 -53.37 -33.51 -45.12
C THR D 485 -53.95 -34.25 -43.92
N ALA D 486 -55.24 -34.05 -43.67
CA ALA D 486 -55.94 -34.73 -42.59
C ALA D 486 -56.35 -36.17 -42.93
N GLY D 487 -56.13 -36.62 -44.16
CA GLY D 487 -56.56 -37.93 -44.60
C GLY D 487 -56.09 -39.08 -43.75
N PRO D 488 -54.77 -39.28 -43.68
CA PRO D 488 -54.26 -40.41 -42.88
C PRO D 488 -54.71 -40.35 -41.43
N TYR D 489 -54.81 -39.13 -40.87
CA TYR D 489 -55.27 -38.98 -39.49
C TYR D 489 -56.70 -39.50 -39.32
N LEU D 490 -57.60 -39.07 -40.22
CA LEU D 490 -58.99 -39.50 -40.13
C LEU D 490 -59.13 -40.99 -40.46
N LYS D 491 -58.33 -41.50 -41.39
CA LYS D 491 -58.44 -42.94 -41.68
C LYS D 491 -57.98 -43.77 -40.48
N TYR D 492 -56.92 -43.32 -39.82
CA TYR D 492 -56.43 -44.04 -38.64
C TYR D 492 -57.46 -44.03 -37.51
N LEU D 493 -58.04 -42.86 -37.22
CA LEU D 493 -58.98 -42.76 -36.11
C LEU D 493 -60.28 -43.51 -36.41
N ARG D 494 -60.85 -43.31 -37.60
CA ARG D 494 -62.06 -44.03 -37.97
C ARG D 494 -61.84 -45.54 -37.92
N GLY D 495 -60.71 -46.00 -38.45
CA GLY D 495 -60.45 -47.43 -38.42
C GLY D 495 -60.24 -47.95 -37.01
N LYS D 496 -59.42 -47.24 -36.22
CA LYS D 496 -59.11 -47.73 -34.88
C LYS D 496 -60.35 -47.72 -33.99
N TYR D 497 -61.09 -46.61 -33.96
CA TYR D 497 -62.24 -46.51 -33.07
C TYR D 497 -63.50 -47.15 -33.66
N GLY D 498 -63.63 -47.19 -34.99
CA GLY D 498 -64.68 -48.01 -35.56
C GLY D 498 -64.56 -49.45 -35.13
N GLU D 499 -63.31 -49.95 -35.04
CA GLU D 499 -63.07 -51.33 -34.65
C GLU D 499 -63.25 -51.52 -33.15
N LEU D 500 -62.85 -50.53 -32.35
CA LEU D 500 -62.93 -50.64 -30.90
C LEU D 500 -64.37 -50.62 -30.41
N TYR D 501 -65.22 -49.80 -31.01
CA TYR D 501 -66.56 -49.58 -30.48
C TYR D 501 -67.68 -50.11 -31.39
N GLY D 502 -67.34 -50.78 -32.50
CA GLY D 502 -68.33 -51.25 -33.44
C GLY D 502 -69.16 -50.15 -34.05
N VAL D 503 -68.49 -49.11 -34.53
CA VAL D 503 -69.20 -47.99 -35.11
C VAL D 503 -68.58 -47.63 -36.46
N ASP E 7 -6.54 56.94 53.57
CA ASP E 7 -7.88 56.34 53.60
C ASP E 7 -8.21 55.63 52.29
N THR E 8 -8.50 56.39 51.22
CA THR E 8 -8.80 55.75 49.95
C THR E 8 -7.57 55.20 49.25
N GLN E 9 -6.38 55.71 49.56
CA GLN E 9 -5.18 54.94 49.29
C GLN E 9 -5.17 53.68 50.16
N TRP E 10 -5.69 53.80 51.38
CA TRP E 10 -5.79 52.67 52.29
C TRP E 10 -6.83 51.67 51.81
N GLN E 11 -7.96 52.14 51.28
CA GLN E 11 -8.97 51.22 50.75
C GLN E 11 -8.39 50.35 49.66
N GLN E 12 -7.54 50.92 48.80
CA GLN E 12 -6.88 50.12 47.78
C GLN E 12 -5.96 49.09 48.39
N LEU E 13 -5.26 49.46 49.47
CA LEU E 13 -4.39 48.52 50.16
C LEU E 13 -5.21 47.36 50.72
N THR E 14 -6.31 47.66 51.40
CA THR E 14 -7.11 46.61 51.99
C THR E 14 -7.68 45.67 50.93
N GLU E 15 -8.08 46.21 49.77
CA GLU E 15 -8.61 45.35 48.73
C GLU E 15 -7.52 44.47 48.13
N HIS E 16 -6.31 45.02 47.98
CA HIS E 16 -5.22 44.21 47.46
C HIS E 16 -4.79 43.15 48.47
N TRP E 17 -4.72 43.52 49.75
CA TRP E 17 -4.41 42.55 50.79
C TRP E 17 -5.45 41.44 50.82
N GLN E 18 -6.73 41.81 50.72
CA GLN E 18 -7.77 40.79 50.69
C GLN E 18 -7.65 39.91 49.45
N GLU E 19 -7.21 40.47 48.32
CA GLU E 19 -7.01 39.65 47.13
C GLU E 19 -5.88 38.66 47.33
N LEU E 20 -4.81 39.09 47.99
CA LEU E 20 -3.71 38.17 48.29
C LEU E 20 -4.21 37.03 49.17
N ALA E 21 -5.01 37.36 50.20
CA ALA E 21 -5.58 36.32 51.05
C ALA E 21 -6.46 35.36 50.24
N ASP E 22 -7.22 35.89 49.28
CA ASP E 22 -8.11 35.05 48.49
C ASP E 22 -7.33 34.11 47.59
N PHE E 23 -6.28 34.62 46.92
CA PHE E 23 -5.37 33.74 46.20
C PHE E 23 -4.82 32.67 47.14
N GLY E 24 -4.45 33.06 48.36
CA GLY E 24 -3.91 32.09 49.29
C GLY E 24 -4.88 30.97 49.62
N GLY E 25 -6.14 31.33 49.89
CA GLY E 25 -7.14 30.32 50.16
C GLY E 25 -7.37 29.38 48.98
N ILE E 26 -7.35 29.93 47.77
CA ILE E 26 -7.54 29.09 46.60
C ILE E 26 -6.37 28.13 46.43
N GLU E 27 -5.14 28.63 46.59
CA GLU E 27 -3.98 27.74 46.60
C GLU E 27 -4.11 26.69 47.69
N ALA E 28 -4.55 27.07 48.88
CA ALA E 28 -4.69 26.12 49.95
C ALA E 28 -5.74 25.07 49.62
N LEU E 29 -6.84 25.48 48.98
CA LEU E 29 -7.84 24.50 48.56
C LEU E 29 -7.24 23.51 47.57
N LEU E 30 -6.43 24.00 46.62
CA LEU E 30 -5.80 23.11 45.65
C LEU E 30 -4.88 22.11 46.34
N GLY E 31 -4.15 22.55 47.36
CA GLY E 31 -3.26 21.67 48.10
C GLY E 31 -3.99 20.74 49.04
N TRP E 32 -5.02 21.26 49.71
CA TRP E 32 -5.82 20.45 50.61
C TRP E 32 -6.51 19.31 49.86
N ASP E 33 -7.11 19.62 48.71
CA ASP E 33 -7.76 18.58 47.91
C ASP E 33 -6.73 17.61 47.34
N GLN E 34 -5.53 18.10 47.01
CA GLN E 34 -4.47 17.22 46.53
C GLN E 34 -4.11 16.17 47.56
N SER E 35 -4.13 16.53 48.86
CA SER E 35 -3.75 15.60 49.92
C SER E 35 -4.87 14.71 50.41
N THR E 36 -6.13 15.07 50.14
CA THR E 36 -7.27 14.36 50.68
C THR E 36 -8.04 13.57 49.63
N PHE E 37 -8.51 14.22 48.57
CA PHE E 37 -9.51 13.63 47.70
C PHE E 37 -9.10 13.52 46.23
N LEU E 38 -7.98 14.10 45.82
CA LEU E 38 -7.54 14.02 44.43
C LEU E 38 -7.39 12.57 43.99
N PRO E 39 -8.03 12.15 42.90
CA PRO E 39 -7.84 10.77 42.42
C PRO E 39 -6.41 10.53 41.95
N ALA E 40 -6.03 9.25 41.94
CA ALA E 40 -4.63 8.86 41.70
C ALA E 40 -4.13 9.32 40.34
N GLY E 41 -4.95 9.23 39.30
CA GLY E 41 -4.49 9.56 37.96
C GLY E 41 -4.50 11.03 37.61
N ALA E 42 -4.75 11.91 38.56
CA ALA E 42 -4.93 13.33 38.29
C ALA E 42 -3.80 14.20 38.82
N ALA E 43 -2.67 13.60 39.21
CA ALA E 43 -1.62 14.34 39.88
C ALA E 43 -1.01 15.41 38.99
N GLU E 44 -0.79 15.10 37.71
CA GLU E 44 -0.03 16.00 36.86
C GLU E 44 -0.81 17.29 36.61
N ASP E 45 -2.10 17.17 36.32
CA ASP E 45 -2.91 18.36 36.06
C ASP E 45 -3.05 19.21 37.32
N ARG E 46 -3.23 18.59 38.49
CA ARG E 46 -3.33 19.37 39.71
C ARG E 46 -2.04 20.13 39.97
N ALA E 47 -0.91 19.52 39.67
CA ALA E 47 0.37 20.21 39.85
C ALA E 47 0.46 21.42 38.93
N ARG E 48 -0.04 21.28 37.70
CA ARG E 48 -0.03 22.41 36.76
C ARG E 48 -1.02 23.49 37.16
N GLN E 49 -2.22 23.09 37.62
CA GLN E 49 -3.15 24.07 38.16
C GLN E 49 -2.52 24.87 39.30
N GLN E 50 -1.79 24.20 40.18
CA GLN E 50 -1.15 24.88 41.30
C GLN E 50 -0.06 25.84 40.84
N SER E 51 0.76 25.44 39.86
CA SER E 51 1.79 26.36 39.39
C SER E 51 1.17 27.58 38.72
N LEU E 52 0.10 27.37 37.94
CA LEU E 52 -0.64 28.47 37.32
C LEU E 52 -1.12 29.45 38.37
N LEU E 53 -1.69 28.94 39.47
CA LEU E 53 -2.20 29.80 40.52
C LEU E 53 -1.06 30.44 41.31
N ALA E 54 0.02 29.69 41.57
CA ALA E 54 1.17 30.28 42.24
C ALA E 54 1.72 31.46 41.45
N GLY E 55 1.80 31.33 40.11
CA GLY E 55 2.33 32.42 39.31
C GLY E 55 1.49 33.67 39.40
N LEU E 56 0.18 33.52 39.31
CA LEU E 56 -0.71 34.68 39.38
C LEU E 56 -0.60 35.36 40.73
N ARG E 57 -0.61 34.58 41.83
CA ARG E 57 -0.50 35.18 43.15
C ARG E 57 0.84 35.85 43.36
N HIS E 58 1.93 35.23 42.90
CA HIS E 58 3.24 35.86 43.05
C HIS E 58 3.30 37.18 42.30
N ALA E 59 2.71 37.22 41.11
CA ALA E 59 2.70 38.47 40.34
C ALA E 59 1.95 39.56 41.11
N ARG E 60 0.77 39.23 41.64
CA ARG E 60 0.03 40.22 42.40
C ARG E 60 0.69 40.53 43.74
N ALA E 61 1.54 39.65 44.26
CA ALA E 61 2.22 39.91 45.53
C ALA E 61 3.43 40.82 45.36
N THR E 62 3.99 40.87 44.16
CA THR E 62 5.19 41.65 43.88
C THR E 62 4.89 42.80 42.91
N ASP E 63 3.62 43.15 42.73
CA ASP E 63 3.23 44.19 41.78
C ASP E 63 3.90 45.52 42.11
N ALA E 64 4.51 46.13 41.09
CA ALA E 64 5.24 47.37 41.30
C ALA E 64 4.31 48.48 41.79
N GLY E 65 3.13 48.59 41.17
CA GLY E 65 2.16 49.55 41.67
C GLY E 65 1.80 49.30 43.11
N TYR E 66 1.57 48.03 43.47
CA TYR E 66 1.31 47.67 44.86
C TYR E 66 2.44 48.12 45.78
N GLY E 67 3.69 47.91 45.36
CA GLY E 67 4.81 48.34 46.17
C GLY E 67 4.79 49.83 46.46
N LYS E 68 4.37 50.63 45.46
CA LYS E 68 4.32 52.06 45.65
C LYS E 68 3.28 52.45 46.70
N LEU E 69 2.10 51.83 46.66
CA LEU E 69 1.12 52.11 47.70
C LEU E 69 1.69 51.84 49.07
N LEU E 70 2.44 50.74 49.21
CA LEU E 70 3.06 50.44 50.49
C LEU E 70 4.09 51.50 50.85
N ASP E 71 4.89 51.92 49.87
CA ASP E 71 5.87 52.98 50.12
C ASP E 71 5.16 54.27 50.54
N ALA E 72 4.11 54.64 49.82
CA ALA E 72 3.36 55.85 50.15
C ALA E 72 2.81 55.78 51.57
N ALA E 73 2.07 54.72 51.88
CA ALA E 73 1.47 54.61 53.21
C ALA E 73 2.51 54.55 54.32
N SER E 74 3.71 54.07 54.01
CA SER E 74 4.72 53.94 55.07
C SER E 74 5.25 55.31 55.52
N SER E 75 5.26 56.29 54.62
CA SER E 75 5.72 57.62 54.94
C SER E 75 4.63 58.49 55.57
N ARG E 76 3.49 57.90 55.90
CA ARG E 76 2.39 58.61 56.51
C ARG E 76 2.56 58.72 58.02
N SER E 77 1.92 59.73 58.58
CA SER E 77 1.93 59.97 60.02
C SER E 77 0.55 59.89 60.64
N ASP E 78 -0.49 59.60 59.86
CA ASP E 78 -1.87 59.61 60.35
C ASP E 78 -2.45 58.22 60.53
N LEU E 79 -1.60 57.19 60.54
CA LEU E 79 -2.05 55.81 60.69
C LEU E 79 -2.03 55.40 62.16
N SER E 80 -3.04 54.61 62.56
CA SER E 80 -3.03 54.06 63.91
C SER E 80 -1.86 53.10 64.07
N PRO E 81 -1.45 52.81 65.32
CA PRO E 81 -0.38 51.82 65.52
C PRO E 81 -0.69 50.49 64.86
N GLU E 82 -1.97 50.10 64.84
CA GLU E 82 -2.35 48.84 64.23
C GLU E 82 -2.16 48.89 62.72
N GLN E 83 -2.59 49.98 62.09
CA GLN E 83 -2.45 50.14 60.65
C GLN E 83 -0.98 50.26 60.25
N ALA E 84 -0.18 50.97 61.04
CA ALA E 84 1.24 51.07 60.75
C ALA E 84 1.89 49.71 60.73
N ARG E 85 1.54 48.84 61.67
CA ARG E 85 2.09 47.50 61.71
C ARG E 85 1.67 46.67 60.50
N MET E 86 0.41 46.81 60.06
CA MET E 86 0.00 46.13 58.84
C MET E 86 0.86 46.54 57.66
N VAL E 87 1.11 47.85 57.51
CA VAL E 87 1.94 48.32 56.41
C VAL E 87 3.36 47.78 56.58
N GLN E 88 3.87 47.79 57.80
CA GLN E 88 5.22 47.27 58.05
C GLN E 88 5.30 45.80 57.66
N VAL E 89 4.34 44.99 58.11
CA VAL E 89 4.34 43.57 57.78
C VAL E 89 4.20 43.38 56.28
N ALA E 90 3.30 44.13 55.65
CA ALA E 90 3.15 44.02 54.20
C ALA E 90 4.45 44.35 53.47
N ARG E 91 5.15 45.40 53.93
CA ARG E 91 6.39 45.79 53.28
C ARG E 91 7.49 44.77 53.53
N GLN E 92 7.54 44.19 54.73
CA GLN E 92 8.51 43.14 55.00
C GLN E 92 8.24 41.91 54.13
N ASP E 93 6.96 41.54 53.95
CA ASP E 93 6.64 40.45 53.05
C ASP E 93 7.01 40.80 51.61
N PHE E 94 6.72 42.04 51.20
CA PHE E 94 7.02 42.45 49.82
C PHE E 94 8.51 42.40 49.54
N GLU E 95 9.34 42.85 50.49
CA GLU E 95 10.78 42.83 50.29
C GLU E 95 11.28 41.40 50.07
N LYS E 96 10.81 40.46 50.89
CA LYS E 96 11.29 39.08 50.79
C LYS E 96 10.90 38.45 49.46
N ALA E 97 9.70 38.76 48.96
CA ALA E 97 9.24 38.14 47.72
C ALA E 97 10.00 38.64 46.49
N THR E 98 10.44 39.89 46.49
CA THR E 98 11.15 40.47 45.35
C THR E 98 12.67 40.45 45.45
N ARG E 99 13.24 40.17 46.63
CA ARG E 99 14.69 40.25 46.79
C ARG E 99 15.45 39.27 45.91
N ILE E 100 14.95 38.04 45.78
CA ILE E 100 15.69 37.00 45.07
C ILE E 100 15.27 37.00 43.60
N PRO E 101 16.22 37.10 42.68
CA PRO E 101 15.86 37.15 41.25
C PRO E 101 15.02 35.96 40.83
N ALA E 102 14.03 36.22 39.98
CA ALA E 102 13.17 35.16 39.50
C ALA E 102 13.97 34.06 38.82
N GLU E 103 15.08 34.41 38.17
CA GLU E 103 15.93 33.38 37.57
C GLU E 103 16.44 32.40 38.62
N PHE E 104 17.03 32.92 39.70
CA PHE E 104 17.54 32.06 40.74
C PHE E 104 16.42 31.24 41.37
N VAL E 105 15.25 31.86 41.57
CA VAL E 105 14.11 31.13 42.13
C VAL E 105 13.77 29.91 41.29
N ARG E 106 13.76 30.06 39.96
CA ARG E 106 13.41 28.93 39.10
C ARG E 106 14.45 27.82 39.19
N GLU E 107 15.73 28.17 39.19
CA GLU E 107 16.79 27.17 39.27
C GLU E 107 16.70 26.37 40.57
N PHE E 108 16.59 27.08 41.69
CA PHE E 108 16.50 26.41 42.99
C PHE E 108 15.27 25.51 43.06
N SER E 109 14.11 26.05 42.64
CA SER E 109 12.87 25.29 42.70
C SER E 109 12.91 24.05 41.80
N GLY E 110 13.47 24.19 40.59
CA GLY E 110 13.57 23.05 39.72
C GLY E 110 14.53 22.00 40.23
N HIS E 111 15.62 22.44 40.86
CA HIS E 111 16.62 21.51 41.37
C HIS E 111 16.06 20.66 42.50
N VAL E 112 15.45 21.28 43.50
CA VAL E 112 14.91 20.52 44.62
C VAL E 112 13.81 19.58 44.14
N GLY E 113 13.12 19.93 43.06
CA GLY E 113 12.14 19.02 42.48
C GLY E 113 12.75 17.76 41.90
N GLN E 114 13.96 17.88 41.35
CA GLN E 114 14.67 16.70 40.85
C GLN E 114 15.33 15.94 41.99
N SER E 115 15.88 16.67 42.97
CA SER E 115 16.32 16.05 44.22
C SER E 115 15.21 15.24 44.85
N TYR E 116 14.01 15.83 44.98
CA TYR E 116 12.91 15.10 45.60
C TYR E 116 12.60 13.82 44.83
N SER E 117 12.49 13.92 43.51
CA SER E 117 12.15 12.77 42.68
C SER E 117 13.17 11.66 42.84
N ALA E 118 14.46 12.01 42.79
CA ALA E 118 15.50 11.01 43.01
C ALA E 118 15.42 10.43 44.41
N TRP E 119 15.05 11.26 45.39
CA TRP E 119 14.99 10.79 46.77
C TRP E 119 13.89 9.74 46.95
N THR E 120 12.74 9.93 46.31
CA THR E 120 11.67 8.94 46.44
C THR E 120 12.10 7.55 45.99
N GLU E 121 13.15 7.46 45.19
CA GLU E 121 13.76 6.18 44.81
C GLU E 121 15.01 5.85 45.61
N ALA E 122 15.83 6.84 45.93
CA ALA E 122 17.09 6.54 46.62
C ALA E 122 16.86 6.06 48.05
N ARG E 123 15.81 6.56 48.73
CA ARG E 123 15.57 6.12 50.10
C ARG E 123 15.18 4.65 50.16
N PRO E 124 14.09 4.20 49.54
CA PRO E 124 13.76 2.77 49.60
C PRO E 124 14.87 1.87 49.10
N ALA E 125 15.74 2.37 48.23
CA ALA E 125 16.84 1.61 47.66
C ALA E 125 18.14 1.78 48.45
N ASN E 126 18.12 2.51 49.56
CA ASN E 126 19.32 2.69 50.38
C ASN E 126 20.48 3.22 49.55
N ASP E 127 20.20 4.24 48.74
CA ASP E 127 21.15 4.77 47.77
C ASP E 127 21.53 6.20 48.14
N PHE E 128 22.25 6.34 49.26
CA PHE E 128 22.63 7.69 49.70
C PHE E 128 23.61 8.32 48.73
N GLY E 129 24.51 7.52 48.16
CA GLY E 129 25.48 8.04 47.21
C GLY E 129 24.84 8.74 46.03
N ARG E 130 23.64 8.30 45.63
CA ARG E 130 22.93 8.95 44.52
C ARG E 130 22.45 10.33 44.90
N MET E 131 22.05 10.53 46.16
CA MET E 131 21.55 11.82 46.60
C MET E 131 22.67 12.81 46.91
N VAL E 132 23.89 12.33 47.09
CA VAL E 132 25.00 13.22 47.45
C VAL E 132 25.15 14.39 46.47
N PRO E 133 25.20 14.16 45.16
CA PRO E 133 25.28 15.32 44.23
C PRO E 133 24.13 16.30 44.38
N TYR E 134 22.90 15.82 44.57
CA TYR E 134 21.78 16.73 44.78
C TYR E 134 22.00 17.58 46.02
N LEU E 135 22.47 16.97 47.10
CA LEU E 135 22.69 17.69 48.37
C LEU E 135 23.83 18.70 48.26
N GLU E 136 24.87 18.39 47.48
CA GLU E 136 25.97 19.34 47.32
C GLU E 136 25.48 20.62 46.66
N LYS E 137 24.72 20.47 45.56
CA LYS E 137 24.16 21.63 44.89
C LYS E 137 23.13 22.33 45.75
N THR E 138 22.28 21.58 46.46
CA THR E 138 21.32 22.20 47.36
C THR E 138 22.04 23.01 48.44
N LEU E 139 23.13 22.48 48.99
CA LEU E 139 23.86 23.26 50.00
C LEU E 139 24.44 24.54 49.40
N ASP E 140 25.01 24.45 48.20
CA ASP E 140 25.55 25.64 47.57
C ASP E 140 24.46 26.66 47.28
N LEU E 141 23.34 26.19 46.71
CA LEU E 141 22.22 27.09 46.41
C LEU E 141 21.63 27.68 47.68
N SER E 142 21.57 26.89 48.77
CA SER E 142 21.06 27.43 50.03
C SER E 142 21.96 28.55 50.53
N LEU E 143 23.27 28.36 50.42
CA LEU E 143 24.20 29.42 50.81
C LEU E 143 24.05 30.62 49.89
N GLN E 144 23.89 30.37 48.59
CA GLN E 144 23.73 31.46 47.63
C GLN E 144 22.45 32.23 47.91
N ALA E 145 21.35 31.52 48.22
CA ALA E 145 20.09 32.19 48.51
C ALA E 145 20.23 33.14 49.70
N ALA E 146 20.92 32.71 50.75
CA ALA E 146 21.11 33.56 51.91
C ALA E 146 21.96 34.78 51.57
N SER E 147 22.86 34.65 50.59
CA SER E 147 23.73 35.77 50.27
C SER E 147 22.94 36.95 49.71
N TYR E 148 21.71 36.72 49.25
CA TYR E 148 20.83 37.83 48.88
C TYR E 148 20.31 38.59 50.09
N PHE E 149 20.59 38.12 51.31
CA PHE E 149 20.18 38.80 52.54
C PHE E 149 21.41 39.01 53.42
N PRO E 150 22.33 39.86 53.00
CA PRO E 150 23.56 40.09 53.77
C PRO E 150 23.31 40.66 55.16
N GLU E 151 22.11 41.18 55.43
CA GLU E 151 21.82 41.66 56.76
C GLU E 151 21.98 40.57 57.81
N PHE E 152 22.05 39.30 57.39
CA PHE E 152 22.37 38.18 58.27
C PHE E 152 23.79 37.70 57.96
N GLY E 153 24.74 38.08 58.80
CA GLY E 153 26.11 37.62 58.60
C GLY E 153 26.23 36.11 58.54
N ASP E 154 25.52 35.41 59.41
CA ASP E 154 25.50 33.96 59.42
C ASP E 154 24.38 33.45 58.53
N PRO E 155 24.67 32.70 57.47
CA PRO E 155 23.58 32.21 56.61
C PRO E 155 22.56 31.38 57.37
N LEU E 156 22.98 30.69 58.44
CA LEU E 156 22.03 29.96 59.26
C LEU E 156 21.05 30.91 59.96
N ASP E 157 21.51 32.10 60.35
CA ASP E 157 20.60 33.07 60.96
C ASP E 157 19.51 33.49 59.99
N TYR E 158 19.84 33.56 58.70
CA TYR E 158 18.83 33.88 57.69
C TYR E 158 17.73 32.83 57.67
N TYR E 159 18.10 31.55 57.75
CA TYR E 159 17.11 30.48 57.71
C TYR E 159 16.33 30.38 59.00
N ILE E 160 16.98 30.54 60.15
CA ILE E 160 16.24 30.55 61.41
C ILE E 160 15.22 31.68 61.40
N ASN E 161 15.63 32.86 60.90
CA ASN E 161 14.76 34.04 60.89
C ASN E 161 13.57 33.89 59.93
N GLU E 162 13.74 33.19 58.81
CA GLU E 162 12.61 32.92 57.95
C GLU E 162 11.52 32.16 58.69
N SER E 163 11.93 31.18 59.52
CA SER E 163 10.99 30.38 60.30
C SER E 163 10.49 31.12 61.53
N ASP E 164 11.40 31.72 62.30
CA ASP E 164 11.03 32.37 63.57
C ASP E 164 11.72 33.73 63.62
N GLU E 165 10.98 34.78 63.28
CA GLU E 165 11.57 36.12 63.22
C GLU E 165 12.28 36.49 64.51
N GLY E 166 13.53 36.92 64.39
CA GLY E 166 14.31 37.38 65.51
C GLY E 166 15.14 36.31 66.19
N MET E 167 14.85 35.04 65.93
CA MET E 167 15.59 33.96 66.53
C MET E 167 16.94 33.80 65.80
N THR E 168 17.96 33.42 66.54
CA THR E 168 19.31 33.28 66.00
C THR E 168 19.86 31.89 66.21
N ALA E 169 20.92 31.57 65.45
CA ALA E 169 21.52 30.25 65.55
C ALA E 169 22.11 30.00 66.93
N GLU E 170 22.75 31.01 67.54
CA GLU E 170 23.31 30.80 68.87
C GLU E 170 22.24 30.80 69.95
N GLN E 171 21.17 31.57 69.76
CA GLN E 171 20.04 31.48 70.67
C GLN E 171 19.45 30.07 70.64
N VAL E 172 19.30 29.51 69.44
CA VAL E 172 18.82 28.15 69.28
C VAL E 172 19.84 27.15 69.83
N GLY E 173 21.11 27.36 69.50
CA GLY E 173 22.15 26.46 69.97
C GLY E 173 22.22 26.38 71.48
N GLN E 174 21.92 27.49 72.17
CA GLN E 174 21.93 27.47 73.62
C GLN E 174 20.73 26.70 74.17
N VAL E 175 19.56 26.89 73.57
CA VAL E 175 18.36 26.20 74.03
C VAL E 175 18.50 24.69 73.83
N PHE E 176 18.98 24.29 72.65
CA PHE E 176 19.16 22.87 72.35
C PHE E 176 20.19 22.23 73.29
N ALA E 177 21.32 22.91 73.46
CA ALA E 177 22.36 22.39 74.35
C ALA E 177 21.78 22.12 75.73
N GLU E 178 20.98 23.06 76.23
CA GLU E 178 20.34 22.89 77.53
C GLU E 178 19.41 21.68 77.53
N LEU E 179 18.58 21.54 76.49
CA LEU E 179 17.67 20.39 76.42
C LEU E 179 18.43 19.08 76.28
N ARG E 180 19.47 19.05 75.44
CA ARG E 180 20.25 17.82 75.28
C ARG E 180 20.82 17.37 76.61
N ALA E 181 21.41 18.29 77.36
CA ALA E 181 22.00 17.94 78.65
C ALA E 181 20.95 17.39 79.62
N ALA E 182 19.73 17.90 79.54
CA ALA E 182 18.68 17.48 80.47
C ALA E 182 17.93 16.24 79.99
N LEU E 183 17.70 16.12 78.69
CA LEU E 183 16.80 15.08 78.18
C LEU E 183 17.47 13.72 78.12
N VAL E 184 18.77 13.67 77.81
CA VAL E 184 19.47 12.37 77.76
C VAL E 184 19.41 11.65 79.10
N PRO E 185 19.80 12.25 80.23
CA PRO E 185 19.70 11.50 81.50
C PRO E 185 18.28 11.12 81.86
N LEU E 186 17.31 12.02 81.67
CA LEU E 186 15.94 11.72 82.05
C LEU E 186 15.37 10.58 81.23
N ALA E 187 15.67 10.55 79.92
CA ALA E 187 15.17 9.47 79.06
C ALA E 187 15.82 8.13 79.44
N ASP E 188 17.13 8.13 79.67
CA ASP E 188 17.80 6.90 80.07
C ASP E 188 17.18 6.34 81.36
N ALA E 189 16.88 7.22 82.31
CA ALA E 189 16.28 6.77 83.56
C ALA E 189 14.88 6.21 83.35
N VAL E 190 14.09 6.85 82.49
CA VAL E 190 12.74 6.36 82.23
C VAL E 190 12.78 5.01 81.54
N ILE E 191 13.64 4.88 80.52
CA ILE E 191 13.72 3.62 79.79
C ILE E 191 14.19 2.49 80.69
N ALA E 192 15.08 2.81 81.64
CA ALA E 192 15.60 1.78 82.53
C ALA E 192 14.58 1.40 83.61
N ALA E 193 13.65 2.30 83.90
CA ALA E 193 12.61 1.99 84.88
C ALA E 193 11.62 0.96 84.35
N GLY E 194 11.39 0.93 83.04
CA GLY E 194 10.46 -0.03 82.50
C GLY E 194 9.18 0.65 82.00
N ALA E 195 8.51 -0.03 81.03
CA ALA E 195 7.41 0.61 80.32
C ALA E 195 6.07 0.24 80.95
N PRO E 196 5.05 1.08 80.85
CA PRO E 196 3.72 0.70 81.32
C PRO E 196 3.10 -0.32 80.37
N ARG E 197 2.00 -0.91 80.81
CA ARG E 197 1.29 -1.84 79.96
C ARG E 197 0.75 -1.11 78.75
N THR E 198 0.90 -1.71 77.57
CA THR E 198 0.37 -1.09 76.36
C THR E 198 -0.36 -2.05 75.42
N ASP E 199 -0.35 -3.36 75.68
CA ASP E 199 -0.83 -4.31 74.68
C ASP E 199 -2.30 -4.08 74.30
N PHE E 200 -3.10 -3.49 75.21
CA PHE E 200 -4.49 -3.26 74.86
C PHE E 200 -4.65 -2.23 73.74
N LEU E 201 -3.64 -1.39 73.48
CA LEU E 201 -3.71 -0.47 72.37
C LEU E 201 -3.63 -1.14 71.01
N GLY E 202 -3.22 -2.41 70.95
CA GLY E 202 -3.11 -3.16 69.72
C GLY E 202 -4.25 -4.11 69.41
N ARG E 203 -5.37 -4.03 70.11
CA ARG E 203 -6.44 -5.02 69.97
C ARG E 203 -7.40 -4.71 68.81
N GLY E 204 -7.23 -3.60 68.11
CA GLY E 204 -8.13 -3.27 67.03
C GLY E 204 -9.20 -2.26 67.41
N PHE E 205 -9.06 -1.03 66.89
CA PHE E 205 -9.96 0.08 67.17
C PHE E 205 -10.53 0.56 65.84
N ALA E 206 -11.83 0.38 65.63
CA ALA E 206 -12.43 0.69 64.35
C ALA E 206 -12.20 2.17 63.99
N GLN E 207 -11.83 2.39 62.73
CA GLN E 207 -11.45 3.74 62.29
C GLN E 207 -12.59 4.74 62.52
N GLU E 208 -13.82 4.32 62.24
CA GLU E 208 -14.94 5.25 62.34
C GLU E 208 -15.13 5.71 63.78
N ARG E 209 -14.90 4.82 64.74
CA ARG E 209 -15.04 5.18 66.15
C ARG E 209 -13.91 6.07 66.62
N GLN E 210 -12.69 5.88 66.10
CA GLN E 210 -11.58 6.76 66.44
C GLN E 210 -11.85 8.20 66.02
N LEU E 211 -12.28 8.40 64.76
CA LEU E 211 -12.53 9.76 64.28
C LEU E 211 -13.64 10.45 65.06
N ALA E 212 -14.72 9.71 65.34
CA ALA E 212 -15.83 10.31 66.06
C ALA E 212 -15.40 10.78 67.45
N PHE E 213 -14.64 9.94 68.17
CA PHE E 213 -14.14 10.33 69.49
C PHE E 213 -13.22 11.55 69.40
N GLY E 214 -12.28 11.54 68.46
CA GLY E 214 -11.37 12.65 68.33
C GLY E 214 -12.09 13.96 68.05
N GLU E 215 -13.17 13.91 67.28
CA GLU E 215 -13.89 15.13 66.94
C GLU E 215 -14.67 15.67 68.13
N ARG E 216 -15.13 14.81 69.03
CA ARG E 216 -15.76 15.31 70.25
C ARG E 216 -14.76 16.05 71.12
N VAL E 217 -13.53 15.56 71.19
CA VAL E 217 -12.54 16.17 72.07
C VAL E 217 -12.21 17.58 71.59
N ILE E 218 -11.84 17.72 70.32
CA ILE E 218 -11.42 19.05 69.86
C ILE E 218 -12.60 20.00 69.80
N ARG E 219 -13.82 19.47 69.61
CA ARG E 219 -14.99 20.31 69.78
C ARG E 219 -15.06 20.86 71.20
N ASP E 220 -14.84 20.00 72.21
CA ASP E 220 -14.75 20.49 73.59
C ASP E 220 -13.56 21.41 73.78
N TYR E 221 -12.44 21.14 73.09
CA TYR E 221 -11.29 22.04 73.13
C TYR E 221 -11.68 23.46 72.75
N GLY E 222 -12.57 23.61 71.76
CA GLY E 222 -12.97 24.90 71.24
C GLY E 222 -12.89 25.01 69.73
N TYR E 223 -12.55 23.91 69.05
CA TYR E 223 -12.48 23.91 67.59
C TYR E 223 -13.88 24.12 66.99
N ASP E 224 -13.98 25.04 66.04
CA ASP E 224 -15.27 25.50 65.52
C ASP E 224 -15.55 24.82 64.19
N PHE E 225 -16.42 23.81 64.21
CA PHE E 225 -16.77 23.05 63.02
C PHE E 225 -17.63 23.82 62.03
N ARG E 226 -18.17 24.97 62.43
CA ARG E 226 -18.80 25.85 61.46
C ARG E 226 -17.77 26.63 60.65
N ARG E 227 -16.49 26.58 61.05
CA ARG E 227 -15.39 27.31 60.44
C ARG E 227 -14.25 26.36 60.11
N GLY E 228 -14.57 25.11 59.82
CA GLY E 228 -13.54 24.12 59.56
C GLY E 228 -14.14 22.73 59.44
N ARG E 229 -13.24 21.75 59.33
CA ARG E 229 -13.61 20.34 59.27
C ARG E 229 -12.34 19.52 59.33
N GLN E 230 -12.51 18.19 59.43
CA GLN E 230 -11.40 17.26 59.48
C GLN E 230 -11.61 16.18 58.42
N ASP E 231 -10.49 15.72 57.84
CA ASP E 231 -10.48 14.64 56.86
C ASP E 231 -9.23 13.79 57.04
N LEU E 232 -9.13 12.73 56.23
CA LEU E 232 -8.02 11.79 56.27
C LEU E 232 -6.96 12.11 55.20
N THR E 233 -5.69 12.02 55.57
CA THR E 233 -4.59 12.12 54.62
C THR E 233 -3.46 11.21 55.06
N HIS E 234 -2.44 11.11 54.21
CA HIS E 234 -1.26 10.35 54.59
C HIS E 234 -0.49 11.07 55.69
N HIS E 235 -0.34 12.39 55.57
CA HIS E 235 0.43 13.16 56.52
C HIS E 235 -0.46 14.25 57.13
N PRO E 236 -0.71 14.21 58.43
CA PRO E 236 -1.58 15.22 59.06
C PRO E 236 -1.03 16.64 58.87
N PHE E 237 -1.93 17.58 58.64
CA PHE E 237 -1.54 18.98 58.48
C PHE E 237 -2.74 19.88 58.77
N MET E 238 -2.46 21.17 58.86
CA MET E 238 -3.49 22.20 59.01
C MET E 238 -3.32 23.21 57.90
N THR E 239 -4.44 23.67 57.35
CA THR E 239 -4.39 24.64 56.26
C THR E 239 -5.62 25.55 56.31
N ARG E 240 -5.43 26.81 55.95
CA ARG E 240 -6.49 27.82 55.95
C ARG E 240 -6.94 28.08 54.52
N LEU E 241 -8.18 27.70 54.21
CA LEU E 241 -8.78 27.93 52.91
C LEU E 241 -9.60 29.23 52.85
N GLY E 242 -9.72 29.92 53.96
CA GLY E 242 -10.45 31.18 54.01
C GLY E 242 -10.47 31.72 55.41
N GLY E 243 -11.00 32.94 55.55
CA GLY E 243 -11.06 33.57 56.86
C GLY E 243 -11.85 32.76 57.87
N HIS E 244 -12.78 31.93 57.40
CA HIS E 244 -13.65 31.13 58.25
C HIS E 244 -13.64 29.67 57.82
N ASP E 245 -12.47 29.18 57.38
CA ASP E 245 -12.31 27.84 56.82
C ASP E 245 -10.88 27.40 57.17
N VAL E 246 -10.72 26.85 58.38
CA VAL E 246 -9.43 26.39 58.87
C VAL E 246 -9.54 24.88 59.07
N ARG E 247 -9.01 24.12 58.11
CA ARG E 247 -9.22 22.69 58.04
C ARG E 247 -8.02 21.91 58.57
N ILE E 248 -8.30 20.72 59.10
CA ILE E 248 -7.29 19.84 59.65
C ILE E 248 -7.47 18.46 59.04
N THR E 249 -6.40 17.69 59.09
CA THR E 249 -6.40 16.31 58.63
C THR E 249 -5.72 15.42 59.65
N THR E 250 -6.08 14.14 59.61
CA THR E 250 -5.50 13.15 60.50
C THR E 250 -5.28 11.85 59.73
N ARG E 251 -4.63 10.90 60.39
CA ARG E 251 -4.33 9.59 59.84
C ARG E 251 -4.67 8.54 60.88
N VAL E 252 -5.40 7.51 60.47
CA VAL E 252 -5.95 6.53 61.40
C VAL E 252 -5.28 5.18 61.15
N LYS E 253 -4.82 4.58 62.25
CA LYS E 253 -4.27 3.22 62.26
C LYS E 253 -5.14 2.39 63.20
N GLU E 254 -5.88 1.44 62.64
CA GLU E 254 -6.69 0.58 63.51
C GLU E 254 -5.84 -0.24 64.46
N GLN E 255 -4.56 -0.42 64.16
CA GLN E 255 -3.64 -1.16 65.03
C GLN E 255 -3.04 -0.32 66.15
N ASP E 256 -3.35 0.99 66.21
CA ASP E 256 -2.90 1.83 67.32
C ASP E 256 -3.72 3.11 67.34
N PRO E 257 -4.66 3.25 68.28
CA PRO E 257 -5.56 4.41 68.25
C PRO E 257 -4.94 5.71 68.73
N THR E 258 -3.79 5.67 69.39
CA THR E 258 -3.15 6.91 69.83
C THR E 258 -2.58 7.72 68.66
N ASP E 259 -2.35 7.10 67.52
CA ASP E 259 -1.89 7.85 66.36
C ASP E 259 -2.92 8.89 65.94
N ALA E 260 -4.10 8.43 65.53
CA ALA E 260 -5.13 9.34 65.04
C ALA E 260 -5.50 10.38 66.10
N LEU E 261 -5.69 9.95 67.34
CA LEU E 261 -6.12 10.87 68.38
C LEU E 261 -5.14 12.04 68.53
N TYR E 262 -3.86 11.74 68.64
CA TYR E 262 -2.92 12.81 68.95
C TYR E 262 -2.50 13.60 67.71
N SER E 263 -2.57 13.00 66.52
CA SER E 263 -2.49 13.78 65.29
C SER E 263 -3.63 14.78 65.23
N THR E 264 -4.84 14.34 65.60
CA THR E 264 -6.00 15.23 65.59
C THR E 264 -5.84 16.34 66.62
N LEU E 265 -5.38 16.01 67.83
CA LEU E 265 -5.16 17.04 68.83
C LEU E 265 -4.05 17.99 68.38
N HIS E 266 -3.00 17.46 67.75
CA HIS E 266 -1.93 18.33 67.31
C HIS E 266 -2.44 19.32 66.26
N GLU E 267 -3.02 18.82 65.18
CA GLU E 267 -3.51 19.72 64.14
C GLU E 267 -4.64 20.61 64.65
N ALA E 268 -5.48 20.10 65.57
CA ALA E 268 -6.48 20.96 66.17
C ALA E 268 -5.84 22.14 66.89
N GLY E 269 -4.71 21.91 67.55
CA GLY E 269 -4.01 23.01 68.19
C GLY E 269 -3.57 24.06 67.19
N HIS E 270 -2.93 23.63 66.10
CA HIS E 270 -2.63 24.56 65.01
C HIS E 270 -3.89 25.31 64.59
N ALA E 271 -5.00 24.59 64.43
CA ALA E 271 -6.21 25.19 63.89
C ALA E 271 -6.84 26.17 64.88
N LEU E 272 -6.76 25.86 66.19
CA LEU E 272 -7.27 26.76 67.21
C LEU E 272 -6.56 28.11 67.15
N TYR E 273 -5.23 28.09 67.03
CA TYR E 273 -4.47 29.32 66.87
C TYR E 273 -5.05 30.16 65.74
N GLU E 274 -5.15 29.58 64.54
CA GLU E 274 -5.67 30.33 63.40
C GLU E 274 -7.11 30.79 63.62
N GLN E 275 -7.96 29.93 64.20
CA GLN E 275 -9.36 30.30 64.39
C GLN E 275 -9.53 31.40 65.44
N GLY E 276 -8.52 31.67 66.26
CA GLY E 276 -8.58 32.76 67.23
C GLY E 276 -8.07 34.09 66.75
N VAL E 277 -7.50 34.15 65.54
CA VAL E 277 -6.99 35.42 65.03
C VAL E 277 -8.13 36.43 64.96
N ASP E 278 -7.83 37.66 65.38
CA ASP E 278 -8.85 38.70 65.42
C ASP E 278 -9.47 38.89 64.04
N ALA E 279 -10.81 38.98 64.00
CA ALA E 279 -11.51 39.15 62.73
C ALA E 279 -11.05 40.41 61.99
N ALA E 280 -10.60 41.43 62.73
CA ALA E 280 -10.11 42.64 62.08
C ALA E 280 -8.83 42.39 61.29
N PHE E 281 -8.14 41.28 61.55
CA PHE E 281 -6.89 40.97 60.86
C PHE E 281 -7.06 39.97 59.72
N LEU E 282 -8.18 39.26 59.65
CA LEU E 282 -8.39 38.33 58.56
C LEU E 282 -8.37 39.05 57.22
N GLY E 283 -7.70 38.47 56.24
CA GLY E 283 -7.58 39.11 54.95
C GLY E 283 -6.58 40.24 54.89
N THR E 284 -5.82 40.47 55.97
CA THR E 284 -4.78 41.49 55.98
C THR E 284 -3.45 40.81 56.23
N PRO E 285 -2.32 41.51 56.05
CA PRO E 285 -1.02 40.89 56.33
C PRO E 285 -0.86 40.42 57.77
N LEU E 286 -1.73 40.82 58.69
CA LEU E 286 -1.63 40.39 60.08
C LEU E 286 -2.46 39.15 60.38
N GLY E 287 -3.25 38.66 59.43
CA GLY E 287 -4.19 37.59 59.71
C GLY E 287 -3.66 36.18 59.65
N GLY E 288 -2.72 35.85 60.53
CA GLY E 288 -2.18 34.51 60.56
C GLY E 288 -1.22 34.37 61.73
N GLY E 289 -0.77 33.13 61.93
CA GLY E 289 0.19 32.87 62.98
C GLY E 289 1.48 33.65 62.79
N VAL E 290 2.19 33.85 63.90
CA VAL E 290 3.31 34.79 63.90
C VAL E 290 4.65 34.12 63.54
N SER E 291 4.80 32.83 63.80
CA SER E 291 6.05 32.14 63.54
C SER E 291 5.81 30.64 63.66
N ALA E 292 6.77 29.86 63.17
CA ALA E 292 6.67 28.41 63.25
C ALA E 292 6.71 27.93 64.70
N GLY E 293 7.64 28.47 65.49
CA GLY E 293 7.78 28.03 66.87
C GLY E 293 6.57 28.35 67.71
N VAL E 294 6.03 29.56 67.56
CA VAL E 294 4.81 29.87 68.30
C VAL E 294 3.68 28.98 67.81
N HIS E 295 3.59 28.78 66.49
CA HIS E 295 2.54 27.93 65.93
C HIS E 295 2.64 26.51 66.50
N GLU E 296 3.83 25.91 66.45
CA GLU E 296 4.02 24.57 66.97
C GLU E 296 3.87 24.51 68.48
N SER E 297 4.05 25.63 69.19
CA SER E 297 3.77 25.63 70.61
C SER E 297 2.29 25.38 70.88
N GLN E 298 1.43 25.78 69.97
CA GLN E 298 0.01 25.62 70.21
C GLN E 298 -0.46 24.22 69.85
N SER E 299 0.04 23.65 68.76
CA SER E 299 -0.26 22.26 68.51
C SER E 299 0.26 21.40 69.67
N ARG E 300 1.47 21.68 70.14
CA ARG E 300 2.04 20.86 71.20
C ARG E 300 1.35 21.09 72.54
N LEU E 301 0.86 22.30 72.79
CA LEU E 301 0.14 22.56 74.04
C LEU E 301 -1.11 21.71 74.11
N TRP E 302 -1.94 21.75 73.07
CA TRP E 302 -3.18 20.99 73.10
C TRP E 302 -2.93 19.50 72.95
N GLU E 303 -1.85 19.11 72.27
CA GLU E 303 -1.58 17.69 72.07
C GLU E 303 -0.94 17.08 73.31
N ASN E 304 0.18 17.65 73.78
CA ASN E 304 0.96 17.04 74.87
C ASN E 304 0.47 17.49 76.24
N LEU E 305 0.63 18.79 76.55
CA LEU E 305 0.36 19.29 77.89
C LEU E 305 -1.06 18.98 78.31
N VAL E 306 -2.02 19.15 77.40
CA VAL E 306 -3.42 18.87 77.68
C VAL E 306 -3.74 17.42 77.34
N GLY E 307 -3.49 17.02 76.08
CA GLY E 307 -3.98 15.74 75.61
C GLY E 307 -3.39 14.51 76.29
N ARG E 308 -2.17 14.62 76.81
CA ARG E 308 -1.53 13.48 77.45
C ARG E 308 -1.50 13.59 78.97
N SER E 309 -2.25 14.54 79.54
CA SER E 309 -2.21 14.78 80.97
C SER E 309 -3.16 13.82 81.70
N ARG E 310 -2.95 13.69 83.02
CA ARG E 310 -3.83 12.84 83.81
C ARG E 310 -5.27 13.34 83.78
N ALA E 311 -5.44 14.66 83.83
CA ALA E 311 -6.80 15.22 83.86
C ALA E 311 -7.54 14.91 82.58
N PHE E 312 -6.84 14.95 81.45
CA PHE E 312 -7.51 14.67 80.18
C PHE E 312 -8.19 13.32 80.22
N TRP E 313 -7.48 12.30 80.73
CA TRP E 313 -8.05 10.96 80.70
C TRP E 313 -9.09 10.72 81.81
N ALA E 314 -9.02 11.45 82.92
CA ALA E 314 -10.12 11.43 83.88
C ALA E 314 -11.43 11.86 83.22
N ALA E 315 -11.37 12.76 82.24
CA ALA E 315 -12.57 13.27 81.59
C ALA E 315 -13.07 12.39 80.46
N TYR E 316 -12.17 11.74 79.73
CA TYR E 316 -12.54 11.06 78.50
C TYR E 316 -12.40 9.55 78.57
N PHE E 317 -11.80 9.01 79.63
CA PHE E 317 -11.68 7.55 79.69
C PHE E 317 -13.05 6.89 79.65
N GLY E 318 -14.05 7.53 80.24
CA GLY E 318 -15.39 6.98 80.19
C GLY E 318 -15.92 6.81 78.78
N ASP E 319 -15.95 7.90 78.00
CA ASP E 319 -16.38 7.78 76.61
C ASP E 319 -15.46 6.83 75.84
N TRP E 320 -14.17 6.90 76.14
CA TRP E 320 -13.20 6.02 75.49
C TRP E 320 -13.53 4.55 75.76
N ARG E 321 -13.71 4.19 77.04
CA ARG E 321 -14.09 2.81 77.37
C ARG E 321 -15.39 2.43 76.67
N ASP E 322 -16.40 3.31 76.74
CA ASP E 322 -17.69 2.99 76.15
C ASP E 322 -17.57 2.74 74.65
N THR E 323 -16.71 3.49 73.97
CA THR E 323 -16.58 3.33 72.53
C THR E 323 -15.84 2.03 72.18
N PHE E 324 -14.89 1.61 73.02
CA PHE E 324 -14.07 0.43 72.77
C PHE E 324 -14.09 -0.48 73.99
N PRO E 325 -15.26 -1.07 74.31
CA PRO E 325 -15.41 -1.80 75.58
C PRO E 325 -14.55 -3.05 75.65
N GLU E 326 -14.63 -3.91 74.63
CA GLU E 326 -13.84 -5.14 74.64
C GLU E 326 -12.36 -4.83 74.69
N GLN E 327 -11.92 -3.77 73.97
CA GLN E 327 -10.51 -3.44 73.93
C GLN E 327 -10.00 -2.97 75.30
N LEU E 328 -10.82 -2.24 76.05
CA LEU E 328 -10.43 -1.75 77.35
C LEU E 328 -10.88 -2.65 78.49
N ALA E 329 -11.41 -3.83 78.19
CA ALA E 329 -11.72 -4.78 79.25
C ALA E 329 -10.46 -5.15 79.99
N GLY E 330 -10.49 -5.01 81.32
CA GLY E 330 -9.29 -5.23 82.11
C GLY E 330 -8.32 -4.08 82.13
N VAL E 331 -8.74 -2.88 81.72
CA VAL E 331 -7.88 -1.71 81.66
C VAL E 331 -8.48 -0.60 82.51
N THR E 332 -7.66 0.03 83.34
CA THR E 332 -8.09 1.15 84.16
C THR E 332 -7.82 2.50 83.49
N GLU E 333 -8.44 3.53 84.03
CA GLU E 333 -8.18 4.90 83.57
C GLU E 333 -6.70 5.26 83.72
N GLU E 334 -6.09 4.91 84.86
CA GLU E 334 -4.70 5.24 85.09
C GLU E 334 -3.78 4.54 84.09
N GLU E 335 -4.12 3.32 83.69
CA GLU E 335 -3.29 2.58 82.76
C GLU E 335 -3.31 3.22 81.37
N MET E 336 -4.46 3.76 80.96
CA MET E 336 -4.54 4.45 79.67
C MET E 336 -3.68 5.70 79.66
N TYR E 337 -3.65 6.43 80.79
CA TYR E 337 -2.78 7.60 80.89
C TYR E 337 -1.31 7.20 80.81
N ARG E 338 -0.94 6.09 81.44
CA ARG E 338 0.44 5.63 81.37
C ARG E 338 0.79 5.23 79.93
N ALA E 339 -0.09 4.46 79.30
CA ALA E 339 0.16 3.95 77.96
C ALA E 339 0.35 5.07 76.94
N VAL E 340 -0.19 6.26 77.22
CA VAL E 340 -0.07 7.38 76.29
C VAL E 340 1.20 8.21 76.51
N ASN E 341 2.00 7.90 77.52
CA ASN E 341 3.20 8.63 77.88
C ASN E 341 4.39 7.69 77.99
N THR E 342 4.46 6.69 77.11
CA THR E 342 5.58 5.78 77.08
C THR E 342 6.80 6.44 76.42
N VAL E 343 7.97 5.86 76.66
CA VAL E 343 9.23 6.38 76.15
C VAL E 343 10.09 5.23 75.64
N SER E 344 10.82 5.47 74.55
CA SER E 344 11.79 4.48 74.10
C SER E 344 12.65 5.08 73.00
N ARG E 345 13.88 4.58 72.90
CA ARG E 345 14.77 4.96 71.81
C ARG E 345 14.27 4.37 70.51
N SER E 346 13.98 5.23 69.52
CA SER E 346 13.47 4.80 68.24
C SER E 346 14.21 5.54 67.14
N LEU E 347 13.99 5.12 65.89
CA LEU E 347 14.76 5.64 64.77
C LEU E 347 14.07 6.77 64.02
N ILE E 348 12.75 6.74 63.93
CA ILE E 348 11.99 7.68 63.10
C ILE E 348 11.54 8.86 63.95
N ARG E 349 11.97 10.07 63.57
CA ARG E 349 11.64 11.26 64.33
C ARG E 349 10.14 11.40 64.51
N THR E 350 9.38 11.21 63.43
CA THR E 350 7.95 11.45 63.47
C THR E 350 7.20 10.50 64.41
N ASP E 351 7.77 9.33 64.73
CA ASP E 351 7.17 8.39 65.68
C ASP E 351 7.74 8.52 67.09
N ALA E 352 8.64 9.46 67.33
CA ALA E 352 9.34 9.52 68.61
C ALA E 352 8.43 10.03 69.72
N ASP E 353 8.65 9.51 70.93
CA ASP E 353 7.83 9.87 72.08
C ASP E 353 8.11 11.31 72.50
N GLU E 354 7.39 11.74 73.53
CA GLU E 354 7.51 13.12 73.99
C GLU E 354 8.91 13.46 74.51
N LEU E 355 9.66 12.48 75.03
CA LEU E 355 10.95 12.82 75.65
C LEU E 355 12.12 12.76 74.69
N THR E 356 12.14 11.78 73.79
CA THR E 356 13.28 11.63 72.91
C THR E 356 13.08 12.37 71.60
N TYR E 357 11.89 12.91 71.35
CA TYR E 357 11.60 13.58 70.09
C TYR E 357 12.58 14.70 69.82
N ASN E 358 12.80 15.56 70.81
CA ASN E 358 13.63 16.73 70.60
C ASN E 358 15.08 16.35 70.29
N LEU E 359 15.52 15.18 70.74
CA LEU E 359 16.86 14.71 70.41
C LEU E 359 17.00 14.42 68.92
N HIS E 360 15.91 14.06 68.25
CA HIS E 360 15.98 13.93 66.79
C HIS E 360 16.15 15.30 66.13
N VAL E 361 15.39 16.30 66.58
CA VAL E 361 15.52 17.65 66.02
C VAL E 361 16.91 18.20 66.30
N ILE E 362 17.38 18.05 67.53
CA ILE E 362 18.69 18.55 67.91
C ILE E 362 19.77 17.96 66.99
N THR E 363 19.72 16.64 66.79
CA THR E 363 20.65 15.99 65.87
C THR E 363 20.65 16.67 64.51
N ARG E 364 19.46 16.84 63.92
CA ARG E 364 19.39 17.42 62.58
C ARG E 364 19.91 18.85 62.57
N PHE E 365 19.55 19.64 63.58
CA PHE E 365 20.00 21.02 63.64
C PHE E 365 21.53 21.11 63.65
N GLU E 366 22.18 20.28 64.47
CA GLU E 366 23.63 20.34 64.57
C GLU E 366 24.31 19.90 63.27
N LEU E 367 23.69 18.96 62.55
CA LEU E 367 24.26 18.56 61.26
C LEU E 367 24.10 19.68 60.22
N GLU E 368 23.00 20.42 60.26
CA GLU E 368 22.88 21.57 59.37
C GLU E 368 24.00 22.56 59.62
N ARG E 369 24.19 22.94 60.88
CA ARG E 369 25.16 23.98 61.22
C ARG E 369 26.56 23.60 60.74
N GLU E 370 26.93 22.33 60.90
CA GLU E 370 28.22 21.89 60.39
C GLU E 370 28.28 22.00 58.86
N MET E 371 27.17 21.69 58.18
CA MET E 371 27.16 21.77 56.72
C MET E 371 27.18 23.21 56.24
N LEU E 372 26.38 24.08 56.87
CA LEU E 372 26.38 25.49 56.46
C LEU E 372 27.70 26.17 56.80
N ALA E 373 28.32 25.79 57.91
CA ALA E 373 29.61 26.34 58.30
C ALA E 373 30.78 25.73 57.55
N GLY E 374 30.52 24.82 56.60
CA GLY E 374 31.57 24.19 55.84
C GLY E 374 32.35 23.12 56.56
N LYS E 375 32.05 22.84 57.83
CA LYS E 375 32.79 21.88 58.63
C LYS E 375 32.37 20.43 58.40
N LEU E 376 31.54 20.16 57.40
CA LEU E 376 31.07 18.80 57.16
C LEU E 376 30.65 18.68 55.71
N ALA E 377 31.32 17.81 54.95
CA ALA E 377 30.96 17.59 53.55
C ALA E 377 29.70 16.75 53.48
N VAL E 378 28.83 17.07 52.51
CA VAL E 378 27.57 16.34 52.39
C VAL E 378 27.84 14.86 52.14
N ARG E 379 28.91 14.54 51.41
CA ARG E 379 29.22 13.13 51.15
C ARG E 379 29.57 12.37 52.43
N ASP E 380 29.92 13.08 53.50
CA ASP E 380 30.18 12.48 54.80
C ASP E 380 28.96 12.53 55.73
N LEU E 381 27.81 13.02 55.22
CA LEU E 381 26.65 13.24 56.07
C LEU E 381 26.07 11.92 56.57
N ALA E 382 25.99 10.91 55.71
CA ALA E 382 25.42 9.62 56.09
C ALA E 382 26.18 9.03 57.28
N ASP E 383 27.51 9.07 57.24
CA ASP E 383 28.29 8.55 58.37
C ASP E 383 28.11 9.42 59.61
N ALA E 384 28.15 10.75 59.44
CA ALA E 384 27.96 11.64 60.59
C ALA E 384 26.56 11.47 61.21
N TRP E 385 25.55 11.24 60.38
CA TRP E 385 24.20 11.03 60.90
C TRP E 385 24.15 9.81 61.82
N HIS E 386 24.63 8.66 61.35
CA HIS E 386 24.63 7.48 62.20
C HIS E 386 25.41 7.73 63.49
N ALA E 387 26.54 8.42 63.41
CA ALA E 387 27.30 8.73 64.62
C ALA E 387 26.48 9.58 65.58
N ALA E 388 25.79 10.60 65.06
CA ALA E 388 25.01 11.45 65.95
C ALA E 388 23.81 10.72 66.53
N TYR E 389 23.20 9.81 65.78
CA TYR E 389 22.10 9.04 66.33
C TYR E 389 22.58 8.08 67.41
N GLU E 390 23.74 7.46 67.22
CA GLU E 390 24.27 6.59 68.27
C GLU E 390 24.49 7.37 69.57
N GLN E 391 25.08 8.57 69.46
CA GLN E 391 25.38 9.35 70.66
C GLN E 391 24.13 9.92 71.29
N ASN E 392 23.18 10.38 70.48
CA ASN E 392 22.05 11.14 71.01
C ASN E 392 20.83 10.29 71.32
N LEU E 393 20.66 9.17 70.62
CA LEU E 393 19.50 8.33 70.82
C LEU E 393 19.87 6.90 71.23
N GLY E 394 21.16 6.58 71.28
CA GLY E 394 21.59 5.29 71.80
C GLY E 394 21.44 4.12 70.86
N LEU E 395 21.14 4.36 69.59
CA LEU E 395 21.04 3.27 68.64
C LEU E 395 21.29 3.80 67.24
N ARG E 396 21.42 2.89 66.30
CA ARG E 396 21.72 3.24 64.92
C ARG E 396 20.81 2.44 63.99
N ALA E 397 20.47 3.06 62.86
CA ALA E 397 19.64 2.38 61.86
C ALA E 397 20.49 1.36 61.09
N PRO E 398 19.84 0.34 60.53
CA PRO E 398 20.61 -0.68 59.78
C PRO E 398 21.22 -0.17 58.47
N SER E 399 20.73 0.94 57.93
CA SER E 399 21.26 1.48 56.69
C SER E 399 21.00 2.99 56.69
N ASP E 400 21.07 3.60 55.53
CA ASP E 400 20.74 5.02 55.38
C ASP E 400 19.25 5.26 55.18
N VAL E 401 18.46 4.20 54.93
CA VAL E 401 17.02 4.37 54.72
C VAL E 401 16.39 5.16 55.87
N ASP E 402 16.61 4.69 57.10
CA ASP E 402 16.13 5.38 58.29
C ASP E 402 17.23 6.21 58.94
N GLY E 403 18.37 6.34 58.28
CA GLY E 403 19.38 7.31 58.65
C GLY E 403 19.22 8.65 57.94
N ALA E 404 20.27 9.14 57.29
CA ALA E 404 20.27 10.47 56.71
C ALA E 404 19.25 10.63 55.58
N LEU E 405 18.73 9.52 55.05
CA LEU E 405 17.67 9.57 54.04
C LEU E 405 16.28 9.63 54.65
N GLN E 406 16.17 9.62 55.98
CA GLN E 406 14.89 9.43 56.65
C GLN E 406 13.90 10.56 56.37
N ASP E 407 14.32 11.80 56.57
CA ASP E 407 13.44 12.95 56.44
C ASP E 407 13.62 13.60 55.07
N VAL E 408 12.51 14.10 54.53
CA VAL E 408 12.52 14.66 53.19
C VAL E 408 13.09 16.08 53.13
N HIS E 409 13.17 16.76 54.27
CA HIS E 409 13.37 18.21 54.28
C HIS E 409 14.56 18.66 53.43
N TRP E 410 15.74 18.09 53.69
CA TRP E 410 16.93 18.52 52.98
C TRP E 410 16.94 18.12 51.50
N TYR E 411 15.97 17.32 51.06
CA TYR E 411 15.89 16.88 49.68
C TYR E 411 14.80 17.58 48.87
N PHE E 412 13.86 18.26 49.52
CA PHE E 412 12.80 18.96 48.82
C PHE E 412 12.78 20.45 49.14
N GLY E 413 13.88 20.97 49.65
CA GLY E 413 13.97 22.37 50.01
C GLY E 413 15.38 22.70 50.42
N PRO E 414 15.60 23.92 50.92
CA PRO E 414 16.95 24.33 51.30
C PRO E 414 17.43 23.56 52.52
N ILE E 415 18.74 23.59 52.72
CA ILE E 415 19.39 23.06 53.92
C ILE E 415 19.61 24.21 54.89
N GLY E 416 19.02 24.11 56.06
CA GLY E 416 19.15 25.15 57.07
C GLY E 416 17.80 25.63 57.58
N GLY E 417 17.63 25.62 58.90
CA GLY E 417 16.39 26.05 59.48
C GLY E 417 15.20 25.14 59.22
N SER E 418 15.44 23.88 58.88
CA SER E 418 14.35 22.98 58.53
C SER E 418 13.67 22.36 59.75
N PHE E 419 14.32 22.34 60.91
CA PHE E 419 13.84 21.53 62.01
C PHE E 419 13.72 22.24 63.36
N GLN E 420 14.45 23.33 63.60
CA GLN E 420 14.45 23.87 64.96
C GLN E 420 13.06 24.28 65.41
N GLY E 421 12.18 24.64 64.46
CA GLY E 421 10.83 25.00 64.82
C GLY E 421 10.09 23.93 65.61
N TYR E 422 10.36 22.66 65.32
CA TYR E 422 9.69 21.59 66.06
C TYR E 422 10.05 21.64 67.53
N THR E 423 11.34 21.83 67.84
CA THR E 423 11.75 21.86 69.23
C THR E 423 11.46 23.21 69.86
N ILE E 424 11.61 24.29 69.10
CA ILE E 424 11.17 25.59 69.60
C ILE E 424 9.70 25.52 70.03
N GLY E 425 8.87 24.84 69.22
CA GLY E 425 7.47 24.70 69.57
C GLY E 425 7.25 23.94 70.86
N ASN E 426 7.98 22.85 71.06
CA ASN E 426 7.87 22.10 72.31
C ASN E 426 8.25 22.96 73.51
N VAL E 427 9.35 23.71 73.39
CA VAL E 427 9.77 24.57 74.49
C VAL E 427 8.68 25.58 74.81
N LEU E 428 8.19 26.27 73.80
CA LEU E 428 7.19 27.31 74.03
C LEU E 428 5.87 26.73 74.54
N SER E 429 5.57 25.47 74.25
CA SER E 429 4.30 24.89 74.70
C SER E 429 4.16 24.97 76.22
N ALA E 430 5.20 24.56 76.95
CA ALA E 430 5.14 24.62 78.40
C ALA E 430 5.20 26.06 78.92
N GLN E 431 5.95 26.92 78.24
CA GLN E 431 6.04 28.31 78.67
C GLN E 431 4.68 29.01 78.55
N PHE E 432 3.99 28.82 77.43
CA PHE E 432 2.64 29.38 77.29
C PHE E 432 1.67 28.75 78.27
N TYR E 433 1.77 27.44 78.47
CA TYR E 433 0.84 26.75 79.35
C TYR E 433 1.00 27.21 80.80
N ALA E 434 2.24 27.36 81.27
CA ALA E 434 2.47 27.78 82.64
C ALA E 434 1.90 29.17 82.89
N ALA E 435 2.04 30.08 81.91
CA ALA E 435 1.47 31.40 82.05
C ALA E 435 -0.05 31.35 82.17
N ALA E 436 -0.70 30.49 81.39
CA ALA E 436 -2.15 30.38 81.48
C ALA E 436 -2.58 29.79 82.82
N GLU E 437 -1.86 28.77 83.31
CA GLU E 437 -2.15 28.22 84.62
C GLU E 437 -1.98 29.28 85.70
N ALA E 438 -0.92 30.08 85.61
CA ALA E 438 -0.71 31.12 86.61
C ALA E 438 -1.88 32.11 86.65
N ALA E 439 -2.45 32.43 85.50
CA ALA E 439 -3.58 33.33 85.41
C ALA E 439 -4.92 32.65 85.65
N ASN E 440 -4.95 31.31 85.66
CA ASN E 440 -6.18 30.55 85.86
C ASN E 440 -5.88 29.36 86.76
N PRO E 441 -5.78 29.59 88.07
CA PRO E 441 -5.46 28.49 88.98
C PRO E 441 -6.44 27.34 88.87
N GLY E 442 -5.91 26.11 88.96
CA GLY E 442 -6.75 24.94 88.94
C GLY E 442 -7.27 24.54 87.58
N LEU E 443 -6.51 24.79 86.51
CA LEU E 443 -6.97 24.42 85.17
C LEU E 443 -7.26 22.93 85.09
N GLU E 444 -6.41 22.11 85.71
CA GLU E 444 -6.59 20.66 85.64
C GLU E 444 -7.98 20.26 86.08
N ALA E 445 -8.52 20.93 87.09
CA ALA E 445 -9.88 20.63 87.53
C ALA E 445 -10.88 20.95 86.43
N ASP E 446 -10.66 22.05 85.70
CA ASP E 446 -11.52 22.36 84.56
C ASP E 446 -11.47 21.24 83.55
N PHE E 447 -10.26 20.74 83.27
CA PHE E 447 -10.11 19.73 82.22
C PHE E 447 -10.87 18.46 82.57
N ALA E 448 -10.87 18.09 83.86
CA ALA E 448 -11.59 16.88 84.25
C ALA E 448 -13.08 16.97 83.96
N ARG E 449 -13.62 18.20 83.90
CA ARG E 449 -15.03 18.43 83.59
C ARG E 449 -15.27 18.67 82.10
N LYS E 450 -14.25 18.43 81.27
CA LYS E 450 -14.33 18.68 79.83
C LYS E 450 -14.54 20.16 79.53
N ASP E 451 -14.06 21.02 80.43
CA ASP E 451 -14.16 22.47 80.29
C ASP E 451 -12.77 23.05 80.07
N PHE E 452 -12.50 23.51 78.85
CA PHE E 452 -11.22 24.10 78.51
C PHE E 452 -11.33 25.60 78.23
N SER E 453 -12.45 26.20 78.60
CA SER E 453 -12.72 27.58 78.20
C SER E 453 -11.73 28.56 78.83
N ARG E 454 -11.24 28.27 80.04
CA ARG E 454 -10.27 29.17 80.65
C ARG E 454 -8.92 29.08 79.95
N LEU E 455 -8.45 27.87 79.64
CA LEU E 455 -7.22 27.74 78.88
C LEU E 455 -7.37 28.33 77.48
N HIS E 456 -8.45 27.96 76.78
CA HIS E 456 -8.67 28.49 75.44
C HIS E 456 -8.81 30.01 75.47
N GLY E 457 -9.55 30.54 76.44
CA GLY E 457 -9.71 31.98 76.55
C GLY E 457 -8.40 32.71 76.76
N TRP E 458 -7.56 32.19 77.67
CA TRP E 458 -6.27 32.84 77.92
C TRP E 458 -5.41 32.84 76.66
N LEU E 459 -5.34 31.71 75.95
CA LEU E 459 -4.54 31.62 74.74
C LEU E 459 -5.09 32.53 73.65
N ARG E 460 -6.41 32.65 73.56
CA ARG E 460 -6.98 33.52 72.52
C ARG E 460 -6.68 34.99 72.80
N GLU E 461 -6.67 35.39 74.07
CA GLU E 461 -6.42 36.79 74.43
C GLU E 461 -4.95 37.15 74.36
N ASN E 462 -4.07 36.22 74.72
CA ASN E 462 -2.64 36.49 74.84
C ASN E 462 -1.83 36.04 73.65
N VAL E 463 -2.40 35.19 72.78
CA VAL E 463 -1.65 34.64 71.65
C VAL E 463 -2.43 34.77 70.35
N TYR E 464 -3.58 34.12 70.29
CA TYR E 464 -4.24 33.92 69.00
C TYR E 464 -4.71 35.25 68.40
N ARG E 465 -5.41 36.08 69.18
CA ARG E 465 -6.09 37.21 68.58
C ARG E 465 -5.11 38.14 67.87
N HIS E 466 -3.87 38.23 68.37
CA HIS E 466 -2.91 39.18 67.85
C HIS E 466 -2.37 38.82 66.46
N GLY E 467 -2.44 37.56 66.06
CA GLY E 467 -1.90 37.18 64.78
C GLY E 467 -0.46 37.63 64.59
N ARG E 468 -0.21 38.44 63.58
CA ARG E 468 1.13 38.94 63.28
C ARG E 468 1.35 40.37 63.77
N ARG E 469 0.43 40.93 64.56
CA ARG E 469 0.55 42.33 64.96
C ARG E 469 1.80 42.58 65.79
N TRP E 470 2.28 41.56 66.52
CA TRP E 470 3.49 41.63 67.32
C TRP E 470 4.51 40.65 66.78
N THR E 471 5.80 40.99 66.93
CA THR E 471 6.85 40.04 66.62
C THR E 471 6.82 38.87 67.60
N PRO E 472 7.39 37.72 67.20
CA PRO E 472 7.45 36.58 68.13
C PRO E 472 8.03 36.96 69.49
N GLY E 473 9.15 37.70 69.52
CA GLY E 473 9.74 38.06 70.79
C GLY E 473 8.83 38.91 71.65
N GLU E 474 8.16 39.89 71.03
CA GLU E 474 7.22 40.73 71.77
C GLU E 474 6.03 39.92 72.27
N LEU E 475 5.49 39.04 71.43
CA LEU E 475 4.34 38.23 71.82
C LEU E 475 4.69 37.31 72.99
N ILE E 476 5.85 36.64 72.91
CA ILE E 476 6.23 35.71 73.96
C ILE E 476 6.46 36.44 75.28
N GLU E 477 7.04 37.64 75.22
CA GLU E 477 7.27 38.43 76.43
C GLU E 477 5.96 38.98 76.98
N ARG E 478 5.17 39.63 76.13
CA ARG E 478 3.87 40.14 76.57
C ARG E 478 3.06 39.06 77.30
N ALA E 479 3.03 37.85 76.74
CA ALA E 479 2.13 36.82 77.25
C ALA E 479 2.69 36.09 78.46
N THR E 480 4.01 35.87 78.51
CA THR E 480 4.60 35.03 79.54
C THR E 480 5.58 35.76 80.44
N GLY E 481 5.89 37.03 80.16
CA GLY E 481 6.75 37.80 81.03
C GLY E 481 8.23 37.64 80.82
N GLN E 482 8.66 36.78 79.90
CA GLN E 482 10.08 36.57 79.65
C GLN E 482 10.27 36.06 78.24
N ALA E 483 11.53 36.13 77.79
CA ALA E 483 11.89 35.65 76.46
C ALA E 483 11.87 34.12 76.44
N LEU E 484 12.17 33.57 75.27
CA LEU E 484 12.23 32.11 75.13
C LEU E 484 13.14 31.51 76.20
N THR E 485 12.62 30.55 76.95
CA THR E 485 13.39 29.85 77.97
C THR E 485 12.97 28.38 78.04
N ALA E 486 13.96 27.50 78.18
CA ALA E 486 13.71 26.07 78.35
C ALA E 486 13.30 25.71 79.78
N GLY E 487 13.29 26.68 80.69
CA GLY E 487 13.01 26.40 82.08
C GLY E 487 11.69 25.69 82.32
N PRO E 488 10.58 26.37 82.00
CA PRO E 488 9.27 25.75 82.25
C PRO E 488 9.11 24.42 81.54
N TYR E 489 9.66 24.31 80.34
CA TYR E 489 9.56 23.07 79.58
C TYR E 489 10.23 21.92 80.31
N LEU E 490 11.46 22.13 80.79
CA LEU E 490 12.17 21.07 81.50
C LEU E 490 11.50 20.77 82.83
N LYS E 491 10.96 21.79 83.50
CA LYS E 491 10.27 21.53 84.76
C LYS E 491 9.01 20.69 84.52
N TYR E 492 8.33 20.92 83.41
CA TYR E 492 7.14 20.14 83.08
C TYR E 492 7.49 18.68 82.85
N LEU E 493 8.54 18.41 82.07
CA LEU E 493 8.90 17.03 81.72
C LEU E 493 9.41 16.26 82.93
N ARG E 494 10.30 16.88 83.71
CA ARG E 494 10.85 16.24 84.90
C ARG E 494 9.75 15.87 85.90
N GLY E 495 8.79 16.78 86.11
CA GLY E 495 7.71 16.49 87.04
C GLY E 495 6.82 15.37 86.54
N LYS E 496 6.44 15.43 85.27
CA LYS E 496 5.51 14.45 84.70
C LYS E 496 6.11 13.05 84.71
N TYR E 497 7.37 12.93 84.24
CA TYR E 497 8.00 11.62 84.16
C TYR E 497 8.58 11.19 85.49
N GLY E 498 8.91 12.16 86.35
CA GLY E 498 9.21 11.82 87.74
C GLY E 498 8.08 11.08 88.41
N GLU E 499 6.85 11.59 88.30
CA GLU E 499 5.72 10.88 88.90
C GLU E 499 5.49 9.54 88.22
N LEU E 500 5.56 9.50 86.89
CA LEU E 500 5.15 8.32 86.14
C LEU E 500 6.10 7.14 86.36
N TYR E 501 7.41 7.41 86.38
CA TYR E 501 8.43 6.36 86.40
C TYR E 501 9.27 6.39 87.68
N GLY E 502 8.89 7.19 88.68
CA GLY E 502 9.79 7.46 89.78
C GLY E 502 10.93 8.29 89.25
N VAL E 503 12.15 7.77 89.25
CA VAL E 503 13.31 8.50 88.71
C VAL E 503 13.29 10.00 88.98
N THR F 3 31.20 17.96 -77.12
CA THR F 3 31.49 18.83 -75.97
C THR F 3 30.97 18.23 -74.65
N THR F 4 29.89 17.45 -74.73
CA THR F 4 29.38 16.80 -73.52
C THR F 4 30.23 15.62 -73.10
N ARG F 5 30.90 14.95 -74.06
CA ARG F 5 31.82 13.87 -73.70
C ARG F 5 33.09 14.43 -73.07
N GLN F 6 33.67 15.48 -73.67
CA GLN F 6 34.84 16.12 -73.09
C GLN F 6 34.56 16.59 -71.67
N ASP F 7 33.41 17.22 -71.45
CA ASP F 7 33.08 17.71 -70.12
C ASP F 7 32.85 16.55 -69.16
N THR F 8 32.19 15.49 -69.62
CA THR F 8 31.98 14.32 -68.78
C THR F 8 33.31 13.71 -68.36
N GLN F 9 34.23 13.53 -69.33
CA GLN F 9 35.52 12.93 -69.02
C GLN F 9 36.31 13.76 -68.02
N TRP F 10 36.19 15.10 -68.08
CA TRP F 10 36.89 15.92 -67.10
C TRP F 10 36.30 15.71 -65.71
N GLN F 11 34.98 15.60 -65.62
CA GLN F 11 34.33 15.33 -64.33
C GLN F 11 34.78 13.99 -63.76
N GLN F 12 34.88 12.97 -64.62
CA GLN F 12 35.35 11.67 -64.14
C GLN F 12 36.79 11.75 -63.66
N LEU F 13 37.62 12.50 -64.38
CA LEU F 13 39.00 12.68 -63.98
C LEU F 13 39.10 13.36 -62.61
N THR F 14 38.34 14.44 -62.41
CA THR F 14 38.35 15.12 -61.11
C THR F 14 37.82 14.21 -60.00
N GLU F 15 36.82 13.38 -60.31
CA GLU F 15 36.30 12.46 -59.31
C GLU F 15 37.32 11.38 -58.97
N HIS F 16 38.08 10.92 -59.96
CA HIS F 16 39.14 9.96 -59.68
C HIS F 16 40.24 10.60 -58.83
N TRP F 17 40.58 11.86 -59.13
CA TRP F 17 41.58 12.57 -58.33
C TRP F 17 41.12 12.72 -56.88
N GLN F 18 39.86 13.12 -56.67
CA GLN F 18 39.35 13.25 -55.31
C GLN F 18 39.31 11.89 -54.61
N GLU F 19 39.02 10.82 -55.36
CA GLU F 19 39.03 9.50 -54.76
C GLU F 19 40.44 9.10 -54.32
N LEU F 20 41.45 9.45 -55.13
CA LEU F 20 42.83 9.17 -54.73
C LEU F 20 43.20 9.94 -53.46
N ALA F 21 42.85 11.23 -53.40
CA ALA F 21 43.11 11.98 -52.18
C ALA F 21 42.38 11.39 -50.98
N ASP F 22 41.15 10.92 -51.20
CA ASP F 22 40.36 10.37 -50.10
C ASP F 22 40.99 9.09 -49.57
N PHE F 23 41.44 8.20 -50.46
CA PHE F 23 42.20 7.04 -50.02
C PHE F 23 43.42 7.48 -49.23
N GLY F 24 44.12 8.51 -49.70
CA GLY F 24 45.28 8.99 -48.98
C GLY F 24 44.94 9.48 -47.59
N GLY F 25 43.84 10.22 -47.46
CA GLY F 25 43.43 10.67 -46.14
C GLY F 25 43.11 9.52 -45.20
N ILE F 26 42.42 8.50 -45.70
CA ILE F 26 42.07 7.36 -44.86
C ILE F 26 43.33 6.61 -44.45
N GLU F 27 44.23 6.36 -45.40
CA GLU F 27 45.51 5.74 -45.05
C GLU F 27 46.21 6.55 -43.98
N ALA F 28 46.18 7.88 -44.10
CA ALA F 28 46.82 8.74 -43.12
C ALA F 28 46.13 8.62 -41.76
N LEU F 29 44.81 8.52 -41.74
CA LEU F 29 44.11 8.30 -40.47
C LEU F 29 44.53 6.99 -39.84
N LEU F 30 44.66 5.93 -40.64
CA LEU F 30 45.09 4.64 -40.11
C LEU F 30 46.46 4.72 -39.46
N GLY F 31 47.40 5.43 -40.11
CA GLY F 31 48.73 5.61 -39.57
C GLY F 31 48.78 6.61 -38.43
N TRP F 32 48.00 7.69 -38.55
CA TRP F 32 47.93 8.67 -37.47
C TRP F 32 47.40 8.02 -36.20
N ASP F 33 46.32 7.25 -36.31
CA ASP F 33 45.78 6.55 -35.15
C ASP F 33 46.74 5.50 -34.65
N GLN F 34 47.46 4.84 -35.57
CA GLN F 34 48.42 3.82 -35.17
C GLN F 34 49.49 4.39 -34.25
N SER F 35 49.91 5.63 -34.49
CA SER F 35 50.98 6.25 -33.72
C SER F 35 50.49 6.93 -32.44
N THR F 36 49.19 7.23 -32.33
CA THR F 36 48.69 8.00 -31.20
C THR F 36 47.85 7.15 -30.25
N PHE F 37 46.80 6.48 -30.75
CA PHE F 37 45.80 5.90 -29.88
C PHE F 37 45.62 4.40 -30.02
N LEU F 38 46.25 3.75 -31.00
CA LEU F 38 46.09 2.31 -31.15
C LEU F 38 46.50 1.59 -29.86
N PRO F 39 45.65 0.72 -29.31
CA PRO F 39 46.05 -0.06 -28.12
C PRO F 39 47.20 -1.01 -28.43
N ALA F 40 47.88 -1.42 -27.34
CA ALA F 40 49.11 -2.21 -27.47
C ALA F 40 48.86 -3.55 -28.17
N GLY F 41 47.73 -4.19 -27.90
CA GLY F 41 47.44 -5.48 -28.47
C GLY F 41 46.83 -5.45 -29.85
N ALA F 42 46.72 -4.29 -30.49
CA ALA F 42 45.98 -4.16 -31.74
C ALA F 42 46.88 -3.95 -32.95
N ALA F 43 48.18 -4.19 -32.80
CA ALA F 43 49.13 -3.86 -33.86
C ALA F 43 48.89 -4.66 -35.13
N GLU F 44 48.59 -5.96 -34.99
CA GLU F 44 48.61 -6.84 -36.15
C GLU F 44 47.47 -6.53 -37.11
N ASP F 45 46.26 -6.34 -36.59
CA ASP F 45 45.12 -6.04 -37.45
C ASP F 45 45.29 -4.69 -38.14
N ARG F 46 45.80 -3.69 -37.43
CA ARG F 46 45.99 -2.37 -38.05
C ARG F 46 46.97 -2.44 -39.21
N ALA F 47 48.04 -3.22 -39.05
CA ALA F 47 49.00 -3.34 -40.15
C ALA F 47 48.37 -3.99 -41.37
N ARG F 48 47.49 -4.97 -41.16
CA ARG F 48 46.80 -5.62 -42.28
C ARG F 48 45.77 -4.67 -42.90
N GLN F 49 45.04 -3.95 -42.06
CA GLN F 49 44.12 -2.93 -42.57
C GLN F 49 44.86 -1.94 -43.46
N GLN F 50 46.06 -1.52 -43.05
CA GLN F 50 46.82 -0.57 -43.85
C GLN F 50 47.23 -1.18 -45.19
N SER F 51 47.64 -2.45 -45.19
CA SER F 51 48.01 -3.10 -46.45
C SER F 51 46.81 -3.20 -47.37
N LEU F 52 45.65 -3.54 -46.81
CA LEU F 52 44.44 -3.65 -47.60
C LEU F 52 44.14 -2.33 -48.30
N LEU F 53 44.25 -1.21 -47.58
CA LEU F 53 43.95 0.08 -48.18
C LEU F 53 45.05 0.52 -49.14
N ALA F 54 46.31 0.23 -48.82
CA ALA F 54 47.39 0.53 -49.75
C ALA F 54 47.18 -0.17 -51.07
N GLY F 55 46.73 -1.43 -51.04
CA GLY F 55 46.51 -2.15 -52.28
C GLY F 55 45.42 -1.51 -53.12
N LEU F 56 44.31 -1.12 -52.48
CA LEU F 56 43.23 -0.49 -53.23
C LEU F 56 43.69 0.83 -53.85
N ARG F 57 44.35 1.68 -53.06
CA ARG F 57 44.82 2.96 -53.58
C ARG F 57 45.80 2.76 -54.72
N HIS F 58 46.71 1.78 -54.59
CA HIS F 58 47.65 1.51 -55.68
C HIS F 58 46.91 1.08 -56.94
N ALA F 59 45.86 0.27 -56.79
CA ALA F 59 45.07 -0.12 -57.97
C ALA F 59 44.46 1.10 -58.63
N ARG F 60 43.80 1.96 -57.86
CA ARG F 60 43.18 3.16 -58.42
C ARG F 60 44.21 4.07 -59.07
N ALA F 61 45.40 4.19 -58.46
CA ALA F 61 46.41 5.09 -58.98
C ALA F 61 46.98 4.61 -60.30
N THR F 62 46.86 3.31 -60.59
CA THR F 62 47.38 2.72 -61.81
C THR F 62 46.28 2.18 -62.70
N ASP F 63 45.03 2.52 -62.44
CA ASP F 63 43.92 1.99 -63.20
C ASP F 63 44.04 2.38 -64.68
N ALA F 64 43.90 1.38 -65.57
CA ALA F 64 44.07 1.66 -67.00
C ALA F 64 43.03 2.65 -67.50
N GLY F 65 41.77 2.49 -67.05
CA GLY F 65 40.77 3.46 -67.42
C GLY F 65 41.15 4.87 -67.02
N TYR F 66 41.70 5.02 -65.81
CA TYR F 66 42.19 6.33 -65.38
C TYR F 66 43.27 6.85 -66.32
N GLY F 67 44.20 5.98 -66.72
CA GLY F 67 45.23 6.41 -67.65
C GLY F 67 44.65 6.93 -68.96
N LYS F 68 43.58 6.28 -69.43
CA LYS F 68 42.94 6.74 -70.67
C LYS F 68 42.30 8.10 -70.49
N LEU F 69 41.63 8.32 -69.36
CA LEU F 69 41.09 9.65 -69.07
C LEU F 69 42.20 10.70 -69.08
N LEU F 70 43.38 10.36 -68.54
CA LEU F 70 44.50 11.29 -68.58
C LEU F 70 44.98 11.54 -70.01
N ASP F 71 45.04 10.49 -70.83
CA ASP F 71 45.43 10.66 -72.22
C ASP F 71 44.47 11.58 -72.96
N ALA F 72 43.16 11.38 -72.76
CA ALA F 72 42.18 12.26 -73.39
C ALA F 72 42.40 13.70 -72.95
N ALA F 73 42.44 13.93 -71.63
CA ALA F 73 42.59 15.31 -71.15
C ALA F 73 43.90 15.93 -71.61
N SER F 74 44.92 15.11 -71.86
CA SER F 74 46.24 15.63 -72.23
C SER F 74 46.28 16.14 -73.68
N SER F 75 45.43 15.60 -74.56
CA SER F 75 45.41 16.03 -75.95
C SER F 75 44.52 17.26 -76.17
N ARG F 76 43.81 17.70 -75.15
CA ARG F 76 42.99 18.89 -75.26
C ARG F 76 43.87 20.15 -75.30
N SER F 77 43.36 21.18 -75.98
CA SER F 77 44.03 22.47 -76.04
C SER F 77 43.23 23.56 -75.33
N ASP F 78 42.11 23.21 -74.70
CA ASP F 78 41.22 24.18 -74.07
C ASP F 78 41.35 24.18 -72.55
N LEU F 79 42.42 23.61 -72.02
CA LEU F 79 42.64 23.56 -70.58
C LEU F 79 43.44 24.77 -70.12
N SER F 80 43.06 25.30 -68.96
CA SER F 80 43.79 26.41 -68.36
C SER F 80 45.21 25.99 -68.03
N PRO F 81 46.11 26.95 -67.84
CA PRO F 81 47.48 26.59 -67.44
C PRO F 81 47.52 25.71 -66.19
N GLU F 82 46.63 25.95 -65.24
CA GLU F 82 46.60 25.12 -64.03
C GLU F 82 46.07 23.73 -64.34
N GLN F 83 45.01 23.64 -65.15
CA GLN F 83 44.48 22.32 -65.50
C GLN F 83 45.49 21.52 -66.30
N ALA F 84 46.21 22.16 -67.22
CA ALA F 84 47.24 21.45 -67.96
C ALA F 84 48.34 20.97 -67.03
N ARG F 85 48.79 21.84 -66.11
CA ARG F 85 49.79 21.42 -65.14
C ARG F 85 49.25 20.33 -64.22
N MET F 86 47.99 20.46 -63.81
CA MET F 86 47.33 19.44 -63.03
C MET F 86 47.37 18.09 -63.74
N VAL F 87 47.00 18.07 -65.03
CA VAL F 87 47.02 16.83 -65.78
C VAL F 87 48.46 16.35 -65.96
N GLN F 88 49.40 17.27 -66.20
CA GLN F 88 50.79 16.89 -66.40
C GLN F 88 51.34 16.14 -65.21
N VAL F 89 51.10 16.67 -64.00
CA VAL F 89 51.58 16.03 -62.79
C VAL F 89 50.92 14.66 -62.62
N ALA F 90 49.62 14.57 -62.89
CA ALA F 90 48.92 13.30 -62.74
C ALA F 90 49.53 12.23 -63.64
N ARG F 91 49.86 12.58 -64.89
CA ARG F 91 50.45 11.60 -65.79
C ARG F 91 51.86 11.21 -65.37
N GLN F 92 52.62 12.17 -64.81
CA GLN F 92 53.93 11.82 -64.28
C GLN F 92 53.80 10.88 -63.07
N ASP F 93 52.85 11.13 -62.18
CA ASP F 93 52.63 10.19 -61.09
C ASP F 93 52.21 8.83 -61.63
N PHE F 94 51.33 8.83 -62.64
CA PHE F 94 50.89 7.58 -63.27
C PHE F 94 52.07 6.87 -63.91
N GLU F 95 52.96 7.65 -64.54
CA GLU F 95 54.16 7.08 -65.13
C GLU F 95 55.00 6.35 -64.10
N LYS F 96 55.31 7.02 -63.01
CA LYS F 96 56.17 6.40 -62.00
C LYS F 96 55.47 5.20 -61.36
N ALA F 97 54.16 5.29 -61.13
CA ALA F 97 53.45 4.23 -60.44
C ALA F 97 53.38 2.96 -61.28
N THR F 98 53.32 3.09 -62.60
CA THR F 98 53.20 1.93 -63.49
C THR F 98 54.54 1.42 -64.01
N ARG F 99 55.63 2.16 -63.85
CA ARG F 99 56.91 1.71 -64.36
C ARG F 99 57.36 0.42 -63.66
N ILE F 100 57.08 0.31 -62.37
CA ILE F 100 57.55 -0.81 -61.57
C ILE F 100 56.48 -1.90 -61.58
N PRO F 101 56.80 -3.13 -61.97
CA PRO F 101 55.78 -4.18 -61.98
C PRO F 101 55.15 -4.34 -60.60
N ALA F 102 53.82 -4.51 -60.59
CA ALA F 102 53.11 -4.59 -59.32
C ALA F 102 53.63 -5.72 -58.43
N GLU F 103 54.26 -6.74 -59.02
CA GLU F 103 54.81 -7.81 -58.19
C GLU F 103 56.04 -7.34 -57.43
N PHE F 104 56.93 -6.60 -58.11
CA PHE F 104 58.10 -6.07 -57.44
C PHE F 104 57.72 -5.10 -56.33
N VAL F 105 56.70 -4.28 -56.56
CA VAL F 105 56.25 -3.35 -55.52
C VAL F 105 55.83 -4.10 -54.26
N ARG F 106 55.07 -5.19 -54.42
CA ARG F 106 54.66 -5.96 -53.25
C ARG F 106 55.83 -6.66 -52.59
N GLU F 107 56.76 -7.23 -53.38
CA GLU F 107 57.92 -7.86 -52.76
C GLU F 107 58.69 -6.84 -51.93
N PHE F 108 59.01 -5.70 -52.52
CA PHE F 108 59.74 -4.67 -51.79
C PHE F 108 58.94 -4.21 -50.58
N SER F 109 57.63 -3.99 -50.74
CA SER F 109 56.80 -3.55 -49.63
C SER F 109 56.80 -4.58 -48.51
N GLY F 110 56.74 -5.87 -48.86
CA GLY F 110 56.75 -6.89 -47.84
C GLY F 110 58.08 -7.00 -47.10
N HIS F 111 59.18 -6.79 -47.83
CA HIS F 111 60.50 -6.91 -47.23
C HIS F 111 60.76 -5.82 -46.20
N VAL F 112 60.54 -4.55 -46.58
CA VAL F 112 60.79 -3.46 -45.65
C VAL F 112 59.89 -3.55 -44.43
N GLY F 113 58.71 -4.17 -44.56
CA GLY F 113 57.88 -4.39 -43.39
C GLY F 113 58.50 -5.38 -42.42
N GLN F 114 59.17 -6.42 -42.94
CA GLN F 114 59.85 -7.38 -42.09
C GLN F 114 61.18 -6.83 -41.59
N SER F 115 61.91 -6.11 -42.45
CA SER F 115 63.10 -5.41 -41.98
C SER F 115 62.76 -4.50 -40.80
N TYR F 116 61.72 -3.68 -40.95
CA TYR F 116 61.35 -2.77 -39.89
C TYR F 116 61.07 -3.52 -38.59
N SER F 117 60.27 -4.59 -38.68
CA SER F 117 59.93 -5.35 -37.47
C SER F 117 61.18 -5.90 -36.79
N ALA F 118 62.09 -6.49 -37.58
CA ALA F 118 63.33 -6.99 -36.99
C ALA F 118 64.14 -5.87 -36.37
N TRP F 119 64.12 -4.69 -36.98
CA TRP F 119 64.89 -3.57 -36.45
C TRP F 119 64.34 -3.12 -35.10
N THR F 120 63.01 -3.05 -34.96
CA THR F 120 62.43 -2.64 -33.69
C THR F 120 62.86 -3.55 -32.54
N GLU F 121 63.33 -4.76 -32.84
CA GLU F 121 63.91 -5.61 -31.81
C GLU F 121 65.42 -5.60 -31.83
N ALA F 122 66.03 -5.57 -33.03
CA ALA F 122 67.48 -5.68 -33.12
C ALA F 122 68.18 -4.45 -32.58
N ARG F 123 67.56 -3.26 -32.72
CA ARG F 123 68.22 -2.04 -32.23
C ARG F 123 68.40 -2.07 -30.72
N PRO F 124 67.35 -2.17 -29.91
CA PRO F 124 67.55 -2.22 -28.45
C PRO F 124 68.51 -3.32 -28.02
N ALA F 125 68.66 -4.38 -28.80
CA ALA F 125 69.54 -5.49 -28.47
C ALA F 125 70.94 -5.34 -29.06
N ASN F 126 71.22 -4.23 -29.73
CA ASN F 126 72.52 -4.00 -30.34
C ASN F 126 72.93 -5.19 -31.21
N ASP F 127 71.98 -5.65 -32.03
CA ASP F 127 72.15 -6.86 -32.84
C ASP F 127 72.19 -6.47 -34.32
N PHE F 128 73.25 -5.77 -34.71
CA PHE F 128 73.39 -5.32 -36.10
C PHE F 128 73.63 -6.49 -37.05
N GLY F 129 74.35 -7.53 -36.60
CA GLY F 129 74.58 -8.67 -37.45
C GLY F 129 73.29 -9.30 -37.93
N ARG F 130 72.23 -9.22 -37.13
CA ARG F 130 70.93 -9.76 -37.54
C ARG F 130 70.33 -8.95 -38.69
N MET F 131 70.58 -7.64 -38.69
CA MET F 131 70.03 -6.76 -39.72
C MET F 131 70.83 -6.79 -41.01
N VAL F 132 72.07 -7.28 -40.97
CA VAL F 132 72.89 -7.31 -42.17
C VAL F 132 72.17 -7.98 -43.34
N PRO F 133 71.58 -9.17 -43.19
CA PRO F 133 70.86 -9.76 -44.33
C PRO F 133 69.72 -8.88 -44.83
N TYR F 134 68.93 -8.29 -43.93
CA TYR F 134 67.84 -7.42 -44.37
C TYR F 134 68.36 -6.23 -45.17
N LEU F 135 69.46 -5.63 -44.69
CA LEU F 135 70.01 -4.49 -45.41
C LEU F 135 70.61 -4.91 -46.75
N GLU F 136 71.17 -6.12 -46.80
CA GLU F 136 71.73 -6.60 -48.06
C GLU F 136 70.65 -6.75 -49.12
N LYS F 137 69.51 -7.36 -48.75
CA LYS F 137 68.40 -7.47 -49.69
C LYS F 137 67.80 -6.10 -50.01
N THR F 138 67.68 -5.23 -49.01
CA THR F 138 67.13 -3.90 -49.26
C THR F 138 68.00 -3.12 -50.22
N LEU F 139 69.32 -3.22 -50.07
CA LEU F 139 70.21 -2.55 -51.01
C LEU F 139 70.04 -3.14 -52.41
N ASP F 140 69.89 -4.46 -52.49
CA ASP F 140 69.67 -5.11 -53.78
C ASP F 140 68.34 -4.68 -54.38
N LEU F 141 67.27 -4.68 -53.59
CA LEU F 141 65.98 -4.24 -54.09
C LEU F 141 65.98 -2.76 -54.45
N SER F 142 66.71 -1.94 -53.69
CA SER F 142 66.79 -0.52 -54.02
C SER F 142 67.44 -0.30 -55.37
N LEU F 143 68.53 -1.01 -55.66
CA LEU F 143 69.16 -0.90 -56.96
C LEU F 143 68.26 -1.43 -58.06
N GLN F 144 67.55 -2.53 -57.78
CA GLN F 144 66.66 -3.10 -58.77
C GLN F 144 65.55 -2.13 -59.14
N ALA F 145 64.96 -1.47 -58.13
CA ALA F 145 63.91 -0.48 -58.40
C ALA F 145 64.43 0.67 -59.25
N ALA F 146 65.62 1.19 -58.95
CA ALA F 146 66.14 2.31 -59.73
C ALA F 146 66.42 1.91 -61.17
N SER F 147 66.72 0.64 -61.43
CA SER F 147 67.02 0.25 -62.79
C SER F 147 65.81 0.33 -63.72
N TYR F 148 64.59 0.34 -63.17
CA TYR F 148 63.40 0.56 -63.98
C TYR F 148 63.28 1.99 -64.46
N PHE F 149 64.17 2.85 -63.99
CA PHE F 149 64.21 4.26 -64.40
C PHE F 149 65.61 4.53 -64.94
N PRO F 150 65.96 3.93 -66.08
CA PRO F 150 67.30 4.12 -66.65
C PRO F 150 67.59 5.56 -67.05
N GLU F 151 66.59 6.44 -67.12
CA GLU F 151 66.87 7.84 -67.38
C GLU F 151 67.80 8.45 -66.33
N PHE F 152 68.01 7.78 -65.19
CA PHE F 152 68.99 8.20 -64.19
C PHE F 152 70.18 7.24 -64.34
N GLY F 153 71.24 7.72 -65.01
CA GLY F 153 72.40 6.87 -65.15
C GLY F 153 72.92 6.38 -63.81
N ASP F 154 72.95 7.27 -62.82
CA ASP F 154 73.36 6.94 -61.47
C ASP F 154 72.14 6.57 -60.64
N PRO F 155 72.05 5.34 -60.14
CA PRO F 155 70.84 4.95 -59.36
C PRO F 155 70.57 5.86 -58.18
N LEU F 156 71.60 6.46 -57.60
CA LEU F 156 71.38 7.39 -56.51
C LEU F 156 70.56 8.61 -56.95
N ASP F 157 70.82 9.11 -58.17
CA ASP F 157 70.06 10.26 -58.67
C ASP F 157 68.59 9.95 -58.81
N TYR F 158 68.22 8.69 -59.02
CA TYR F 158 66.80 8.33 -59.00
C TYR F 158 66.17 8.66 -57.65
N TYR F 159 66.85 8.27 -56.55
CA TYR F 159 66.29 8.53 -55.24
C TYR F 159 66.38 10.01 -54.89
N ILE F 160 67.49 10.66 -55.24
CA ILE F 160 67.58 12.09 -55.00
C ILE F 160 66.45 12.83 -55.70
N ASN F 161 66.12 12.43 -56.94
CA ASN F 161 65.05 13.09 -57.65
C ASN F 161 63.68 12.77 -57.05
N GLU F 162 63.51 11.54 -56.55
CA GLU F 162 62.27 11.19 -55.87
C GLU F 162 62.02 12.11 -54.68
N SER F 163 63.08 12.47 -53.97
CA SER F 163 62.93 13.36 -52.84
C SER F 163 62.70 14.80 -53.31
N ASP F 164 63.54 15.27 -54.24
CA ASP F 164 63.49 16.66 -54.69
C ASP F 164 63.64 16.66 -56.21
N GLU F 165 62.52 16.80 -56.92
CA GLU F 165 62.53 16.73 -58.38
C GLU F 165 63.55 17.71 -58.95
N GLY F 166 64.44 17.20 -59.79
CA GLY F 166 65.47 18.00 -60.42
C GLY F 166 66.79 18.03 -59.68
N MET F 167 66.80 17.67 -58.40
CA MET F 167 68.04 17.62 -57.64
C MET F 167 68.85 16.40 -58.04
N THR F 168 70.18 16.56 -58.05
CA THR F 168 71.08 15.50 -58.44
C THR F 168 72.18 15.30 -57.39
N ALA F 169 72.83 14.15 -57.45
CA ALA F 169 73.89 13.83 -56.50
C ALA F 169 75.07 14.81 -56.64
N GLU F 170 75.46 15.12 -57.87
CA GLU F 170 76.51 16.11 -58.07
C GLU F 170 76.16 17.42 -57.39
N GLN F 171 74.95 17.91 -57.63
CA GLN F 171 74.53 19.16 -57.01
C GLN F 171 74.46 19.03 -55.50
N VAL F 172 74.00 17.87 -55.00
CA VAL F 172 73.96 17.66 -53.56
C VAL F 172 75.37 17.71 -52.98
N GLY F 173 76.30 17.00 -53.61
CA GLY F 173 77.67 16.98 -53.10
C GLY F 173 78.27 18.36 -53.05
N GLN F 174 78.03 19.17 -54.08
CA GLN F 174 78.54 20.53 -54.10
C GLN F 174 78.01 21.33 -52.91
N VAL F 175 76.70 21.25 -52.68
CA VAL F 175 76.11 21.92 -51.52
C VAL F 175 76.72 21.41 -50.22
N PHE F 176 76.92 20.10 -50.10
CA PHE F 176 77.49 19.54 -48.87
C PHE F 176 78.88 20.11 -48.61
N ALA F 177 79.72 20.12 -49.65
CA ALA F 177 81.09 20.60 -49.50
C ALA F 177 81.10 22.00 -48.91
N GLU F 178 80.23 22.88 -49.41
CA GLU F 178 80.17 24.24 -48.89
C GLU F 178 79.78 24.25 -47.41
N LEU F 179 78.79 23.43 -47.04
CA LEU F 179 78.33 23.40 -45.66
C LEU F 179 79.43 22.90 -44.73
N ARG F 180 80.12 21.82 -45.11
CA ARG F 180 81.20 21.32 -44.27
C ARG F 180 82.29 22.37 -44.10
N ALA F 181 82.73 22.96 -45.21
CA ALA F 181 83.82 23.92 -45.15
C ALA F 181 83.48 25.11 -44.26
N ALA F 182 82.22 25.49 -44.21
CA ALA F 182 81.84 26.65 -43.40
C ALA F 182 81.47 26.29 -41.97
N LEU F 183 80.69 25.21 -41.79
CA LEU F 183 80.11 24.95 -40.46
C LEU F 183 81.06 24.19 -39.54
N VAL F 184 81.88 23.28 -40.06
CA VAL F 184 82.83 22.57 -39.21
C VAL F 184 83.73 23.55 -38.46
N PRO F 185 84.40 24.50 -39.12
CA PRO F 185 85.19 25.47 -38.36
C PRO F 185 84.36 26.31 -37.41
N LEU F 186 83.20 26.77 -37.86
CA LEU F 186 82.35 27.59 -37.00
C LEU F 186 81.84 26.77 -35.80
N ALA F 187 81.49 25.50 -36.02
CA ALA F 187 81.01 24.69 -34.92
C ALA F 187 82.14 24.42 -33.92
N ASP F 188 83.31 24.02 -34.42
CA ASP F 188 84.44 23.80 -33.52
C ASP F 188 84.74 25.06 -32.72
N ALA F 189 84.69 26.22 -33.38
CA ALA F 189 84.92 27.48 -32.68
C ALA F 189 83.83 27.76 -31.66
N VAL F 190 82.57 27.45 -32.01
CA VAL F 190 81.48 27.66 -31.05
C VAL F 190 81.65 26.73 -29.86
N ILE F 191 82.03 25.47 -30.11
CA ILE F 191 82.23 24.54 -29.02
C ILE F 191 83.41 24.98 -28.16
N ALA F 192 84.41 25.60 -28.77
CA ALA F 192 85.59 25.99 -28.01
C ALA F 192 85.33 27.21 -27.13
N ALA F 193 84.38 28.06 -27.51
CA ALA F 193 84.10 29.24 -26.71
C ALA F 193 83.39 28.91 -25.41
N GLY F 194 82.53 27.90 -25.42
CA GLY F 194 81.78 27.53 -24.23
C GLY F 194 80.31 27.85 -24.36
N ALA F 195 79.49 27.12 -23.62
CA ALA F 195 78.05 27.19 -23.79
C ALA F 195 77.41 28.11 -22.77
N PRO F 196 76.25 28.67 -23.10
CA PRO F 196 75.50 29.46 -22.11
C PRO F 196 74.91 28.58 -21.02
N ARG F 197 74.36 29.24 -20.01
CA ARG F 197 73.69 28.53 -18.93
C ARG F 197 72.46 27.80 -19.44
N THR F 198 72.26 26.57 -18.96
CA THR F 198 71.08 25.79 -19.37
C THR F 198 70.38 25.07 -18.24
N ASP F 199 70.94 25.03 -17.02
CA ASP F 199 70.43 24.15 -15.98
C ASP F 199 68.98 24.47 -15.62
N PHE F 200 68.54 25.72 -15.80
CA PHE F 200 67.17 26.04 -15.45
C PHE F 200 66.16 25.29 -16.33
N LEU F 201 66.58 24.82 -17.51
CA LEU F 201 65.69 24.02 -18.35
C LEU F 201 65.39 22.66 -17.76
N GLY F 202 66.14 22.22 -16.75
CA GLY F 202 65.94 20.93 -16.13
C GLY F 202 65.17 20.94 -14.83
N ARG F 203 64.50 22.04 -14.49
CA ARG F 203 63.88 22.16 -13.18
C ARG F 203 62.52 21.50 -13.09
N GLY F 204 62.02 20.94 -14.19
CA GLY F 204 60.74 20.26 -14.18
C GLY F 204 59.65 21.15 -14.72
N PHE F 205 59.16 20.84 -15.93
CA PHE F 205 58.13 21.64 -16.60
C PHE F 205 56.94 20.74 -16.87
N ALA F 206 55.82 21.03 -16.20
CA ALA F 206 54.65 20.16 -16.29
C ALA F 206 54.22 19.99 -17.74
N GLN F 207 53.87 18.74 -18.09
CA GLN F 207 53.57 18.41 -19.48
C GLN F 207 52.46 19.28 -20.05
N GLU F 208 51.32 19.38 -19.35
CA GLU F 208 50.20 20.11 -19.91
C GLU F 208 50.53 21.58 -20.14
N ARG F 209 51.35 22.18 -19.27
CA ARG F 209 51.69 23.59 -19.44
C ARG F 209 52.53 23.79 -20.70
N GLN F 210 53.42 22.84 -20.99
CA GLN F 210 54.20 22.91 -22.22
C GLN F 210 53.30 22.88 -23.44
N LEU F 211 52.34 21.95 -23.44
CA LEU F 211 51.44 21.80 -24.58
C LEU F 211 50.59 23.04 -24.78
N ALA F 212 50.07 23.60 -23.69
CA ALA F 212 49.23 24.80 -23.80
C ALA F 212 50.04 25.96 -24.36
N PHE F 213 51.25 26.18 -23.83
CA PHE F 213 52.12 27.22 -24.34
C PHE F 213 52.47 26.96 -25.80
N GLY F 214 52.80 25.71 -26.13
CA GLY F 214 53.19 25.43 -27.50
C GLY F 214 52.06 25.76 -28.46
N GLU F 215 50.82 25.50 -28.05
CA GLU F 215 49.70 25.76 -28.94
C GLU F 215 49.43 27.26 -29.08
N ARG F 216 49.64 28.03 -28.01
CA ARG F 216 49.51 29.47 -28.13
C ARG F 216 50.48 30.03 -29.16
N VAL F 217 51.73 29.55 -29.15
CA VAL F 217 52.70 30.05 -30.13
C VAL F 217 52.27 29.70 -31.55
N ILE F 218 51.96 28.42 -31.79
CA ILE F 218 51.68 28.03 -33.17
C ILE F 218 50.35 28.62 -33.63
N ARG F 219 49.42 28.88 -32.72
CA ARG F 219 48.21 29.59 -33.11
C ARG F 219 48.55 30.99 -33.62
N ASP F 220 49.43 31.70 -32.91
CA ASP F 220 49.91 32.99 -33.41
C ASP F 220 50.64 32.83 -34.74
N TYR F 221 51.38 31.73 -34.91
CA TYR F 221 52.04 31.48 -36.19
C TYR F 221 51.06 31.53 -37.34
N GLY F 222 49.86 30.99 -37.14
CA GLY F 222 48.87 30.94 -38.21
C GLY F 222 48.30 29.55 -38.42
N TYR F 223 48.67 28.62 -37.54
CA TYR F 223 48.13 27.27 -37.60
C TYR F 223 46.64 27.31 -37.29
N ASP F 224 45.85 26.66 -38.15
CA ASP F 224 44.39 26.71 -38.08
C ASP F 224 43.87 25.45 -37.39
N PHE F 225 43.47 25.59 -36.12
CA PHE F 225 42.96 24.48 -35.33
C PHE F 225 41.55 24.06 -35.74
N ARG F 226 40.88 24.81 -36.60
CA ARG F 226 39.66 24.28 -37.20
C ARG F 226 39.97 23.29 -38.31
N ARG F 227 41.24 23.22 -38.73
CA ARG F 227 41.68 22.39 -39.84
C ARG F 227 42.84 21.49 -39.44
N GLY F 228 42.90 21.12 -38.16
CA GLY F 228 43.99 20.31 -37.66
C GLY F 228 43.91 20.20 -36.15
N ARG F 229 44.93 19.56 -35.57
CA ARG F 229 45.01 19.40 -34.13
C ARG F 229 46.39 18.83 -33.81
N GLN F 230 46.70 18.76 -32.52
CA GLN F 230 47.97 18.23 -32.04
C GLN F 230 47.73 17.14 -31.00
N ASP F 231 48.58 16.12 -31.05
CA ASP F 231 48.56 15.04 -30.07
C ASP F 231 49.98 14.60 -29.80
N LEU F 232 50.09 13.71 -28.82
CA LEU F 232 51.37 13.19 -28.35
C LEU F 232 51.69 11.88 -29.06
N THR F 233 52.96 11.73 -29.45
CA THR F 233 53.43 10.50 -30.04
C THR F 233 54.86 10.26 -29.59
N HIS F 234 55.40 9.09 -29.93
CA HIS F 234 56.80 8.84 -29.64
C HIS F 234 57.71 9.67 -30.53
N HIS F 235 57.35 9.81 -31.81
CA HIS F 235 58.14 10.56 -32.77
C HIS F 235 57.26 11.61 -33.43
N PRO F 236 57.57 12.91 -33.26
CA PRO F 236 56.74 13.95 -33.87
C PRO F 236 56.66 13.82 -35.39
N PHE F 237 55.48 14.14 -35.93
CA PHE F 237 55.29 14.14 -37.38
C PHE F 237 54.08 15.02 -37.71
N MET F 238 53.91 15.25 -39.02
CA MET F 238 52.75 15.94 -39.58
C MET F 238 52.12 15.02 -40.63
N THR F 239 50.80 14.95 -40.67
CA THR F 239 50.13 14.11 -41.65
C THR F 239 48.79 14.72 -42.03
N ARG F 240 48.42 14.55 -43.30
CA ARG F 240 47.22 15.16 -43.87
C ARG F 240 46.14 14.09 -43.97
N LEU F 241 45.09 14.23 -43.16
CA LEU F 241 43.96 13.31 -43.18
C LEU F 241 42.81 13.79 -44.07
N GLY F 242 42.92 14.99 -44.63
CA GLY F 242 41.87 15.51 -45.47
C GLY F 242 42.20 16.91 -45.94
N GLY F 243 41.34 17.43 -46.81
CA GLY F 243 41.56 18.77 -47.32
C GLY F 243 41.63 19.82 -46.22
N HIS F 244 40.95 19.57 -45.11
CA HIS F 244 40.89 20.52 -43.99
C HIS F 244 41.23 19.82 -42.67
N ASP F 245 42.19 18.89 -42.72
CA ASP F 245 42.55 18.03 -41.59
C ASP F 245 44.06 17.74 -41.69
N VAL F 246 44.86 18.68 -41.18
CA VAL F 246 46.32 18.58 -41.19
C VAL F 246 46.77 18.50 -39.74
N ARG F 247 47.11 17.31 -39.29
CA ARG F 247 47.38 17.07 -37.88
C ARG F 247 48.87 16.99 -37.60
N ILE F 248 49.25 17.39 -36.39
CA ILE F 248 50.63 17.38 -35.97
C ILE F 248 50.72 16.67 -34.64
N THR F 249 51.90 16.14 -34.36
CA THR F 249 52.14 15.48 -33.08
C THR F 249 53.46 15.95 -32.53
N THR F 250 53.57 15.88 -31.21
CA THR F 250 54.76 16.32 -30.52
C THR F 250 55.09 15.30 -29.44
N ARG F 251 56.25 15.50 -28.81
CA ARG F 251 56.73 14.62 -27.76
C ARG F 251 57.21 15.50 -26.62
N VAL F 252 56.73 15.21 -25.41
CA VAL F 252 56.96 16.06 -24.24
C VAL F 252 57.87 15.35 -23.26
N LYS F 253 58.95 16.03 -22.87
CA LYS F 253 59.85 15.59 -21.81
C LYS F 253 59.82 16.65 -20.72
N GLU F 254 59.24 16.30 -19.56
CA GLU F 254 59.21 17.25 -18.46
C GLU F 254 60.60 17.65 -18.00
N GLN F 255 61.61 16.83 -18.26
CA GLN F 255 62.98 17.15 -17.87
C GLN F 255 63.68 18.08 -18.85
N ASP F 256 63.02 18.44 -19.95
CA ASP F 256 63.61 19.39 -20.88
C ASP F 256 62.53 19.93 -21.82
N PRO F 257 62.08 21.16 -21.58
CA PRO F 257 60.93 21.70 -22.34
C PRO F 257 61.27 22.13 -23.76
N THR F 258 62.55 22.26 -24.12
CA THR F 258 62.87 22.66 -25.49
C THR F 258 62.57 21.54 -26.49
N ASP F 259 62.45 20.30 -26.03
CA ASP F 259 62.08 19.21 -26.93
C ASP F 259 60.67 19.42 -27.48
N ALA F 260 59.67 19.45 -26.59
CA ALA F 260 58.29 19.58 -27.03
C ALA F 260 58.08 20.89 -27.79
N LEU F 261 58.61 22.00 -27.28
CA LEU F 261 58.39 23.29 -27.93
C LEU F 261 58.86 23.27 -29.38
N TYR F 262 60.10 22.86 -29.61
CA TYR F 262 60.64 22.97 -30.96
C TYR F 262 60.19 21.83 -31.86
N SER F 263 59.85 20.67 -31.30
CA SER F 263 59.15 19.66 -32.09
C SER F 263 57.79 20.21 -32.55
N THR F 264 57.06 20.86 -31.65
CA THR F 264 55.75 21.39 -32.02
C THR F 264 55.88 22.50 -33.06
N LEU F 265 56.83 23.42 -32.88
CA LEU F 265 57.02 24.48 -33.86
C LEU F 265 57.45 23.89 -35.20
N HIS F 266 58.30 22.86 -35.18
CA HIS F 266 58.76 22.23 -36.40
C HIS F 266 57.60 21.62 -37.18
N GLU F 267 56.84 20.73 -36.53
CA GLU F 267 55.72 20.09 -37.21
C GLU F 267 54.64 21.10 -37.59
N ALA F 268 54.46 22.15 -36.78
CA ALA F 268 53.56 23.21 -37.20
C ALA F 268 54.02 23.86 -38.50
N GLY F 269 55.33 24.02 -38.68
CA GLY F 269 55.83 24.55 -39.92
C GLY F 269 55.45 23.70 -41.12
N HIS F 270 55.69 22.39 -41.01
CA HIS F 270 55.19 21.48 -42.04
C HIS F 270 53.71 21.73 -42.30
N ALA F 271 52.93 21.88 -41.23
CA ALA F 271 51.48 21.97 -41.35
C ALA F 271 51.06 23.30 -41.94
N LEU F 272 51.76 24.39 -41.63
CA LEU F 272 51.42 25.66 -42.25
C LEU F 272 51.52 25.57 -43.77
N TYR F 273 52.60 24.95 -44.27
CA TYR F 273 52.74 24.72 -45.70
C TYR F 273 51.50 24.03 -46.27
N GLU F 274 51.15 22.86 -45.72
CA GLU F 274 50.00 22.12 -46.22
C GLU F 274 48.71 22.91 -46.07
N GLN F 275 48.52 23.56 -44.93
CA GLN F 275 47.30 24.34 -44.72
C GLN F 275 47.24 25.57 -45.62
N GLY F 276 48.35 25.99 -46.21
CA GLY F 276 48.33 27.12 -47.13
C GLY F 276 48.08 26.78 -48.59
N VAL F 277 48.05 25.50 -48.94
CA VAL F 277 47.80 25.12 -50.33
C VAL F 277 46.45 25.67 -50.78
N ASP F 278 46.41 26.22 -52.00
CA ASP F 278 45.19 26.80 -52.52
C ASP F 278 44.05 25.79 -52.51
N ALA F 279 42.87 26.24 -52.06
CA ALA F 279 41.71 25.36 -51.99
C ALA F 279 41.35 24.77 -53.35
N ALA F 280 41.64 25.49 -54.43
CA ALA F 280 41.35 24.98 -55.77
C ALA F 280 42.18 23.75 -56.11
N PHE F 281 43.28 23.53 -55.40
CA PHE F 281 44.15 22.39 -55.66
C PHE F 281 43.90 21.22 -54.72
N LEU F 282 43.20 21.44 -53.61
CA LEU F 282 42.89 20.33 -52.71
C LEU F 282 42.08 19.28 -53.46
N GLY F 283 42.41 18.01 -53.24
CA GLY F 283 41.74 16.94 -53.94
C GLY F 283 42.19 16.72 -55.36
N THR F 284 43.24 17.42 -55.82
CA THR F 284 43.83 17.22 -57.13
C THR F 284 45.31 16.87 -56.98
N PRO F 285 45.96 16.39 -58.05
CA PRO F 285 47.40 16.07 -57.95
C PRO F 285 48.28 17.27 -57.60
N LEU F 286 47.77 18.49 -57.65
CA LEU F 286 48.58 19.65 -57.30
C LEU F 286 48.46 20.02 -55.83
N GLY F 287 47.55 19.38 -55.09
CA GLY F 287 47.21 19.79 -53.74
C GLY F 287 48.11 19.22 -52.65
N GLY F 288 49.39 19.59 -52.66
CA GLY F 288 50.32 19.13 -51.63
C GLY F 288 51.67 19.81 -51.81
N GLY F 289 52.54 19.57 -50.82
CA GLY F 289 53.89 20.10 -50.90
C GLY F 289 54.65 19.59 -52.11
N VAL F 290 55.63 20.38 -52.54
CA VAL F 290 56.28 20.12 -53.82
C VAL F 290 57.49 19.19 -53.71
N SER F 291 58.15 19.14 -52.55
CA SER F 291 59.35 18.30 -52.41
C SER F 291 59.74 18.22 -50.94
N ALA F 292 60.61 17.26 -50.64
CA ALA F 292 61.06 17.10 -49.26
C ALA F 292 61.81 18.34 -48.79
N GLY F 293 62.66 18.91 -49.65
CA GLY F 293 63.43 20.07 -49.26
C GLY F 293 62.57 21.29 -49.00
N VAL F 294 61.59 21.55 -49.87
CA VAL F 294 60.71 22.69 -49.64
C VAL F 294 59.89 22.49 -48.38
N HIS F 295 59.38 21.27 -48.17
CA HIS F 295 58.61 21.00 -46.97
C HIS F 295 59.45 21.26 -45.73
N GLU F 296 60.66 20.68 -45.67
CA GLU F 296 61.54 20.87 -44.53
C GLU F 296 62.04 22.30 -44.42
N SER F 297 62.04 23.06 -45.53
CA SER F 297 62.41 24.46 -45.43
C SER F 297 61.39 25.22 -44.60
N GLN F 298 60.14 24.77 -44.59
CA GLN F 298 59.10 25.45 -43.85
C GLN F 298 59.09 25.03 -42.38
N SER F 299 59.30 23.74 -42.09
CA SER F 299 59.46 23.35 -40.70
C SER F 299 60.66 24.05 -40.07
N ARG F 300 61.79 24.07 -40.79
CA ARG F 300 63.01 24.65 -40.25
C ARG F 300 62.90 26.17 -40.15
N LEU F 301 62.17 26.81 -41.07
CA LEU F 301 61.99 28.25 -41.01
C LEU F 301 61.29 28.64 -39.72
N TRP F 302 60.16 28.00 -39.43
CA TRP F 302 59.38 28.35 -38.25
C TRP F 302 60.03 27.87 -36.95
N GLU F 303 60.80 26.78 -37.00
CA GLU F 303 61.44 26.28 -35.78
C GLU F 303 62.70 27.07 -35.44
N ASN F 304 63.62 27.17 -36.40
CA ASN F 304 64.93 27.77 -36.16
C ASN F 304 64.91 29.27 -36.46
N LEU F 305 64.67 29.63 -37.72
CA LEU F 305 64.78 31.03 -38.11
C LEU F 305 63.88 31.92 -37.27
N VAL F 306 62.66 31.48 -37.01
CA VAL F 306 61.73 32.23 -36.18
C VAL F 306 61.86 31.78 -34.74
N GLY F 307 61.66 30.48 -34.50
CA GLY F 307 61.51 29.99 -33.14
C GLY F 307 62.75 30.15 -32.27
N ARG F 308 63.94 30.16 -32.88
CA ARG F 308 65.16 30.26 -32.10
C ARG F 308 65.78 31.65 -32.13
N SER F 309 65.06 32.64 -32.62
CA SER F 309 65.59 33.99 -32.75
C SER F 309 65.41 34.79 -31.47
N ARG F 310 66.20 35.87 -31.35
CA ARG F 310 66.07 36.77 -30.21
C ARG F 310 64.70 37.42 -30.17
N ALA F 311 64.17 37.78 -31.34
CA ALA F 311 62.86 38.42 -31.39
C ALA F 311 61.78 37.49 -30.88
N PHE F 312 61.91 36.19 -31.16
CA PHE F 312 60.91 35.23 -30.68
C PHE F 312 60.76 35.30 -29.18
N TRP F 313 61.88 35.26 -28.45
CA TRP F 313 61.77 35.22 -26.99
C TRP F 313 61.49 36.59 -26.39
N ALA F 314 61.86 37.68 -27.08
CA ALA F 314 61.40 38.98 -26.65
C ALA F 314 59.88 39.03 -26.54
N ALA F 315 59.18 38.26 -27.38
CA ALA F 315 57.72 38.25 -27.37
C ALA F 315 57.14 37.24 -26.40
N TYR F 316 57.81 36.11 -26.15
CA TYR F 316 57.16 35.02 -25.43
C TYR F 316 57.77 34.75 -24.07
N PHE F 317 58.91 35.34 -23.74
CA PHE F 317 59.53 35.05 -22.45
C PHE F 317 58.60 35.41 -21.30
N GLY F 318 57.81 36.47 -21.45
CA GLY F 318 56.89 36.84 -20.40
C GLY F 318 55.86 35.76 -20.13
N ASP F 319 55.16 35.31 -21.17
CA ASP F 319 54.21 34.22 -21.01
C ASP F 319 54.91 32.96 -20.51
N TRP F 320 56.12 32.70 -21.02
CA TRP F 320 56.90 31.55 -20.57
C TRP F 320 57.17 31.62 -19.08
N ARG F 321 57.86 32.68 -18.65
CA ARG F 321 58.14 32.88 -17.23
C ARG F 321 56.88 32.82 -16.40
N ASP F 322 55.80 33.47 -16.86
CA ASP F 322 54.54 33.42 -16.13
C ASP F 322 54.06 31.98 -15.99
N THR F 323 54.26 31.17 -17.02
CA THR F 323 53.83 29.78 -16.96
C THR F 323 54.74 28.95 -16.07
N PHE F 324 56.03 29.25 -16.04
CA PHE F 324 57.01 28.53 -15.24
C PHE F 324 57.79 29.51 -14.36
N PRO F 325 57.12 30.09 -13.36
CA PRO F 325 57.74 31.17 -12.58
C PRO F 325 58.93 30.71 -11.74
N GLU F 326 58.73 29.65 -10.96
CA GLU F 326 59.83 29.16 -10.12
C GLU F 326 60.97 28.65 -10.99
N GLN F 327 60.65 28.00 -12.12
CA GLN F 327 61.68 27.45 -12.99
C GLN F 327 62.55 28.54 -13.60
N LEU F 328 61.98 29.70 -13.90
CA LEU F 328 62.73 30.79 -14.54
C LEU F 328 63.23 31.85 -13.56
N ALA F 329 63.08 31.64 -12.26
CA ALA F 329 63.63 32.57 -11.28
C ALA F 329 65.14 32.67 -11.45
N GLY F 330 65.65 33.90 -11.54
CA GLY F 330 67.06 34.11 -11.80
C GLY F 330 67.47 33.93 -13.24
N VAL F 331 66.51 33.89 -14.16
CA VAL F 331 66.79 33.68 -15.58
C VAL F 331 66.29 34.89 -16.35
N THR F 332 67.12 35.39 -17.25
CA THR F 332 66.74 36.53 -18.07
C THR F 332 66.12 36.06 -19.39
N GLU F 333 65.45 36.98 -20.07
CA GLU F 333 64.95 36.70 -21.40
C GLU F 333 66.09 36.35 -22.35
N GLU F 334 67.22 37.07 -22.24
CA GLU F 334 68.38 36.78 -23.08
C GLU F 334 68.96 35.40 -22.78
N GLU F 335 68.94 34.96 -21.52
CA GLU F 335 69.52 33.67 -21.19
C GLU F 335 68.70 32.53 -21.79
N MET F 336 67.37 32.70 -21.86
CA MET F 336 66.56 31.70 -22.52
C MET F 336 66.88 31.66 -24.02
N TYR F 337 67.08 32.83 -24.64
CA TYR F 337 67.46 32.86 -26.03
C TYR F 337 68.83 32.23 -26.24
N ARG F 338 69.75 32.42 -25.29
CA ARG F 338 71.06 31.80 -25.42
C ARG F 338 70.98 30.29 -25.21
N ALA F 339 70.11 29.84 -24.32
CA ALA F 339 70.03 28.43 -23.96
C ALA F 339 69.39 27.59 -25.05
N VAL F 340 68.58 28.20 -25.92
CA VAL F 340 67.93 27.46 -27.00
C VAL F 340 68.82 27.30 -28.22
N ASN F 341 70.02 27.88 -28.21
CA ASN F 341 70.91 27.88 -29.35
C ASN F 341 72.29 27.34 -28.99
N THR F 342 72.33 26.33 -28.13
CA THR F 342 73.58 25.67 -27.80
C THR F 342 74.02 24.75 -28.92
N VAL F 343 75.30 24.39 -28.88
CA VAL F 343 75.93 23.58 -29.92
C VAL F 343 76.83 22.56 -29.27
N SER F 344 76.91 21.38 -29.89
CA SER F 344 77.87 20.37 -29.43
C SER F 344 77.90 19.22 -30.41
N ARG F 345 79.04 18.53 -30.45
CA ARG F 345 79.14 17.28 -31.19
C ARG F 345 78.36 16.21 -30.42
N SER F 346 77.33 15.65 -31.05
CA SER F 346 76.44 14.69 -30.40
C SER F 346 76.19 13.52 -31.34
N LEU F 347 75.51 12.50 -30.85
CA LEU F 347 75.35 11.27 -31.60
C LEU F 347 74.03 11.16 -32.37
N ILE F 348 72.94 11.74 -31.86
CA ILE F 348 71.61 11.54 -32.43
C ILE F 348 71.29 12.67 -33.42
N ARG F 349 71.05 12.30 -34.67
CA ARG F 349 70.80 13.30 -35.71
C ARG F 349 69.61 14.19 -35.37
N THR F 350 68.49 13.59 -34.94
CA THR F 350 67.27 14.38 -34.79
C THR F 350 67.40 15.44 -33.71
N ASP F 351 68.30 15.28 -32.75
CA ASP F 351 68.48 16.27 -31.69
C ASP F 351 69.63 17.24 -31.95
N ALA F 352 70.34 17.10 -33.06
CA ALA F 352 71.56 17.87 -33.26
C ALA F 352 71.27 19.33 -33.58
N ASP F 353 72.18 20.20 -33.12
CA ASP F 353 72.01 21.64 -33.19
C ASP F 353 72.08 22.16 -34.64
N GLU F 354 71.87 23.47 -34.78
CA GLU F 354 71.83 24.10 -36.10
C GLU F 354 73.16 23.99 -36.83
N LEU F 355 74.26 23.88 -36.10
CA LEU F 355 75.58 23.92 -36.74
C LEU F 355 76.09 22.53 -37.09
N THR F 356 75.86 21.52 -36.24
CA THR F 356 76.36 20.18 -36.49
C THR F 356 75.36 19.26 -37.16
N TYR F 357 74.11 19.69 -37.35
CA TYR F 357 73.09 18.78 -37.87
C TYR F 357 73.50 18.19 -39.21
N ASN F 358 73.92 19.04 -40.15
CA ASN F 358 74.14 18.58 -41.52
C ASN F 358 75.28 17.57 -41.60
N LEU F 359 76.19 17.56 -40.62
CA LEU F 359 77.25 16.57 -40.62
C LEU F 359 76.69 15.15 -40.45
N HIS F 360 75.56 15.02 -39.75
CA HIS F 360 74.90 13.71 -39.69
C HIS F 360 74.33 13.33 -41.04
N VAL F 361 73.71 14.29 -41.74
CA VAL F 361 73.15 14.00 -43.06
C VAL F 361 74.27 13.64 -44.03
N ILE F 362 75.35 14.42 -44.03
CA ILE F 362 76.47 14.13 -44.91
C ILE F 362 76.96 12.71 -44.69
N THR F 363 77.12 12.33 -43.42
CA THR F 363 77.55 10.97 -43.09
C THR F 363 76.67 9.93 -43.77
N ARG F 364 75.36 10.03 -43.58
CA ARG F 364 74.47 9.02 -44.15
C ARG F 364 74.49 9.07 -45.67
N PHE F 365 74.43 10.28 -46.24
CA PHE F 365 74.44 10.40 -47.70
C PHE F 365 75.68 9.76 -48.29
N GLU F 366 76.85 10.06 -47.72
CA GLU F 366 78.08 9.51 -48.29
C GLU F 366 78.17 8.00 -48.09
N LEU F 367 77.57 7.46 -47.02
CA LEU F 367 77.52 6.01 -46.87
C LEU F 367 76.58 5.38 -47.91
N GLU F 368 75.47 6.05 -48.22
CA GLU F 368 74.60 5.59 -49.29
C GLU F 368 75.33 5.57 -50.62
N ARG F 369 75.98 6.69 -50.97
CA ARG F 369 76.74 6.77 -52.21
C ARG F 369 77.73 5.62 -52.32
N GLU F 370 78.45 5.35 -51.22
CA GLU F 370 79.40 4.24 -51.24
C GLU F 370 78.69 2.90 -51.39
N MET F 371 77.54 2.72 -50.72
CA MET F 371 76.84 1.44 -50.80
C MET F 371 76.24 1.19 -52.18
N LEU F 372 75.60 2.21 -52.76
CA LEU F 372 75.00 2.04 -54.08
C LEU F 372 76.05 1.85 -55.16
N ALA F 373 77.21 2.49 -55.03
CA ALA F 373 78.27 2.34 -56.02
C ALA F 373 79.03 1.03 -55.87
N GLY F 374 78.66 0.19 -54.91
CA GLY F 374 79.36 -1.05 -54.69
C GLY F 374 80.70 -0.93 -53.99
N LYS F 375 81.06 0.25 -53.49
CA LYS F 375 82.32 0.48 -52.81
C LYS F 375 82.25 0.21 -51.32
N LEU F 376 81.10 -0.20 -50.80
CA LEU F 376 80.96 -0.49 -49.37
C LEU F 376 79.92 -1.58 -49.21
N ALA F 377 80.35 -2.75 -48.70
CA ALA F 377 79.44 -3.85 -48.45
C ALA F 377 78.63 -3.57 -47.19
N VAL F 378 77.38 -4.03 -47.20
CA VAL F 378 76.50 -3.76 -46.06
C VAL F 378 77.07 -4.35 -44.78
N ARG F 379 77.69 -5.53 -44.86
CA ARG F 379 78.20 -6.16 -43.64
C ARG F 379 79.31 -5.33 -42.97
N ASP F 380 79.91 -4.40 -43.71
CA ASP F 380 80.88 -3.46 -43.16
C ASP F 380 80.25 -2.14 -42.75
N LEU F 381 78.92 -2.02 -42.80
CA LEU F 381 78.29 -0.73 -42.59
C LEU F 381 78.51 -0.22 -41.17
N ALA F 382 78.41 -1.11 -40.17
CA ALA F 382 78.58 -0.68 -38.78
C ALA F 382 79.95 -0.03 -38.57
N ASP F 383 81.01 -0.65 -39.10
CA ASP F 383 82.34 -0.08 -38.94
C ASP F 383 82.49 1.22 -39.71
N ALA F 384 82.04 1.25 -40.97
CA ALA F 384 82.16 2.48 -41.75
C ALA F 384 81.36 3.60 -41.11
N TRP F 385 80.21 3.28 -40.52
CA TRP F 385 79.42 4.30 -39.84
C TRP F 385 80.22 4.93 -38.70
N HIS F 386 80.74 4.09 -37.79
CA HIS F 386 81.54 4.59 -36.67
C HIS F 386 82.75 5.38 -37.15
N ALA F 387 83.41 4.87 -38.19
CA ALA F 387 84.58 5.56 -38.73
C ALA F 387 84.22 6.93 -39.27
N ALA F 388 83.07 7.05 -39.94
CA ALA F 388 82.64 8.34 -40.45
C ALA F 388 82.20 9.28 -39.33
N TYR F 389 81.58 8.75 -38.28
CA TYR F 389 81.16 9.61 -37.18
C TYR F 389 82.37 10.19 -36.45
N GLU F 390 83.40 9.38 -36.24
CA GLU F 390 84.63 9.90 -35.65
C GLU F 390 85.21 11.00 -36.51
N GLN F 391 85.24 10.79 -37.83
CA GLN F 391 85.81 11.78 -38.73
C GLN F 391 84.95 13.03 -38.82
N ASN F 392 83.63 12.88 -38.87
CA ASN F 392 82.75 14.02 -39.17
C ASN F 392 82.24 14.73 -37.93
N LEU F 393 82.08 14.02 -36.81
CA LEU F 393 81.58 14.66 -35.60
C LEU F 393 82.54 14.54 -34.41
N GLY F 394 83.66 13.84 -34.58
CA GLY F 394 84.68 13.81 -33.54
C GLY F 394 84.43 12.87 -32.38
N LEU F 395 83.43 11.99 -32.48
CA LEU F 395 83.18 10.99 -31.43
C LEU F 395 82.48 9.80 -32.06
N ARG F 396 82.36 8.75 -31.26
CA ARG F 396 81.75 7.51 -31.71
C ARG F 396 80.76 7.03 -30.66
N ALA F 397 79.68 6.39 -31.13
CA ALA F 397 78.68 5.85 -30.23
C ALA F 397 79.24 4.66 -29.48
N PRO F 398 78.69 4.33 -28.30
CA PRO F 398 79.21 3.19 -27.54
C PRO F 398 78.95 1.84 -28.18
N SER F 399 77.98 1.75 -29.10
CA SER F 399 77.66 0.49 -29.74
C SER F 399 77.04 0.79 -31.11
N ASP F 400 76.38 -0.21 -31.68
CA ASP F 400 75.65 0.02 -32.93
C ASP F 400 74.24 0.55 -32.68
N VAL F 401 73.76 0.50 -31.43
CA VAL F 401 72.43 0.99 -31.09
C VAL F 401 72.25 2.41 -31.62
N ASP F 402 73.18 3.30 -31.27
CA ASP F 402 73.19 4.66 -31.78
C ASP F 402 74.19 4.83 -32.90
N GLY F 403 74.77 3.74 -33.38
CA GLY F 403 75.54 3.77 -34.61
C GLY F 403 74.64 3.50 -35.81
N ALA F 404 75.02 2.53 -36.64
CA ALA F 404 74.28 2.29 -37.88
C ALA F 404 72.83 1.87 -37.64
N LEU F 405 72.48 1.45 -36.42
CA LEU F 405 71.09 1.12 -36.12
C LEU F 405 70.28 2.34 -35.72
N GLN F 406 70.89 3.52 -35.70
CA GLN F 406 70.24 4.67 -35.08
C GLN F 406 68.93 5.02 -35.78
N ASP F 407 68.98 5.24 -37.10
CA ASP F 407 67.83 5.72 -37.84
C ASP F 407 67.07 4.60 -38.54
N VAL F 408 65.75 4.76 -38.60
CA VAL F 408 64.90 3.72 -39.16
C VAL F 408 64.92 3.70 -40.70
N HIS F 409 65.41 4.78 -41.33
CA HIS F 409 65.18 4.98 -42.76
C HIS F 409 65.59 3.77 -43.59
N TRP F 410 66.84 3.32 -43.44
CA TRP F 410 67.32 2.20 -44.25
C TRP F 410 66.69 0.87 -43.85
N TYR F 411 65.92 0.82 -42.76
CA TYR F 411 65.28 -0.40 -42.31
C TYR F 411 63.79 -0.44 -42.60
N PHE F 412 63.18 0.69 -42.97
CA PHE F 412 61.77 0.77 -43.32
C PHE F 412 61.57 1.31 -44.74
N GLY F 413 62.62 1.29 -45.56
CA GLY F 413 62.54 1.82 -46.90
C GLY F 413 63.81 1.57 -47.69
N PRO F 414 63.91 2.18 -48.86
CA PRO F 414 65.08 1.94 -49.71
C PRO F 414 66.33 2.56 -49.09
N ILE F 415 67.47 2.08 -49.55
CA ILE F 415 68.75 2.66 -49.19
C ILE F 415 69.14 3.61 -50.32
N GLY F 416 69.29 4.89 -49.99
CA GLY F 416 69.68 5.87 -50.99
C GLY F 416 68.75 7.05 -51.06
N GLY F 417 69.31 8.26 -50.99
CA GLY F 417 68.51 9.47 -51.04
C GLY F 417 67.60 9.68 -49.87
N SER F 418 67.89 9.07 -48.72
CA SER F 418 66.99 9.12 -47.58
C SER F 418 67.11 10.39 -46.75
N PHE F 419 68.23 11.11 -46.82
CA PHE F 419 68.52 12.13 -45.83
C PHE F 419 68.83 13.51 -46.40
N GLN F 420 69.26 13.64 -47.66
CA GLN F 420 69.69 14.95 -48.12
C GLN F 420 68.55 15.96 -48.04
N GLY F 421 67.29 15.49 -48.12
CA GLY F 421 66.16 16.40 -48.00
C GLY F 421 66.19 17.21 -46.72
N TYR F 422 66.69 16.62 -45.63
CA TYR F 422 66.80 17.37 -44.37
C TYR F 422 67.75 18.55 -44.52
N THR F 423 68.87 18.34 -45.19
CA THR F 423 69.85 19.41 -45.32
C THR F 423 69.42 20.42 -46.37
N ILE F 424 68.83 19.95 -47.47
CA ILE F 424 68.24 20.87 -48.43
C ILE F 424 67.20 21.75 -47.74
N GLY F 425 66.40 21.16 -46.87
CA GLY F 425 65.42 21.96 -46.13
C GLY F 425 66.09 23.02 -45.27
N ASN F 426 67.20 22.67 -44.62
CA ASN F 426 67.91 23.64 -43.82
C ASN F 426 68.38 24.81 -44.69
N VAL F 427 68.99 24.50 -45.83
CA VAL F 427 69.48 25.55 -46.73
C VAL F 427 68.34 26.45 -47.16
N LEU F 428 67.27 25.84 -47.67
CA LEU F 428 66.15 26.62 -48.20
C LEU F 428 65.45 27.43 -47.11
N SER F 429 65.55 27.02 -45.84
CA SER F 429 64.89 27.79 -44.78
C SER F 429 65.40 29.22 -44.76
N ALA F 430 66.72 29.41 -44.81
CA ALA F 430 67.27 30.76 -44.81
C ALA F 430 67.02 31.46 -46.15
N GLN F 431 67.07 30.71 -47.25
CA GLN F 431 66.82 31.31 -48.56
C GLN F 431 65.39 31.83 -48.66
N PHE F 432 64.41 31.02 -48.27
CA PHE F 432 63.04 31.52 -48.26
C PHE F 432 62.88 32.66 -47.26
N TYR F 433 63.46 32.51 -46.07
CA TYR F 433 63.23 33.52 -45.03
C TYR F 433 63.79 34.88 -45.43
N ALA F 434 65.01 34.91 -45.98
CA ALA F 434 65.62 36.19 -46.35
C ALA F 434 64.80 36.91 -47.41
N ALA F 435 64.28 36.17 -48.39
CA ALA F 435 63.42 36.79 -49.38
C ALA F 435 62.20 37.42 -48.72
N ALA F 436 61.65 36.74 -47.71
CA ALA F 436 60.49 37.29 -47.02
C ALA F 436 60.82 38.58 -46.27
N GLU F 437 61.99 38.65 -45.65
CA GLU F 437 62.33 39.89 -44.95
C GLU F 437 62.73 40.99 -45.92
N ALA F 438 63.24 40.64 -47.10
CA ALA F 438 63.47 41.64 -48.12
C ALA F 438 62.16 42.28 -48.58
N ALA F 439 61.10 41.47 -48.70
CA ALA F 439 59.80 41.98 -49.11
C ALA F 439 59.01 42.58 -47.96
N ASN F 440 59.44 42.35 -46.74
CA ASN F 440 58.76 42.86 -45.54
C ASN F 440 59.83 43.31 -44.56
N PRO F 441 60.40 44.48 -44.78
CA PRO F 441 61.45 44.95 -43.87
C PRO F 441 60.94 45.02 -42.44
N GLY F 442 61.77 44.56 -41.51
CA GLY F 442 61.43 44.65 -40.10
C GLY F 442 60.51 43.57 -39.59
N LEU F 443 60.59 42.35 -40.14
CA LEU F 443 59.74 41.26 -39.64
C LEU F 443 60.01 40.98 -38.18
N GLU F 444 61.28 41.02 -37.77
CA GLU F 444 61.64 40.75 -36.40
C GLU F 444 60.86 41.66 -35.45
N ALA F 445 60.67 42.91 -35.85
CA ALA F 445 59.87 43.82 -35.04
C ALA F 445 58.43 43.33 -34.93
N ASP F 446 57.90 42.74 -36.01
CA ASP F 446 56.58 42.12 -35.95
C ASP F 446 56.53 41.01 -34.92
N PHE F 447 57.58 40.19 -34.87
CA PHE F 447 57.57 39.03 -33.99
C PHE F 447 57.40 39.44 -32.54
N ALA F 448 58.02 40.56 -32.14
CA ALA F 448 57.95 41.00 -30.76
C ALA F 448 56.53 41.27 -30.30
N ARG F 449 55.62 41.57 -31.23
CA ARG F 449 54.21 41.77 -30.91
C ARG F 449 53.39 40.50 -31.12
N LYS F 450 54.05 39.36 -31.33
CA LYS F 450 53.37 38.10 -31.63
C LYS F 450 52.58 38.19 -32.95
N ASP F 451 53.07 39.01 -33.89
CA ASP F 451 52.45 39.19 -35.19
C ASP F 451 53.33 38.55 -36.25
N PHE F 452 52.85 37.44 -36.83
CA PHE F 452 53.58 36.73 -37.88
C PHE F 452 52.88 36.81 -39.23
N SER F 453 51.88 37.68 -39.37
CA SER F 453 51.06 37.67 -40.58
C SER F 453 51.85 38.08 -41.81
N ARG F 454 52.74 39.07 -41.67
CA ARG F 454 53.53 39.49 -42.82
C ARG F 454 54.40 38.35 -43.33
N LEU F 455 55.04 37.60 -42.41
CA LEU F 455 55.86 36.47 -42.83
C LEU F 455 55.00 35.35 -43.39
N HIS F 456 53.92 34.98 -42.69
CA HIS F 456 53.06 33.92 -43.18
C HIS F 456 52.42 34.29 -44.51
N GLY F 457 51.96 35.55 -44.63
CA GLY F 457 51.35 35.99 -45.88
C GLY F 457 52.30 35.85 -47.05
N TRP F 458 53.54 36.26 -46.86
CA TRP F 458 54.52 36.12 -47.92
C TRP F 458 54.74 34.67 -48.29
N LEU F 459 54.88 33.80 -47.28
CA LEU F 459 55.10 32.38 -47.55
C LEU F 459 53.87 31.75 -48.21
N ARG F 460 52.68 32.13 -47.78
CA ARG F 460 51.47 31.60 -48.40
C ARG F 460 51.36 32.06 -49.85
N GLU F 461 51.56 33.36 -50.09
CA GLU F 461 51.44 33.89 -51.43
C GLU F 461 52.51 33.32 -52.36
N ASN F 462 53.74 33.13 -51.87
CA ASN F 462 54.85 32.78 -52.74
C ASN F 462 55.24 31.30 -52.70
N VAL F 463 54.76 30.54 -51.72
CA VAL F 463 55.18 29.16 -51.60
C VAL F 463 53.99 28.23 -51.40
N TYR F 464 53.21 28.47 -50.35
CA TYR F 464 52.23 27.46 -49.92
C TYR F 464 51.13 27.24 -50.95
N ARG F 465 50.48 28.31 -51.40
CA ARG F 465 49.26 28.15 -52.20
C ARG F 465 49.53 27.38 -53.50
N HIS F 466 50.74 27.47 -54.03
CA HIS F 466 51.03 26.88 -55.34
C HIS F 466 50.99 25.36 -55.32
N GLY F 467 51.12 24.75 -54.15
CA GLY F 467 51.15 23.30 -54.07
C GLY F 467 52.19 22.75 -55.01
N ARG F 468 51.79 21.90 -55.96
CA ARG F 468 52.70 21.37 -56.95
C ARG F 468 52.52 22.04 -58.33
N ARG F 469 51.83 23.17 -58.38
CA ARG F 469 51.67 23.88 -59.64
C ARG F 469 53.01 24.07 -60.34
N TRP F 470 53.99 24.60 -59.60
CA TRP F 470 55.34 24.77 -60.09
C TRP F 470 56.24 23.67 -59.57
N THR F 471 57.24 23.32 -60.38
CA THR F 471 58.27 22.39 -59.97
C THR F 471 59.10 23.00 -58.85
N PRO F 472 59.81 22.16 -58.09
CA PRO F 472 60.67 22.69 -57.02
C PRO F 472 61.58 23.81 -57.49
N GLY F 473 62.29 23.61 -58.61
CA GLY F 473 63.19 24.64 -59.10
C GLY F 473 62.46 25.92 -59.49
N GLU F 474 61.33 25.78 -60.17
CA GLU F 474 60.55 26.94 -60.57
C GLU F 474 60.01 27.70 -59.35
N LEU F 475 59.49 26.98 -58.35
CA LEU F 475 58.97 27.64 -57.16
C LEU F 475 60.09 28.40 -56.43
N ILE F 476 61.26 27.77 -56.31
CA ILE F 476 62.36 28.41 -55.60
C ILE F 476 62.79 29.68 -56.31
N GLU F 477 63.02 29.60 -57.63
CA GLU F 477 63.44 30.76 -58.39
C GLU F 477 62.37 31.86 -58.38
N ARG F 478 61.08 31.48 -58.50
CA ARG F 478 60.03 32.48 -58.51
C ARG F 478 59.93 33.20 -57.17
N ALA F 479 60.06 32.46 -56.05
CA ALA F 479 59.87 33.08 -54.75
C ALA F 479 61.09 33.87 -54.30
N THR F 480 62.29 33.42 -54.64
CA THR F 480 63.52 34.05 -54.13
C THR F 480 64.40 34.65 -55.22
N GLY F 481 64.09 34.45 -56.49
CA GLY F 481 64.84 35.07 -57.56
C GLY F 481 66.08 34.33 -58.00
N GLN F 482 66.41 33.19 -57.37
CA GLN F 482 67.59 32.45 -57.76
C GLN F 482 67.41 30.99 -57.40
N ALA F 483 68.25 30.14 -57.97
CA ALA F 483 68.21 28.72 -57.69
C ALA F 483 68.77 28.47 -56.29
N LEU F 484 68.72 27.20 -55.88
CA LEU F 484 69.21 26.81 -54.57
C LEU F 484 70.63 27.32 -54.35
N THR F 485 70.84 28.02 -53.23
CA THR F 485 72.15 28.55 -52.85
C THR F 485 72.32 28.46 -51.35
N ALA F 486 73.52 28.05 -50.92
CA ALA F 486 73.84 27.99 -49.50
C ALA F 486 74.22 29.34 -48.93
N GLY F 487 74.27 30.38 -49.76
CA GLY F 487 74.71 31.70 -49.35
C GLY F 487 73.94 32.27 -48.18
N PRO F 488 72.63 32.48 -48.37
CA PRO F 488 71.84 33.04 -47.27
C PRO F 488 71.89 32.19 -46.01
N TYR F 489 71.91 30.87 -46.18
CA TYR F 489 71.99 29.96 -45.04
C TYR F 489 73.28 30.17 -44.26
N LEU F 490 74.42 30.20 -44.95
CA LEU F 490 75.70 30.36 -44.25
C LEU F 490 75.82 31.75 -43.64
N LYS F 491 75.26 32.76 -44.31
CA LYS F 491 75.24 34.12 -43.77
C LYS F 491 74.44 34.20 -42.48
N TYR F 492 73.29 33.52 -42.44
CA TYR F 492 72.46 33.54 -41.24
C TYR F 492 73.17 32.88 -40.06
N LEU F 493 73.77 31.71 -40.29
CA LEU F 493 74.42 31.00 -39.18
C LEU F 493 75.67 31.72 -38.70
N ARG F 494 76.53 32.15 -39.64
CA ARG F 494 77.74 32.87 -39.24
C ARG F 494 77.41 34.10 -38.42
N GLY F 495 76.40 34.86 -38.84
CA GLY F 495 76.02 36.03 -38.07
C GLY F 495 75.44 35.68 -36.72
N LYS F 496 74.50 34.73 -36.68
CA LYS F 496 73.81 34.42 -35.42
C LYS F 496 74.78 33.86 -34.40
N TYR F 497 75.57 32.87 -34.80
CA TYR F 497 76.49 32.23 -33.86
C TYR F 497 77.76 33.05 -33.67
N GLY F 498 78.14 33.85 -34.67
CA GLY F 498 79.19 34.82 -34.45
C GLY F 498 78.87 35.78 -33.31
N GLU F 499 77.65 36.30 -33.28
CA GLU F 499 77.25 37.25 -32.25
C GLU F 499 76.93 36.56 -30.92
N LEU F 500 76.60 35.27 -30.92
CA LEU F 500 76.29 34.60 -29.67
C LEU F 500 77.55 34.19 -28.93
N TYR F 501 78.54 33.68 -29.64
CA TYR F 501 79.74 33.10 -29.05
C TYR F 501 81.00 33.91 -29.36
N GLY F 502 80.85 35.08 -29.97
CA GLY F 502 82.02 35.79 -30.48
C GLY F 502 82.59 34.97 -31.63
N VAL F 503 83.88 34.69 -31.59
CA VAL F 503 84.55 33.85 -32.59
C VAL F 503 84.19 34.16 -34.04
ZN ZN G . -16.48 -28.07 4.79
ZN ZN H . 23.73 0.72 -24.82
ZN ZN I . -28.50 14.95 34.49
ZN ZN J . -46.22 -32.00 -26.71
C ACT K . -44.36 -30.18 -24.20
O ACT K . -44.93 -29.30 -23.51
OXT ACT K . -45.11 -31.05 -24.70
CH3 ACT K . -42.87 -30.18 -24.37
H1 ACT K . -42.57 -31.04 -24.99
H2 ACT K . -42.39 -30.25 -23.40
H3 ACT K . -42.56 -29.26 -24.86
ZN ZN L . 2.79 20.75 63.79
ZN ZN M . 60.51 17.82 -40.69
#